data_8H7L
#
_entry.id   8H7L
#
_cell.length_a   1.00
_cell.length_b   1.00
_cell.length_c   1.00
_cell.angle_alpha   90.00
_cell.angle_beta   90.00
_cell.angle_gamma   90.00
#
_symmetry.space_group_name_H-M   'P 1'
#
loop_
_entity.id
_entity.type
_entity.pdbx_description
1 polymer 'Spike glycoprotein'
2 polymer 'BA7535 fab heavt chain'
3 polymer 'BA7535 fab light chain'
4 branched 2-acetamido-2-deoxy-beta-D-glucopyranose-(1-4)-2-acetamido-2-deoxy-beta-D-glucopyranose
5 non-polymer 2-acetamido-2-deoxy-beta-D-glucopyranose
#
loop_
_entity_poly.entity_id
_entity_poly.type
_entity_poly.pdbx_seq_one_letter_code
_entity_poly.pdbx_strand_id
1 'polypeptide(L)'
;LITRTQSYTNSFTRGVYYPDKVFRSSVLHSTQDLFLPFFSNVTWFHAIHVSGTNGTKRFDNPVLPFNDGVYFASTEKSNI
IRGWIFGTTLDSKTQSLLIVNNATNVVIKVCEFQFCNDPFLDVYYHKNNKSWMESEFRVYSSANNCTFEYVSQPFLMDLE
GKQGNFKNLREFVFKNIDGYFKIYSKHTPINLGRDLPQGFSALEPLVDLPIGINITRFQTLLALHRSYLTPGDSSSGWTA
GAAAYYVGYLQPRTFLLKYNENGTITDAVDCALDPLSETKCTLKSFTVEKGIYQTSNFRVQPTESIVRFPNITNLCPFDE
VFNATRFASVYAWNRKRISNCVADYSVLYNFAPFFAFKCYGVSPTKLNDLCFTNVYADSFVIRGNEVSQIAPGQTGNIAD
YNYKLPDDFTGCVIAWNSNKLDSKVGGNYNYLYRLFRKSNLKPFERDISTEIYQAGNKPCNGVAGFNCYFPLRSYGFRPT
YGVGHQPYRVVVLSFELLHAPATVCGPKKSTNLVKNKCVNFNFNGLTGTGVLTESNKKFLPFQQFGRDIADTTDAVRDPQ
TLEILDITPCSFGGVSVITPGTNTSNQVAVLYQGVNCTEVPVAIHADQLTPTWRVYSTGSNVFQTRAGCLIGAEYVNNSY
ECDIPIGAGICASYQTQTKSHGSASSVASQSIIAYKMHLGAENSVAYSNNSIAIPTNFTISVTTEILPVSMTKTSVDCTM
YICGDSTECSNLLLQYGSFCTQLKRALTGIAVEQDKNTQEVFAQVKQIYKTPPIKYFGGFNFSQILPDPSKPSKRSPIED
LLFNKVTLADAGFIKQYGDCLGDIAARDLICAQKFNGLTVLPPLLTDEMIAQYTSALLAGTITSGWTFGAGPALQIPFPM
QMAYRFNGIGVTQNVLYENQKLIANQFNSAIGKIQDSLSSTPSALGKLQNVVNHNAQALNTLVKQLSSNFGAISSVLNDI
LSRLDPPEAEVQIDRLITGRLQSLQTYVTQQLIRAAEIRASANLAATKMSECVLGQSKRVDFCGKGYHLMSFPQSAPHGV
VFLHVTYVPAQEKNFTTAPAICHDGKAHFPREGVFVSNGTHWFVTQRNFYEPQIITTDNTFVSGNCDVVIGIVNNTVYDP
LQP
;
A,B,C
2 'polypeptide(L)'
;EVQLVESGGGVVQPGRSLRLSCAASEFTFSSFAMHWVRQAPGKGLEWVALISYDGSNKYYADSVKGRFTISRDNSKNTLY
LQMNSLRAEDTAVYYCARVSYPLTKYYYGMDVWGQGTTVTVSSASTKGPSVFPLAPSSKSTSGGTAALGCLVKDYFPEPV
TVSWNSGALTSGVHTFPAVLQSSGLYSLSSVVTVPSSSLGTQTYICNVNHKPSNTKVDKKVEPKSCDKTHTCPPCPAPEL
LGGPSVFLFPPKPKDTLMISRTPEVTCVVVDVSHEDPEVKFNWYVDGVEVHNAKTKPREEQYNSTYRVVSVLTVLHQDWL
NGKEYKCKVSNKALPAPIEKTISKAKGQPREPQVYTLPPSRDELTKNQVSLTCLVKGFYPSDIAVEWESNGQPENNYKTT
PPVLDSDGSFFLYSKLTVDKSRWQQGNVFSCSVMHEALHNHYTQKSLSLSPGK
;
D,E,F
3 'polypeptide(L)'
;EIVMTQSPAFMSATPGDKVNISCKASQDIADDMNWYQQKPGEAAIFIIQEATTLVPGISPRFSGSGYGTDFTLTINNIES
EDAAYYFCLQHDNFPLTFGGGTKVEIKRTVAAPSVFIFPPSDEQLKSGTASVVCLLNNFYPREAKVQWKVDNALQSGNSQ
ESVTEQDSKDSTYSLSSTLTLSKADYEKHKVYACEVTHQGLSSPVTKSFNRGEC
;
G,H,I
#
loop_
_chem_comp.id
_chem_comp.type
_chem_comp.name
_chem_comp.formula
NAG D-saccharide, beta linking 2-acetamido-2-deoxy-beta-D-glucopyranose 'C8 H15 N O6'
#
# COMPACT_ATOMS: atom_id res chain seq x y z
N LEU A 1 -6.35 32.51 -58.73
CA LEU A 1 -5.07 33.16 -58.54
C LEU A 1 -5.20 34.36 -57.60
N ILE A 2 -4.68 34.22 -56.39
CA ILE A 2 -4.73 35.27 -55.38
C ILE A 2 -3.31 35.51 -54.88
N THR A 3 -2.93 36.78 -54.80
CA THR A 3 -1.60 37.18 -54.33
C THR A 3 -1.76 38.01 -53.07
N ARG A 4 -0.90 37.75 -52.08
CA ARG A 4 -1.00 38.36 -50.76
C ARG A 4 0.27 39.14 -50.43
N THR A 5 0.08 40.31 -49.83
CA THR A 5 1.17 41.21 -49.45
C THR A 5 0.96 41.67 -48.02
N GLN A 6 2.07 41.86 -47.30
CA GLN A 6 2.02 42.10 -45.87
C GLN A 6 2.54 43.50 -45.55
N SER A 7 1.97 44.09 -44.50
CA SER A 7 2.53 45.29 -43.87
C SER A 7 2.22 45.19 -42.39
N TYR A 8 2.62 46.20 -41.63
CA TYR A 8 2.51 46.14 -40.18
C TYR A 8 1.85 47.41 -39.65
N THR A 9 1.12 47.26 -38.54
CA THR A 9 0.46 48.40 -37.92
C THR A 9 0.29 48.13 -36.43
N ASN A 10 -0.35 49.07 -35.74
CA ASN A 10 -0.40 49.12 -34.28
C ASN A 10 -1.79 48.73 -33.78
N SER A 11 -1.81 47.99 -32.67
CA SER A 11 -3.08 47.52 -32.10
C SER A 11 -3.93 48.67 -31.58
N PHE A 12 -3.35 49.56 -30.76
CA PHE A 12 -4.04 50.71 -30.16
C PHE A 12 -5.12 50.26 -29.17
N THR A 13 -4.78 49.29 -28.33
CA THR A 13 -5.65 48.82 -27.25
C THR A 13 -7.01 48.34 -27.78
N ARG A 14 -6.95 47.24 -28.54
CA ARG A 14 -8.16 46.60 -29.06
C ARG A 14 -8.10 45.12 -28.76
N GLY A 15 -9.26 44.47 -28.70
CA GLY A 15 -9.30 43.03 -28.53
C GLY A 15 -9.77 42.57 -27.16
N VAL A 16 -10.41 43.46 -26.41
CA VAL A 16 -10.91 43.11 -25.09
C VAL A 16 -12.26 42.45 -25.22
N TYR A 17 -12.46 41.37 -24.47
CA TYR A 17 -13.70 40.61 -24.50
C TYR A 17 -14.09 40.22 -23.09
N TYR A 18 -15.37 39.87 -22.92
CA TYR A 18 -15.87 39.42 -21.63
C TYR A 18 -15.35 38.01 -21.34
N PRO A 19 -14.60 37.82 -20.27
CA PRO A 19 -14.03 36.49 -20.01
C PRO A 19 -14.98 35.56 -19.27
N ASP A 20 -16.00 36.13 -18.64
CA ASP A 20 -16.94 35.34 -17.85
C ASP A 20 -18.37 35.59 -18.28
N LYS A 21 -19.33 35.02 -17.54
CA LYS A 21 -20.74 35.28 -17.71
C LYS A 21 -21.33 35.79 -16.41
N VAL A 22 -20.57 36.59 -15.69
CA VAL A 22 -20.95 37.10 -14.38
C VAL A 22 -21.27 38.59 -14.52
N PHE A 23 -22.41 38.99 -14.00
CA PHE A 23 -22.81 40.39 -13.99
C PHE A 23 -22.14 41.10 -12.83
N ARG A 24 -21.53 42.25 -13.12
CA ARG A 24 -20.88 43.07 -12.12
C ARG A 24 -21.31 44.52 -12.30
N SER A 25 -21.36 45.26 -11.20
CA SER A 25 -21.93 46.60 -11.19
C SER A 25 -20.97 47.55 -10.48
N SER A 26 -20.34 48.44 -11.25
CA SER A 26 -19.49 49.52 -10.71
C SER A 26 -18.34 48.95 -9.87
N VAL A 27 -17.55 48.07 -10.49
CA VAL A 27 -16.48 47.35 -9.82
C VAL A 27 -15.27 47.28 -10.75
N LEU A 28 -14.08 47.37 -10.17
CA LEU A 28 -12.85 47.06 -10.88
C LEU A 28 -12.44 45.63 -10.58
N HIS A 29 -12.20 44.84 -11.62
CA HIS A 29 -11.91 43.42 -11.45
C HIS A 29 -10.64 43.04 -12.19
N SER A 30 -9.80 42.24 -11.54
CA SER A 30 -8.53 41.81 -12.11
C SER A 30 -8.64 40.38 -12.60
N THR A 31 -8.25 40.15 -13.85
CA THR A 31 -8.33 38.83 -14.47
C THR A 31 -6.99 38.46 -15.09
N GLN A 32 -6.80 37.16 -15.30
CA GLN A 32 -5.59 36.63 -15.91
C GLN A 32 -6.01 35.63 -17.00
N ASP A 33 -5.75 35.97 -18.26
CA ASP A 33 -6.26 35.18 -19.37
C ASP A 33 -5.42 35.46 -20.61
N LEU A 34 -5.88 34.96 -21.75
CA LEU A 34 -5.19 35.18 -23.02
C LEU A 34 -5.75 36.43 -23.67
N PHE A 35 -4.92 37.46 -23.79
CA PHE A 35 -5.33 38.75 -24.33
C PHE A 35 -4.36 39.18 -25.43
N LEU A 36 -4.81 40.14 -26.23
CA LEU A 36 -3.94 40.79 -27.20
C LEU A 36 -3.26 41.98 -26.53
N PRO A 37 -1.94 41.96 -26.35
CA PRO A 37 -1.29 43.03 -25.58
C PRO A 37 -1.47 44.40 -26.23
N PHE A 38 -1.52 45.41 -25.37
CA PHE A 38 -1.73 46.78 -25.85
C PHE A 38 -0.54 47.26 -26.66
N PHE A 39 -0.81 48.03 -27.71
CA PHE A 39 0.21 48.63 -28.56
C PHE A 39 1.15 47.57 -29.13
N SER A 40 0.57 46.51 -29.66
CA SER A 40 1.33 45.43 -30.28
C SER A 40 1.35 45.60 -31.79
N ASN A 41 2.23 44.84 -32.43
CA ASN A 41 2.40 44.89 -33.87
C ASN A 41 1.55 43.82 -34.52
N VAL A 42 0.59 44.23 -35.34
CA VAL A 42 -0.29 43.29 -36.02
C VAL A 42 -0.08 43.40 -37.52
N THR A 43 -0.40 42.32 -38.23
CA THR A 43 -0.09 42.20 -39.64
C THR A 43 -1.31 42.55 -40.48
N TRP A 44 -1.08 43.31 -41.54
CA TRP A 44 -2.13 43.77 -42.46
C TRP A 44 -1.91 43.11 -43.81
N PHE A 45 -2.91 42.37 -44.27
CA PHE A 45 -2.82 41.57 -45.49
C PHE A 45 -3.69 42.18 -46.58
N HIS A 46 -3.13 42.20 -47.81
CA HIS A 46 -3.81 42.69 -49.00
C HIS A 46 -3.85 41.53 -50.01
N ALA A 47 -5.01 40.89 -50.15
CA ALA A 47 -5.18 39.83 -51.14
C ALA A 47 -5.81 40.38 -52.41
N ILE A 48 -5.17 40.12 -53.54
CA ILE A 48 -5.60 40.66 -54.83
C ILE A 48 -5.69 39.52 -55.83
N HIS A 49 -6.77 39.53 -56.63
CA HIS A 49 -6.96 38.56 -57.70
C HIS A 49 -7.10 39.33 -59.01
N VAL A 50 -6.10 39.20 -59.87
CA VAL A 50 -6.10 39.89 -61.16
C VAL A 50 -5.95 38.89 -62.30
N ASN A 61 -0.47 32.48 -51.36
CA ASN A 61 -1.30 32.40 -50.16
C ASN A 61 -0.99 31.18 -49.30
N PRO A 62 0.12 31.21 -48.58
CA PRO A 62 0.41 30.13 -47.63
C PRO A 62 -0.49 30.22 -46.40
N VAL A 63 -0.57 29.12 -45.67
CA VAL A 63 -1.39 29.09 -44.46
C VAL A 63 -0.69 29.84 -43.34
N LEU A 64 -1.47 30.24 -42.34
CA LEU A 64 -1.01 31.00 -41.21
C LEU A 64 -1.00 30.15 -39.95
N PRO A 65 -0.05 30.36 -39.05
CA PRO A 65 -0.06 29.59 -37.80
C PRO A 65 -1.17 30.02 -36.86
N PHE A 66 -1.59 29.08 -36.02
CA PHE A 66 -2.59 29.33 -34.98
C PHE A 66 -1.96 28.90 -33.66
N ASN A 67 -1.82 29.82 -32.72
CA ASN A 67 -1.22 29.52 -31.44
C ASN A 67 -1.79 30.40 -30.34
N ASP A 68 -2.45 29.77 -29.36
CA ASP A 68 -3.04 30.45 -28.20
C ASP A 68 -4.12 31.45 -28.62
N GLY A 69 -4.74 31.22 -29.77
CA GLY A 69 -5.85 32.05 -30.20
C GLY A 69 -5.43 33.13 -31.18
N VAL A 70 -6.43 33.65 -31.90
CA VAL A 70 -6.21 34.60 -32.98
C VAL A 70 -7.21 35.75 -32.86
N TYR A 71 -6.75 36.97 -33.09
CA TYR A 71 -7.61 38.13 -33.25
C TYR A 71 -7.64 38.49 -34.73
N PHE A 72 -8.86 38.60 -35.28
CA PHE A 72 -9.08 38.85 -36.69
C PHE A 72 -9.93 40.11 -36.83
N ALA A 73 -9.56 40.98 -37.77
CA ALA A 73 -10.34 42.20 -37.98
C ALA A 73 -10.47 42.47 -39.46
N SER A 74 -11.59 43.07 -39.85
CA SER A 74 -11.80 43.44 -41.25
C SER A 74 -12.70 44.66 -41.33
N THR A 75 -12.61 45.33 -42.49
CA THR A 75 -13.45 46.49 -42.75
C THR A 75 -14.04 46.48 -44.16
N GLU A 76 -14.04 45.33 -44.83
CA GLU A 76 -14.57 45.23 -46.18
C GLU A 76 -16.09 45.41 -46.17
N LYS A 77 -16.63 45.77 -47.33
CA LYS A 77 -18.07 45.96 -47.44
C LYS A 77 -18.77 44.62 -47.68
N SER A 78 -18.44 43.62 -46.87
CA SER A 78 -19.10 42.32 -46.84
C SER A 78 -19.05 41.60 -48.19
N ASN A 79 -19.62 40.40 -48.25
CA ASN A 79 -19.80 39.58 -49.44
C ASN A 79 -18.49 39.14 -50.08
N ILE A 80 -17.34 39.51 -49.53
CA ILE A 80 -16.04 39.09 -50.05
C ILE A 80 -15.41 38.01 -49.17
N ILE A 81 -15.33 38.27 -47.88
CA ILE A 81 -14.83 37.29 -46.92
C ILE A 81 -16.02 36.49 -46.40
N ARG A 82 -15.92 35.16 -46.47
CA ARG A 82 -17.04 34.31 -46.12
C ARG A 82 -16.80 33.42 -44.91
N GLY A 83 -15.56 33.07 -44.61
CA GLY A 83 -15.32 32.20 -43.47
C GLY A 83 -13.85 31.82 -43.36
N TRP A 84 -13.59 30.78 -42.59
CA TRP A 84 -12.24 30.37 -42.25
C TRP A 84 -12.15 28.85 -42.26
N ILE A 85 -10.92 28.36 -42.38
CA ILE A 85 -10.60 26.94 -42.28
C ILE A 85 -9.61 26.77 -41.14
N PHE A 86 -9.89 25.82 -40.24
CA PHE A 86 -9.00 25.53 -39.12
C PHE A 86 -8.60 24.06 -39.16
N GLY A 87 -7.35 23.78 -38.84
CA GLY A 87 -6.91 22.40 -38.85
C GLY A 87 -5.50 22.26 -38.32
N THR A 88 -4.95 21.06 -38.51
CA THR A 88 -3.57 20.78 -38.12
C THR A 88 -2.73 20.23 -39.27
N THR A 89 -3.33 19.50 -40.21
CA THR A 89 -2.64 19.06 -41.40
C THR A 89 -3.39 19.41 -42.69
N LEU A 90 -4.67 19.77 -42.61
CA LEU A 90 -5.49 20.08 -43.78
C LEU A 90 -5.50 18.91 -44.77
N ASP A 91 -5.54 17.70 -44.25
CA ASP A 91 -5.42 16.47 -45.01
C ASP A 91 -6.59 15.55 -44.68
N SER A 92 -6.65 14.41 -45.38
CA SER A 92 -7.70 13.43 -45.12
C SER A 92 -7.48 12.64 -43.84
N LYS A 93 -6.27 12.67 -43.28
CA LYS A 93 -5.97 11.83 -42.13
C LYS A 93 -6.28 12.52 -40.79
N THR A 94 -6.61 13.80 -40.80
CA THR A 94 -6.91 14.53 -39.58
C THR A 94 -8.21 15.32 -39.76
N GLN A 95 -8.87 15.59 -38.63
CA GLN A 95 -10.11 16.33 -38.64
C GLN A 95 -9.86 17.82 -38.84
N SER A 96 -10.77 18.47 -39.55
CA SER A 96 -10.66 19.89 -39.85
C SER A 96 -12.02 20.55 -39.71
N LEU A 97 -12.00 21.84 -39.37
CA LEU A 97 -13.20 22.63 -39.14
C LEU A 97 -13.35 23.68 -40.23
N LEU A 98 -14.60 23.85 -40.68
CA LEU A 98 -14.92 24.71 -41.80
C LEU A 98 -16.15 25.55 -41.47
N ILE A 99 -16.07 26.84 -41.77
CA ILE A 99 -17.12 27.81 -41.47
C ILE A 99 -17.38 28.62 -42.74
N VAL A 100 -18.62 28.64 -43.21
CA VAL A 100 -19.01 29.41 -44.38
C VAL A 100 -20.26 30.21 -44.06
N ASN A 101 -20.26 31.47 -44.46
CA ASN A 101 -21.40 32.37 -44.29
C ASN A 101 -22.01 32.69 -45.64
N ASN A 102 -23.34 32.76 -45.67
CA ASN A 102 -24.03 33.32 -46.83
C ASN A 102 -25.04 34.36 -46.34
N ALA A 103 -25.90 34.83 -47.23
CA ALA A 103 -26.86 35.87 -46.87
C ALA A 103 -27.96 35.37 -45.95
N THR A 104 -28.04 34.07 -45.70
CA THR A 104 -29.15 33.49 -44.96
C THR A 104 -28.74 32.74 -43.70
N ASN A 105 -27.63 32.02 -43.70
CA ASN A 105 -27.30 31.14 -42.58
C ASN A 105 -25.79 31.09 -42.37
N VAL A 106 -25.40 30.37 -41.33
CA VAL A 106 -24.00 30.02 -41.07
C VAL A 106 -23.94 28.53 -40.81
N VAL A 107 -23.01 27.85 -41.47
CA VAL A 107 -22.85 26.41 -41.35
C VAL A 107 -21.43 26.13 -40.86
N ILE A 108 -21.33 25.40 -39.74
CA ILE A 108 -20.06 24.96 -39.20
C ILE A 108 -20.01 23.45 -39.28
N LYS A 109 -18.93 22.91 -39.85
CA LYS A 109 -18.80 21.46 -39.99
C LYS A 109 -17.39 21.04 -39.64
N VAL A 110 -17.25 19.93 -38.91
CA VAL A 110 -15.95 19.31 -38.70
C VAL A 110 -15.97 17.93 -39.35
N CYS A 111 -15.02 17.68 -40.23
CA CYS A 111 -14.99 16.44 -41.01
C CYS A 111 -13.53 16.07 -41.28
N GLU A 112 -13.32 15.18 -42.25
CA GLU A 112 -11.99 14.82 -42.73
C GLU A 112 -11.90 15.28 -44.18
N PHE A 113 -11.54 16.54 -44.37
CA PHE A 113 -11.54 17.16 -45.69
C PHE A 113 -10.23 16.89 -46.42
N GLN A 114 -10.30 17.02 -47.75
CA GLN A 114 -9.12 17.06 -48.61
C GLN A 114 -9.15 18.43 -49.27
N PHE A 115 -8.55 19.41 -48.59
CA PHE A 115 -8.62 20.79 -49.05
C PHE A 115 -7.70 21.01 -50.25
N CYS A 116 -8.15 21.86 -51.16
CA CYS A 116 -7.34 22.30 -52.27
C CYS A 116 -6.40 23.42 -51.82
N ASN A 117 -5.29 23.56 -52.54
CA ASN A 117 -4.43 24.71 -52.33
C ASN A 117 -5.12 25.96 -52.87
N ASP A 118 -5.10 27.04 -52.09
CA ASP A 118 -5.76 28.28 -52.42
C ASP A 118 -7.27 28.07 -52.62
N PRO A 119 -8.01 27.72 -51.58
CA PRO A 119 -9.45 27.50 -51.73
C PRO A 119 -10.22 28.80 -51.85
N PHE A 120 -11.37 28.72 -52.53
CA PHE A 120 -12.27 29.85 -52.63
C PHE A 120 -13.65 29.36 -53.04
N LEU A 121 -14.65 30.20 -52.82
CA LEU A 121 -16.01 29.88 -53.23
C LEU A 121 -16.26 30.38 -54.65
N ASP A 122 -16.90 29.54 -55.45
CA ASP A 122 -17.19 29.86 -56.84
C ASP A 122 -18.63 30.35 -56.95
N VAL A 123 -18.81 31.51 -57.59
CA VAL A 123 -20.13 32.13 -57.74
C VAL A 123 -20.42 32.20 -59.23
N TYR A 124 -21.57 31.65 -59.63
CA TYR A 124 -21.98 31.67 -61.03
C TYR A 124 -23.49 31.80 -61.15
N MET A 133 -25.71 30.45 -57.76
CA MET A 133 -25.33 29.25 -57.03
C MET A 133 -23.89 29.33 -56.55
N GLU A 134 -23.67 28.95 -55.29
CA GLU A 134 -22.35 28.97 -54.68
C GLU A 134 -21.86 27.54 -54.51
N SER A 135 -20.85 27.15 -55.27
CA SER A 135 -20.31 25.80 -55.25
C SER A 135 -19.06 25.75 -54.39
N GLU A 136 -18.76 24.56 -53.87
CA GLU A 136 -17.64 24.34 -52.97
C GLU A 136 -16.68 23.31 -53.53
N PHE A 137 -16.60 23.20 -54.85
CA PHE A 137 -15.69 22.26 -55.49
C PHE A 137 -14.28 22.81 -55.63
N ARG A 138 -14.05 24.05 -55.19
CA ARG A 138 -12.71 24.63 -55.17
C ARG A 138 -12.21 24.85 -53.75
N VAL A 139 -12.95 24.39 -52.74
CA VAL A 139 -12.52 24.43 -51.36
C VAL A 139 -11.97 23.08 -50.91
N TYR A 140 -12.69 22.01 -51.20
CA TYR A 140 -12.25 20.65 -50.89
C TYR A 140 -12.65 19.74 -52.05
N SER A 141 -12.19 18.49 -51.96
CA SER A 141 -12.57 17.45 -52.91
C SER A 141 -13.40 16.34 -52.28
N SER A 142 -13.03 15.92 -51.06
CA SER A 142 -13.74 14.87 -50.34
C SER A 142 -14.08 15.34 -48.93
N ALA A 143 -15.05 14.66 -48.32
CA ALA A 143 -15.53 14.99 -46.98
C ALA A 143 -15.29 13.89 -45.96
N ASN A 144 -15.59 12.64 -46.31
CA ASN A 144 -15.29 11.45 -45.48
C ASN A 144 -16.09 11.57 -44.18
N ASN A 145 -15.54 11.10 -43.05
CA ASN A 145 -16.30 11.05 -41.80
C ASN A 145 -16.56 12.45 -41.28
N CYS A 146 -17.82 12.72 -40.92
CA CYS A 146 -18.22 14.00 -40.36
C CYS A 146 -18.75 13.78 -38.94
N THR A 147 -18.25 14.57 -38.01
CA THR A 147 -18.52 14.37 -36.59
C THR A 147 -19.50 15.37 -36.00
N PHE A 148 -19.37 16.64 -36.35
CA PHE A 148 -20.21 17.68 -35.78
C PHE A 148 -20.63 18.66 -36.87
N GLU A 149 -21.90 19.06 -36.83
CA GLU A 149 -22.45 20.04 -37.76
C GLU A 149 -23.37 20.97 -36.98
N TYR A 150 -23.41 22.23 -37.40
CA TYR A 150 -24.18 23.25 -36.71
C TYR A 150 -24.64 24.28 -37.74
N VAL A 151 -25.87 24.77 -37.57
CA VAL A 151 -26.45 25.76 -38.48
C VAL A 151 -27.11 26.84 -37.65
N SER A 152 -26.94 28.09 -38.10
CA SER A 152 -27.53 29.23 -37.41
C SER A 152 -27.73 30.44 -38.31
N GLN A 153 -27.99 31.59 -37.71
CA GLN A 153 -28.19 32.85 -38.43
C GLN A 153 -26.84 33.43 -38.86
N PRO A 154 -26.83 34.28 -39.91
CA PRO A 154 -25.58 34.84 -40.46
C PRO A 154 -24.76 35.63 -39.43
N LYS A 167 -18.00 53.71 -42.52
CA LYS A 167 -17.98 52.28 -42.81
C LYS A 167 -18.04 51.46 -41.53
N ASN A 168 -17.95 50.14 -41.67
CA ASN A 168 -18.15 49.21 -40.57
C ASN A 168 -16.90 48.37 -40.35
N LEU A 169 -16.55 48.17 -39.08
CA LEU A 169 -15.41 47.35 -38.69
C LEU A 169 -15.92 46.14 -37.94
N ARG A 170 -15.48 44.95 -38.34
CA ARG A 170 -15.92 43.70 -37.75
C ARG A 170 -14.73 42.97 -37.15
N GLU A 171 -14.83 42.64 -35.86
CA GLU A 171 -13.75 42.03 -35.11
C GLU A 171 -14.19 40.68 -34.55
N PHE A 172 -13.29 39.71 -34.58
CA PHE A 172 -13.54 38.36 -34.09
C PHE A 172 -12.33 37.89 -33.28
N VAL A 173 -12.60 37.10 -32.25
CA VAL A 173 -11.57 36.44 -31.46
C VAL A 173 -11.88 34.95 -31.45
N PHE A 174 -10.88 34.14 -31.83
CA PHE A 174 -11.00 32.70 -31.89
C PHE A 174 -10.07 32.08 -30.86
N LYS A 175 -10.61 31.18 -30.04
CA LYS A 175 -9.82 30.53 -29.00
C LYS A 175 -10.22 29.07 -28.91
N ASN A 176 -9.31 28.23 -28.40
CA ASN A 176 -9.52 26.80 -28.32
C ASN A 176 -8.93 26.27 -27.01
N ILE A 177 -9.80 25.88 -26.07
CA ILE A 177 -9.36 25.42 -24.76
C ILE A 177 -10.18 24.21 -24.33
N ASP A 178 -9.48 23.18 -23.85
CA ASP A 178 -10.07 21.96 -23.27
C ASP A 178 -11.19 21.38 -24.14
N GLY A 179 -10.93 21.34 -25.45
CA GLY A 179 -11.87 20.74 -26.37
C GLY A 179 -13.04 21.62 -26.75
N TYR A 180 -13.06 22.87 -26.33
CA TYR A 180 -14.11 23.81 -26.68
C TYR A 180 -13.52 24.92 -27.55
N PHE A 181 -14.19 25.21 -28.65
CA PHE A 181 -13.80 26.28 -29.56
C PHE A 181 -14.72 27.47 -29.33
N LYS A 182 -14.15 28.59 -28.92
CA LYS A 182 -14.90 29.78 -28.54
C LYS A 182 -14.70 30.89 -29.57
N ILE A 183 -15.81 31.53 -29.94
CA ILE A 183 -15.79 32.66 -30.86
C ILE A 183 -16.49 33.83 -30.20
N TYR A 184 -15.78 34.98 -30.17
CA TYR A 184 -16.33 36.27 -29.75
C TYR A 184 -16.33 37.21 -30.93
N SER A 185 -17.29 38.13 -30.97
CA SER A 185 -17.41 39.00 -32.14
C SER A 185 -17.93 40.36 -31.73
N LYS A 186 -17.75 41.34 -32.62
CA LYS A 186 -18.24 42.69 -32.41
C LYS A 186 -18.28 43.43 -33.74
N HIS A 187 -19.32 44.26 -33.91
CA HIS A 187 -19.50 45.09 -35.10
C HIS A 187 -19.58 46.55 -34.66
N THR A 188 -18.79 47.41 -35.30
CA THR A 188 -18.68 48.80 -34.88
C THR A 188 -18.73 49.73 -36.09
N PRO A 189 -19.68 50.67 -36.13
CA PRO A 189 -19.65 51.69 -37.18
C PRO A 189 -18.55 52.71 -36.90
N ILE A 190 -17.60 52.81 -37.83
CA ILE A 190 -16.44 53.68 -37.66
C ILE A 190 -16.53 54.85 -38.63
N ASN A 191 -16.01 55.98 -38.19
CA ASN A 191 -15.94 57.20 -39.00
C ASN A 191 -14.48 57.42 -39.39
N LEU A 192 -14.23 58.57 -40.03
CA LEU A 192 -12.90 58.95 -40.48
C LEU A 192 -12.41 57.93 -41.50
N GLY A 193 -11.14 57.94 -41.86
CA GLY A 193 -10.62 57.00 -42.83
C GLY A 193 -9.60 56.04 -42.26
N ARG A 194 -9.42 56.05 -40.94
CA ARG A 194 -8.40 55.23 -40.28
C ARG A 194 -9.04 53.93 -39.80
N ASP A 195 -8.38 52.81 -40.11
CA ASP A 195 -8.81 51.53 -39.57
C ASP A 195 -8.16 51.30 -38.20
N LEU A 196 -8.81 50.46 -37.39
CA LEU A 196 -8.40 50.23 -36.01
C LEU A 196 -8.30 51.56 -35.28
N PRO A 197 -9.42 52.22 -35.02
CA PRO A 197 -9.38 53.57 -34.47
C PRO A 197 -9.10 53.55 -32.97
N GLN A 198 -9.05 54.74 -32.39
CA GLN A 198 -8.80 54.90 -30.96
C GLN A 198 -10.12 54.90 -30.21
N GLY A 199 -10.17 54.13 -29.13
CA GLY A 199 -11.39 53.97 -28.36
C GLY A 199 -11.43 52.59 -27.75
N PHE A 200 -12.51 52.34 -27.01
CA PHE A 200 -12.69 51.08 -26.31
C PHE A 200 -14.00 50.44 -26.73
N SER A 201 -13.97 49.13 -26.97
CA SER A 201 -15.17 48.37 -27.29
C SER A 201 -14.90 46.91 -26.97
N ALA A 202 -15.79 46.31 -26.17
CA ALA A 202 -15.61 44.94 -25.71
C ALA A 202 -16.40 43.98 -26.58
N LEU A 203 -15.88 42.76 -26.73
CA LEU A 203 -16.46 41.76 -27.61
C LEU A 203 -17.31 40.79 -26.79
N GLU A 204 -18.60 40.68 -27.15
CA GLU A 204 -19.48 39.75 -26.46
C GLU A 204 -19.27 38.33 -26.97
N PRO A 205 -19.48 37.33 -26.11
CA PRO A 205 -19.39 35.93 -26.58
C PRO A 205 -20.40 35.66 -27.68
N LEU A 206 -19.94 34.93 -28.70
CA LEU A 206 -20.78 34.62 -29.84
C LEU A 206 -21.19 33.16 -29.87
N VAL A 207 -20.26 32.23 -29.72
CA VAL A 207 -20.62 30.82 -29.75
C VAL A 207 -19.51 29.99 -29.11
N ASP A 208 -19.88 28.82 -28.60
CA ASP A 208 -18.97 27.84 -28.04
C ASP A 208 -19.31 26.47 -28.60
N LEU A 209 -18.33 25.80 -29.17
CA LEU A 209 -18.55 24.53 -29.87
C LEU A 209 -17.76 23.42 -29.20
N PRO A 210 -18.41 22.34 -28.78
CA PRO A 210 -17.69 21.20 -28.21
C PRO A 210 -17.18 20.24 -29.27
N ILE A 211 -16.02 20.54 -29.86
CA ILE A 211 -15.50 19.75 -30.96
C ILE A 211 -14.37 18.81 -30.55
N GLY A 212 -13.53 19.20 -29.60
CA GLY A 212 -12.48 18.34 -29.10
C GLY A 212 -11.46 17.90 -30.13
N ILE A 213 -11.04 18.82 -31.00
CA ILE A 213 -10.02 18.51 -32.00
C ILE A 213 -8.81 19.40 -31.78
N ASN A 214 -7.79 19.24 -32.61
CA ASN A 214 -6.52 19.95 -32.48
C ASN A 214 -6.39 20.98 -33.60
N ILE A 215 -6.05 22.21 -33.25
CA ILE A 215 -5.92 23.32 -34.20
C ILE A 215 -4.49 23.85 -34.13
N THR A 216 -3.85 23.98 -35.30
CA THR A 216 -2.49 24.50 -35.34
C THR A 216 -2.33 25.53 -36.46
N ARG A 217 -3.20 25.48 -37.47
CA ARG A 217 -3.10 26.35 -38.63
C ARG A 217 -4.50 26.75 -39.08
N PHE A 218 -4.58 27.89 -39.77
CA PHE A 218 -5.85 28.39 -40.24
C PHE A 218 -5.65 29.20 -41.52
N GLN A 219 -6.77 29.43 -42.21
CA GLN A 219 -6.78 30.15 -43.49
C GLN A 219 -8.11 30.86 -43.68
N THR A 220 -8.10 31.87 -44.55
CA THR A 220 -9.26 32.69 -44.84
C THR A 220 -9.85 32.34 -46.20
N LEU A 221 -11.18 32.48 -46.28
CA LEU A 221 -11.87 32.15 -47.52
C LEU A 221 -12.39 33.36 -48.25
N LEU A 222 -12.30 33.34 -49.56
CA LEU A 222 -12.78 34.42 -50.42
C LEU A 222 -13.84 33.89 -51.37
N ALA A 223 -14.64 34.80 -51.91
CA ALA A 223 -15.67 34.47 -52.88
C ALA A 223 -15.38 35.18 -54.18
N LEU A 224 -15.34 34.41 -55.28
CA LEU A 224 -14.99 34.92 -56.59
C LEU A 224 -16.13 34.70 -57.58
N HIS A 225 -16.28 35.63 -58.51
CA HIS A 225 -17.29 35.53 -59.56
C HIS A 225 -16.67 35.06 -60.87
N ALA A 243 -9.18 42.30 -51.24
CA ALA A 243 -9.54 42.06 -49.84
C ALA A 243 -8.35 42.29 -48.91
N ALA A 244 -8.59 42.97 -47.80
CA ALA A 244 -7.57 43.27 -46.81
C ALA A 244 -8.08 42.93 -45.42
N TYR A 245 -7.19 42.49 -44.55
CA TYR A 245 -7.62 42.16 -43.19
C TYR A 245 -6.44 42.26 -42.24
N TYR A 246 -6.75 42.24 -40.94
CA TYR A 246 -5.76 42.39 -39.88
C TYR A 246 -5.72 41.14 -39.02
N VAL A 247 -4.51 40.69 -38.68
CA VAL A 247 -4.31 39.49 -37.89
C VAL A 247 -3.36 39.80 -36.72
N GLY A 248 -3.74 39.35 -35.53
CA GLY A 248 -2.87 39.43 -34.37
C GLY A 248 -3.00 38.18 -33.52
N TYR A 249 -2.04 38.01 -32.60
CA TYR A 249 -1.94 36.80 -31.80
C TYR A 249 -2.08 37.12 -30.31
N LEU A 250 -2.71 36.21 -29.58
CA LEU A 250 -2.97 36.37 -28.16
C LEU A 250 -1.84 35.77 -27.33
N GLN A 251 -1.68 36.30 -26.12
CA GLN A 251 -0.65 35.87 -25.19
C GLN A 251 -1.20 35.88 -23.77
N PRO A 252 -0.64 35.06 -22.87
CA PRO A 252 -1.07 35.12 -21.48
C PRO A 252 -0.73 36.46 -20.86
N ARG A 253 -1.67 36.99 -20.08
CA ARG A 253 -1.55 38.37 -19.62
C ARG A 253 -2.59 38.62 -18.54
N THR A 254 -2.27 39.54 -17.65
CA THR A 254 -3.19 39.96 -16.59
C THR A 254 -3.69 41.38 -16.87
N PHE A 255 -5.00 41.56 -16.73
CA PHE A 255 -5.67 42.80 -17.06
C PHE A 255 -6.51 43.27 -15.88
N LEU A 256 -6.77 44.57 -15.83
CA LEU A 256 -7.67 45.15 -14.84
C LEU A 256 -8.79 45.86 -15.58
N LEU A 257 -10.01 45.35 -15.44
CA LEU A 257 -11.17 45.81 -16.19
C LEU A 257 -12.09 46.64 -15.30
N LYS A 258 -12.78 47.60 -15.92
CA LYS A 258 -13.72 48.48 -15.23
C LYS A 258 -15.14 48.21 -15.72
N TYR A 259 -16.04 47.94 -14.79
CA TYR A 259 -17.45 47.72 -15.08
C TYR A 259 -18.25 48.94 -14.64
N ASN A 260 -19.21 49.35 -15.45
CA ASN A 260 -20.07 50.46 -15.08
C ASN A 260 -21.30 49.92 -14.33
N GLU A 261 -22.28 50.78 -14.07
CA GLU A 261 -23.43 50.38 -13.29
C GLU A 261 -24.44 49.55 -14.10
N ASN A 262 -24.30 49.51 -15.42
CA ASN A 262 -25.15 48.66 -16.25
C ASN A 262 -24.52 47.31 -16.56
N GLY A 263 -23.32 47.05 -16.07
CA GLY A 263 -22.66 45.79 -16.30
C GLY A 263 -21.78 45.69 -17.53
N THR A 264 -21.44 46.82 -18.14
CA THR A 264 -20.63 46.83 -19.36
C THR A 264 -19.21 47.26 -19.06
N ILE A 265 -18.26 46.63 -19.76
CA ILE A 265 -16.85 46.97 -19.63
C ILE A 265 -16.59 48.27 -20.37
N THR A 266 -16.01 49.25 -19.68
CA THR A 266 -15.78 50.56 -20.25
C THR A 266 -14.31 50.92 -20.43
N ASP A 267 -13.40 50.33 -19.66
CA ASP A 267 -11.99 50.63 -19.81
C ASP A 267 -11.17 49.51 -19.19
N ALA A 268 -9.91 49.43 -19.57
CA ALA A 268 -9.03 48.37 -19.10
C ALA A 268 -7.61 48.90 -18.94
N VAL A 269 -6.83 48.17 -18.14
CA VAL A 269 -5.43 48.49 -17.89
C VAL A 269 -4.61 47.22 -18.06
N ASP A 270 -3.52 47.32 -18.82
CA ASP A 270 -2.58 46.22 -19.01
C ASP A 270 -1.44 46.38 -18.01
N CYS A 271 -1.23 45.36 -17.18
CA CYS A 271 -0.30 45.49 -16.06
C CYS A 271 1.15 45.54 -16.53
N ALA A 272 1.52 44.72 -17.51
CA ALA A 272 2.91 44.56 -17.89
C ALA A 272 3.33 45.51 -19.01
N LEU A 273 2.66 46.65 -19.15
CA LEU A 273 3.01 47.59 -20.21
C LEU A 273 4.05 48.60 -19.74
N ASP A 274 3.77 49.31 -18.66
CA ASP A 274 4.61 50.40 -18.19
C ASP A 274 4.73 50.30 -16.67
N PRO A 275 5.74 50.96 -16.08
CA PRO A 275 5.77 51.06 -14.61
C PRO A 275 4.56 51.78 -14.04
N LEU A 276 4.01 52.77 -14.73
CA LEU A 276 2.83 53.47 -14.22
C LEU A 276 1.62 52.55 -14.19
N SER A 277 1.44 51.72 -15.22
CA SER A 277 0.27 50.85 -15.26
C SER A 277 0.38 49.70 -14.26
N GLU A 278 1.59 49.39 -13.80
CA GLU A 278 1.75 48.35 -12.78
C GLU A 278 1.34 48.87 -11.40
N THR A 279 1.62 50.14 -11.13
CA THR A 279 1.19 50.74 -9.87
C THR A 279 -0.32 50.78 -9.77
N LYS A 280 -1.00 51.08 -10.88
CA LYS A 280 -2.45 51.10 -10.90
C LYS A 280 -3.03 49.72 -10.58
N CYS A 281 -2.28 48.66 -10.87
CA CYS A 281 -2.77 47.32 -10.62
C CYS A 281 -2.40 46.83 -9.22
N THR A 282 -1.27 47.30 -8.67
CA THR A 282 -1.00 47.00 -7.27
C THR A 282 -1.96 47.74 -6.35
N LEU A 283 -2.33 48.97 -6.72
CA LEU A 283 -3.28 49.75 -5.93
C LEU A 283 -4.73 49.42 -6.22
N LYS A 284 -5.01 48.67 -7.29
CA LYS A 284 -6.38 48.35 -7.70
C LYS A 284 -7.21 49.60 -7.92
N SER A 285 -6.67 50.56 -8.65
CA SER A 285 -7.36 51.81 -8.90
C SER A 285 -6.84 52.43 -10.19
N PHE A 286 -7.69 53.22 -10.83
CA PHE A 286 -7.33 53.85 -12.09
C PHE A 286 -6.69 55.22 -11.90
N THR A 287 -6.68 55.75 -10.68
CA THR A 287 -6.00 56.99 -10.36
C THR A 287 -5.09 56.75 -9.15
N VAL A 288 -3.90 57.33 -9.19
CA VAL A 288 -2.94 57.21 -8.11
C VAL A 288 -2.51 58.61 -7.69
N GLU A 289 -2.30 58.79 -6.40
CA GLU A 289 -1.88 60.07 -5.85
C GLU A 289 -0.37 60.08 -5.63
N LYS A 290 0.16 61.28 -5.46
CA LYS A 290 1.61 61.51 -5.47
C LYS A 290 2.31 60.70 -4.37
N GLY A 291 3.40 60.04 -4.75
CA GLY A 291 4.18 59.30 -3.77
C GLY A 291 5.03 58.23 -4.41
N ILE A 292 5.55 57.36 -3.55
CA ILE A 292 6.41 56.25 -3.94
C ILE A 292 5.76 54.95 -3.50
N TYR A 293 5.72 53.98 -4.42
CA TYR A 293 5.01 52.72 -4.21
C TYR A 293 5.92 51.56 -4.58
N GLN A 294 5.97 50.56 -3.72
CA GLN A 294 6.75 49.36 -3.98
C GLN A 294 5.92 48.42 -4.85
N THR A 295 6.37 48.19 -6.08
CA THR A 295 5.61 47.41 -7.05
C THR A 295 6.14 46.00 -7.22
N SER A 296 7.43 45.85 -7.51
CA SER A 296 7.89 44.48 -7.81
C SER A 296 9.31 44.12 -7.41
N ASN A 297 9.75 42.96 -7.88
CA ASN A 297 11.08 42.47 -7.56
C ASN A 297 11.91 42.39 -8.83
N PHE A 298 13.22 42.38 -8.65
CA PHE A 298 14.18 42.26 -9.75
C PHE A 298 15.20 41.20 -9.38
N ARG A 299 15.40 40.25 -10.29
CA ARG A 299 16.37 39.16 -10.10
C ARG A 299 17.13 38.95 -11.40
N VAL A 300 18.45 38.86 -11.31
CA VAL A 300 19.26 38.53 -12.47
C VAL A 300 19.30 37.01 -12.62
N GLN A 301 19.11 36.56 -13.84
CA GLN A 301 18.95 35.15 -14.11
C GLN A 301 20.26 34.52 -14.57
N PRO A 302 20.42 33.21 -14.40
CA PRO A 302 21.65 32.55 -14.83
C PRO A 302 21.62 32.21 -16.32
N THR A 303 22.81 31.99 -16.86
CA THR A 303 22.97 31.78 -18.29
C THR A 303 23.78 30.55 -18.65
N GLU A 304 24.44 29.90 -17.69
CA GLU A 304 25.31 28.78 -18.02
C GLU A 304 25.31 27.77 -16.87
N SER A 305 25.75 26.55 -17.20
CA SER A 305 25.87 25.47 -16.25
C SER A 305 27.29 24.93 -16.30
N ILE A 306 27.86 24.66 -15.11
CA ILE A 306 29.23 24.23 -14.96
C ILE A 306 29.25 22.97 -14.11
N VAL A 307 29.97 21.96 -14.57
CA VAL A 307 30.23 20.76 -13.77
C VAL A 307 31.74 20.59 -13.66
N ARG A 308 32.22 20.30 -12.46
CA ARG A 308 33.65 20.24 -12.19
C ARG A 308 33.96 19.00 -11.37
N PHE A 309 34.85 18.17 -11.89
CA PHE A 309 35.21 16.89 -11.27
C PHE A 309 36.71 16.69 -11.41
N PRO A 310 37.30 15.86 -10.55
CA PRO A 310 38.73 15.56 -10.69
C PRO A 310 39.01 14.76 -11.95
N ASN A 311 40.27 14.85 -12.40
CA ASN A 311 40.67 14.21 -13.64
C ASN A 311 40.57 12.69 -13.53
N ILE A 312 40.33 12.03 -14.66
CA ILE A 312 40.11 10.60 -14.71
C ILE A 312 41.45 9.90 -14.91
N THR A 313 41.88 9.12 -13.93
CA THR A 313 43.19 8.48 -13.96
C THR A 313 43.09 6.96 -13.88
N ASN A 314 42.44 6.42 -12.87
CA ASN A 314 42.42 4.97 -12.66
C ASN A 314 41.24 4.36 -13.42
N LEU A 315 41.51 3.29 -14.16
CA LEU A 315 40.48 2.63 -14.95
C LEU A 315 40.64 1.12 -14.87
N CYS A 316 39.51 0.42 -14.98
CA CYS A 316 39.51 -1.02 -14.86
C CYS A 316 40.17 -1.66 -16.08
N PRO A 317 40.85 -2.80 -15.91
CA PRO A 317 41.57 -3.44 -17.03
C PRO A 317 40.70 -4.41 -17.84
N PHE A 318 39.85 -3.85 -18.69
CA PHE A 318 39.03 -4.66 -19.57
C PHE A 318 39.80 -5.21 -20.76
N ASP A 319 40.83 -4.51 -21.21
CA ASP A 319 41.61 -4.99 -22.36
C ASP A 319 42.35 -6.28 -22.06
N GLU A 320 42.66 -6.56 -20.79
CA GLU A 320 43.29 -7.83 -20.45
C GLU A 320 42.36 -9.00 -20.73
N VAL A 321 41.09 -8.87 -20.35
CA VAL A 321 40.13 -9.96 -20.55
C VAL A 321 39.74 -10.08 -22.02
N PHE A 322 39.44 -8.96 -22.68
CA PHE A 322 38.96 -9.02 -24.06
C PHE A 322 40.08 -9.27 -25.05
N ASN A 323 41.27 -8.73 -24.80
CA ASN A 323 42.41 -8.83 -25.70
C ASN A 323 43.55 -9.54 -24.97
N ALA A 324 43.52 -10.86 -24.98
CA ALA A 324 44.62 -11.67 -24.48
C ALA A 324 45.25 -12.41 -25.65
N THR A 325 46.54 -12.75 -25.48
CA THR A 325 47.25 -13.45 -26.55
C THR A 325 46.56 -14.76 -26.88
N ARG A 326 46.15 -15.50 -25.86
CA ARG A 326 45.35 -16.71 -26.03
C ARG A 326 44.44 -16.83 -24.82
N PHE A 327 43.22 -17.34 -25.04
CA PHE A 327 42.31 -17.57 -23.93
C PHE A 327 42.62 -18.91 -23.27
N ALA A 328 41.71 -19.37 -22.42
CA ALA A 328 41.86 -20.62 -21.69
C ALA A 328 40.79 -21.60 -22.14
N SER A 329 41.06 -22.88 -21.90
CA SER A 329 40.14 -23.94 -22.27
C SER A 329 38.84 -23.81 -21.49
N VAL A 330 37.79 -24.42 -22.04
CA VAL A 330 36.47 -24.27 -21.46
C VAL A 330 36.37 -24.98 -20.11
N TYR A 331 37.00 -26.15 -19.98
CA TYR A 331 36.85 -26.91 -18.75
C TYR A 331 37.53 -26.21 -17.58
N ALA A 332 38.77 -25.78 -17.75
CA ALA A 332 39.50 -25.04 -16.72
C ALA A 332 39.51 -23.57 -17.13
N TRP A 333 38.44 -22.86 -16.81
CA TRP A 333 38.24 -21.51 -17.31
C TRP A 333 38.73 -20.48 -16.29
N ASN A 334 38.72 -19.22 -16.72
CA ASN A 334 39.21 -18.10 -15.93
C ASN A 334 38.05 -17.36 -15.27
N ARG A 335 38.31 -16.85 -14.07
CA ARG A 335 37.43 -15.89 -13.44
C ARG A 335 38.28 -14.74 -12.93
N LYS A 336 37.84 -13.52 -13.20
CA LYS A 336 38.57 -12.31 -12.85
C LYS A 336 37.69 -11.41 -12.00
N ARG A 337 38.23 -10.95 -10.88
CA ARG A 337 37.51 -10.05 -9.98
C ARG A 337 38.00 -8.62 -10.23
N ILE A 338 37.06 -7.72 -10.50
CA ILE A 338 37.36 -6.34 -10.82
C ILE A 338 36.69 -5.46 -9.77
N SER A 339 37.48 -4.62 -9.11
CA SER A 339 36.96 -3.74 -8.08
C SER A 339 37.91 -2.58 -7.87
N ASN A 340 37.38 -1.50 -7.29
CA ASN A 340 38.14 -0.31 -6.94
C ASN A 340 38.78 0.33 -8.18
N CYS A 341 37.96 0.61 -9.19
CA CYS A 341 38.43 1.26 -10.40
C CYS A 341 37.24 1.90 -11.10
N VAL A 342 37.55 2.66 -12.14
CA VAL A 342 36.54 3.33 -12.95
C VAL A 342 36.35 2.52 -14.23
N ALA A 343 35.12 2.12 -14.51
CA ALA A 343 34.81 1.25 -15.64
C ALA A 343 34.03 2.02 -16.69
N ASP A 344 34.66 2.26 -17.83
CA ASP A 344 33.99 2.83 -18.99
C ASP A 344 33.75 1.71 -20.00
N TYR A 345 32.51 1.55 -20.42
CA TYR A 345 32.12 0.44 -21.27
C TYR A 345 32.10 0.82 -22.75
N SER A 346 32.51 2.05 -23.09
CA SER A 346 32.61 2.45 -24.48
C SER A 346 33.78 1.79 -25.19
N VAL A 347 34.83 1.42 -24.46
CA VAL A 347 35.98 0.75 -25.06
C VAL A 347 35.61 -0.62 -25.60
N LEU A 348 34.57 -1.26 -25.04
CA LEU A 348 34.23 -2.63 -25.40
C LEU A 348 33.97 -2.81 -26.90
N TYR A 349 33.53 -1.75 -27.59
CA TYR A 349 33.16 -1.84 -28.99
C TYR A 349 34.35 -1.86 -29.93
N ASN A 350 35.56 -2.13 -29.44
CA ASN A 350 36.70 -2.31 -30.32
C ASN A 350 36.47 -3.51 -31.24
N PHE A 351 35.91 -4.60 -30.71
CA PHE A 351 35.44 -5.72 -31.53
C PHE A 351 34.04 -5.41 -32.05
N ALA A 352 34.01 -4.59 -33.12
CA ALA A 352 32.75 -4.19 -33.72
C ALA A 352 31.88 -5.36 -34.17
N PRO A 353 32.40 -6.40 -34.85
CA PRO A 353 31.49 -7.51 -35.21
C PRO A 353 31.20 -8.42 -34.02
N PHE A 354 30.36 -7.93 -33.12
CA PHE A 354 29.95 -8.72 -31.96
C PHE A 354 28.87 -9.70 -32.41
N PHE A 355 29.22 -10.99 -32.41
CA PHE A 355 28.28 -12.01 -32.84
C PHE A 355 27.09 -12.12 -31.90
N ALA A 356 27.32 -12.03 -30.59
CA ALA A 356 26.26 -12.11 -29.59
C ALA A 356 26.50 -11.07 -28.52
N PHE A 357 25.41 -10.45 -28.06
CA PHE A 357 25.51 -9.46 -26.99
C PHE A 357 24.34 -9.59 -26.03
N LYS A 358 24.02 -10.82 -25.63
CA LYS A 358 22.88 -11.07 -24.75
C LYS A 358 23.14 -10.48 -23.38
N CYS A 359 22.21 -9.64 -22.91
CA CYS A 359 22.29 -9.02 -21.59
C CYS A 359 21.02 -9.34 -20.81
N TYR A 360 21.19 -9.93 -19.63
CA TYR A 360 20.07 -10.39 -18.82
C TYR A 360 20.00 -9.54 -17.55
N GLY A 361 18.79 -9.09 -17.22
CA GLY A 361 18.57 -8.36 -15.99
C GLY A 361 19.20 -6.98 -15.92
N VAL A 362 19.64 -6.43 -17.05
CA VAL A 362 20.27 -5.11 -17.08
C VAL A 362 20.12 -4.54 -18.48
N SER A 363 20.10 -3.21 -18.56
CA SER A 363 20.00 -2.54 -19.84
C SER A 363 21.33 -2.64 -20.59
N PRO A 364 21.34 -3.14 -21.82
CA PRO A 364 22.61 -3.32 -22.55
C PRO A 364 23.32 -2.03 -22.90
N THR A 365 22.78 -0.87 -22.55
CA THR A 365 23.40 0.41 -22.86
C THR A 365 23.74 1.22 -21.62
N LYS A 366 22.82 1.34 -20.66
CA LYS A 366 23.02 2.18 -19.50
C LYS A 366 23.81 1.44 -18.41
N LEU A 367 24.94 0.87 -18.82
CA LEU A 367 25.83 0.21 -17.87
C LEU A 367 26.52 1.22 -16.96
N ASN A 368 26.80 2.42 -17.47
CA ASN A 368 27.49 3.45 -16.71
C ASN A 368 26.64 4.05 -15.60
N ASP A 369 25.34 3.76 -15.59
CA ASP A 369 24.43 4.44 -14.66
C ASP A 369 24.69 4.04 -13.22
N LEU A 370 24.82 2.75 -12.96
CA LEU A 370 24.86 2.23 -11.59
C LEU A 370 26.30 2.03 -11.12
N CYS A 371 26.46 2.05 -9.81
CA CYS A 371 27.74 1.71 -9.17
C CYS A 371 27.59 0.36 -8.48
N PHE A 372 28.54 -0.53 -8.72
CA PHE A 372 28.48 -1.90 -8.25
C PHE A 372 29.62 -2.19 -7.28
N THR A 373 29.39 -3.14 -6.37
CA THR A 373 30.42 -3.52 -5.42
C THR A 373 31.62 -4.14 -6.12
N ASN A 374 31.36 -5.10 -7.01
CA ASN A 374 32.40 -5.69 -7.84
C ASN A 374 31.75 -6.36 -9.05
N VAL A 375 32.56 -6.67 -10.04
CA VAL A 375 32.11 -7.29 -11.27
C VAL A 375 33.07 -8.41 -11.64
N TYR A 376 32.53 -9.53 -12.12
CA TYR A 376 33.32 -10.69 -12.51
C TYR A 376 33.34 -10.81 -14.02
N ALA A 377 34.39 -11.44 -14.54
CA ALA A 377 34.57 -11.63 -15.97
C ALA A 377 35.00 -13.06 -16.24
N ASP A 378 34.07 -13.89 -16.69
CA ASP A 378 34.35 -15.27 -17.06
C ASP A 378 34.62 -15.36 -18.56
N SER A 379 35.74 -15.94 -18.93
CA SER A 379 36.10 -16.09 -20.34
C SER A 379 36.50 -17.53 -20.65
N PHE A 380 36.03 -18.03 -21.79
CA PHE A 380 36.33 -19.38 -22.23
C PHE A 380 36.21 -19.43 -23.75
N VAL A 381 36.76 -20.49 -24.33
CA VAL A 381 36.74 -20.70 -25.78
C VAL A 381 36.02 -22.00 -26.07
N ILE A 382 34.98 -21.92 -26.91
CA ILE A 382 34.18 -23.08 -27.29
C ILE A 382 34.00 -23.08 -28.80
N ARG A 383 33.26 -24.08 -29.28
CA ARG A 383 32.90 -24.21 -30.68
C ARG A 383 31.68 -23.34 -30.97
N GLY A 384 31.68 -22.71 -32.15
CA GLY A 384 30.64 -21.77 -32.50
C GLY A 384 29.25 -22.35 -32.55
N ASN A 385 29.12 -23.67 -32.53
CA ASN A 385 27.82 -24.33 -32.56
C ASN A 385 27.23 -24.51 -31.16
N GLU A 386 27.93 -24.06 -30.12
CA GLU A 386 27.54 -24.31 -28.75
C GLU A 386 27.32 -23.05 -27.93
N VAL A 387 27.45 -21.87 -28.52
CA VAL A 387 27.30 -20.61 -27.79
C VAL A 387 25.85 -20.43 -27.37
N SER A 388 24.96 -21.29 -27.85
CA SER A 388 23.57 -21.30 -27.42
C SER A 388 23.40 -21.88 -26.02
N GLN A 389 24.41 -22.57 -25.48
CA GLN A 389 24.31 -23.13 -24.15
C GLN A 389 24.71 -22.15 -23.06
N ILE A 390 25.19 -20.96 -23.42
CA ILE A 390 25.51 -19.94 -22.42
C ILE A 390 24.26 -19.13 -22.15
N ALA A 391 23.40 -19.64 -21.28
CA ALA A 391 22.12 -19.01 -20.94
C ALA A 391 21.53 -19.76 -19.76
N PRO A 392 20.72 -19.10 -18.92
CA PRO A 392 20.16 -19.79 -17.76
C PRO A 392 19.16 -20.87 -18.19
N GLY A 393 19.11 -21.93 -17.40
CA GLY A 393 18.19 -23.03 -17.67
C GLY A 393 18.43 -23.72 -19.00
N GLN A 394 19.69 -24.02 -19.32
CA GLN A 394 20.05 -24.66 -20.57
C GLN A 394 20.75 -25.99 -20.32
N THR A 395 20.52 -26.95 -21.21
CA THR A 395 21.12 -28.27 -21.11
C THR A 395 21.91 -28.56 -22.37
N GLY A 396 22.95 -29.38 -22.22
CA GLY A 396 23.81 -29.71 -23.33
C GLY A 396 25.12 -30.29 -22.83
N ASN A 397 26.03 -30.49 -23.78
CA ASN A 397 27.32 -31.08 -23.45
C ASN A 397 28.13 -30.17 -22.53
N ILE A 398 28.11 -28.86 -22.78
CA ILE A 398 28.93 -27.95 -22.00
C ILE A 398 28.24 -27.54 -20.71
N ALA A 399 26.93 -27.28 -20.78
CA ALA A 399 26.19 -26.89 -19.59
C ALA A 399 26.21 -27.96 -18.51
N ASP A 400 26.35 -29.23 -18.87
CA ASP A 400 26.33 -30.30 -17.88
C ASP A 400 27.71 -30.59 -17.29
N TYR A 401 28.78 -30.49 -18.08
CA TYR A 401 30.08 -30.97 -17.63
C TYR A 401 31.19 -29.94 -17.65
N ASN A 402 31.03 -28.80 -18.30
CA ASN A 402 32.14 -27.88 -18.49
C ASN A 402 31.94 -26.52 -17.86
N TYR A 403 30.73 -25.96 -17.93
CA TYR A 403 30.46 -24.62 -17.40
C TYR A 403 28.95 -24.40 -17.40
N LYS A 404 28.44 -23.82 -16.33
CA LYS A 404 27.01 -23.59 -16.21
C LYS A 404 26.74 -22.19 -15.68
N LEU A 405 25.57 -21.67 -16.02
CA LEU A 405 25.07 -20.39 -15.56
C LEU A 405 23.95 -20.61 -14.55
N PRO A 406 23.76 -19.72 -13.58
CA PRO A 406 22.70 -19.93 -12.60
C PRO A 406 21.33 -19.72 -13.23
N ASP A 407 20.31 -20.32 -12.61
CA ASP A 407 18.96 -20.24 -13.15
C ASP A 407 18.51 -18.79 -13.30
N ASP A 408 18.99 -17.91 -12.42
CA ASP A 408 18.81 -16.47 -12.55
C ASP A 408 20.16 -15.84 -12.82
N PHE A 409 20.14 -14.70 -13.52
CA PHE A 409 21.37 -14.09 -13.99
C PHE A 409 21.23 -12.58 -14.03
N THR A 410 22.38 -11.90 -14.03
CA THR A 410 22.46 -10.47 -14.28
C THR A 410 23.79 -10.17 -14.96
N GLY A 411 23.78 -9.21 -15.89
CA GLY A 411 24.97 -8.85 -16.63
C GLY A 411 24.78 -9.04 -18.12
N CYS A 412 25.87 -9.43 -18.78
CA CYS A 412 25.88 -9.55 -20.24
C CYS A 412 26.73 -10.73 -20.65
N VAL A 413 26.48 -11.22 -21.86
CA VAL A 413 27.29 -12.27 -22.50
C VAL A 413 27.72 -11.77 -23.87
N ILE A 414 29.01 -11.90 -24.17
CA ILE A 414 29.62 -11.31 -25.36
C ILE A 414 30.41 -12.39 -26.07
N ALA A 415 30.15 -12.57 -27.37
CA ALA A 415 30.84 -13.58 -28.16
C ALA A 415 31.25 -13.01 -29.50
N TRP A 416 32.45 -13.38 -29.97
CA TRP A 416 32.93 -12.95 -31.27
C TRP A 416 33.83 -14.04 -31.86
N ASN A 417 33.73 -14.23 -33.17
CA ASN A 417 34.49 -15.27 -33.85
C ASN A 417 35.98 -14.92 -33.86
N SER A 418 36.81 -15.95 -33.75
CA SER A 418 38.27 -15.81 -33.76
C SER A 418 38.89 -16.87 -34.66
N ASN A 419 38.32 -17.02 -35.86
CA ASN A 419 38.81 -18.05 -36.77
C ASN A 419 40.20 -17.73 -37.31
N LYS A 420 40.58 -16.46 -37.34
CA LYS A 420 41.86 -16.05 -37.88
C LYS A 420 42.97 -16.03 -36.85
N LEU A 421 42.68 -16.43 -35.60
CA LEU A 421 43.69 -16.44 -34.56
C LEU A 421 43.87 -17.79 -33.87
N ASP A 422 42.91 -18.71 -33.97
CA ASP A 422 43.00 -19.96 -33.23
C ASP A 422 43.17 -21.14 -34.16
N SER A 423 42.43 -21.16 -35.27
CA SER A 423 42.50 -22.25 -36.22
C SER A 423 43.75 -22.11 -37.09
N LYS A 424 44.54 -23.17 -37.14
CA LYS A 424 45.78 -23.17 -37.91
C LYS A 424 45.88 -24.47 -38.70
N VAL A 425 46.66 -24.42 -39.78
CA VAL A 425 46.84 -25.61 -40.62
C VAL A 425 47.52 -26.70 -39.81
N GLY A 426 47.12 -27.95 -40.07
CA GLY A 426 47.60 -29.07 -39.29
C GLY A 426 46.81 -29.34 -38.02
N GLY A 427 45.80 -28.52 -37.72
CA GLY A 427 44.96 -28.75 -36.56
C GLY A 427 45.49 -28.12 -35.29
N ASN A 428 44.65 -27.34 -34.61
CA ASN A 428 45.01 -26.73 -33.33
C ASN A 428 44.55 -27.67 -32.22
N TYR A 429 45.50 -28.16 -31.43
CA TYR A 429 45.23 -29.14 -30.39
C TYR A 429 45.59 -28.60 -29.01
N ASN A 430 45.24 -27.33 -28.74
CA ASN A 430 45.51 -26.71 -27.46
C ASN A 430 44.27 -26.47 -26.61
N TYR A 431 43.09 -26.53 -27.20
CA TYR A 431 41.84 -26.32 -26.48
C TYR A 431 41.14 -27.67 -26.33
N LEU A 432 40.70 -27.99 -25.12
CA LEU A 432 40.13 -29.28 -24.79
C LEU A 432 38.80 -29.10 -24.07
N TYR A 433 38.08 -30.21 -23.91
CA TYR A 433 36.84 -30.21 -23.16
C TYR A 433 36.58 -31.59 -22.60
N ARG A 434 35.68 -31.66 -21.62
CA ARG A 434 35.41 -32.86 -20.84
C ARG A 434 34.24 -33.64 -21.44
N LEU A 435 34.43 -34.95 -21.61
CA LEU A 435 33.40 -35.77 -22.23
C LEU A 435 32.28 -36.11 -21.26
N PHE A 436 32.63 -36.69 -20.10
CA PHE A 436 31.65 -37.29 -19.22
C PHE A 436 32.08 -37.12 -17.77
N ARG A 437 31.11 -37.24 -16.87
CA ARG A 437 31.37 -37.26 -15.45
C ARG A 437 30.12 -37.78 -14.74
N LYS A 438 30.31 -38.20 -13.49
CA LYS A 438 29.22 -38.87 -12.76
C LYS A 438 28.05 -37.93 -12.51
N SER A 439 28.32 -36.68 -12.12
CA SER A 439 27.27 -35.74 -11.76
C SER A 439 27.50 -34.40 -12.47
N ASN A 440 26.41 -33.71 -12.73
CA ASN A 440 26.48 -32.45 -13.47
C ASN A 440 27.22 -31.38 -12.68
N LEU A 441 27.82 -30.44 -13.41
CA LEU A 441 28.49 -29.31 -12.79
C LEU A 441 27.48 -28.38 -12.13
N LYS A 442 27.91 -27.74 -11.07
CA LYS A 442 27.12 -26.72 -10.40
C LYS A 442 27.27 -25.37 -11.12
N PRO A 443 26.41 -24.41 -10.80
CA PRO A 443 26.67 -23.04 -11.25
C PRO A 443 27.99 -22.53 -10.69
N PHE A 444 28.84 -22.04 -11.58
CA PHE A 444 30.14 -21.47 -11.22
C PHE A 444 30.99 -22.47 -10.44
N GLU A 445 31.02 -23.71 -10.93
CA GLU A 445 31.84 -24.76 -10.34
C GLU A 445 32.84 -25.23 -11.37
N ARG A 446 34.10 -25.37 -10.95
CA ARG A 446 35.20 -25.71 -11.84
C ARG A 446 35.88 -27.00 -11.38
N ASP A 447 36.09 -27.92 -12.32
CA ASP A 447 36.66 -29.22 -12.03
C ASP A 447 37.76 -29.48 -13.05
N ILE A 448 38.93 -29.89 -12.55
CA ILE A 448 40.12 -30.06 -13.39
C ILE A 448 40.69 -31.46 -13.18
N SER A 449 39.97 -32.29 -12.42
CA SER A 449 40.46 -33.64 -12.13
C SER A 449 40.42 -34.49 -13.39
N THR A 450 41.52 -35.17 -13.67
CA THR A 450 41.66 -36.02 -14.84
C THR A 450 42.11 -37.41 -14.38
N GLU A 451 41.14 -38.25 -14.03
CA GLU A 451 41.40 -39.63 -13.64
C GLU A 451 40.73 -40.57 -14.63
N ILE A 452 41.41 -41.66 -14.95
CA ILE A 452 40.92 -42.61 -15.94
C ILE A 452 39.79 -43.42 -15.32
N TYR A 453 38.62 -43.36 -15.95
CA TYR A 453 37.46 -44.12 -15.48
C TYR A 453 37.61 -45.57 -15.90
N GLN A 454 37.44 -46.48 -14.94
CA GLN A 454 37.60 -47.91 -15.19
C GLN A 454 36.22 -48.57 -15.23
N ALA A 455 35.83 -49.04 -16.41
CA ALA A 455 34.57 -49.75 -16.59
C ALA A 455 34.73 -51.27 -16.65
N GLY A 456 35.82 -51.76 -17.23
CA GLY A 456 36.05 -53.19 -17.27
C GLY A 456 36.51 -53.74 -15.94
N ASN A 457 36.57 -55.07 -15.86
CA ASN A 457 36.97 -55.72 -14.63
C ASN A 457 38.43 -55.44 -14.30
N LYS A 458 39.30 -55.49 -15.31
CA LYS A 458 40.72 -55.29 -15.08
C LYS A 458 41.01 -53.81 -14.78
N PRO A 459 42.00 -53.53 -13.94
CA PRO A 459 42.36 -52.14 -13.66
C PRO A 459 43.13 -51.50 -14.81
N CYS A 460 43.13 -50.18 -14.81
CA CYS A 460 43.80 -49.40 -15.85
C CYS A 460 45.23 -49.03 -15.49
N ASN A 461 45.49 -48.71 -14.21
CA ASN A 461 46.83 -48.36 -13.73
C ASN A 461 47.42 -47.19 -14.52
N GLY A 462 46.59 -46.17 -14.73
CA GLY A 462 47.06 -44.94 -15.37
C GLY A 462 47.32 -45.04 -16.85
N VAL A 463 46.81 -46.07 -17.52
CA VAL A 463 46.98 -46.25 -18.95
C VAL A 463 45.60 -46.35 -19.59
N ALA A 464 45.35 -45.53 -20.61
CA ALA A 464 44.07 -45.54 -21.29
C ALA A 464 44.05 -46.61 -22.38
N GLY A 465 42.92 -47.33 -22.45
CA GLY A 465 42.75 -48.35 -23.46
C GLY A 465 41.31 -48.78 -23.59
N PHE A 466 41.07 -50.06 -23.89
CA PHE A 466 39.71 -50.57 -23.94
C PHE A 466 39.15 -50.67 -22.53
N ASN A 467 37.95 -50.12 -22.33
CA ASN A 467 37.30 -50.03 -21.02
C ASN A 467 38.11 -49.21 -20.03
N CYS A 468 38.93 -48.29 -20.52
CA CYS A 468 39.70 -47.36 -19.69
C CYS A 468 39.79 -46.05 -20.44
N TYR A 469 38.91 -45.10 -20.09
CA TYR A 469 38.66 -43.93 -20.92
C TYR A 469 39.24 -42.68 -20.27
N PHE A 470 39.98 -41.90 -21.05
CA PHE A 470 40.40 -40.56 -20.67
C PHE A 470 39.24 -39.58 -20.88
N PRO A 471 39.00 -38.67 -19.95
CA PRO A 471 37.78 -37.87 -19.99
C PRO A 471 37.88 -36.57 -20.79
N LEU A 472 38.98 -36.31 -21.49
CA LEU A 472 39.17 -35.06 -22.20
C LEU A 472 39.44 -35.33 -23.69
N ARG A 473 38.83 -34.51 -24.54
CA ARG A 473 39.13 -34.50 -25.97
C ARG A 473 39.39 -33.08 -26.42
N SER A 474 40.26 -32.94 -27.41
CA SER A 474 40.67 -31.63 -27.92
C SER A 474 39.85 -31.28 -29.15
N TYR A 475 39.40 -30.03 -29.21
CA TYR A 475 38.72 -29.53 -30.40
C TYR A 475 39.64 -29.59 -31.61
N GLY A 476 39.09 -30.00 -32.74
CA GLY A 476 39.84 -29.99 -33.97
C GLY A 476 39.62 -28.71 -34.75
N PHE A 477 40.54 -27.77 -34.63
CA PHE A 477 40.41 -26.45 -35.26
C PHE A 477 41.34 -26.37 -36.45
N ARG A 478 40.77 -26.09 -37.62
CA ARG A 478 41.51 -25.93 -38.87
C ARG A 478 40.83 -24.81 -39.65
N PRO A 479 41.57 -24.09 -40.48
CA PRO A 479 40.95 -22.98 -41.23
C PRO A 479 39.81 -23.41 -42.14
N THR A 480 39.85 -24.63 -42.68
CA THR A 480 38.82 -25.12 -43.60
C THR A 480 37.74 -25.81 -42.79
N TYR A 481 36.77 -25.03 -42.30
CA TYR A 481 35.65 -25.55 -41.54
C TYR A 481 34.42 -24.72 -41.86
N GLY A 482 33.28 -25.16 -41.37
CA GLY A 482 32.03 -24.45 -41.58
C GLY A 482 31.85 -23.29 -40.62
N VAL A 483 30.65 -22.71 -40.64
CA VAL A 483 30.34 -21.65 -39.70
C VAL A 483 30.34 -22.20 -38.28
N GLY A 484 29.78 -23.39 -38.08
CA GLY A 484 30.03 -24.13 -36.87
C GLY A 484 31.40 -24.80 -36.91
N HIS A 485 31.77 -25.38 -35.77
CA HIS A 485 33.07 -26.04 -35.61
C HIS A 485 34.25 -25.10 -35.80
N GLN A 486 34.02 -23.79 -35.70
CA GLN A 486 35.08 -22.80 -35.73
C GLN A 486 35.22 -22.15 -34.35
N PRO A 487 36.43 -21.74 -33.97
CA PRO A 487 36.64 -21.24 -32.61
C PRO A 487 35.87 -19.95 -32.35
N TYR A 488 35.37 -19.82 -31.13
CA TYR A 488 34.67 -18.63 -30.66
C TYR A 488 35.20 -18.26 -29.30
N ARG A 489 35.13 -16.98 -28.97
CA ARG A 489 35.58 -16.46 -27.68
C ARG A 489 34.41 -15.84 -26.94
N VAL A 490 34.31 -16.12 -25.65
CA VAL A 490 33.17 -15.71 -24.83
C VAL A 490 33.67 -14.94 -23.63
N VAL A 491 32.93 -13.89 -23.27
CA VAL A 491 33.13 -13.15 -22.03
C VAL A 491 31.77 -12.95 -21.37
N VAL A 492 31.67 -13.25 -20.08
CA VAL A 492 30.43 -13.09 -19.33
C VAL A 492 30.69 -12.09 -18.22
N LEU A 493 29.87 -11.05 -18.15
CA LEU A 493 29.99 -10.00 -17.16
C LEU A 493 28.85 -10.12 -16.16
N SER A 494 29.20 -10.32 -14.90
CA SER A 494 28.24 -10.49 -13.81
C SER A 494 28.37 -9.31 -12.86
N PHE A 495 27.31 -8.51 -12.77
CA PHE A 495 27.30 -7.33 -11.91
C PHE A 495 26.69 -7.68 -10.55
N GLU A 496 27.34 -7.23 -9.49
CA GLU A 496 26.92 -7.53 -8.13
C GLU A 496 26.98 -6.29 -7.26
N LEU A 497 26.15 -6.29 -6.21
CA LEU A 497 26.19 -5.25 -5.18
C LEU A 497 25.66 -5.88 -3.90
N LEU A 498 26.44 -5.80 -2.82
CA LEU A 498 26.10 -6.48 -1.57
C LEU A 498 26.75 -5.75 -0.39
N HIS A 499 25.93 -5.01 0.36
CA HIS A 499 26.31 -4.46 1.66
C HIS A 499 27.48 -3.48 1.58
N ALA A 500 28.65 -3.97 1.16
CA ALA A 500 29.85 -3.14 1.16
C ALA A 500 29.69 -1.97 0.18
N PRO A 501 30.38 -0.86 0.43
CA PRO A 501 30.24 0.31 -0.44
C PRO A 501 30.63 -0.01 -1.88
N ALA A 502 29.85 0.54 -2.82
CA ALA A 502 30.11 0.31 -4.24
C ALA A 502 31.31 1.13 -4.70
N THR A 503 32.25 0.48 -5.37
CA THR A 503 33.48 1.13 -5.80
C THR A 503 33.73 0.93 -7.29
N VAL A 504 32.71 0.56 -8.05
CA VAL A 504 32.85 0.34 -9.49
C VAL A 504 31.71 1.01 -10.24
N CYS A 505 32.02 2.08 -10.98
CA CYS A 505 31.08 2.69 -11.92
C CYS A 505 31.81 3.70 -12.79
N GLY A 506 31.07 4.28 -13.72
CA GLY A 506 31.64 5.00 -14.84
C GLY A 506 32.26 6.33 -14.51
N PRO A 507 32.99 6.88 -15.47
CA PRO A 507 33.67 8.16 -15.24
C PRO A 507 32.70 9.33 -15.24
N LYS A 508 33.19 10.47 -14.73
CA LYS A 508 32.42 11.70 -14.67
C LYS A 508 33.12 12.77 -15.50
N LYS A 509 32.35 13.44 -16.36
CA LYS A 509 32.88 14.47 -17.24
C LYS A 509 32.68 15.85 -16.63
N SER A 510 33.62 16.74 -16.91
CA SER A 510 33.59 18.10 -16.39
C SER A 510 33.79 19.09 -17.53
N THR A 511 33.06 20.19 -17.48
CA THR A 511 33.15 21.23 -18.49
C THR A 511 34.24 22.23 -18.08
N ASN A 512 34.33 23.35 -18.78
CA ASN A 512 35.31 24.37 -18.44
C ASN A 512 34.82 25.21 -17.26
N LEU A 513 35.66 26.16 -16.84
CA LEU A 513 35.36 27.02 -15.71
C LEU A 513 35.24 28.46 -16.18
N VAL A 514 34.11 29.08 -15.88
CA VAL A 514 33.84 30.46 -16.27
C VAL A 514 33.61 31.29 -15.01
N LYS A 515 34.08 32.53 -15.05
CA LYS A 515 34.03 33.42 -13.89
C LYS A 515 33.34 34.73 -14.24
N ASN A 516 32.96 35.46 -13.20
CA ASN A 516 32.32 36.78 -13.30
C ASN A 516 30.97 36.71 -14.01
N LYS A 517 30.28 35.58 -13.91
CA LYS A 517 28.94 35.44 -14.45
C LYS A 517 28.06 34.74 -13.42
N CYS A 518 26.77 35.03 -13.47
CA CYS A 518 25.79 34.34 -12.63
C CYS A 518 25.43 33.04 -13.33
N VAL A 519 25.98 31.92 -12.83
CA VAL A 519 25.83 30.62 -13.46
C VAL A 519 25.48 29.59 -12.40
N ASN A 520 24.96 28.45 -12.86
CA ASN A 520 24.77 27.29 -12.01
C ASN A 520 26.04 26.45 -12.02
N PHE A 521 26.42 25.93 -10.86
CA PHE A 521 27.66 25.19 -10.72
C PHE A 521 27.44 23.91 -9.92
N ASN A 522 28.29 22.93 -10.20
CA ASN A 522 28.28 21.65 -9.49
C ASN A 522 29.74 21.22 -9.30
N PHE A 523 30.26 21.42 -8.10
CA PHE A 523 31.64 21.08 -7.75
C PHE A 523 31.62 19.81 -6.91
N ASN A 524 31.96 18.68 -7.54
CA ASN A 524 32.06 17.39 -6.85
C ASN A 524 30.79 17.06 -6.07
N GLY A 525 29.64 17.34 -6.67
CA GLY A 525 28.38 17.05 -6.05
C GLY A 525 27.80 18.18 -5.20
N LEU A 526 28.54 19.25 -4.99
CA LEU A 526 28.03 20.43 -4.28
C LEU A 526 27.48 21.40 -5.33
N THR A 527 26.16 21.58 -5.33
CA THR A 527 25.49 22.33 -6.38
C THR A 527 25.03 23.69 -5.85
N GLY A 528 24.96 24.65 -6.76
CA GLY A 528 24.52 25.98 -6.37
C GLY A 528 24.43 26.90 -7.57
N THR A 529 24.18 28.18 -7.29
CA THR A 529 24.08 29.20 -8.32
C THR A 529 24.70 30.49 -7.79
N GLY A 530 25.49 31.16 -8.63
CA GLY A 530 26.09 32.41 -8.21
C GLY A 530 27.23 32.81 -9.14
N VAL A 531 28.09 33.67 -8.62
CA VAL A 531 29.22 34.23 -9.35
C VAL A 531 30.51 33.79 -8.67
N LEU A 532 31.44 33.26 -9.45
CA LEU A 532 32.70 32.74 -8.93
C LEU A 532 33.83 33.72 -9.25
N THR A 533 34.56 34.12 -8.22
CA THR A 533 35.64 35.09 -8.36
C THR A 533 36.90 34.55 -7.70
N GLU A 534 38.03 35.17 -8.02
CA GLU A 534 39.30 34.77 -7.44
C GLU A 534 39.36 35.11 -5.96
N SER A 535 39.88 34.18 -5.17
CA SER A 535 39.93 34.31 -3.72
C SER A 535 41.37 34.34 -3.24
N ASN A 536 41.59 35.03 -2.12
CA ASN A 536 42.90 35.05 -1.47
C ASN A 536 42.92 34.25 -0.17
N LYS A 537 41.85 33.50 0.11
CA LYS A 537 41.84 32.63 1.27
C LYS A 537 42.83 31.49 1.09
N LYS A 538 43.29 30.94 2.21
CA LYS A 538 44.27 29.85 2.21
C LYS A 538 43.70 28.68 3.01
N PHE A 539 43.17 27.69 2.30
CA PHE A 539 42.66 26.48 2.94
C PHE A 539 43.82 25.63 3.44
N LEU A 540 43.51 24.72 4.37
CA LEU A 540 44.44 23.65 4.67
C LEU A 540 44.39 22.61 3.55
N PRO A 541 45.46 21.85 3.36
CA PRO A 541 45.53 20.97 2.18
C PRO A 541 44.41 19.96 2.07
N PHE A 542 43.81 19.54 3.19
CA PHE A 542 42.75 18.54 3.14
C PHE A 542 41.35 19.16 3.07
N GLN A 543 41.22 20.47 3.21
CA GLN A 543 39.91 21.10 3.23
C GLN A 543 39.43 21.39 1.82
N GLN A 544 38.13 21.24 1.60
CA GLN A 544 37.54 21.26 0.26
C GLN A 544 36.70 22.49 -0.02
N PHE A 545 35.88 22.94 0.92
CA PHE A 545 35.06 24.13 0.73
C PHE A 545 34.94 24.88 2.03
N GLY A 546 34.58 26.16 1.92
CA GLY A 546 34.50 27.06 3.06
C GLY A 546 33.07 27.41 3.40
N ARG A 547 32.76 27.41 4.69
CA ARG A 547 31.43 27.70 5.20
C ARG A 547 31.46 29.01 5.98
N ASP A 548 30.29 29.63 6.12
CA ASP A 548 30.16 30.92 6.76
C ASP A 548 29.60 30.76 8.17
N ILE A 549 29.43 31.89 8.86
CA ILE A 549 28.88 31.86 10.21
C ILE A 549 27.46 31.32 10.21
N ALA A 550 26.65 31.75 9.25
CA ALA A 550 25.30 31.24 9.08
C ALA A 550 25.25 29.86 8.44
N ASP A 551 26.40 29.20 8.29
CA ASP A 551 26.50 27.89 7.67
C ASP A 551 26.02 27.91 6.22
N THR A 552 26.56 28.85 5.45
CA THR A 552 26.35 28.92 4.02
C THR A 552 27.70 28.84 3.32
N THR A 553 27.76 28.05 2.24
CA THR A 553 29.00 27.91 1.51
C THR A 553 29.37 29.22 0.83
N ASP A 554 30.63 29.66 1.04
CA ASP A 554 31.10 30.89 0.41
C ASP A 554 32.40 30.74 -0.35
N ALA A 555 33.13 29.64 -0.18
CA ALA A 555 34.33 29.40 -0.95
C ALA A 555 34.37 27.93 -1.35
N VAL A 556 35.09 27.64 -2.44
CA VAL A 556 35.18 26.29 -2.96
C VAL A 556 36.55 26.08 -3.56
N ARG A 557 36.99 24.83 -3.64
CA ARG A 557 38.26 24.45 -4.24
C ARG A 557 38.00 23.69 -5.53
N ASP A 558 38.70 24.06 -6.59
CA ASP A 558 38.51 23.42 -7.88
C ASP A 558 39.14 22.04 -7.88
N PRO A 559 38.40 20.99 -8.25
CA PRO A 559 38.96 19.64 -8.19
C PRO A 559 40.13 19.38 -9.14
N GLN A 560 40.25 20.16 -10.23
CA GLN A 560 41.32 19.90 -11.19
C GLN A 560 42.57 20.72 -10.87
N THR A 561 42.43 22.05 -10.84
CA THR A 561 43.50 22.93 -10.38
C THR A 561 43.25 23.30 -8.94
N LEU A 562 44.28 23.18 -8.10
CA LEU A 562 44.12 23.35 -6.66
C LEU A 562 44.00 24.85 -6.37
N GLU A 563 42.81 25.37 -6.61
CA GLU A 563 42.55 26.81 -6.59
C GLU A 563 41.30 27.09 -5.78
N ILE A 564 41.29 28.25 -5.11
CA ILE A 564 40.16 28.65 -4.27
C ILE A 564 39.37 29.73 -5.00
N LEU A 565 38.04 29.60 -4.95
CA LEU A 565 37.12 30.55 -5.58
C LEU A 565 36.08 31.00 -4.58
N ASP A 566 35.74 32.28 -4.63
CA ASP A 566 34.67 32.85 -3.84
C ASP A 566 33.34 32.79 -4.58
N ILE A 567 32.29 32.42 -3.87
CA ILE A 567 30.94 32.35 -4.41
C ILE A 567 30.15 33.54 -3.89
N THR A 568 29.50 34.26 -4.81
CA THR A 568 28.71 35.42 -4.45
C THR A 568 27.29 35.26 -5.01
N PRO A 569 26.25 35.51 -4.22
CA PRO A 569 24.89 35.40 -4.75
C PRO A 569 24.62 36.43 -5.84
N CYS A 570 23.72 36.08 -6.75
CA CYS A 570 23.36 36.95 -7.85
C CYS A 570 22.44 38.07 -7.35
N SER A 571 22.43 39.17 -8.11
CA SER A 571 21.77 40.40 -7.67
C SER A 571 20.26 40.24 -7.61
N PHE A 572 19.65 40.80 -6.56
CA PHE A 572 18.21 40.85 -6.43
C PHE A 572 17.84 42.08 -5.62
N GLY A 573 16.59 42.51 -5.77
CA GLY A 573 16.15 43.69 -5.03
C GLY A 573 14.70 44.00 -5.31
N GLY A 574 14.23 45.09 -4.70
CA GLY A 574 12.90 45.57 -4.90
C GLY A 574 12.85 46.73 -5.88
N VAL A 575 11.69 46.91 -6.50
CA VAL A 575 11.50 47.93 -7.54
C VAL A 575 10.32 48.80 -7.13
N SER A 576 10.57 50.10 -6.97
CA SER A 576 9.58 51.08 -6.54
C SER A 576 9.41 52.16 -7.60
N VAL A 577 8.22 52.75 -7.63
CA VAL A 577 7.85 53.74 -8.64
C VAL A 577 7.48 55.04 -7.93
N ILE A 578 7.99 56.15 -8.45
CA ILE A 578 7.77 57.48 -7.88
C ILE A 578 6.95 58.27 -8.89
N THR A 579 5.80 58.79 -8.44
CA THR A 579 4.90 59.49 -9.34
C THR A 579 4.38 60.77 -8.70
N PRO A 580 4.15 61.80 -9.52
CA PRO A 580 3.50 63.03 -9.04
C PRO A 580 1.98 62.99 -9.04
N GLY A 581 1.36 61.82 -9.18
CA GLY A 581 -0.08 61.73 -9.22
C GLY A 581 -0.58 61.86 -10.64
N THR A 582 -1.47 60.96 -11.06
CA THR A 582 -1.99 61.02 -12.42
C THR A 582 -2.77 62.31 -12.68
N ASN A 583 -3.20 63.00 -11.63
CA ASN A 583 -3.80 64.32 -11.79
C ASN A 583 -2.79 65.32 -12.33
N THR A 584 -1.53 65.22 -11.88
CA THR A 584 -0.52 66.21 -12.22
C THR A 584 0.25 65.86 -13.48
N SER A 585 0.60 64.59 -13.67
CA SER A 585 1.36 64.19 -14.84
C SER A 585 1.31 62.66 -14.95
N ASN A 586 1.82 62.16 -16.08
CA ASN A 586 1.93 60.72 -16.32
C ASN A 586 3.37 60.23 -16.26
N GLN A 587 4.34 61.11 -16.03
CA GLN A 587 5.72 60.69 -15.90
C GLN A 587 5.97 60.04 -14.55
N VAL A 588 6.96 59.13 -14.51
CA VAL A 588 7.36 58.44 -13.31
C VAL A 588 8.88 58.32 -13.27
N ALA A 589 9.40 58.00 -12.10
CA ALA A 589 10.79 57.59 -11.93
C ALA A 589 10.81 56.22 -11.27
N VAL A 590 11.89 55.48 -11.47
CA VAL A 590 11.99 54.12 -10.96
C VAL A 590 13.22 53.99 -10.07
N LEU A 591 13.04 53.36 -8.91
CA LEU A 591 14.13 53.11 -7.97
C LEU A 591 14.33 51.62 -7.81
N TYR A 592 15.55 51.16 -8.09
CA TYR A 592 15.97 49.79 -7.80
C TYR A 592 16.75 49.81 -6.49
N GLN A 593 16.25 49.10 -5.49
CA GLN A 593 16.77 49.21 -4.13
C GLN A 593 17.97 48.29 -3.93
N GLY A 594 19.06 48.86 -3.46
CA GLY A 594 20.23 48.08 -3.07
C GLY A 594 20.91 47.33 -4.19
N VAL A 595 21.00 47.94 -5.37
CA VAL A 595 21.74 47.34 -6.48
C VAL A 595 22.63 48.40 -7.10
N ASN A 596 23.73 47.95 -7.70
CA ASN A 596 24.59 48.83 -8.46
C ASN A 596 23.92 49.17 -9.79
N CYS A 597 24.20 50.38 -10.28
CA CYS A 597 23.55 50.86 -11.50
C CYS A 597 24.02 50.13 -12.75
N THR A 598 25.04 49.28 -12.65
CA THR A 598 25.56 48.55 -13.81
C THR A 598 24.72 47.33 -14.17
N GLU A 599 23.80 46.90 -13.30
CA GLU A 599 23.00 45.72 -13.55
C GLU A 599 21.63 46.01 -14.15
N VAL A 600 21.13 47.22 -13.99
CA VAL A 600 19.77 47.53 -14.48
C VAL A 600 19.68 47.52 -16.01
N PRO A 601 20.76 47.75 -16.78
CA PRO A 601 20.50 47.55 -18.21
C PRO A 601 20.34 46.07 -18.58
N SER A 620 18.91 57.66 -20.98
CA SER A 620 18.11 58.02 -19.81
C SER A 620 18.97 58.70 -18.76
N ASN A 621 18.33 59.16 -17.68
CA ASN A 621 19.02 59.79 -16.56
C ASN A 621 19.18 58.75 -15.46
N VAL A 622 20.43 58.44 -15.13
CA VAL A 622 20.75 57.42 -14.13
C VAL A 622 21.54 58.08 -13.01
N PHE A 623 21.23 57.69 -11.78
CA PHE A 623 21.88 58.23 -10.60
C PHE A 623 22.09 57.12 -9.59
N GLN A 624 23.19 57.21 -8.85
CA GLN A 624 23.52 56.24 -7.82
C GLN A 624 23.43 56.92 -6.46
N THR A 625 22.61 56.36 -5.56
CA THR A 625 22.48 56.82 -4.20
C THR A 625 22.67 55.65 -3.27
N ARG A 626 22.86 55.95 -1.98
CA ARG A 626 22.99 54.89 -0.99
C ARG A 626 21.72 54.06 -0.88
N ALA A 627 20.60 54.56 -1.39
CA ALA A 627 19.38 53.76 -1.45
C ALA A 627 19.38 52.81 -2.64
N GLY A 628 20.03 53.16 -3.73
CA GLY A 628 20.08 52.30 -4.88
C GLY A 628 20.21 53.11 -6.17
N CYS A 629 19.68 52.53 -7.25
CA CYS A 629 19.79 53.13 -8.57
C CYS A 629 18.49 53.84 -8.92
N LEU A 630 18.59 55.11 -9.29
CA LEU A 630 17.44 55.93 -9.62
C LEU A 630 17.47 56.27 -11.11
N ILE A 631 16.38 55.96 -11.81
CA ILE A 631 16.30 56.17 -13.25
C ILE A 631 15.09 57.04 -13.53
N GLY A 632 15.29 58.09 -14.32
CA GLY A 632 14.22 58.98 -14.72
C GLY A 632 14.12 60.27 -13.94
N ALA A 633 15.09 60.59 -13.09
CA ALA A 633 15.09 61.81 -12.31
C ALA A 633 16.40 62.55 -12.50
N GLU A 634 16.33 63.88 -12.51
CA GLU A 634 17.49 64.73 -12.75
C GLU A 634 18.01 65.28 -11.43
N TYR A 635 19.28 65.06 -11.16
CA TYR A 635 19.89 65.51 -9.91
C TYR A 635 20.29 66.98 -10.01
N VAL A 636 20.05 67.71 -8.92
CA VAL A 636 20.35 69.13 -8.85
C VAL A 636 21.20 69.40 -7.61
N ASN A 637 21.59 70.66 -7.46
CA ASN A 637 22.42 71.09 -6.33
C ASN A 637 21.68 71.97 -5.34
N ASN A 638 20.42 72.28 -5.60
CA ASN A 638 19.63 73.07 -4.66
C ASN A 638 19.28 72.24 -3.42
N SER A 639 18.51 72.86 -2.52
CA SER A 639 18.05 72.19 -1.31
C SER A 639 16.67 72.75 -0.97
N TYR A 640 15.66 71.89 -0.94
CA TYR A 640 14.30 72.27 -0.63
C TYR A 640 13.79 71.45 0.55
N GLU A 641 12.60 71.81 1.03
CA GLU A 641 11.90 70.96 1.98
C GLU A 641 11.50 69.66 1.30
N CYS A 642 11.60 68.55 2.03
CA CYS A 642 11.37 67.24 1.43
C CYS A 642 9.92 67.10 0.99
N ASP A 643 9.72 66.51 -0.19
CA ASP A 643 8.40 66.26 -0.74
C ASP A 643 8.08 64.78 -0.80
N ILE A 644 8.91 63.99 -1.49
CA ILE A 644 8.76 62.54 -1.54
C ILE A 644 10.04 61.92 -1.02
N PRO A 645 10.01 61.26 0.14
CA PRO A 645 11.25 60.70 0.69
C PRO A 645 11.72 59.48 -0.09
N ILE A 646 13.02 59.42 -0.33
CA ILE A 646 13.66 58.30 -0.99
C ILE A 646 14.54 57.51 -0.03
N GLY A 647 15.41 58.19 0.70
CA GLY A 647 16.26 57.56 1.68
C GLY A 647 17.64 58.19 1.73
N ALA A 648 18.27 58.14 2.91
CA ALA A 648 19.62 58.66 3.12
C ALA A 648 19.72 60.13 2.75
N GLY A 649 18.68 60.90 3.07
CA GLY A 649 18.68 62.33 2.86
C GLY A 649 18.33 62.79 1.47
N ILE A 650 17.88 61.91 0.58
CA ILE A 650 17.54 62.25 -0.79
C ILE A 650 16.03 62.34 -0.91
N CYS A 651 15.54 63.42 -1.52
CA CYS A 651 14.12 63.61 -1.76
C CYS A 651 13.90 63.95 -3.23
N ALA A 652 12.67 63.73 -3.69
CA ALA A 652 12.31 63.97 -5.08
C ALA A 652 11.09 64.86 -5.15
N SER A 653 10.96 65.58 -6.26
CA SER A 653 9.86 66.51 -6.45
C SER A 653 9.60 66.68 -7.94
N TYR A 654 8.53 67.39 -8.26
CA TYR A 654 8.11 67.69 -9.63
C TYR A 654 8.20 69.20 -9.83
N GLN A 655 9.27 69.65 -10.48
CA GLN A 655 9.57 71.07 -10.58
C GLN A 655 9.96 71.43 -11.99
N THR A 656 10.00 72.74 -12.25
CA THR A 656 10.39 73.24 -13.56
C THR A 656 11.90 73.23 -13.74
N SER A 669 10.07 72.56 -19.42
CA SER A 669 8.73 72.64 -18.84
C SER A 669 8.72 72.17 -17.40
N GLN A 670 8.32 70.92 -17.18
CA GLN A 670 8.27 70.31 -15.86
C GLN A 670 8.92 68.94 -15.90
N SER A 671 9.55 68.56 -14.80
CA SER A 671 10.30 67.31 -14.75
C SER A 671 10.48 66.87 -13.31
N ILE A 672 10.82 65.60 -13.15
CA ILE A 672 11.12 65.02 -11.84
C ILE A 672 12.57 65.33 -11.49
N ILE A 673 12.80 65.86 -10.29
CA ILE A 673 14.14 66.20 -9.83
C ILE A 673 14.39 65.55 -8.48
N ALA A 674 15.68 65.37 -8.17
CA ALA A 674 16.12 64.83 -6.90
C ALA A 674 17.10 65.80 -6.26
N TYR A 675 17.11 65.85 -4.92
CA TYR A 675 17.92 66.82 -4.20
C TYR A 675 18.13 66.33 -2.77
N LYS A 676 18.89 67.11 -2.00
CA LYS A 676 19.11 66.85 -0.59
C LYS A 676 18.04 67.55 0.23
N MET A 677 17.64 66.92 1.34
CA MET A 677 16.70 67.54 2.24
C MET A 677 17.29 68.78 2.88
N HIS A 678 16.45 69.78 3.11
CA HIS A 678 16.83 71.01 3.80
C HIS A 678 16.20 71.00 5.19
N LEU A 679 17.04 71.17 6.20
CA LEU A 679 16.56 71.06 7.58
C LEU A 679 15.69 72.25 7.96
N GLY A 680 16.04 73.44 7.48
CA GLY A 680 15.27 74.62 7.82
C GLY A 680 16.04 75.88 7.48
N ALA A 681 15.46 77.00 7.89
CA ALA A 681 16.04 78.30 7.62
C ALA A 681 17.15 78.62 8.62
N GLU A 682 18.27 79.11 8.11
CA GLU A 682 19.40 79.49 8.95
C GLU A 682 19.08 80.77 9.71
N ASN A 683 19.48 80.80 10.99
CA ASN A 683 19.23 81.95 11.84
C ASN A 683 20.36 82.08 12.85
N SER A 684 20.67 83.32 13.21
CA SER A 684 21.67 83.63 14.21
C SER A 684 21.10 84.65 15.19
N VAL A 685 21.31 84.42 16.47
CA VAL A 685 20.81 85.30 17.52
C VAL A 685 21.94 86.19 18.00
N ALA A 686 21.69 87.49 18.05
CA ALA A 686 22.71 88.47 18.42
C ALA A 686 22.92 88.41 19.92
N TYR A 687 23.72 87.45 20.37
CA TYR A 687 24.00 87.28 21.78
C TYR A 687 25.02 88.30 22.24
N SER A 688 24.80 88.85 23.43
CA SER A 688 25.75 89.73 24.08
C SER A 688 25.55 89.61 25.58
N ASN A 689 26.57 89.98 26.34
CA ASN A 689 26.50 89.97 27.79
C ASN A 689 25.90 91.25 28.35
N ASN A 690 25.25 92.05 27.51
CA ASN A 690 24.71 93.33 27.94
C ASN A 690 23.33 93.65 27.38
N SER A 691 22.82 92.92 26.40
CA SER A 691 21.61 93.28 25.70
C SER A 691 20.50 92.26 25.93
N ILE A 692 19.26 92.73 25.91
CA ILE A 692 18.08 91.90 26.07
C ILE A 692 17.05 92.29 25.02
N ALA A 693 16.09 91.39 24.79
CA ALA A 693 14.96 91.65 23.90
C ALA A 693 13.66 91.49 24.67
N ILE A 694 12.78 92.47 24.54
CA ILE A 694 11.50 92.47 25.26
C ILE A 694 10.36 92.63 24.25
N PRO A 695 9.34 91.79 24.29
CA PRO A 695 8.21 91.96 23.37
C PRO A 695 7.36 93.17 23.73
N THR A 696 6.71 93.73 22.72
CA THR A 696 5.83 94.88 22.90
C THR A 696 4.39 94.61 22.44
N ASN A 697 4.10 93.42 21.94
CA ASN A 697 2.76 93.11 21.46
C ASN A 697 2.55 91.60 21.58
N PHE A 698 1.33 91.15 21.27
CA PHE A 698 1.01 89.74 21.42
C PHE A 698 -0.04 89.34 20.39
N THR A 699 -0.20 88.03 20.25
CA THR A 699 -1.18 87.43 19.35
C THR A 699 -1.87 86.28 20.06
N ILE A 700 -3.16 86.11 19.77
CA ILE A 700 -3.95 85.00 20.29
C ILE A 700 -4.03 83.93 19.21
N SER A 701 -3.66 82.70 19.56
CA SER A 701 -3.56 81.61 18.60
C SER A 701 -4.50 80.48 18.98
N VAL A 702 -5.14 79.89 17.97
CA VAL A 702 -6.03 78.75 18.15
C VAL A 702 -5.53 77.60 17.29
N THR A 703 -5.38 76.43 17.88
CA THR A 703 -4.83 75.26 17.20
C THR A 703 -5.71 74.05 17.47
N THR A 704 -5.67 73.07 16.57
CA THR A 704 -6.49 71.88 16.67
C THR A 704 -5.63 70.63 16.88
N GLU A 705 -6.15 69.69 17.66
CA GLU A 705 -5.52 68.39 17.87
C GLU A 705 -6.60 67.31 17.79
N ILE A 706 -6.27 66.18 17.18
CA ILE A 706 -7.23 65.12 16.91
C ILE A 706 -6.72 63.82 17.53
N LEU A 707 -7.58 63.13 18.28
CA LEU A 707 -7.20 61.89 18.93
C LEU A 707 -8.29 60.82 18.80
N PRO A 708 -7.95 59.64 18.29
CA PRO A 708 -8.93 58.54 18.28
C PRO A 708 -9.15 57.98 19.68
N VAL A 709 -10.34 57.42 19.88
CA VAL A 709 -10.78 56.95 21.19
C VAL A 709 -11.14 55.46 21.17
N SER A 710 -11.99 55.06 20.22
CA SER A 710 -12.53 53.70 20.20
C SER A 710 -12.47 53.13 18.79
N MET A 711 -12.80 51.84 18.69
CA MET A 711 -12.81 51.11 17.43
C MET A 711 -14.08 50.27 17.36
N THR A 712 -14.29 49.63 16.21
CA THR A 712 -15.50 48.87 15.97
C THR A 712 -15.50 47.56 16.75
N LYS A 713 -16.66 47.19 17.29
CA LYS A 713 -16.84 45.98 18.08
C LYS A 713 -17.37 44.88 17.18
N THR A 714 -16.64 43.77 17.09
CA THR A 714 -16.99 42.66 16.22
C THR A 714 -17.10 41.37 17.01
N SER A 715 -17.89 40.44 16.49
CA SER A 715 -18.03 39.11 17.07
C SER A 715 -18.05 38.08 15.95
N VAL A 716 -17.51 36.90 16.24
CA VAL A 716 -17.36 35.84 15.26
C VAL A 716 -17.95 34.54 15.80
N ASP A 717 -18.71 33.85 14.98
CA ASP A 717 -19.21 32.52 15.28
C ASP A 717 -18.27 31.51 14.63
N CYS A 718 -17.49 30.80 15.45
CA CYS A 718 -16.42 29.97 14.93
C CYS A 718 -16.95 28.80 14.10
N THR A 719 -17.93 28.07 14.64
CA THR A 719 -18.40 26.86 13.97
C THR A 719 -19.00 27.18 12.61
N MET A 720 -19.82 28.23 12.52
CA MET A 720 -20.43 28.59 11.25
C MET A 720 -19.39 29.05 10.25
N TYR A 721 -18.33 29.72 10.72
CA TYR A 721 -17.28 30.16 9.80
C TYR A 721 -16.46 28.99 9.29
N ILE A 722 -16.15 28.02 10.16
CA ILE A 722 -15.30 26.90 9.76
C ILE A 722 -16.07 25.88 8.96
N CYS A 723 -17.07 25.26 9.59
CA CYS A 723 -17.73 24.07 9.05
C CYS A 723 -19.01 24.39 8.30
N GLY A 724 -19.36 25.67 8.18
CA GLY A 724 -20.59 26.04 7.49
C GLY A 724 -21.82 25.43 8.12
N ASP A 725 -22.44 24.47 7.43
CA ASP A 725 -23.64 23.82 7.91
C ASP A 725 -23.51 22.32 8.12
N SER A 726 -22.46 21.68 7.62
CA SER A 726 -22.33 20.24 7.73
C SER A 726 -22.08 19.83 9.18
N THR A 727 -22.27 18.55 9.45
CA THR A 727 -22.24 18.01 10.81
C THR A 727 -20.99 17.21 11.14
N GLU A 728 -20.55 16.33 10.24
CA GLU A 728 -19.34 15.56 10.51
C GLU A 728 -18.11 16.46 10.57
N CYS A 729 -18.16 17.61 9.89
CA CYS A 729 -17.10 18.60 10.07
C CYS A 729 -17.06 19.09 11.51
N SER A 730 -18.23 19.34 12.10
CA SER A 730 -18.28 19.72 13.51
C SER A 730 -17.78 18.59 14.39
N ASN A 731 -18.10 17.33 14.02
CA ASN A 731 -17.62 16.19 14.79
C ASN A 731 -16.10 16.10 14.76
N LEU A 732 -15.50 16.37 13.60
CA LEU A 732 -14.04 16.41 13.52
C LEU A 732 -13.47 17.59 14.29
N LEU A 733 -14.14 18.74 14.23
CA LEU A 733 -13.64 19.94 14.89
C LEU A 733 -13.61 19.79 16.40
N LEU A 734 -14.65 19.18 16.97
CA LEU A 734 -14.70 19.04 18.43
C LEU A 734 -13.59 18.12 18.94
N GLN A 735 -12.96 17.36 18.06
CA GLN A 735 -11.81 16.55 18.46
C GLN A 735 -10.58 17.41 18.70
N TYR A 736 -10.57 18.64 18.17
CA TYR A 736 -9.41 19.51 18.29
C TYR A 736 -9.32 20.22 19.63
N GLY A 737 -10.19 19.91 20.57
CA GLY A 737 -10.15 20.51 21.89
C GLY A 737 -10.81 21.88 21.93
N SER A 738 -10.60 22.55 23.06
CA SER A 738 -11.21 23.86 23.29
C SER A 738 -10.35 24.92 22.60
N PHE A 739 -10.69 25.20 21.34
CA PHE A 739 -10.07 26.29 20.60
C PHE A 739 -11.04 27.40 20.24
N CYS A 740 -12.34 27.13 20.21
CA CYS A 740 -13.32 28.17 19.93
C CYS A 740 -13.65 29.03 21.14
N THR A 741 -13.45 28.50 22.34
CA THR A 741 -13.82 29.24 23.56
C THR A 741 -12.88 30.41 23.83
N GLN A 742 -11.60 30.28 23.51
CA GLN A 742 -10.65 31.34 23.82
C GLN A 742 -10.76 32.53 22.87
N LEU A 743 -11.32 32.34 21.68
CA LEU A 743 -11.51 33.45 20.75
C LEU A 743 -12.69 34.33 21.16
N LYS A 744 -13.79 33.72 21.60
CA LYS A 744 -14.96 34.49 22.00
C LYS A 744 -14.64 35.40 23.18
N ARG A 745 -13.92 34.87 24.18
CA ARG A 745 -13.65 35.68 25.36
C ARG A 745 -12.68 36.82 25.04
N ALA A 746 -11.72 36.59 24.14
CA ALA A 746 -10.84 37.68 23.72
C ALA A 746 -11.64 38.78 23.02
N LEU A 747 -12.53 38.40 22.11
CA LEU A 747 -13.32 39.40 21.40
C LEU A 747 -14.24 40.17 22.35
N THR A 748 -14.86 39.47 23.31
CA THR A 748 -15.73 40.15 24.26
C THR A 748 -14.94 41.10 25.15
N GLY A 749 -13.73 40.69 25.57
CA GLY A 749 -12.88 41.60 26.32
C GLY A 749 -12.55 42.85 25.54
N ILE A 750 -12.27 42.70 24.24
CA ILE A 750 -11.98 43.87 23.41
C ILE A 750 -13.18 44.81 23.35
N ALA A 751 -14.39 44.25 23.17
CA ALA A 751 -15.58 45.08 23.11
C ALA A 751 -15.82 45.84 24.41
N VAL A 752 -15.68 45.14 25.54
CA VAL A 752 -15.84 45.78 26.84
C VAL A 752 -14.80 46.88 27.02
N GLU A 753 -13.58 46.65 26.54
CA GLU A 753 -12.54 47.66 26.62
C GLU A 753 -12.91 48.91 25.83
N GLN A 754 -13.49 48.74 24.64
CA GLN A 754 -13.90 49.90 23.86
C GLN A 754 -14.97 50.71 24.60
N ASP A 755 -15.95 50.03 25.17
CA ASP A 755 -16.99 50.73 25.93
C ASP A 755 -16.39 51.47 27.11
N LYS A 756 -15.40 50.86 27.79
CA LYS A 756 -14.75 51.53 28.91
C LYS A 756 -13.95 52.73 28.45
N ASN A 757 -13.31 52.64 27.28
CA ASN A 757 -12.51 53.74 26.75
C ASN A 757 -13.36 54.97 26.52
N THR A 758 -14.54 54.79 25.92
CA THR A 758 -15.39 55.96 25.67
C THR A 758 -15.82 56.63 26.98
N GLN A 759 -16.22 55.83 27.97
CA GLN A 759 -16.66 56.37 29.25
C GLN A 759 -15.54 57.10 29.98
N GLU A 760 -14.32 56.57 29.90
CA GLU A 760 -13.19 57.19 30.59
C GLU A 760 -12.94 58.60 30.08
N VAL A 761 -13.12 58.81 28.78
CA VAL A 761 -12.83 60.13 28.21
C VAL A 761 -14.00 61.09 28.40
N PHE A 762 -15.22 60.66 28.08
CA PHE A 762 -16.27 61.66 27.97
C PHE A 762 -17.10 61.85 29.24
N ALA A 763 -17.28 60.80 30.03
CA ALA A 763 -18.12 60.89 31.23
C ALA A 763 -17.26 61.32 32.41
N GLN A 764 -16.87 62.61 32.41
CA GLN A 764 -16.03 63.14 33.47
C GLN A 764 -16.75 64.09 34.42
N VAL A 765 -17.94 64.58 34.06
CA VAL A 765 -18.66 65.55 34.87
C VAL A 765 -19.85 64.87 35.52
N LYS A 766 -20.20 65.35 36.72
CA LYS A 766 -21.29 64.75 37.47
C LYS A 766 -22.66 65.29 37.05
N GLN A 767 -22.75 66.57 36.72
CA GLN A 767 -24.02 67.19 36.40
C GLN A 767 -23.96 67.78 35.00
N ILE A 768 -25.14 67.96 34.41
CA ILE A 768 -25.27 68.54 33.07
C ILE A 768 -25.54 70.03 33.24
N TYR A 769 -24.57 70.85 32.83
CA TYR A 769 -24.67 72.30 32.97
C TYR A 769 -25.30 72.91 31.73
N LYS A 770 -25.92 74.07 31.91
CA LYS A 770 -26.63 74.76 30.84
C LYS A 770 -26.13 76.19 30.73
N THR A 771 -26.03 76.68 29.50
CA THR A 771 -25.64 78.05 29.26
C THR A 771 -26.82 78.99 29.51
N PRO A 772 -26.56 80.22 29.94
CA PRO A 772 -27.65 81.17 30.17
C PRO A 772 -28.35 81.51 28.85
N PRO A 773 -29.64 81.83 28.90
CA PRO A 773 -30.36 82.17 27.65
C PRO A 773 -29.78 83.37 26.93
N ILE A 774 -29.27 84.35 27.66
CA ILE A 774 -28.63 85.53 27.06
C ILE A 774 -27.15 85.22 26.90
N LYS A 775 -26.71 85.08 25.64
CA LYS A 775 -25.34 84.66 25.35
C LYS A 775 -24.50 85.89 25.05
N TYR A 776 -24.06 86.57 26.12
CA TYR A 776 -23.13 87.67 26.01
C TYR A 776 -22.04 87.49 27.05
N PHE A 777 -20.78 87.53 26.62
CA PHE A 777 -19.64 87.24 27.47
C PHE A 777 -18.55 88.28 27.27
N GLY A 778 -18.93 89.55 27.30
CA GLY A 778 -17.96 90.62 27.20
C GLY A 778 -17.37 90.83 25.82
N GLY A 779 -18.06 90.38 24.78
CA GLY A 779 -17.58 90.55 23.42
C GLY A 779 -16.95 89.32 22.80
N PHE A 780 -16.93 88.19 23.50
CA PHE A 780 -16.39 86.95 22.97
C PHE A 780 -17.51 86.16 22.31
N ASN A 781 -17.27 85.70 21.09
CA ASN A 781 -18.26 85.01 20.28
C ASN A 781 -17.99 83.52 20.34
N PHE A 782 -18.93 82.76 20.90
CA PHE A 782 -18.79 81.31 21.04
C PHE A 782 -19.81 80.55 20.20
N SER A 783 -20.42 81.19 19.20
CA SER A 783 -21.49 80.57 18.45
C SER A 783 -21.00 79.41 17.57
N GLN A 784 -19.71 79.38 17.23
CA GLN A 784 -19.21 78.31 16.37
C GLN A 784 -19.06 76.98 17.10
N ILE A 785 -18.96 77.00 18.43
CA ILE A 785 -18.77 75.77 19.19
C ILE A 785 -19.96 75.43 20.07
N LEU A 786 -20.92 76.33 20.23
CA LEU A 786 -22.09 76.05 21.04
C LEU A 786 -23.13 75.29 20.21
N PRO A 787 -24.00 74.52 20.86
CA PRO A 787 -25.02 73.77 20.12
C PRO A 787 -25.97 74.69 19.38
N ASP A 788 -26.44 74.22 18.22
CA ASP A 788 -27.35 74.99 17.39
C ASP A 788 -28.75 74.38 17.51
N PRO A 789 -29.71 75.09 18.10
CA PRO A 789 -31.05 74.49 18.26
C PRO A 789 -31.76 74.18 16.96
N SER A 790 -31.48 74.92 15.88
CA SER A 790 -32.20 74.70 14.62
C SER A 790 -31.93 73.31 14.07
N LYS A 791 -30.69 72.86 14.13
CA LYS A 791 -30.33 71.54 13.61
C LYS A 791 -30.97 70.47 14.49
N PRO A 792 -31.64 69.47 13.89
CA PRO A 792 -32.25 68.42 14.73
C PRO A 792 -31.25 67.63 15.55
N SER A 793 -30.04 67.44 15.03
CA SER A 793 -29.02 66.70 15.77
C SER A 793 -28.48 67.47 16.96
N LYS A 794 -28.78 68.78 17.05
CA LYS A 794 -28.32 69.63 18.14
C LYS A 794 -26.79 69.64 18.26
N ARG A 795 -26.11 69.61 17.12
CA ARG A 795 -24.65 69.68 17.09
C ARG A 795 -24.21 71.09 16.71
N SER A 796 -22.97 71.41 17.07
CA SER A 796 -22.37 72.66 16.67
C SER A 796 -21.96 72.60 15.20
N PRO A 797 -21.81 73.76 14.55
CA PRO A 797 -21.39 73.75 13.14
C PRO A 797 -20.09 73.02 12.89
N ILE A 798 -19.11 73.18 13.79
CA ILE A 798 -17.84 72.47 13.64
C ILE A 798 -18.05 70.97 13.79
N GLU A 799 -18.90 70.57 14.73
CA GLU A 799 -19.19 69.15 14.91
C GLU A 799 -19.88 68.57 13.70
N ASP A 800 -20.80 69.32 13.08
CA ASP A 800 -21.43 68.86 11.85
C ASP A 800 -20.43 68.75 10.72
N LEU A 801 -19.51 69.71 10.61
CA LEU A 801 -18.48 69.60 9.58
C LEU A 801 -17.63 68.35 9.77
N LEU A 802 -17.22 68.08 11.02
CA LEU A 802 -16.43 66.89 11.30
C LEU A 802 -17.22 65.63 11.00
N PHE A 803 -18.51 65.61 11.35
CA PHE A 803 -19.35 64.44 11.10
C PHE A 803 -19.50 64.18 9.61
N ASN A 804 -19.67 65.24 8.82
CA ASN A 804 -19.87 65.06 7.39
C ASN A 804 -18.56 64.69 6.68
N LYS A 805 -17.43 65.18 7.18
CA LYS A 805 -16.16 64.87 6.55
C LYS A 805 -15.85 63.38 6.60
N VAL A 806 -16.11 62.75 7.74
CA VAL A 806 -15.86 61.32 7.87
C VAL A 806 -17.14 60.52 7.63
N PHE A 835 -20.84 38.40 4.99
CA PHE A 835 -20.80 38.03 6.40
C PHE A 835 -21.25 36.59 6.59
N ASN A 836 -20.39 35.78 7.21
CA ASN A 836 -20.67 34.36 7.48
C ASN A 836 -20.27 34.10 8.92
N GLY A 837 -21.20 34.32 9.84
CA GLY A 837 -20.89 34.22 11.25
C GLY A 837 -20.21 35.43 11.84
N LEU A 838 -20.02 36.49 11.06
CA LEU A 838 -19.39 37.72 11.51
C LEU A 838 -20.46 38.77 11.74
N THR A 839 -20.42 39.43 12.90
CA THR A 839 -21.42 40.44 13.22
C THR A 839 -20.74 41.63 13.89
N VAL A 840 -21.41 42.77 13.81
CA VAL A 840 -20.91 44.04 14.35
C VAL A 840 -21.89 44.50 15.43
N LEU A 841 -21.37 44.83 16.60
CA LEU A 841 -22.23 45.24 17.70
C LEU A 841 -22.25 46.75 17.85
N PRO A 842 -23.42 47.33 18.13
CA PRO A 842 -23.50 48.78 18.26
C PRO A 842 -22.85 49.25 19.56
N PRO A 843 -22.33 50.48 19.60
CA PRO A 843 -21.79 51.01 20.85
C PRO A 843 -22.88 51.33 21.85
N LEU A 844 -22.47 51.36 23.13
CA LEU A 844 -23.44 51.58 24.20
C LEU A 844 -23.95 53.02 24.23
N LEU A 845 -23.05 53.99 24.03
CA LEU A 845 -23.42 55.40 24.03
C LEU A 845 -23.64 55.87 22.61
N THR A 846 -24.77 56.53 22.38
CA THR A 846 -25.06 57.09 21.07
C THR A 846 -24.31 58.40 20.87
N ASP A 847 -24.32 58.90 19.64
CA ASP A 847 -23.65 60.16 19.34
C ASP A 847 -24.31 61.34 20.03
N GLU A 848 -25.64 61.29 20.18
CA GLU A 848 -26.34 62.38 20.86
C GLU A 848 -25.90 62.51 22.31
N MET A 849 -25.70 61.39 22.99
CA MET A 849 -25.25 61.43 24.38
C MET A 849 -23.85 62.03 24.49
N ILE A 850 -22.96 61.68 23.57
CA ILE A 850 -21.61 62.23 23.58
C ILE A 850 -21.66 63.73 23.31
N ALA A 851 -22.53 64.16 22.39
CA ALA A 851 -22.70 65.58 22.14
C ALA A 851 -23.21 66.30 23.38
N GLN A 852 -24.14 65.66 24.11
CA GLN A 852 -24.63 66.25 25.36
C GLN A 852 -23.50 66.40 26.38
N TYR A 853 -22.65 65.39 26.50
CA TYR A 853 -21.52 65.48 27.43
C TYR A 853 -20.59 66.63 27.05
N THR A 854 -20.27 66.76 25.76
CA THR A 854 -19.39 67.85 25.33
C THR A 854 -20.04 69.21 25.58
N SER A 855 -21.35 69.32 25.33
CA SER A 855 -22.05 70.57 25.59
C SER A 855 -22.01 70.93 27.07
N ALA A 856 -22.20 69.93 27.95
CA ALA A 856 -22.13 70.19 29.37
C ALA A 856 -20.74 70.66 29.78
N LEU A 857 -19.69 70.03 29.24
CA LEU A 857 -18.33 70.46 29.56
C LEU A 857 -18.09 71.90 29.10
N LEU A 858 -18.54 72.23 27.90
CA LEU A 858 -18.35 73.58 27.37
C LEU A 858 -19.07 74.62 28.25
N ALA A 859 -20.32 74.34 28.59
CA ALA A 859 -21.06 75.28 29.43
C ALA A 859 -20.39 75.44 30.78
N GLY A 860 -19.96 74.33 31.38
CA GLY A 860 -19.31 74.42 32.68
C GLY A 860 -18.06 75.25 32.65
N THR A 861 -17.18 75.02 31.68
CA THR A 861 -15.94 75.79 31.64
C THR A 861 -16.24 77.26 31.36
N ILE A 862 -17.09 77.56 30.38
CA ILE A 862 -17.36 78.94 30.01
C ILE A 862 -17.97 79.70 31.18
N THR A 863 -18.81 79.06 31.97
CA THR A 863 -19.51 79.77 33.03
C THR A 863 -18.73 79.81 34.35
N SER A 864 -17.83 78.85 34.61
CA SER A 864 -17.23 78.76 35.93
C SER A 864 -15.71 78.65 35.94
N GLY A 865 -15.03 78.88 34.82
CA GLY A 865 -13.58 78.75 34.86
C GLY A 865 -13.18 77.30 35.12
N TRP A 866 -12.35 77.10 36.14
CA TRP A 866 -11.91 75.76 36.52
C TRP A 866 -12.50 75.31 37.86
N THR A 867 -13.43 76.06 38.43
CA THR A 867 -13.94 75.71 39.76
C THR A 867 -14.76 74.43 39.74
N PHE A 868 -15.52 74.20 38.67
CA PHE A 868 -16.41 73.04 38.63
C PHE A 868 -15.66 71.72 38.50
N GLY A 869 -14.37 71.74 38.17
CA GLY A 869 -13.58 70.54 38.09
C GLY A 869 -13.00 70.06 39.40
N ALA A 870 -13.17 70.83 40.47
CA ALA A 870 -12.65 70.46 41.78
C ALA A 870 -13.70 70.52 42.88
N GLY A 871 -14.98 70.62 42.52
CA GLY A 871 -16.04 70.74 43.49
C GLY A 871 -17.25 71.42 42.90
N PRO A 872 -18.00 72.14 43.74
CA PRO A 872 -19.16 72.89 43.24
C PRO A 872 -18.73 74.00 42.29
N ALA A 873 -19.59 74.27 41.31
CA ALA A 873 -19.31 75.31 40.31
C ALA A 873 -19.62 76.69 40.89
N LEU A 874 -18.69 77.63 40.69
CA LEU A 874 -18.84 78.99 41.15
C LEU A 874 -18.81 79.93 39.95
N GLN A 875 -19.81 80.80 39.85
CA GLN A 875 -19.91 81.68 38.71
C GLN A 875 -18.93 82.85 38.83
N ILE A 876 -18.50 83.35 37.69
CA ILE A 876 -17.55 84.46 37.61
C ILE A 876 -17.66 85.09 36.23
N PRO A 877 -17.59 86.42 36.10
CA PRO A 877 -17.61 87.03 34.77
C PRO A 877 -16.43 86.58 33.93
N PHE A 878 -16.68 86.42 32.63
CA PHE A 878 -15.67 85.87 31.73
C PHE A 878 -14.40 86.72 31.63
N PRO A 879 -14.44 88.04 31.48
CA PRO A 879 -13.19 88.81 31.47
C PRO A 879 -12.38 88.67 32.76
N MET A 880 -13.03 88.51 33.91
CA MET A 880 -12.30 88.28 35.15
C MET A 880 -11.57 86.93 35.11
N GLN A 881 -12.21 85.91 34.55
CA GLN A 881 -11.55 84.62 34.38
C GLN A 881 -10.36 84.74 33.45
N MET A 882 -10.51 85.51 32.37
CA MET A 882 -9.40 85.70 31.44
C MET A 882 -8.26 86.46 32.10
N ALA A 883 -8.58 87.38 33.01
CA ALA A 883 -7.54 88.07 33.77
C ALA A 883 -6.81 87.11 34.70
N TYR A 884 -7.56 86.21 35.34
CA TYR A 884 -6.93 85.13 36.09
C TYR A 884 -5.94 84.37 35.23
N ARG A 885 -6.36 84.00 34.03
CA ARG A 885 -5.50 83.22 33.15
C ARG A 885 -4.28 84.00 32.65
N PHE A 886 -4.39 85.30 32.41
CA PHE A 886 -3.18 86.07 32.14
C PHE A 886 -2.25 86.13 33.35
N ASN A 887 -2.81 86.28 34.56
CA ASN A 887 -1.97 86.21 35.75
C ASN A 887 -1.26 84.87 35.83
N GLY A 888 -1.89 83.81 35.35
CA GLY A 888 -1.30 82.48 35.45
C GLY A 888 -0.02 82.32 34.65
N ILE A 889 0.21 83.17 33.66
CA ILE A 889 1.38 83.03 32.80
C ILE A 889 2.35 84.18 33.01
N GLY A 890 2.14 84.97 34.06
CA GLY A 890 3.06 86.03 34.40
C GLY A 890 2.82 87.36 33.72
N VAL A 891 1.59 87.66 33.34
CA VAL A 891 1.22 88.96 32.77
C VAL A 891 0.22 89.62 33.70
N THR A 892 0.42 90.91 33.96
CA THR A 892 -0.40 91.62 34.93
C THR A 892 -1.83 91.80 34.44
N GLN A 893 -2.73 92.08 35.39
CA GLN A 893 -4.16 92.16 35.09
C GLN A 893 -4.49 93.32 34.17
N ASN A 894 -3.85 94.48 34.35
CA ASN A 894 -4.24 95.66 33.60
C ASN A 894 -4.04 95.49 32.11
N VAL A 895 -3.12 94.60 31.70
CA VAL A 895 -2.89 94.37 30.28
C VAL A 895 -4.16 93.88 29.60
N LEU A 896 -4.90 93.00 30.27
CA LEU A 896 -6.17 92.53 29.71
C LEU A 896 -7.21 93.64 29.68
N TYR A 897 -7.37 94.36 30.78
CA TYR A 897 -8.47 95.32 30.89
C TYR A 897 -8.25 96.51 29.96
N GLU A 898 -7.01 96.81 29.62
CA GLU A 898 -6.73 97.91 28.70
C GLU A 898 -6.71 97.49 27.23
N ASN A 899 -6.87 96.20 26.95
CA ASN A 899 -6.84 95.68 25.58
C ASN A 899 -7.96 94.68 25.34
N GLN A 900 -9.09 94.84 26.05
CA GLN A 900 -10.14 93.83 26.02
C GLN A 900 -10.75 93.69 24.63
N LYS A 901 -11.07 94.82 23.99
CA LYS A 901 -11.71 94.78 22.68
C LYS A 901 -10.80 94.16 21.63
N LEU A 902 -9.52 94.55 21.64
CA LEU A 902 -8.59 94.01 20.65
C LEU A 902 -8.41 92.50 20.82
N ILE A 903 -8.31 92.04 22.07
CA ILE A 903 -8.13 90.61 22.32
C ILE A 903 -9.37 89.84 21.92
N ALA A 904 -10.56 90.38 22.21
CA ALA A 904 -11.79 89.72 21.78
C ALA A 904 -11.86 89.62 20.26
N ASN A 905 -11.50 90.69 19.55
CA ASN A 905 -11.50 90.66 18.10
C ASN A 905 -10.51 89.63 17.57
N GLN A 906 -9.32 89.56 18.17
CA GLN A 906 -8.33 88.58 17.75
C GLN A 906 -8.83 87.16 17.96
N PHE A 907 -9.47 86.90 19.10
CA PHE A 907 -10.01 85.56 19.36
C PHE A 907 -11.10 85.20 18.35
N ASN A 908 -11.99 86.14 18.06
CA ASN A 908 -13.06 85.86 17.10
C ASN A 908 -12.48 85.58 15.73
N SER A 909 -11.52 86.38 15.28
CA SER A 909 -10.90 86.15 13.98
C SER A 909 -10.19 84.80 13.93
N ALA A 910 -9.49 84.44 15.00
CA ALA A 910 -8.77 83.17 15.03
C ALA A 910 -9.73 81.99 15.00
N ILE A 911 -10.84 82.08 15.73
CA ILE A 911 -11.80 80.98 15.74
C ILE A 911 -12.60 80.92 14.45
N GLY A 912 -12.64 82.02 13.68
CA GLY A 912 -13.34 81.99 12.41
C GLY A 912 -12.66 81.15 11.33
N LYS A 913 -11.36 80.89 11.46
CA LYS A 913 -10.60 80.20 10.43
C LYS A 913 -10.54 78.69 10.64
N ILE A 914 -11.08 78.18 11.74
CA ILE A 914 -10.95 76.75 12.05
C ILE A 914 -11.67 75.90 11.01
N GLN A 915 -12.89 76.32 10.63
CA GLN A 915 -13.65 75.54 9.65
C GLN A 915 -12.92 75.48 8.32
N ASP A 916 -12.38 76.61 7.87
CA ASP A 916 -11.65 76.63 6.60
C ASP A 916 -10.39 75.78 6.69
N SER A 917 -9.67 75.85 7.81
CA SER A 917 -8.46 75.05 7.96
C SER A 917 -8.78 73.56 7.94
N LEU A 918 -9.88 73.16 8.59
CA LEU A 918 -10.25 71.75 8.59
C LEU A 918 -10.71 71.29 7.22
N SER A 919 -11.53 72.09 6.55
CA SER A 919 -12.13 71.65 5.29
C SER A 919 -11.14 71.66 4.14
N SER A 920 -10.20 72.62 4.14
CA SER A 920 -9.29 72.78 3.02
C SER A 920 -8.42 71.55 2.82
N THR A 921 -7.89 71.00 3.92
CA THR A 921 -7.02 69.85 3.83
C THR A 921 -7.75 68.61 4.33
N PRO A 922 -8.18 67.71 3.45
CA PRO A 922 -8.88 66.50 3.92
C PRO A 922 -8.00 65.56 4.71
N SER A 923 -6.67 65.63 4.54
CA SER A 923 -5.78 64.69 5.21
C SER A 923 -5.73 64.93 6.72
N ALA A 924 -6.21 66.10 7.17
CA ALA A 924 -6.13 66.45 8.59
C ALA A 924 -6.85 65.44 9.46
N LEU A 925 -8.04 65.02 9.04
CA LEU A 925 -8.81 64.01 9.77
C LEU A 925 -8.41 62.59 9.39
N GLY A 926 -7.47 62.43 8.46
CA GLY A 926 -7.17 61.10 7.93
C GLY A 926 -6.84 60.09 9.01
N LYS A 927 -6.20 60.54 10.09
CA LYS A 927 -5.87 59.64 11.19
C LYS A 927 -7.09 58.87 11.65
N LEU A 928 -8.18 59.59 11.97
CA LEU A 928 -9.41 58.91 12.32
C LEU A 928 -9.85 57.97 11.20
N GLN A 929 -9.91 58.49 9.97
CA GLN A 929 -10.25 57.67 8.83
C GLN A 929 -9.38 56.43 8.78
N ASN A 930 -8.08 56.60 9.07
CA ASN A 930 -7.15 55.49 9.01
C ASN A 930 -7.68 54.30 9.80
N VAL A 931 -8.10 54.54 11.04
CA VAL A 931 -8.54 53.45 11.89
C VAL A 931 -9.64 52.66 11.19
N VAL A 932 -10.64 53.37 10.67
CA VAL A 932 -11.76 52.67 10.03
C VAL A 932 -11.25 51.78 8.92
N ASN A 933 -10.39 52.33 8.05
CA ASN A 933 -9.90 51.56 6.91
C ASN A 933 -9.29 50.26 7.39
N HIS A 934 -8.43 50.34 8.41
CA HIS A 934 -7.76 49.13 8.89
C HIS A 934 -8.78 48.05 9.20
N ASN A 935 -9.78 48.39 10.02
CA ASN A 935 -10.77 47.39 10.40
C ASN A 935 -11.40 46.77 9.16
N ALA A 936 -11.85 47.62 8.23
CA ALA A 936 -12.50 47.10 7.04
C ALA A 936 -11.60 46.11 6.32
N GLN A 937 -10.33 46.48 6.14
CA GLN A 937 -9.41 45.61 5.42
C GLN A 937 -9.40 44.23 6.04
N ALA A 938 -9.27 44.17 7.37
CA ALA A 938 -9.18 42.88 8.04
C ALA A 938 -10.35 41.99 7.67
N LEU A 939 -11.56 42.54 7.72
CA LEU A 939 -12.74 41.73 7.44
C LEU A 939 -12.64 41.09 6.07
N ASN A 940 -12.25 41.88 5.06
CA ASN A 940 -12.17 41.35 3.72
C ASN A 940 -11.22 40.16 3.66
N THR A 941 -10.07 40.27 4.32
CA THR A 941 -9.13 39.16 4.31
C THR A 941 -9.78 37.91 4.89
N LEU A 942 -10.50 38.05 6.00
CA LEU A 942 -11.13 36.91 6.61
C LEU A 942 -12.15 36.25 5.69
N VAL A 943 -12.76 37.00 4.80
CA VAL A 943 -13.66 36.40 3.82
C VAL A 943 -12.87 35.68 2.73
N LYS A 944 -11.77 36.27 2.27
CA LYS A 944 -11.09 35.74 1.09
C LYS A 944 -10.46 34.38 1.35
N GLN A 945 -10.07 34.09 2.59
CA GLN A 945 -9.55 32.77 2.89
C GLN A 945 -10.60 31.67 2.77
N LEU A 946 -11.88 32.04 2.80
CA LEU A 946 -12.93 31.04 2.64
C LEU A 946 -12.90 30.42 1.25
N SER A 947 -12.78 31.25 0.21
CA SER A 947 -12.72 30.76 -1.16
C SER A 947 -11.29 30.39 -1.55
N SER A 948 -10.71 29.44 -0.83
CA SER A 948 -9.35 28.99 -1.08
C SER A 948 -9.27 27.49 -0.88
N ASN A 949 -8.54 26.81 -1.77
CA ASN A 949 -8.46 25.35 -1.69
C ASN A 949 -7.59 24.90 -0.53
N PHE A 950 -6.58 25.69 -0.17
CA PHE A 950 -5.68 25.38 0.94
C PHE A 950 -5.00 24.02 0.77
N GLY A 951 -4.71 23.66 -0.48
CA GLY A 951 -4.11 22.38 -0.78
C GLY A 951 -5.07 21.22 -0.87
N ALA A 952 -6.38 21.47 -0.81
CA ALA A 952 -7.37 20.42 -0.91
C ALA A 952 -7.89 20.29 -2.34
N ILE A 953 -8.86 19.40 -2.51
CA ILE A 953 -9.44 19.17 -3.83
C ILE A 953 -10.17 20.41 -4.31
N SER A 954 -10.98 21.01 -3.43
CA SER A 954 -11.75 22.20 -3.78
C SER A 954 -12.06 22.97 -2.51
N SER A 955 -12.43 24.24 -2.67
CA SER A 955 -12.84 25.06 -1.54
C SER A 955 -14.25 24.72 -1.06
N VAL A 956 -15.14 24.36 -1.99
CA VAL A 956 -16.49 23.99 -1.61
C VAL A 956 -16.47 22.66 -0.87
N LEU A 957 -17.13 22.62 0.28
CA LEU A 957 -17.14 21.44 1.13
C LEU A 957 -18.19 20.42 0.72
N ASN A 958 -19.36 20.90 0.28
CA ASN A 958 -20.45 19.99 -0.08
C ASN A 958 -20.07 19.11 -1.26
N ASP A 959 -19.31 19.66 -2.22
CA ASP A 959 -18.85 18.84 -3.34
C ASP A 959 -17.90 17.74 -2.87
N ILE A 960 -17.03 18.06 -1.91
CA ILE A 960 -16.12 17.05 -1.37
C ILE A 960 -16.92 15.96 -0.67
N LEU A 961 -17.97 16.35 0.06
CA LEU A 961 -18.86 15.35 0.66
C LEU A 961 -19.51 14.47 -0.40
N SER A 962 -20.05 15.09 -1.45
CA SER A 962 -20.84 14.34 -2.43
C SER A 962 -19.97 13.37 -3.21
N ARG A 963 -18.85 13.85 -3.76
CA ARG A 963 -18.08 13.06 -4.70
C ARG A 963 -17.24 11.98 -4.00
N LEU A 964 -16.72 12.28 -2.82
CA LEU A 964 -15.66 11.46 -2.25
C LEU A 964 -16.21 10.51 -1.18
N ASP A 965 -15.41 9.37 -0.90
CA ASP A 965 -15.65 8.30 0.06
C ASP A 965 -15.13 8.68 1.44
N PRO A 966 -15.74 8.12 2.50
CA PRO A 966 -15.43 8.58 3.86
C PRO A 966 -13.96 8.47 4.22
N PRO A 967 -13.24 7.40 3.80
CA PRO A 967 -11.80 7.36 4.08
C PRO A 967 -11.06 8.60 3.61
N GLU A 968 -11.19 8.93 2.34
CA GLU A 968 -10.43 10.03 1.75
C GLU A 968 -11.05 11.40 2.04
N ALA A 969 -12.32 11.44 2.47
CA ALA A 969 -12.94 12.73 2.77
C ALA A 969 -12.39 13.34 4.05
N GLU A 970 -12.01 12.49 5.01
CA GLU A 970 -11.61 12.97 6.33
C GLU A 970 -10.35 13.83 6.26
N VAL A 971 -9.37 13.40 5.46
CA VAL A 971 -8.12 14.15 5.38
C VAL A 971 -8.36 15.52 4.76
N GLN A 972 -9.20 15.58 3.72
CA GLN A 972 -9.53 16.87 3.12
C GLN A 972 -10.24 17.78 4.11
N ILE A 973 -11.20 17.23 4.86
CA ILE A 973 -11.91 18.03 5.84
C ILE A 973 -10.95 18.56 6.90
N ASP A 974 -10.04 17.71 7.37
CA ASP A 974 -9.07 18.15 8.38
C ASP A 974 -8.16 19.23 7.82
N ARG A 975 -7.72 19.09 6.57
CA ARG A 975 -6.88 20.10 5.95
C ARG A 975 -7.59 21.44 5.90
N LEU A 976 -8.85 21.45 5.45
CA LEU A 976 -9.60 22.70 5.41
C LEU A 976 -9.81 23.28 6.81
N ILE A 977 -10.05 22.40 7.80
CA ILE A 977 -10.28 22.88 9.16
C ILE A 977 -9.06 23.60 9.69
N THR A 978 -7.88 22.99 9.53
CA THR A 978 -6.65 23.62 10.02
C THR A 978 -6.39 24.93 9.28
N GLY A 979 -6.53 24.91 7.95
CA GLY A 979 -6.31 26.12 7.19
C GLY A 979 -7.23 27.26 7.57
N ARG A 980 -8.48 26.96 7.89
CA ARG A 980 -9.43 27.99 8.29
C ARG A 980 -9.28 28.41 9.73
N LEU A 981 -8.73 27.56 10.60
CA LEU A 981 -8.48 27.92 11.98
C LEU A 981 -7.28 28.86 12.13
N GLN A 982 -6.22 28.64 11.36
CA GLN A 982 -5.06 29.53 11.44
C GLN A 982 -5.45 30.96 11.05
N SER A 983 -6.29 31.10 10.03
CA SER A 983 -6.71 32.41 9.58
C SER A 983 -7.44 33.16 10.68
N LEU A 984 -8.28 32.46 11.45
CA LEU A 984 -9.00 33.09 12.55
C LEU A 984 -8.04 33.49 13.67
N GLN A 985 -7.07 32.62 13.97
CA GLN A 985 -6.13 32.92 15.05
C GLN A 985 -5.33 34.18 14.76
N THR A 986 -4.86 34.31 13.52
CA THR A 986 -4.09 35.49 13.13
C THR A 986 -4.92 36.77 13.27
N TYR A 987 -6.17 36.70 12.85
CA TYR A 987 -7.06 37.85 12.95
C TYR A 987 -7.25 38.28 14.40
N VAL A 988 -7.45 37.32 15.30
CA VAL A 988 -7.63 37.65 16.71
C VAL A 988 -6.37 38.31 17.27
N THR A 989 -5.20 37.80 16.90
CA THR A 989 -3.95 38.39 17.39
C THR A 989 -3.80 39.84 16.92
N GLN A 990 -4.07 40.10 15.64
CA GLN A 990 -3.98 41.46 15.13
C GLN A 990 -4.95 42.38 15.87
N GLN A 991 -6.17 41.90 16.11
CA GLN A 991 -7.15 42.70 16.84
C GLN A 991 -6.65 43.04 18.24
N LEU A 992 -6.03 42.08 18.92
CA LEU A 992 -5.52 42.37 20.26
C LEU A 992 -4.46 43.47 20.23
N ILE A 993 -3.52 43.40 19.28
CA ILE A 993 -2.47 44.42 19.22
C ILE A 993 -3.06 45.79 18.94
N ARG A 994 -3.98 45.86 17.96
CA ARG A 994 -4.60 47.15 17.64
C ARG A 994 -5.39 47.70 18.82
N ALA A 995 -6.06 46.83 19.58
CA ALA A 995 -6.80 47.26 20.75
C ALA A 995 -5.88 47.87 21.79
N ALA A 996 -4.70 47.27 22.00
CA ALA A 996 -3.75 47.85 22.94
C ALA A 996 -3.33 49.25 22.51
N GLU A 997 -3.05 49.42 21.21
CA GLU A 997 -2.66 50.75 20.74
C GLU A 997 -3.78 51.78 20.95
N ILE A 998 -5.02 51.38 20.64
CA ILE A 998 -6.15 52.29 20.81
C ILE A 998 -6.33 52.65 22.28
N ARG A 999 -6.10 51.69 23.18
CA ARG A 999 -6.21 51.98 24.61
C ARG A 999 -5.19 53.01 25.05
N ALA A 1000 -3.96 52.90 24.55
CA ALA A 1000 -2.95 53.91 24.89
C ALA A 1000 -3.40 55.30 24.41
N SER A 1001 -3.91 55.37 23.18
CA SER A 1001 -4.37 56.67 22.67
C SER A 1001 -5.51 57.23 23.51
N ALA A 1002 -6.44 56.37 23.93
CA ALA A 1002 -7.56 56.83 24.76
C ALA A 1002 -7.09 57.32 26.11
N ASN A 1003 -6.10 56.66 26.71
CA ASN A 1003 -5.54 57.15 27.96
C ASN A 1003 -4.94 58.54 27.80
N LEU A 1004 -4.20 58.76 26.71
CA LEU A 1004 -3.66 60.09 26.46
C LEU A 1004 -4.76 61.13 26.31
N ALA A 1005 -5.83 60.77 25.58
CA ALA A 1005 -6.93 61.71 25.39
C ALA A 1005 -7.60 62.06 26.72
N ALA A 1006 -7.79 61.07 27.59
CA ALA A 1006 -8.39 61.34 28.89
C ALA A 1006 -7.50 62.26 29.73
N THR A 1007 -6.19 62.04 29.70
CA THR A 1007 -5.29 62.92 30.43
C THR A 1007 -5.37 64.34 29.91
N LYS A 1008 -5.39 64.51 28.59
CA LYS A 1008 -5.49 65.86 28.02
C LYS A 1008 -6.80 66.53 28.37
N MET A 1009 -7.89 65.77 28.40
CA MET A 1009 -9.16 66.34 28.84
C MET A 1009 -9.10 66.79 30.29
N SER A 1010 -8.44 66.00 31.14
CA SER A 1010 -8.35 66.37 32.55
C SER A 1010 -7.50 67.62 32.76
N GLU A 1011 -6.39 67.76 32.03
CA GLU A 1011 -5.42 68.79 32.36
C GLU A 1011 -5.50 70.04 31.49
N CYS A 1012 -6.05 69.96 30.27
CA CYS A 1012 -6.15 71.14 29.43
C CYS A 1012 -7.53 71.79 29.48
N VAL A 1013 -8.59 71.03 29.74
CA VAL A 1013 -9.94 71.59 29.72
C VAL A 1013 -10.41 71.99 31.12
N LEU A 1014 -10.14 71.17 32.12
CA LEU A 1014 -10.55 71.45 33.49
C LEU A 1014 -9.53 72.27 34.26
N GLY A 1015 -8.44 72.71 33.61
CA GLY A 1015 -7.47 73.53 34.29
C GLY A 1015 -6.54 74.18 33.29
N GLN A 1016 -5.57 74.92 33.83
CA GLN A 1016 -4.54 75.59 33.03
C GLN A 1016 -3.21 74.90 33.30
N SER A 1017 -2.54 74.48 32.24
CA SER A 1017 -1.37 73.62 32.34
C SER A 1017 -0.08 74.42 32.14
N LYS A 1018 0.90 74.18 33.01
CA LYS A 1018 2.22 74.78 32.88
C LYS A 1018 3.19 73.94 32.06
N ARG A 1019 2.82 72.72 31.69
CA ARG A 1019 3.72 71.86 30.93
C ARG A 1019 3.91 72.41 29.52
N VAL A 1020 5.16 72.45 29.08
CA VAL A 1020 5.50 73.02 27.78
C VAL A 1020 5.03 72.09 26.67
N ASP A 1021 4.30 72.66 25.70
CA ASP A 1021 3.82 71.99 24.49
C ASP A 1021 2.77 70.91 24.76
N PHE A 1022 2.28 70.78 25.99
CA PHE A 1022 1.29 69.75 26.26
C PHE A 1022 -0.07 70.12 25.67
N CYS A 1023 -0.51 71.36 25.87
CA CYS A 1023 -1.82 71.83 25.40
C CYS A 1023 -1.56 72.91 24.37
N GLY A 1024 -1.22 72.50 23.15
CA GLY A 1024 -0.94 73.45 22.10
C GLY A 1024 0.48 74.00 22.17
N LYS A 1025 0.75 74.97 21.30
CA LYS A 1025 2.06 75.59 21.18
C LYS A 1025 1.98 77.05 21.62
N GLY A 1026 2.88 77.44 22.51
CA GLY A 1026 2.85 78.74 23.13
C GLY A 1026 2.46 78.64 24.59
N TYR A 1027 2.19 79.79 25.19
CA TYR A 1027 1.75 79.85 26.57
C TYR A 1027 0.25 79.51 26.62
N HIS A 1028 -0.07 78.37 27.22
CA HIS A 1028 -1.44 77.87 27.17
C HIS A 1028 -2.38 78.78 27.97
N LEU A 1029 -3.51 79.14 27.34
CA LEU A 1029 -4.55 79.90 28.02
C LEU A 1029 -5.73 79.00 28.38
N MET A 1030 -6.35 78.34 27.40
CA MET A 1030 -7.49 77.49 27.71
C MET A 1030 -7.79 76.58 26.51
N SER A 1031 -8.80 75.74 26.64
CA SER A 1031 -9.07 74.73 25.63
C SER A 1031 -10.55 74.39 25.58
N PHE A 1032 -10.98 73.85 24.44
CA PHE A 1032 -12.37 73.46 24.18
C PHE A 1032 -12.42 72.07 23.55
N PRO A 1033 -13.31 71.20 24.03
CA PRO A 1033 -13.50 69.89 23.40
C PRO A 1033 -14.62 69.87 22.38
N GLN A 1034 -14.46 68.99 21.37
CA GLN A 1034 -15.50 68.69 20.40
C GLN A 1034 -15.45 67.21 20.09
N SER A 1035 -16.61 66.64 19.78
CA SER A 1035 -16.71 65.22 19.51
C SER A 1035 -16.59 64.94 18.01
N ALA A 1036 -16.20 63.71 17.68
CA ALA A 1036 -16.07 63.29 16.30
C ALA A 1036 -16.28 61.79 16.24
N PRO A 1037 -16.64 61.23 15.07
CA PRO A 1037 -16.79 59.78 14.96
C PRO A 1037 -15.57 59.02 15.46
N HIS A 1038 -15.74 58.28 16.55
CA HIS A 1038 -14.67 57.50 17.17
C HIS A 1038 -13.49 58.36 17.61
N GLY A 1039 -13.73 59.60 18.01
CA GLY A 1039 -12.60 60.41 18.41
C GLY A 1039 -13.00 61.75 19.00
N VAL A 1040 -11.98 62.50 19.41
CA VAL A 1040 -12.16 63.81 20.03
C VAL A 1040 -11.22 64.81 19.36
N VAL A 1041 -11.64 66.07 19.37
CA VAL A 1041 -10.86 67.17 18.82
C VAL A 1041 -10.75 68.25 19.89
N PHE A 1042 -9.52 68.72 20.13
CA PHE A 1042 -9.27 69.79 21.09
C PHE A 1042 -8.89 71.06 20.36
N LEU A 1043 -9.48 72.17 20.75
CA LEU A 1043 -9.09 73.50 20.29
C LEU A 1043 -8.35 74.19 21.43
N HIS A 1044 -7.06 74.45 21.24
CA HIS A 1044 -6.22 75.09 22.23
C HIS A 1044 -6.07 76.57 21.89
N VAL A 1045 -6.28 77.43 22.89
CA VAL A 1045 -6.10 78.87 22.77
C VAL A 1045 -4.88 79.25 23.61
N THR A 1046 -3.89 79.85 22.95
CA THR A 1046 -2.60 80.19 23.55
C THR A 1046 -2.21 81.63 23.21
N TYR A 1047 -1.16 82.08 23.88
CA TYR A 1047 -0.67 83.45 23.84
C TYR A 1047 0.74 83.46 23.25
N VAL A 1048 0.98 84.33 22.28
CA VAL A 1048 2.28 84.38 21.60
C VAL A 1048 2.85 85.79 21.62
N PRO A 1049 4.07 85.99 22.08
CA PRO A 1049 4.68 87.33 22.03
C PRO A 1049 5.03 87.75 20.61
N ALA A 1050 5.13 89.06 20.42
CA ALA A 1050 5.42 89.60 19.10
C ALA A 1050 5.94 91.04 19.23
N GLN A 1051 6.58 91.50 18.15
CA GLN A 1051 7.07 92.88 18.01
C GLN A 1051 8.02 93.25 19.15
N GLU A 1052 9.15 92.57 19.19
CA GLU A 1052 10.13 92.77 20.26
C GLU A 1052 11.10 93.89 19.91
N LYS A 1053 11.67 94.50 20.96
CA LYS A 1053 12.68 95.52 20.84
C LYS A 1053 13.89 95.15 21.68
N ASN A 1054 15.00 95.86 21.45
CA ASN A 1054 16.28 95.55 22.07
C ASN A 1054 16.66 96.66 23.05
N PHE A 1055 17.17 96.26 24.21
CA PHE A 1055 17.54 97.20 25.26
C PHE A 1055 18.84 96.73 25.92
N THR A 1056 19.37 97.60 26.78
CA THR A 1056 20.55 97.29 27.59
C THR A 1056 20.11 97.01 29.02
N THR A 1057 20.75 96.03 29.65
CA THR A 1057 20.38 95.61 31.00
C THR A 1057 21.59 95.66 31.94
N ALA A 1058 21.31 95.44 33.22
CA ALA A 1058 22.29 95.40 34.29
C ALA A 1058 21.76 94.50 35.38
N PRO A 1059 22.61 93.70 36.01
CA PRO A 1059 22.12 92.79 37.06
C PRO A 1059 21.61 93.52 38.31
N ALA A 1060 22.20 94.65 38.67
CA ALA A 1060 21.85 95.34 39.89
C ALA A 1060 22.20 96.81 39.76
N ILE A 1061 21.68 97.61 40.69
CA ILE A 1061 21.88 99.05 40.71
C ILE A 1061 22.45 99.45 42.06
N CYS A 1062 23.52 100.25 42.04
CA CYS A 1062 24.16 100.75 43.25
C CYS A 1062 23.76 102.20 43.45
N HIS A 1063 23.23 102.51 44.63
CA HIS A 1063 22.73 103.86 44.92
C HIS A 1063 23.52 104.55 46.02
N ASP A 1064 23.64 103.94 47.20
CA ASP A 1064 24.33 104.55 48.33
C ASP A 1064 25.26 103.54 48.98
N GLY A 1065 26.07 102.87 48.16
CA GLY A 1065 26.90 101.80 48.65
C GLY A 1065 26.17 100.50 48.90
N LYS A 1066 24.93 100.38 48.44
CA LYS A 1066 24.12 99.19 48.63
C LYS A 1066 23.62 98.70 47.28
N ALA A 1067 23.48 97.39 47.16
CA ALA A 1067 23.01 96.76 45.93
C ALA A 1067 21.51 96.59 45.96
N HIS A 1068 20.87 96.85 44.81
CA HIS A 1068 19.43 96.74 44.67
C HIS A 1068 19.10 95.76 43.55
N PHE A 1069 18.07 94.95 43.76
CA PHE A 1069 17.62 93.96 42.80
C PHE A 1069 16.13 94.11 42.56
N PRO A 1070 15.66 93.87 41.34
CA PRO A 1070 14.22 93.97 41.09
C PRO A 1070 13.45 92.87 41.82
N ARG A 1071 12.23 93.21 42.23
CA ARG A 1071 11.42 92.26 42.96
C ARG A 1071 10.78 91.22 42.04
N GLU A 1072 10.20 91.67 40.92
CA GLU A 1072 9.59 90.72 39.99
C GLU A 1072 9.80 91.11 38.53
N GLY A 1073 10.71 92.04 38.25
CA GLY A 1073 10.91 92.53 36.90
C GLY A 1073 12.37 92.42 36.49
N VAL A 1074 12.78 93.36 35.63
CA VAL A 1074 14.12 93.41 35.10
C VAL A 1074 14.45 94.86 34.77
N PHE A 1075 15.72 95.23 34.96
CA PHE A 1075 16.19 96.59 34.66
C PHE A 1075 16.51 96.72 33.19
N VAL A 1076 16.02 97.78 32.56
CA VAL A 1076 16.30 98.09 31.17
C VAL A 1076 16.70 99.55 31.06
N SER A 1077 17.38 99.88 29.96
CA SER A 1077 17.87 101.24 29.72
C SER A 1077 17.40 101.72 28.37
N ASN A 1078 16.99 102.98 28.31
CA ASN A 1078 16.62 103.62 27.06
C ASN A 1078 17.81 104.24 26.34
N GLY A 1079 19.01 104.11 26.92
CA GLY A 1079 20.19 104.79 26.45
C GLY A 1079 20.56 106.00 27.27
N THR A 1080 19.60 106.60 27.97
CA THR A 1080 19.87 107.73 28.83
C THR A 1080 19.28 107.51 30.23
N HIS A 1081 18.15 106.81 30.29
CA HIS A 1081 17.44 106.58 31.55
C HIS A 1081 17.22 105.09 31.77
N TRP A 1082 17.05 104.74 33.05
CA TRP A 1082 16.85 103.36 33.45
C TRP A 1082 15.44 103.17 34.00
N PHE A 1083 14.86 102.01 33.74
CA PHE A 1083 13.52 101.66 34.21
C PHE A 1083 13.50 100.19 34.61
N VAL A 1084 12.41 99.78 35.24
CA VAL A 1084 12.16 98.39 35.58
C VAL A 1084 10.86 97.97 34.91
N THR A 1085 10.86 96.77 34.32
CA THR A 1085 9.69 96.30 33.58
C THR A 1085 9.48 94.82 33.82
N GLN A 1086 8.24 94.37 33.59
CA GLN A 1086 7.96 92.95 33.63
C GLN A 1086 8.58 92.24 32.43
N ARG A 1087 8.81 90.94 32.58
CA ARG A 1087 9.67 90.21 31.65
C ARG A 1087 8.98 89.79 30.37
N ASN A 1088 7.65 89.85 30.29
CA ASN A 1088 6.93 89.37 29.12
C ASN A 1088 6.21 90.46 28.35
N PHE A 1089 6.16 91.68 28.87
CA PHE A 1089 5.49 92.79 28.22
C PHE A 1089 6.21 94.07 28.60
N TYR A 1090 6.46 94.93 27.61
CA TYR A 1090 7.21 96.15 27.86
C TYR A 1090 6.32 97.19 28.52
N GLU A 1091 6.71 97.62 29.71
CA GLU A 1091 5.94 98.60 30.48
C GLU A 1091 6.87 99.25 31.50
N PRO A 1092 7.67 100.23 31.06
CA PRO A 1092 8.69 100.80 31.93
C PRO A 1092 8.11 101.56 33.11
N GLN A 1093 8.83 101.53 34.22
CA GLN A 1093 8.45 102.23 35.44
C GLN A 1093 9.69 102.77 36.13
N ILE A 1094 9.49 103.75 37.01
CA ILE A 1094 10.57 104.39 37.73
C ILE A 1094 11.05 103.48 38.85
N ILE A 1095 12.36 103.36 39.01
CA ILE A 1095 12.93 102.56 40.09
C ILE A 1095 12.61 103.21 41.43
N THR A 1096 12.07 102.44 42.36
CA THR A 1096 11.61 102.94 43.63
C THR A 1096 11.87 101.90 44.70
N THR A 1097 11.88 102.34 45.96
CA THR A 1097 12.18 101.43 47.07
C THR A 1097 11.14 100.34 47.22
N ASP A 1098 9.94 100.52 46.68
CA ASP A 1098 8.94 99.46 46.70
C ASP A 1098 8.98 98.56 45.47
N ASN A 1099 9.87 98.85 44.53
CA ASN A 1099 10.11 97.96 43.38
C ASN A 1099 11.30 97.05 43.59
N THR A 1100 12.20 97.39 44.51
CA THR A 1100 13.47 96.69 44.66
C THR A 1100 13.68 96.32 46.12
N PHE A 1101 14.68 95.47 46.36
CA PHE A 1101 15.12 95.13 47.71
C PHE A 1101 16.63 95.21 47.78
N VAL A 1102 17.14 95.46 48.98
CA VAL A 1102 18.55 95.75 49.21
C VAL A 1102 19.24 94.50 49.74
N SER A 1103 20.45 94.23 49.24
CA SER A 1103 21.22 93.07 49.70
C SER A 1103 22.70 93.35 49.45
N GLY A 1104 23.43 93.69 50.51
CA GLY A 1104 24.87 93.78 50.45
C GLY A 1104 25.39 95.05 49.81
N ASN A 1105 26.71 95.12 49.73
CA ASN A 1105 27.41 96.28 49.17
C ASN A 1105 27.51 96.15 47.66
N CYS A 1106 28.29 97.03 47.04
CA CYS A 1106 28.40 97.13 45.59
C CYS A 1106 29.75 96.59 45.09
N ASP A 1107 30.26 95.54 45.73
CA ASP A 1107 31.56 94.98 45.37
C ASP A 1107 31.49 93.58 44.79
N VAL A 1108 30.64 92.71 45.34
CA VAL A 1108 30.62 91.32 44.90
C VAL A 1108 30.00 91.18 43.52
N VAL A 1109 28.98 91.98 43.21
CA VAL A 1109 28.25 91.81 41.96
C VAL A 1109 29.08 92.31 40.79
N ILE A 1110 29.11 91.53 39.71
CA ILE A 1110 29.82 91.86 38.49
C ILE A 1110 28.83 92.48 37.51
N GLY A 1111 29.11 93.70 37.06
CA GLY A 1111 28.24 94.38 36.13
C GLY A 1111 27.28 95.38 36.74
N ILE A 1112 27.44 95.73 38.01
CA ILE A 1112 26.55 96.69 38.66
C ILE A 1112 26.70 98.06 38.00
N VAL A 1113 25.62 98.84 38.04
CA VAL A 1113 25.56 100.13 37.35
C VAL A 1113 25.09 101.19 38.34
N ASN A 1114 25.80 102.31 38.38
CA ASN A 1114 25.41 103.42 39.25
C ASN A 1114 24.13 104.09 38.74
N ASN A 1115 23.24 104.41 39.67
CA ASN A 1115 22.01 105.13 39.36
C ASN A 1115 21.42 105.62 40.69
N THR A 1116 20.20 106.16 40.63
CA THR A 1116 19.51 106.67 41.79
C THR A 1116 18.19 105.94 41.97
N VAL A 1117 17.78 105.79 43.24
CA VAL A 1117 16.52 105.14 43.60
C VAL A 1117 15.66 106.17 44.30
N TYR A 1118 14.45 106.37 43.80
CA TYR A 1118 13.55 107.38 44.34
C TYR A 1118 12.83 106.84 45.59
N ASP A 1119 12.64 107.72 46.56
CA ASP A 1119 11.99 107.36 47.82
C ASP A 1119 10.62 108.04 47.88
N PRO A 1120 9.52 107.28 47.97
CA PRO A 1120 8.19 107.92 47.99
C PRO A 1120 8.00 108.87 49.16
N LEU A 1121 8.63 108.59 50.30
CA LEU A 1121 8.44 109.40 51.51
C LEU A 1121 9.18 110.72 51.33
N GLN A 1122 8.52 111.67 50.68
CA GLN A 1122 9.08 113.01 50.43
C GLN A 1122 8.05 114.05 50.83
N PRO A 1123 7.87 114.28 52.15
CA PRO A 1123 6.88 115.25 52.64
C PRO A 1123 7.42 116.67 52.67
N LEU B 1 -54.89 -14.18 31.88
CA LEU B 1 -55.52 -13.04 31.25
C LEU B 1 -55.09 -11.73 31.92
N ILE B 2 -54.40 -10.88 31.17
CA ILE B 2 -53.91 -9.60 31.67
C ILE B 2 -54.39 -8.50 30.74
N THR B 3 -55.00 -7.47 31.31
CA THR B 3 -55.49 -6.31 30.56
C THR B 3 -54.73 -5.07 31.02
N ARG B 4 -54.24 -4.29 30.06
CA ARG B 4 -53.40 -3.14 30.36
C ARG B 4 -54.03 -1.84 29.88
N THR B 5 -53.91 -0.82 30.73
CA THR B 5 -54.34 0.54 30.43
C THR B 5 -53.29 1.49 30.99
N GLN B 6 -53.22 2.70 30.44
CA GLN B 6 -52.15 3.61 30.80
C GLN B 6 -52.67 5.03 30.99
N SER B 7 -51.92 5.79 31.76
CA SER B 7 -52.09 7.24 31.89
C SER B 7 -50.70 7.85 31.83
N TYR B 8 -50.61 9.14 32.13
CA TYR B 8 -49.35 9.86 31.98
C TYR B 8 -49.03 10.66 33.23
N THR B 9 -47.73 10.77 33.52
CA THR B 9 -47.25 11.42 34.73
C THR B 9 -46.01 12.24 34.40
N ASN B 10 -45.64 13.14 35.31
CA ASN B 10 -44.46 13.96 35.16
C ASN B 10 -43.28 13.30 35.88
N SER B 11 -42.09 13.36 35.27
CA SER B 11 -40.95 12.63 35.81
C SER B 11 -40.35 13.33 37.03
N PHE B 12 -40.36 14.66 37.04
CA PHE B 12 -39.88 15.45 38.18
C PHE B 12 -38.40 15.19 38.48
N THR B 13 -37.55 15.52 37.50
CA THR B 13 -36.09 15.56 37.65
C THR B 13 -35.53 14.33 38.37
N ARG B 14 -35.70 13.17 37.74
CA ARG B 14 -35.13 11.93 38.26
C ARG B 14 -34.73 11.02 37.12
N GLY B 15 -33.85 10.06 37.43
CA GLY B 15 -33.33 9.15 36.44
C GLY B 15 -31.84 9.34 36.21
N VAL B 16 -31.15 9.86 37.21
CA VAL B 16 -29.73 10.20 37.12
C VAL B 16 -28.91 9.05 37.70
N TYR B 17 -27.87 8.66 36.96
CA TYR B 17 -26.99 7.57 37.37
C TYR B 17 -25.54 8.01 37.21
N TYR B 18 -24.64 7.29 37.89
CA TYR B 18 -23.22 7.56 37.76
C TYR B 18 -22.75 7.12 36.38
N PRO B 19 -22.21 8.03 35.56
CA PRO B 19 -21.86 7.65 34.18
C PRO B 19 -20.56 6.86 34.05
N ASP B 20 -19.73 6.83 35.09
CA ASP B 20 -18.48 6.09 35.04
C ASP B 20 -18.06 5.70 36.45
N LYS B 21 -16.83 5.22 36.58
CA LYS B 21 -16.32 4.71 37.85
C LYS B 21 -15.13 5.53 38.36
N VAL B 22 -15.24 6.86 38.26
CA VAL B 22 -14.17 7.75 38.68
C VAL B 22 -14.62 8.49 39.93
N PHE B 23 -13.74 8.55 40.93
CA PHE B 23 -14.01 9.25 42.18
C PHE B 23 -13.68 10.73 42.02
N ARG B 24 -14.62 11.59 42.40
CA ARG B 24 -14.42 13.03 42.39
C ARG B 24 -14.95 13.59 43.70
N SER B 25 -14.40 14.73 44.12
CA SER B 25 -14.77 15.32 45.40
C SER B 25 -14.93 16.82 45.24
N SER B 26 -16.13 17.33 45.56
CA SER B 26 -16.42 18.77 45.55
C SER B 26 -16.13 19.39 44.19
N VAL B 27 -16.76 18.85 43.16
CA VAL B 27 -16.46 19.22 41.78
C VAL B 27 -17.76 19.30 40.98
N LEU B 28 -17.85 20.31 40.12
CA LEU B 28 -18.88 20.37 39.09
C LEU B 28 -18.31 19.82 37.80
N HIS B 29 -18.95 18.78 37.27
CA HIS B 29 -18.44 18.09 36.09
C HIS B 29 -19.54 17.96 35.05
N SER B 30 -19.22 18.23 33.78
CA SER B 30 -20.19 18.18 32.70
C SER B 30 -19.98 16.94 31.86
N THR B 31 -21.06 16.21 31.59
CA THR B 31 -21.00 14.97 30.81
C THR B 31 -22.04 15.02 29.70
N GLN B 32 -21.86 14.16 28.71
CA GLN B 32 -22.79 14.03 27.59
C GLN B 32 -23.09 12.54 27.40
N ASP B 33 -24.33 12.15 27.64
CA ASP B 33 -24.68 10.73 27.68
C ASP B 33 -26.19 10.59 27.49
N LEU B 34 -26.67 9.35 27.55
CA LEU B 34 -28.09 9.08 27.43
C LEU B 34 -28.77 9.25 28.78
N PHE B 35 -29.67 10.22 28.88
CA PHE B 35 -30.33 10.56 30.13
C PHE B 35 -31.83 10.69 29.90
N LEU B 36 -32.58 10.59 30.97
CA LEU B 36 -34.01 10.88 30.93
C LEU B 36 -34.23 12.37 31.14
N PRO B 37 -34.78 13.10 30.16
CA PRO B 37 -34.88 14.55 30.29
C PRO B 37 -35.76 14.97 31.46
N PHE B 38 -35.42 16.11 32.04
CA PHE B 38 -36.15 16.62 33.20
C PHE B 38 -37.56 17.02 32.80
N PHE B 39 -38.51 16.78 33.70
CA PHE B 39 -39.91 17.18 33.54
C PHE B 39 -40.53 16.60 32.27
N SER B 40 -40.09 15.42 31.87
CA SER B 40 -40.73 14.73 30.76
C SER B 40 -41.99 14.02 31.25
N ASN B 41 -42.74 13.47 30.30
CA ASN B 41 -43.94 12.71 30.61
C ASN B 41 -43.67 11.22 30.42
N VAL B 42 -43.99 10.43 31.43
CA VAL B 42 -43.76 8.99 31.43
C VAL B 42 -45.10 8.29 31.51
N THR B 43 -45.10 7.02 31.09
CA THR B 43 -46.32 6.25 30.97
C THR B 43 -46.53 5.42 32.23
N TRP B 44 -47.75 5.43 32.76
CA TRP B 44 -48.12 4.71 33.97
C TRP B 44 -49.06 3.58 33.57
N PHE B 45 -48.64 2.34 33.81
CA PHE B 45 -49.36 1.15 33.40
C PHE B 45 -49.99 0.46 34.60
N HIS B 46 -51.24 0.02 34.42
CA HIS B 46 -52.01 -0.71 35.43
C HIS B 46 -52.43 -2.05 34.80
N ALA B 47 -51.58 -3.06 34.93
CA ALA B 47 -51.95 -4.40 34.49
C ALA B 47 -52.69 -5.14 35.61
N ILE B 48 -53.84 -5.69 35.26
CA ILE B 48 -54.72 -6.35 36.23
C ILE B 48 -55.14 -7.70 35.68
N HIS B 49 -55.27 -8.68 36.58
CA HIS B 49 -55.76 -10.01 36.23
C HIS B 49 -56.95 -10.32 37.12
N VAL B 50 -58.05 -10.77 36.52
CA VAL B 50 -59.25 -11.11 37.27
C VAL B 50 -59.33 -12.61 37.50
N ASN B 61 -52.55 -6.44 26.11
CA ASN B 61 -51.28 -6.65 26.79
C ASN B 61 -50.12 -6.77 25.79
N PRO B 62 -49.86 -5.70 25.04
CA PRO B 62 -48.87 -5.78 23.95
C PRO B 62 -47.43 -5.71 24.43
N VAL B 63 -46.48 -5.66 23.48
CA VAL B 63 -45.05 -5.60 23.76
C VAL B 63 -44.58 -4.16 23.55
N LEU B 64 -43.79 -3.66 24.50
CA LEU B 64 -43.31 -2.28 24.47
C LEU B 64 -41.98 -2.20 23.72
N PRO B 65 -41.74 -1.10 23.00
CA PRO B 65 -40.48 -0.95 22.28
C PRO B 65 -39.33 -0.57 23.19
N PHE B 66 -38.12 -0.83 22.70
CA PHE B 66 -36.87 -0.50 23.39
C PHE B 66 -36.04 0.34 22.43
N ASN B 67 -36.04 1.66 22.64
CA ASN B 67 -35.44 2.58 21.68
C ASN B 67 -33.96 2.81 21.93
N ASP B 68 -33.60 3.35 23.09
CA ASP B 68 -32.20 3.61 23.41
C ASP B 68 -31.85 3.29 24.85
N GLY B 69 -32.75 2.75 25.63
CA GLY B 69 -32.54 2.54 27.05
C GLY B 69 -33.85 2.88 27.73
N VAL B 70 -34.12 2.19 28.83
CA VAL B 70 -35.42 2.25 29.47
C VAL B 70 -35.25 2.59 30.95
N TYR B 71 -36.03 3.55 31.43
CA TYR B 71 -36.15 3.83 32.85
C TYR B 71 -37.43 3.18 33.35
N PHE B 72 -37.30 2.27 34.32
CA PHE B 72 -38.40 1.50 34.87
C PHE B 72 -38.54 1.84 36.35
N ALA B 73 -39.75 2.09 36.79
CA ALA B 73 -39.99 2.38 38.20
C ALA B 73 -41.19 1.60 38.71
N SER B 74 -41.12 1.19 39.97
CA SER B 74 -42.23 0.46 40.57
C SER B 74 -42.27 0.74 42.07
N THR B 75 -43.45 0.49 42.65
CA THR B 75 -43.64 0.66 44.09
C THR B 75 -44.46 -0.48 44.69
N GLU B 76 -44.59 -1.60 43.99
CA GLU B 76 -45.41 -2.72 44.44
C GLU B 76 -44.59 -3.54 45.45
N LYS B 77 -45.03 -3.56 46.70
CA LYS B 77 -44.37 -4.35 47.74
C LYS B 77 -45.08 -5.69 47.94
N SER B 78 -45.17 -6.45 46.86
CA SER B 78 -45.84 -7.74 46.90
C SER B 78 -45.09 -8.83 46.13
N ASN B 79 -43.96 -8.52 45.50
CA ASN B 79 -43.19 -9.49 44.70
C ASN B 79 -44.03 -10.08 43.57
N ILE B 80 -44.95 -9.30 43.02
CA ILE B 80 -45.72 -9.75 41.87
C ILE B 80 -44.93 -9.57 40.59
N ILE B 81 -44.02 -8.59 40.55
CA ILE B 81 -43.14 -8.37 39.41
C ILE B 81 -41.85 -9.13 39.67
N ARG B 82 -41.44 -9.95 38.71
CA ARG B 82 -40.32 -10.85 38.91
C ARG B 82 -39.18 -10.69 37.90
N GLY B 83 -39.40 -10.02 36.78
CA GLY B 83 -38.33 -9.87 35.82
C GLY B 83 -38.83 -9.27 34.52
N TRP B 84 -37.99 -9.36 33.51
CA TRP B 84 -38.26 -8.77 32.20
C TRP B 84 -37.74 -9.69 31.11
N ILE B 85 -38.22 -9.47 29.89
CA ILE B 85 -37.81 -10.18 28.69
C ILE B 85 -37.33 -9.15 27.68
N PHE B 86 -36.17 -9.39 27.09
CA PHE B 86 -35.61 -8.49 26.09
C PHE B 86 -35.28 -9.26 24.83
N GLY B 87 -35.54 -8.64 23.67
CA GLY B 87 -35.26 -9.33 22.42
C GLY B 87 -35.53 -8.45 21.23
N THR B 88 -35.58 -9.07 20.06
CA THR B 88 -35.90 -8.39 18.82
C THR B 88 -37.06 -9.02 18.08
N THR B 89 -37.17 -10.35 18.08
CA THR B 89 -38.32 -11.04 17.53
C THR B 89 -39.05 -11.91 18.55
N LEU B 90 -38.40 -12.27 19.66
CA LEU B 90 -39.00 -13.08 20.71
C LEU B 90 -39.46 -14.43 20.18
N ASP B 91 -38.73 -14.97 19.20
CA ASP B 91 -39.03 -16.28 18.62
C ASP B 91 -37.79 -17.14 18.62
N SER B 92 -37.89 -18.33 18.03
CA SER B 92 -36.75 -19.24 17.95
C SER B 92 -35.76 -18.85 16.87
N LYS B 93 -36.10 -17.90 15.99
CA LYS B 93 -35.19 -17.52 14.92
C LYS B 93 -34.02 -16.70 15.43
N THR B 94 -34.22 -15.96 16.52
CA THR B 94 -33.18 -15.11 17.09
C THR B 94 -33.06 -15.38 18.58
N GLN B 95 -31.96 -14.88 19.16
CA GLN B 95 -31.69 -15.08 20.57
C GLN B 95 -32.29 -13.94 21.40
N SER B 96 -32.65 -14.27 22.64
CA SER B 96 -33.31 -13.35 23.54
C SER B 96 -32.75 -13.53 24.95
N LEU B 97 -33.01 -12.52 25.77
CA LEU B 97 -32.50 -12.43 27.13
C LEU B 97 -33.66 -12.48 28.12
N LEU B 98 -33.54 -13.37 29.12
CA LEU B 98 -34.57 -13.57 30.12
C LEU B 98 -33.98 -13.36 31.50
N ILE B 99 -34.66 -12.57 32.31
CA ILE B 99 -34.26 -12.27 33.69
C ILE B 99 -35.42 -12.64 34.59
N VAL B 100 -35.17 -13.49 35.57
CA VAL B 100 -36.18 -13.91 36.54
C VAL B 100 -35.58 -13.78 37.93
N ASN B 101 -36.28 -13.10 38.83
CA ASN B 101 -35.85 -12.93 40.20
C ASN B 101 -36.60 -13.89 41.12
N ASN B 102 -35.91 -14.32 42.18
CA ASN B 102 -36.41 -15.30 43.12
C ASN B 102 -36.30 -14.74 44.52
N ALA B 103 -36.81 -15.49 45.50
CA ALA B 103 -36.65 -15.09 46.89
C ALA B 103 -35.21 -15.19 47.37
N THR B 104 -34.36 -15.94 46.68
CA THR B 104 -32.97 -16.10 47.08
C THR B 104 -31.96 -15.95 45.95
N ASN B 105 -32.39 -15.80 44.71
CA ASN B 105 -31.45 -15.76 43.60
C ASN B 105 -32.02 -14.96 42.44
N VAL B 106 -31.14 -14.60 41.50
CA VAL B 106 -31.50 -14.02 40.22
C VAL B 106 -30.77 -14.79 39.14
N VAL B 107 -31.50 -15.21 38.11
CA VAL B 107 -30.97 -16.03 37.03
C VAL B 107 -31.15 -15.28 35.72
N ILE B 108 -30.05 -14.97 35.05
CA ILE B 108 -30.05 -14.32 33.75
C ILE B 108 -29.62 -15.35 32.71
N LYS B 109 -30.42 -15.49 31.66
CA LYS B 109 -30.15 -16.48 30.63
C LYS B 109 -30.31 -15.86 29.24
N VAL B 110 -29.29 -16.03 28.40
CA VAL B 110 -29.37 -15.63 26.99
C VAL B 110 -29.42 -16.92 26.19
N CYS B 111 -30.56 -17.16 25.55
CA CYS B 111 -30.82 -18.39 24.79
C CYS B 111 -31.76 -18.04 23.65
N GLU B 112 -32.06 -19.02 22.80
CA GLU B 112 -33.13 -18.87 21.83
C GLU B 112 -34.41 -19.47 22.42
N PHE B 113 -35.48 -18.69 22.39
CA PHE B 113 -36.69 -18.99 23.16
C PHE B 113 -37.90 -19.00 22.25
N GLN B 114 -38.85 -19.87 22.56
CA GLN B 114 -40.17 -19.86 21.92
C GLN B 114 -41.15 -19.34 22.97
N PHE B 115 -41.29 -18.02 23.03
CA PHE B 115 -42.08 -17.38 24.06
C PHE B 115 -43.57 -17.55 23.77
N CYS B 116 -44.38 -17.36 24.81
CA CYS B 116 -45.82 -17.39 24.72
C CYS B 116 -46.39 -15.97 24.76
N ASN B 117 -47.65 -15.85 24.37
CA ASN B 117 -48.37 -14.60 24.57
C ASN B 117 -48.84 -14.53 26.01
N ASP B 118 -48.69 -13.35 26.62
CA ASP B 118 -48.93 -13.15 28.04
C ASP B 118 -48.12 -14.13 28.89
N PRO B 119 -46.78 -14.01 28.90
CA PRO B 119 -45.99 -14.87 29.77
C PRO B 119 -46.15 -14.48 31.23
N PHE B 120 -46.20 -15.49 32.09
CA PHE B 120 -46.27 -15.25 33.53
C PHE B 120 -45.76 -16.47 34.28
N LEU B 121 -45.36 -16.26 35.52
CA LEU B 121 -44.94 -17.33 36.41
C LEU B 121 -46.14 -17.86 37.19
N ASP B 122 -46.21 -19.17 37.33
CA ASP B 122 -47.30 -19.83 38.05
C ASP B 122 -46.76 -20.44 39.33
N VAL B 123 -47.45 -20.18 40.44
CA VAL B 123 -47.10 -20.73 41.74
C VAL B 123 -48.24 -21.63 42.20
N TYR B 124 -47.91 -22.88 42.53
CA TYR B 124 -48.91 -23.83 43.00
C TYR B 124 -48.42 -24.57 44.23
N MET B 133 -44.02 -24.88 44.17
CA MET B 133 -43.14 -24.87 43.02
C MET B 133 -43.55 -23.79 42.02
N GLU B 134 -42.60 -23.36 41.19
CA GLU B 134 -42.82 -22.31 40.20
C GLU B 134 -42.47 -22.85 38.82
N SER B 135 -43.44 -22.79 37.91
CA SER B 135 -43.26 -23.33 36.58
C SER B 135 -43.00 -22.22 35.57
N GLU B 136 -42.28 -22.57 34.51
CA GLU B 136 -41.97 -21.64 33.43
C GLU B 136 -42.53 -22.12 32.10
N PHE B 137 -43.50 -23.03 32.13
CA PHE B 137 -44.12 -23.55 30.92
C PHE B 137 -45.10 -22.57 30.30
N ARG B 138 -45.49 -21.54 31.04
CA ARG B 138 -46.37 -20.47 30.58
C ARG B 138 -45.61 -19.17 30.36
N VAL B 139 -44.28 -19.23 30.35
CA VAL B 139 -43.42 -18.14 29.90
C VAL B 139 -42.88 -18.41 28.50
N TYR B 140 -42.37 -19.61 28.27
CA TYR B 140 -41.86 -20.01 26.97
C TYR B 140 -42.23 -21.46 26.71
N SER B 141 -42.22 -21.84 25.44
CA SER B 141 -42.46 -23.22 25.04
C SER B 141 -41.16 -24.00 24.85
N SER B 142 -40.18 -23.38 24.22
CA SER B 142 -38.91 -24.03 23.92
C SER B 142 -37.75 -23.15 24.41
N ALA B 143 -36.61 -23.80 24.67
CA ALA B 143 -35.43 -23.08 25.15
C ALA B 143 -34.19 -23.83 24.64
N ASN B 144 -33.59 -23.30 23.59
CA ASN B 144 -32.44 -23.92 22.95
C ASN B 144 -31.30 -22.91 22.81
N ASN B 145 -30.10 -23.43 22.61
CA ASN B 145 -28.90 -22.64 22.34
C ASN B 145 -28.65 -21.59 23.44
N CYS B 146 -28.59 -22.07 24.68
CA CYS B 146 -28.27 -21.19 25.80
C CYS B 146 -26.80 -20.84 25.76
N THR B 147 -26.47 -19.70 25.17
CA THR B 147 -25.07 -19.30 25.02
C THR B 147 -24.54 -18.43 26.16
N PHE B 148 -25.37 -18.13 27.13
CA PHE B 148 -24.91 -17.35 28.28
C PHE B 148 -25.73 -17.73 29.50
N GLU B 149 -25.13 -17.59 30.67
CA GLU B 149 -25.84 -17.90 31.89
C GLU B 149 -25.22 -17.10 33.00
N TYR B 150 -26.02 -16.78 34.01
CA TYR B 150 -25.52 -16.03 35.13
C TYR B 150 -26.44 -16.22 36.29
N VAL B 151 -25.88 -16.32 37.48
CA VAL B 151 -26.68 -16.49 38.70
C VAL B 151 -26.09 -15.60 39.80
N SER B 152 -26.96 -14.97 40.58
CA SER B 152 -26.52 -14.10 41.65
C SER B 152 -27.61 -13.89 42.69
N GLN B 153 -27.36 -13.02 43.66
CA GLN B 153 -28.33 -12.75 44.72
C GLN B 153 -29.50 -11.92 44.20
N PRO B 154 -30.64 -11.96 44.89
CA PRO B 154 -31.82 -11.23 44.43
C PRO B 154 -31.53 -9.75 44.22
N LYS B 167 -44.57 2.39 49.74
CA LYS B 167 -43.70 2.91 50.80
C LYS B 167 -42.25 2.53 50.52
N ASN B 168 -42.00 2.01 49.32
CA ASN B 168 -40.65 1.63 48.89
C ASN B 168 -40.61 1.67 47.37
N LEU B 169 -39.86 2.62 46.82
CA LEU B 169 -39.75 2.81 45.38
C LEU B 169 -38.49 2.13 44.87
N ARG B 170 -38.62 1.41 43.76
CA ARG B 170 -37.51 0.71 43.12
C ARG B 170 -37.35 1.24 41.70
N GLU B 171 -36.16 1.72 41.38
CA GLU B 171 -35.87 2.30 40.07
C GLU B 171 -34.75 1.53 39.40
N PHE B 172 -34.90 1.29 38.10
CA PHE B 172 -33.92 0.59 37.29
C PHE B 172 -33.71 1.34 35.99
N VAL B 173 -32.48 1.29 35.50
CA VAL B 173 -32.12 1.83 34.19
C VAL B 173 -31.44 0.74 33.39
N PHE B 174 -31.96 0.46 32.20
CA PHE B 174 -31.44 -0.56 31.31
C PHE B 174 -30.86 0.12 30.08
N LYS B 175 -29.61 -0.23 29.75
CA LYS B 175 -28.92 0.40 28.62
C LYS B 175 -28.09 -0.65 27.91
N ASN B 176 -27.82 -0.43 26.63
CA ASN B 176 -27.16 -1.44 25.79
C ASN B 176 -26.30 -0.75 24.75
N ILE B 177 -24.98 -0.92 24.83
CA ILE B 177 -24.04 -0.34 23.89
C ILE B 177 -23.04 -1.39 23.46
N ASP B 178 -22.85 -1.52 22.15
CA ASP B 178 -21.78 -2.30 21.48
C ASP B 178 -21.42 -3.58 22.24
N GLY B 179 -22.43 -4.43 22.40
CA GLY B 179 -22.21 -5.76 22.96
C GLY B 179 -22.22 -5.85 24.46
N TYR B 180 -22.60 -4.78 25.16
CA TYR B 180 -22.66 -4.77 26.61
C TYR B 180 -24.02 -4.26 27.07
N PHE B 181 -24.62 -5.00 27.99
CA PHE B 181 -25.90 -4.67 28.60
C PHE B 181 -25.63 -4.23 30.02
N LYS B 182 -26.01 -3.00 30.35
CA LYS B 182 -25.73 -2.40 31.65
C LYS B 182 -27.04 -2.14 32.39
N ILE B 183 -27.02 -2.45 33.68
CA ILE B 183 -28.17 -2.30 34.57
C ILE B 183 -27.74 -1.47 35.77
N TYR B 184 -28.48 -0.39 36.02
CA TYR B 184 -28.33 0.44 37.21
C TYR B 184 -29.61 0.35 38.04
N SER B 185 -29.48 0.48 39.35
CA SER B 185 -30.64 0.32 40.21
C SER B 185 -30.54 1.22 41.43
N LYS B 186 -31.70 1.41 42.08
CA LYS B 186 -31.78 2.20 43.30
C LYS B 186 -33.06 1.84 44.05
N HIS B 187 -32.97 1.89 45.38
CA HIS B 187 -34.11 1.64 46.27
C HIS B 187 -34.25 2.84 47.20
N THR B 188 -35.47 3.36 47.33
CA THR B 188 -35.69 4.56 48.12
C THR B 188 -36.99 4.50 48.91
N PRO B 189 -36.96 4.70 50.22
CA PRO B 189 -38.21 4.74 50.98
C PRO B 189 -39.00 6.01 50.67
N ILE B 190 -40.32 5.86 50.59
CA ILE B 190 -41.23 6.97 50.32
C ILE B 190 -42.40 6.90 51.29
N ASN B 191 -43.28 7.89 51.18
CA ASN B 191 -44.50 7.92 51.98
C ASN B 191 -45.53 8.82 51.31
N LEU B 192 -46.69 8.23 50.99
CA LEU B 192 -47.85 8.92 50.43
C LEU B 192 -47.59 9.35 49.00
N GLY B 193 -46.35 9.26 48.54
CA GLY B 193 -45.99 9.61 47.18
C GLY B 193 -45.97 8.43 46.23
N ARG B 194 -47.13 7.88 45.90
CA ARG B 194 -47.16 6.74 44.97
C ARG B 194 -46.57 7.13 43.62
N ASP B 195 -46.89 8.33 43.13
CA ASP B 195 -46.25 8.84 41.94
C ASP B 195 -44.80 9.21 42.24
N LEU B 196 -44.03 9.40 41.17
CA LEU B 196 -42.63 9.78 41.23
C LEU B 196 -42.46 10.99 42.14
N PRO B 197 -41.82 10.84 43.30
CA PRO B 197 -41.71 11.96 44.24
C PRO B 197 -40.75 13.03 43.75
N GLN B 198 -40.55 14.07 44.56
CA GLN B 198 -39.68 15.17 44.20
C GLN B 198 -38.44 15.13 45.08
N GLY B 199 -37.29 15.16 44.45
CA GLY B 199 -36.02 15.02 45.14
C GLY B 199 -34.97 14.46 44.20
N PHE B 200 -33.79 14.26 44.74
CA PHE B 200 -32.65 13.78 43.97
C PHE B 200 -32.07 12.53 44.61
N SER B 201 -31.83 11.51 43.79
CA SER B 201 -31.14 10.30 44.21
C SER B 201 -30.53 9.64 42.98
N ALA B 202 -29.25 9.32 43.08
CA ALA B 202 -28.48 8.82 41.94
C ALA B 202 -28.42 7.30 41.96
N LEU B 203 -28.60 6.70 40.78
CA LEU B 203 -28.56 5.25 40.64
C LEU B 203 -27.12 4.78 40.49
N GLU B 204 -26.83 3.64 41.10
CA GLU B 204 -25.47 3.10 41.11
C GLU B 204 -25.34 1.91 40.18
N PRO B 205 -24.15 1.67 39.63
CA PRO B 205 -23.98 0.55 38.70
C PRO B 205 -24.25 -0.79 39.39
N LEU B 206 -25.13 -1.57 38.80
CA LEU B 206 -25.45 -2.90 39.31
C LEU B 206 -24.74 -4.00 38.56
N VAL B 207 -24.97 -4.10 37.24
CA VAL B 207 -24.47 -5.24 36.48
C VAL B 207 -24.05 -4.77 35.09
N ASP B 208 -23.03 -5.44 34.53
CA ASP B 208 -22.62 -5.27 33.14
C ASP B 208 -22.35 -6.65 32.55
N LEU B 209 -22.94 -6.92 31.38
CA LEU B 209 -22.88 -8.25 30.79
C LEU B 209 -22.54 -8.16 29.31
N PRO B 210 -21.53 -8.90 28.83
CA PRO B 210 -21.23 -8.89 27.39
C PRO B 210 -22.01 -9.95 26.61
N ILE B 211 -23.28 -9.66 26.34
CA ILE B 211 -24.14 -10.60 25.65
C ILE B 211 -24.02 -10.50 24.13
N GLY B 212 -23.84 -9.30 23.59
CA GLY B 212 -23.61 -9.15 22.17
C GLY B 212 -24.81 -9.40 21.29
N ILE B 213 -26.02 -9.36 21.85
CA ILE B 213 -27.22 -9.58 21.08
C ILE B 213 -27.88 -8.24 20.77
N ASN B 214 -28.84 -8.27 19.86
CA ASN B 214 -29.56 -7.06 19.45
C ASN B 214 -30.93 -7.04 20.13
N ILE B 215 -31.25 -5.92 20.76
CA ILE B 215 -32.47 -5.77 21.55
C ILE B 215 -33.28 -4.61 20.98
N THR B 216 -34.57 -4.84 20.73
CA THR B 216 -35.43 -3.82 20.15
C THR B 216 -36.74 -3.70 20.92
N ARG B 217 -37.15 -4.77 21.59
CA ARG B 217 -38.41 -4.80 22.30
C ARG B 217 -38.22 -5.49 23.65
N PHE B 218 -39.11 -5.16 24.59
CA PHE B 218 -39.03 -5.76 25.92
C PHE B 218 -40.44 -5.93 26.47
N GLN B 219 -40.53 -6.68 27.57
CA GLN B 219 -41.81 -7.05 28.17
C GLN B 219 -41.60 -7.30 29.66
N THR B 220 -42.63 -7.01 30.44
CA THR B 220 -42.59 -7.20 31.89
C THR B 220 -43.21 -8.54 32.27
N LEU B 221 -42.66 -9.16 33.32
CA LEU B 221 -43.03 -10.50 33.74
C LEU B 221 -43.69 -10.45 35.12
N LEU B 222 -44.83 -11.13 35.25
CA LEU B 222 -45.59 -11.17 36.49
C LEU B 222 -45.76 -12.61 36.97
N ALA B 223 -46.11 -12.76 38.24
CA ALA B 223 -46.31 -14.07 38.85
C ALA B 223 -47.72 -14.15 39.43
N LEU B 224 -48.42 -15.24 39.13
CA LEU B 224 -49.79 -15.45 39.58
C LEU B 224 -49.87 -16.72 40.41
N HIS B 225 -51.02 -16.90 41.06
CA HIS B 225 -51.26 -18.08 41.89
C HIS B 225 -52.39 -18.92 41.31
N ALA B 243 -48.32 -4.71 39.85
CA ALA B 243 -49.42 -4.50 38.93
C ALA B 243 -49.33 -3.13 38.27
N ALA B 244 -48.80 -2.15 38.98
CA ALA B 244 -48.64 -0.80 38.46
C ALA B 244 -47.17 -0.47 38.33
N TYR B 245 -46.80 0.15 37.20
CA TYR B 245 -45.40 0.54 37.01
C TYR B 245 -45.31 1.74 36.08
N TYR B 246 -44.11 2.33 36.04
CA TYR B 246 -43.83 3.52 35.25
C TYR B 246 -42.70 3.24 34.27
N VAL B 247 -42.86 3.74 33.03
CA VAL B 247 -41.88 3.53 31.97
C VAL B 247 -41.54 4.87 31.32
N GLY B 248 -40.23 5.10 31.11
CA GLY B 248 -39.77 6.26 30.38
C GLY B 248 -38.58 5.90 29.51
N TYR B 249 -38.26 6.81 28.58
CA TYR B 249 -37.25 6.56 27.57
C TYR B 249 -36.11 7.56 27.66
N LEU B 250 -34.91 7.13 27.26
CA LEU B 250 -33.70 7.94 27.36
C LEU B 250 -33.39 8.63 26.03
N GLN B 251 -32.68 9.74 26.11
CA GLN B 251 -32.29 10.55 24.96
C GLN B 251 -30.89 11.10 25.18
N PRO B 252 -30.15 11.38 24.10
CA PRO B 252 -28.78 11.91 24.24
C PRO B 252 -28.80 13.37 24.66
N ARG B 253 -28.31 13.66 25.85
CA ARG B 253 -28.28 15.02 26.36
C ARG B 253 -27.00 15.24 27.16
N THR B 254 -26.70 16.51 27.41
CA THR B 254 -25.58 16.91 28.24
C THR B 254 -26.07 17.47 29.58
N PHE B 255 -25.41 17.03 30.65
CA PHE B 255 -25.80 17.35 32.01
C PHE B 255 -24.61 17.91 32.76
N LEU B 256 -24.90 18.67 33.82
CA LEU B 256 -23.86 19.19 34.71
C LEU B 256 -24.15 18.67 36.12
N LEU B 257 -23.23 17.84 36.64
CA LEU B 257 -23.41 17.14 37.89
C LEU B 257 -22.52 17.72 38.98
N LYS B 258 -22.96 17.57 40.22
CA LYS B 258 -22.24 18.08 41.38
C LYS B 258 -21.80 16.92 42.27
N TYR B 259 -20.53 16.91 42.65
CA TYR B 259 -19.98 15.89 43.54
C TYR B 259 -19.55 16.54 44.85
N ASN B 260 -20.03 16.00 45.97
CA ASN B 260 -19.59 16.46 47.28
C ASN B 260 -18.26 15.80 47.64
N GLU B 261 -17.79 16.06 48.86
CA GLU B 261 -16.46 15.60 49.25
C GLU B 261 -16.41 14.08 49.43
N ASN B 262 -17.54 13.44 49.70
CA ASN B 262 -17.57 12.00 49.83
C ASN B 262 -17.66 11.28 48.49
N GLY B 263 -17.80 12.01 47.39
CA GLY B 263 -17.87 11.40 46.08
C GLY B 263 -19.26 11.04 45.60
N THR B 264 -20.31 11.55 46.24
CA THR B 264 -21.67 11.23 45.87
C THR B 264 -22.28 12.39 45.08
N ILE B 265 -23.05 12.04 44.04
CA ILE B 265 -23.76 13.02 43.24
C ILE B 265 -24.94 13.53 44.05
N THR B 266 -25.02 14.86 44.21
CA THR B 266 -26.08 15.46 45.01
C THR B 266 -27.00 16.39 44.23
N ASP B 267 -26.60 16.83 43.04
CA ASP B 267 -27.42 17.76 42.28
C ASP B 267 -27.00 17.72 40.82
N ALA B 268 -27.93 18.10 39.94
CA ALA B 268 -27.68 18.07 38.51
C ALA B 268 -28.46 19.19 37.83
N VAL B 269 -27.99 19.57 36.65
CA VAL B 269 -28.61 20.60 35.82
C VAL B 269 -28.68 20.08 34.39
N ASP B 270 -29.87 20.22 33.79
CA ASP B 270 -30.09 19.86 32.39
C ASP B 270 -29.85 21.09 31.53
N CYS B 271 -28.91 20.99 30.59
CA CYS B 271 -28.48 22.16 29.84
C CYS B 271 -29.58 22.70 28.93
N ALA B 272 -30.29 21.82 28.23
CA ALA B 272 -31.21 22.22 27.18
C ALA B 272 -32.65 22.36 27.66
N LEU B 273 -32.85 22.71 28.92
CA LEU B 273 -34.21 22.87 29.46
C LEU B 273 -34.70 24.32 29.33
N ASP B 274 -33.93 25.27 29.84
CA ASP B 274 -34.32 26.66 29.94
C ASP B 274 -33.13 27.53 29.57
N PRO B 275 -33.37 28.80 29.24
CA PRO B 275 -32.23 29.73 29.10
C PRO B 275 -31.39 29.87 30.36
N LEU B 276 -32.02 29.82 31.54
CA LEU B 276 -31.27 29.97 32.78
C LEU B 276 -30.33 28.80 33.00
N SER B 277 -30.79 27.57 32.74
CA SER B 277 -29.93 26.41 32.90
C SER B 277 -28.81 26.43 31.86
N GLU B 278 -29.08 26.94 30.66
CA GLU B 278 -28.04 27.10 29.66
C GLU B 278 -26.97 28.08 30.13
N THR B 279 -27.40 29.18 30.76
CA THR B 279 -26.43 30.12 31.31
C THR B 279 -25.60 29.46 32.42
N LYS B 280 -26.25 28.70 33.30
CA LYS B 280 -25.54 28.00 34.36
C LYS B 280 -24.50 27.06 33.79
N CYS B 281 -24.83 26.37 32.70
CA CYS B 281 -23.90 25.42 32.11
C CYS B 281 -22.77 26.09 31.35
N THR B 282 -23.03 27.24 30.72
CA THR B 282 -21.93 27.98 30.10
C THR B 282 -20.98 28.56 31.15
N LEU B 283 -21.53 29.00 32.28
CA LEU B 283 -20.69 29.53 33.35
C LEU B 283 -20.06 28.45 34.22
N LYS B 284 -20.51 27.19 34.07
CA LYS B 284 -20.01 26.08 34.88
C LYS B 284 -20.19 26.34 36.37
N SER B 285 -21.38 26.80 36.75
CA SER B 285 -21.67 27.09 38.14
C SER B 285 -23.16 26.96 38.38
N PHE B 286 -23.53 26.75 39.65
CA PHE B 286 -24.93 26.63 40.03
C PHE B 286 -25.54 27.96 40.47
N THR B 287 -24.73 29.00 40.66
CA THR B 287 -25.22 30.33 40.97
C THR B 287 -24.64 31.32 39.98
N VAL B 288 -25.48 32.17 39.42
CA VAL B 288 -25.06 33.19 38.48
C VAL B 288 -25.45 34.55 39.06
N GLU B 289 -24.56 35.53 38.88
CA GLU B 289 -24.78 36.86 39.40
C GLU B 289 -25.35 37.77 38.29
N LYS B 290 -25.72 38.98 38.68
CA LYS B 290 -26.41 39.90 37.79
C LYS B 290 -25.50 40.30 36.62
N GLY B 291 -26.06 40.29 35.41
CA GLY B 291 -25.32 40.64 34.22
C GLY B 291 -26.03 40.13 32.99
N ILE B 292 -25.32 40.22 31.87
CA ILE B 292 -25.81 39.74 30.57
C ILE B 292 -24.77 38.80 29.99
N TYR B 293 -25.21 37.63 29.53
CA TYR B 293 -24.33 36.55 29.14
C TYR B 293 -24.68 36.05 27.75
N GLN B 294 -23.68 35.92 26.89
CA GLN B 294 -23.86 35.37 25.56
C GLN B 294 -23.78 33.85 25.66
N THR B 295 -24.91 33.18 25.50
CA THR B 295 -24.96 31.73 25.63
C THR B 295 -25.12 31.01 24.31
N SER B 296 -26.09 31.40 23.48
CA SER B 296 -26.47 30.51 22.39
C SER B 296 -26.32 31.19 21.04
N ASN B 297 -26.54 30.41 19.99
CA ASN B 297 -26.52 30.88 18.62
C ASN B 297 -27.80 30.43 17.94
N PHE B 298 -28.30 31.26 17.03
CA PHE B 298 -29.58 31.03 16.38
C PHE B 298 -29.43 31.13 14.87
N ARG B 299 -29.97 30.13 14.15
CA ARG B 299 -30.01 30.16 12.70
C ARG B 299 -31.28 29.46 12.22
N VAL B 300 -31.98 30.09 11.29
CA VAL B 300 -33.19 29.50 10.74
C VAL B 300 -32.81 28.41 9.74
N GLN B 301 -33.64 27.38 9.65
CA GLN B 301 -33.32 26.21 8.86
C GLN B 301 -34.12 26.16 7.57
N PRO B 302 -33.58 25.54 6.52
CA PRO B 302 -34.34 25.46 5.26
C PRO B 302 -35.42 24.39 5.33
N THR B 303 -36.47 24.62 4.53
CA THR B 303 -37.66 23.79 4.57
C THR B 303 -38.01 23.14 3.25
N GLU B 304 -37.30 23.46 2.17
CA GLU B 304 -37.67 22.96 0.86
C GLU B 304 -36.45 22.93 -0.04
N SER B 305 -36.57 22.16 -1.12
CA SER B 305 -35.51 22.02 -2.13
C SER B 305 -36.06 22.43 -3.48
N ILE B 306 -35.26 23.19 -4.23
CA ILE B 306 -35.64 23.70 -5.54
C ILE B 306 -34.54 23.37 -6.52
N VAL B 307 -34.90 22.82 -7.67
CA VAL B 307 -33.95 22.56 -8.75
C VAL B 307 -34.53 23.14 -10.03
N ARG B 308 -33.72 23.91 -10.76
CA ARG B 308 -34.20 24.54 -11.99
C ARG B 308 -33.19 24.34 -13.11
N PHE B 309 -33.68 23.86 -14.25
CA PHE B 309 -32.89 23.61 -15.45
C PHE B 309 -33.65 24.07 -16.68
N PRO B 310 -32.98 24.32 -17.79
CA PRO B 310 -33.69 24.74 -19.00
C PRO B 310 -34.60 23.65 -19.56
N ASN B 311 -35.41 24.03 -20.54
CA ASN B 311 -36.43 23.16 -21.09
C ASN B 311 -35.79 21.96 -21.80
N ILE B 312 -36.52 20.86 -21.81
CA ILE B 312 -36.09 19.62 -22.47
C ILE B 312 -36.54 19.65 -23.92
N THR B 313 -35.61 19.47 -24.84
CA THR B 313 -35.90 19.49 -26.26
C THR B 313 -34.75 18.83 -27.01
N ASN B 314 -34.93 18.66 -28.32
CA ASN B 314 -33.95 18.05 -29.20
C ASN B 314 -33.61 16.62 -28.75
N LEU B 315 -34.63 15.77 -28.84
CA LEU B 315 -34.51 14.39 -28.38
C LEU B 315 -33.75 13.54 -29.39
N CYS B 316 -33.07 12.52 -28.88
CA CYS B 316 -32.31 11.62 -29.74
C CYS B 316 -33.26 10.72 -30.53
N PRO B 317 -32.88 10.33 -31.75
CA PRO B 317 -33.77 9.53 -32.61
C PRO B 317 -33.67 8.03 -32.35
N PHE B 318 -34.15 7.60 -31.19
CA PHE B 318 -34.21 6.17 -30.91
C PHE B 318 -35.38 5.52 -31.64
N ASP B 319 -36.43 6.29 -31.91
CA ASP B 319 -37.61 5.75 -32.57
C ASP B 319 -37.28 5.27 -33.98
N GLU B 320 -36.39 5.96 -34.68
CA GLU B 320 -36.00 5.52 -36.02
C GLU B 320 -35.33 4.15 -35.98
N VAL B 321 -34.47 3.93 -35.00
CA VAL B 321 -33.78 2.65 -34.89
C VAL B 321 -34.74 1.54 -34.48
N PHE B 322 -35.61 1.81 -33.50
CA PHE B 322 -36.45 0.75 -32.96
C PHE B 322 -37.61 0.42 -33.90
N ASN B 323 -38.15 1.41 -34.60
CA ASN B 323 -39.22 1.20 -35.57
C ASN B 323 -38.74 1.70 -36.93
N ALA B 324 -38.71 0.81 -37.91
CA ALA B 324 -38.30 1.16 -39.26
C ALA B 324 -39.00 0.23 -40.24
N THR B 325 -38.51 0.21 -41.48
CA THR B 325 -39.09 -0.66 -42.50
C THR B 325 -38.66 -2.10 -42.27
N ARG B 326 -37.36 -2.37 -42.41
CA ARG B 326 -36.83 -3.71 -42.21
C ARG B 326 -35.44 -3.58 -41.59
N PHE B 327 -35.10 -4.49 -40.70
CA PHE B 327 -33.78 -4.46 -40.10
C PHE B 327 -32.78 -5.12 -41.03
N ALA B 328 -31.51 -4.76 -40.84
CA ALA B 328 -30.46 -5.22 -41.76
C ALA B 328 -30.25 -6.72 -41.65
N SER B 329 -29.34 -7.26 -42.46
CA SER B 329 -29.04 -8.68 -42.44
C SER B 329 -27.73 -8.87 -41.69
N VAL B 330 -27.76 -9.69 -40.65
CA VAL B 330 -26.61 -9.90 -39.76
C VAL B 330 -25.19 -9.69 -40.33
N TYR B 331 -24.80 -10.45 -41.35
CA TYR B 331 -23.49 -10.27 -41.94
C TYR B 331 -23.27 -8.83 -42.39
N ALA B 332 -24.34 -8.15 -42.78
CA ALA B 332 -24.26 -6.76 -43.23
C ALA B 332 -24.95 -5.75 -42.31
N TRP B 333 -24.81 -5.88 -41.00
CA TRP B 333 -25.54 -5.01 -40.06
C TRP B 333 -25.32 -3.50 -40.17
N ASN B 334 -26.13 -2.70 -39.48
CA ASN B 334 -26.04 -1.25 -39.53
C ASN B 334 -25.50 -0.71 -38.22
N ARG B 335 -24.77 0.40 -38.33
CA ARG B 335 -24.25 1.09 -37.16
C ARG B 335 -24.60 2.57 -37.30
N LYS B 336 -25.33 3.10 -36.33
CA LYS B 336 -25.80 4.47 -36.34
C LYS B 336 -25.15 5.22 -35.19
N ARG B 337 -24.57 6.38 -35.50
CA ARG B 337 -23.91 7.21 -34.49
C ARG B 337 -24.88 8.26 -33.99
N ILE B 338 -25.03 8.34 -32.67
CA ILE B 338 -25.96 9.26 -32.02
C ILE B 338 -25.14 10.17 -31.12
N SER B 339 -25.26 11.48 -31.32
CA SER B 339 -24.53 12.45 -30.52
C SER B 339 -25.22 13.80 -30.61
N ASN B 340 -24.90 14.67 -29.64
CA ASN B 340 -25.43 16.03 -29.57
C ASN B 340 -26.95 16.04 -29.49
N CYS B 341 -27.47 15.33 -28.49
CA CYS B 341 -28.90 15.30 -28.23
C CYS B 341 -29.12 14.87 -26.79
N VAL B 342 -30.38 14.85 -26.37
CA VAL B 342 -30.78 14.42 -25.03
C VAL B 342 -31.47 13.08 -25.16
N ALA B 343 -30.96 12.08 -24.45
CA ALA B 343 -31.44 10.71 -24.57
C ALA B 343 -32.25 10.34 -23.33
N ASP B 344 -33.50 9.94 -23.54
CA ASP B 344 -34.36 9.48 -22.46
C ASP B 344 -34.64 7.99 -22.68
N TYR B 345 -34.03 7.15 -21.85
CA TYR B 345 -34.18 5.71 -21.98
C TYR B 345 -35.41 5.19 -21.24
N SER B 346 -36.55 5.80 -21.52
CA SER B 346 -37.81 5.39 -20.92
C SER B 346 -38.86 5.19 -21.99
N VAL B 347 -38.76 5.96 -23.07
CA VAL B 347 -39.68 5.81 -24.19
C VAL B 347 -39.39 4.55 -24.99
N LEU B 348 -38.37 3.80 -24.58
CA LEU B 348 -38.01 2.56 -25.27
C LEU B 348 -39.16 1.56 -25.23
N TYR B 349 -39.85 1.49 -24.10
CA TYR B 349 -40.81 0.41 -23.86
C TYR B 349 -42.01 0.49 -24.80
N ASN B 350 -42.21 1.63 -25.46
CA ASN B 350 -43.29 1.73 -26.43
C ASN B 350 -43.00 0.87 -27.67
N PHE B 351 -41.72 0.72 -28.03
CA PHE B 351 -41.33 0.02 -29.25
C PHE B 351 -41.05 -1.46 -28.99
N ALA B 352 -41.61 -2.02 -27.93
CA ALA B 352 -41.57 -3.44 -27.59
C ALA B 352 -40.18 -4.01 -27.34
N PRO B 353 -39.48 -3.58 -26.29
CA PRO B 353 -38.34 -4.40 -25.80
C PRO B 353 -38.78 -5.43 -24.77
N PHE B 354 -39.46 -6.49 -25.18
CA PHE B 354 -40.00 -7.48 -24.25
C PHE B 354 -39.16 -8.73 -24.12
N PHE B 355 -38.78 -9.37 -25.23
CA PHE B 355 -38.20 -10.71 -25.17
C PHE B 355 -36.90 -10.74 -24.35
N ALA B 356 -36.05 -9.74 -24.53
CA ALA B 356 -34.79 -9.69 -23.79
C ALA B 356 -34.42 -8.25 -23.52
N PHE B 357 -33.89 -8.00 -22.33
CA PHE B 357 -33.38 -6.69 -21.97
C PHE B 357 -32.30 -6.86 -20.90
N LYS B 358 -31.05 -6.90 -21.33
CA LYS B 358 -29.92 -7.11 -20.42
C LYS B 358 -28.89 -6.01 -20.66
N CYS B 359 -28.31 -5.50 -19.57
CA CYS B 359 -27.42 -4.33 -19.62
C CYS B 359 -26.14 -4.63 -18.84
N TYR B 360 -25.07 -4.92 -19.58
CA TYR B 360 -23.75 -5.03 -18.98
C TYR B 360 -23.17 -3.65 -18.69
N GLY B 361 -22.36 -3.59 -17.64
CA GLY B 361 -21.60 -2.39 -17.32
C GLY B 361 -22.41 -1.20 -16.87
N VAL B 362 -23.73 -1.26 -17.04
CA VAL B 362 -24.60 -0.13 -16.68
C VAL B 362 -25.79 -0.66 -15.87
N SER B 363 -26.70 0.24 -15.51
CA SER B 363 -27.91 -0.13 -14.77
C SER B 363 -29.11 0.35 -15.57
N PRO B 364 -30.12 -0.50 -15.79
CA PRO B 364 -31.26 -0.08 -16.60
C PRO B 364 -32.02 1.12 -16.05
N THR B 365 -31.94 1.36 -14.74
CA THR B 365 -32.62 2.51 -14.15
C THR B 365 -31.78 3.78 -14.22
N LYS B 366 -30.54 3.73 -13.76
CA LYS B 366 -29.67 4.91 -13.74
C LYS B 366 -28.94 5.08 -15.07
N LEU B 367 -29.70 5.09 -16.16
CA LEU B 367 -29.12 5.28 -17.49
C LEU B 367 -29.14 6.76 -17.89
N ASN B 368 -30.28 7.42 -17.73
CA ASN B 368 -30.38 8.83 -18.10
C ASN B 368 -29.76 9.74 -17.05
N ASP B 369 -29.06 9.16 -16.06
CA ASP B 369 -28.40 9.96 -15.04
C ASP B 369 -26.93 10.13 -15.44
N LEU B 370 -26.55 9.58 -16.59
CA LEU B 370 -25.16 9.57 -17.02
C LEU B 370 -25.00 10.40 -18.30
N CYS B 371 -23.75 10.78 -18.57
CA CYS B 371 -23.39 11.53 -19.76
C CYS B 371 -22.29 10.80 -20.51
N PHE B 372 -22.42 10.73 -21.83
CA PHE B 372 -21.45 10.05 -22.68
C PHE B 372 -21.11 10.91 -23.88
N THR B 373 -19.93 10.66 -24.46
CA THR B 373 -19.51 11.43 -25.62
C THR B 373 -20.31 11.04 -26.86
N ASN B 374 -20.56 9.75 -27.06
CA ASN B 374 -21.39 9.28 -28.16
C ASN B 374 -21.86 7.86 -27.85
N VAL B 375 -22.92 7.47 -28.54
CA VAL B 375 -23.52 6.14 -28.38
C VAL B 375 -23.83 5.59 -29.76
N TYR B 376 -23.63 4.29 -29.94
CA TYR B 376 -23.88 3.61 -31.20
C TYR B 376 -25.03 2.62 -31.05
N ALA B 377 -25.73 2.38 -32.15
CA ALA B 377 -26.87 1.47 -32.17
C ALA B 377 -26.72 0.51 -33.34
N ASP B 378 -26.48 -0.75 -33.04
CA ASP B 378 -26.32 -1.79 -34.05
C ASP B 378 -27.58 -2.66 -34.08
N SER B 379 -28.28 -2.64 -35.20
CA SER B 379 -29.54 -3.37 -35.32
C SER B 379 -29.48 -4.35 -36.48
N PHE B 380 -30.06 -5.53 -36.27
CA PHE B 380 -30.08 -6.56 -37.30
C PHE B 380 -31.19 -7.56 -37.01
N VAL B 381 -31.26 -8.60 -37.82
CA VAL B 381 -32.23 -9.69 -37.68
C VAL B 381 -31.48 -11.01 -37.61
N ILE B 382 -31.74 -11.78 -36.56
CA ILE B 382 -31.23 -13.14 -36.43
C ILE B 382 -32.39 -14.07 -36.09
N ARG B 383 -32.09 -15.36 -36.12
CA ARG B 383 -33.07 -16.37 -35.76
C ARG B 383 -33.29 -16.39 -34.24
N GLY B 384 -34.46 -16.85 -33.83
CA GLY B 384 -34.85 -16.85 -32.43
C GLY B 384 -34.03 -17.71 -31.52
N ASN B 385 -33.09 -18.48 -32.05
CA ASN B 385 -32.26 -19.37 -31.25
C ASN B 385 -30.83 -18.87 -31.11
N GLU B 386 -30.44 -17.83 -31.84
CA GLU B 386 -29.08 -17.31 -31.79
C GLU B 386 -28.93 -16.12 -30.85
N VAL B 387 -29.98 -15.75 -30.12
CA VAL B 387 -29.92 -14.57 -29.26
C VAL B 387 -28.90 -14.78 -28.14
N SER B 388 -28.80 -16.02 -27.64
CA SER B 388 -27.85 -16.30 -26.57
C SER B 388 -26.41 -16.02 -27.00
N GLN B 389 -26.11 -16.12 -28.29
CA GLN B 389 -24.75 -15.90 -28.74
C GLN B 389 -24.34 -14.44 -28.69
N ILE B 390 -25.28 -13.52 -28.49
CA ILE B 390 -24.95 -12.10 -28.44
C ILE B 390 -24.63 -11.71 -27.00
N ALA B 391 -23.37 -11.89 -26.61
CA ALA B 391 -22.90 -11.61 -25.26
C ALA B 391 -21.37 -11.73 -25.25
N PRO B 392 -20.68 -11.07 -24.33
CA PRO B 392 -19.21 -11.22 -24.28
C PRO B 392 -18.81 -12.66 -24.00
N GLY B 393 -17.76 -13.10 -24.67
CA GLY B 393 -17.27 -14.46 -24.51
C GLY B 393 -18.27 -15.52 -24.95
N GLN B 394 -18.56 -15.55 -26.25
CA GLN B 394 -19.54 -16.48 -26.81
C GLN B 394 -19.01 -17.09 -28.09
N THR B 395 -19.54 -18.25 -28.45
CA THR B 395 -19.13 -18.97 -29.66
C THR B 395 -20.35 -19.48 -30.41
N GLY B 396 -20.19 -19.64 -31.71
CA GLY B 396 -21.27 -20.11 -32.56
C GLY B 396 -21.13 -19.51 -33.95
N ASN B 397 -22.19 -19.70 -34.75
CA ASN B 397 -22.22 -19.13 -36.08
C ASN B 397 -22.18 -17.61 -36.03
N ILE B 398 -23.07 -17.01 -35.23
CA ILE B 398 -23.18 -15.57 -35.15
C ILE B 398 -21.99 -14.91 -34.46
N ALA B 399 -21.41 -15.58 -33.46
CA ALA B 399 -20.32 -15.00 -32.69
C ALA B 399 -18.95 -15.13 -33.34
N ASP B 400 -18.81 -16.00 -34.34
CA ASP B 400 -17.52 -16.20 -34.98
C ASP B 400 -17.47 -15.74 -36.43
N TYR B 401 -18.59 -15.78 -37.15
CA TYR B 401 -18.59 -15.40 -38.56
C TYR B 401 -19.43 -14.16 -38.85
N ASN B 402 -19.97 -13.50 -37.82
CA ASN B 402 -20.83 -12.34 -37.99
C ASN B 402 -20.50 -11.36 -36.87
N TYR B 403 -21.44 -10.45 -36.60
CA TYR B 403 -21.34 -9.48 -35.52
C TYR B 403 -20.74 -10.07 -34.24
N LYS B 404 -19.72 -9.40 -33.71
CA LYS B 404 -18.95 -9.89 -32.58
C LYS B 404 -18.80 -8.78 -31.53
N LEU B 405 -19.00 -9.14 -30.24
CA LEU B 405 -18.89 -8.17 -29.14
C LEU B 405 -17.58 -8.34 -28.40
N PRO B 406 -16.96 -7.24 -27.95
CA PRO B 406 -15.74 -7.36 -27.14
C PRO B 406 -16.04 -8.00 -25.81
N ASP B 407 -14.98 -8.48 -25.14
CA ASP B 407 -15.14 -9.04 -23.81
C ASP B 407 -15.63 -8.00 -22.82
N ASP B 408 -15.11 -6.78 -22.90
CA ASP B 408 -15.49 -5.71 -21.98
C ASP B 408 -16.55 -4.81 -22.63
N PHE B 409 -17.78 -5.31 -22.63
CA PHE B 409 -18.90 -4.59 -23.18
C PHE B 409 -19.51 -3.64 -22.15
N THR B 410 -19.89 -2.46 -22.61
CA THR B 410 -20.43 -1.40 -21.76
C THR B 410 -21.74 -0.89 -22.32
N GLY B 411 -22.69 -1.77 -22.54
CA GLY B 411 -23.97 -1.38 -23.08
C GLY B 411 -25.05 -2.39 -22.78
N CYS B 412 -26.08 -2.37 -23.62
CA CYS B 412 -27.23 -3.24 -23.48
C CYS B 412 -27.52 -3.95 -24.80
N VAL B 413 -28.26 -5.05 -24.70
CA VAL B 413 -28.76 -5.79 -25.85
C VAL B 413 -30.28 -5.83 -25.74
N ILE B 414 -30.95 -5.62 -26.87
CA ILE B 414 -32.42 -5.56 -26.91
C ILE B 414 -32.94 -6.41 -28.05
N ALA B 415 -33.80 -7.39 -27.74
CA ALA B 415 -34.35 -8.28 -28.74
C ALA B 415 -35.84 -8.51 -28.48
N TRP B 416 -36.62 -8.57 -29.55
CA TRP B 416 -38.04 -8.87 -29.44
C TRP B 416 -38.51 -9.61 -30.68
N ASN B 417 -39.52 -10.46 -30.49
CA ASN B 417 -40.03 -11.27 -31.59
C ASN B 417 -40.82 -10.44 -32.57
N SER B 418 -40.66 -10.73 -33.86
CA SER B 418 -41.35 -10.04 -34.94
C SER B 418 -41.89 -11.03 -35.95
N ASN B 419 -42.59 -12.07 -35.47
CA ASN B 419 -43.04 -13.14 -36.35
C ASN B 419 -44.03 -12.61 -37.38
N LYS B 420 -44.95 -11.74 -36.97
CA LYS B 420 -46.02 -11.27 -37.85
C LYS B 420 -45.58 -9.99 -38.58
N LEU B 421 -44.27 -9.84 -38.69
CA LEU B 421 -43.71 -8.64 -39.33
C LEU B 421 -42.68 -9.01 -40.38
N ASP B 422 -42.04 -10.17 -40.23
CA ASP B 422 -41.00 -10.61 -41.14
C ASP B 422 -41.29 -11.93 -41.83
N SER B 423 -42.04 -12.82 -41.20
CA SER B 423 -42.34 -14.13 -41.73
C SER B 423 -43.55 -14.05 -42.65
N LYS B 424 -43.34 -14.27 -43.94
CA LYS B 424 -44.40 -14.25 -44.93
C LYS B 424 -44.57 -15.64 -45.54
N VAL B 425 -45.71 -15.85 -46.18
CA VAL B 425 -46.03 -17.14 -46.78
C VAL B 425 -45.04 -17.43 -47.91
N GLY B 426 -44.48 -18.63 -47.89
CA GLY B 426 -43.48 -19.02 -48.86
C GLY B 426 -42.05 -18.87 -48.40
N GLY B 427 -41.81 -18.11 -47.35
CA GLY B 427 -40.46 -17.91 -46.85
C GLY B 427 -39.86 -16.59 -47.28
N ASN B 428 -39.44 -15.79 -46.30
CA ASN B 428 -38.82 -14.49 -46.58
C ASN B 428 -37.35 -14.73 -46.87
N TYR B 429 -36.98 -14.74 -48.15
CA TYR B 429 -35.59 -14.95 -48.53
C TYR B 429 -34.85 -13.62 -48.65
N ASN B 430 -34.92 -12.79 -47.60
CA ASN B 430 -34.27 -11.48 -47.61
C ASN B 430 -33.33 -11.30 -46.43
N TYR B 431 -33.03 -12.36 -45.71
CA TYR B 431 -32.14 -12.31 -44.54
C TYR B 431 -31.13 -13.45 -44.66
N LEU B 432 -29.86 -13.10 -44.80
CA LEU B 432 -28.80 -14.07 -45.03
C LEU B 432 -27.81 -14.00 -43.88
N TYR B 433 -27.09 -15.10 -43.68
CA TYR B 433 -26.02 -15.13 -42.68
C TYR B 433 -24.84 -15.91 -43.23
N ARG B 434 -23.63 -15.45 -42.93
CA ARG B 434 -22.43 -16.11 -43.39
C ARG B 434 -22.32 -17.51 -42.79
N LEU B 435 -21.99 -18.48 -43.63
CA LEU B 435 -21.99 -19.89 -43.22
C LEU B 435 -20.62 -20.35 -42.72
N PHE B 436 -19.55 -19.90 -43.37
CA PHE B 436 -18.21 -20.30 -43.00
C PHE B 436 -17.25 -19.17 -43.33
N ARG B 437 -16.06 -19.23 -42.76
CA ARG B 437 -15.07 -18.20 -42.98
C ARG B 437 -13.72 -18.68 -42.46
N LYS B 438 -12.65 -18.19 -43.08
CA LYS B 438 -11.31 -18.69 -42.79
C LYS B 438 -10.91 -18.48 -41.33
N SER B 439 -11.35 -17.37 -40.72
CA SER B 439 -10.92 -17.06 -39.36
C SER B 439 -12.00 -16.33 -38.57
N ASN B 440 -11.63 -15.73 -37.45
CA ASN B 440 -12.57 -15.04 -36.59
C ASN B 440 -12.51 -13.55 -36.85
N LEU B 441 -13.67 -12.90 -36.74
CA LEU B 441 -13.73 -11.46 -36.87
C LEU B 441 -13.11 -10.79 -35.65
N LYS B 442 -12.64 -9.57 -35.83
CA LYS B 442 -12.17 -8.76 -34.72
C LYS B 442 -13.38 -8.14 -34.04
N PRO B 443 -13.24 -7.73 -32.79
CA PRO B 443 -14.38 -7.12 -32.08
C PRO B 443 -14.91 -5.89 -32.82
N PHE B 444 -16.23 -5.85 -33.00
CA PHE B 444 -16.91 -4.76 -33.68
C PHE B 444 -16.39 -4.57 -35.09
N GLU B 445 -15.80 -5.64 -35.64
CA GLU B 445 -15.31 -5.66 -37.00
C GLU B 445 -16.17 -6.62 -37.79
N ARG B 446 -16.48 -6.25 -39.04
CA ARG B 446 -17.40 -7.02 -39.87
C ARG B 446 -16.84 -7.21 -41.27
N ASP B 447 -16.68 -8.48 -41.67
CA ASP B 447 -16.50 -8.82 -43.06
C ASP B 447 -17.79 -8.51 -43.77
N ILE B 448 -17.70 -7.95 -44.98
CA ILE B 448 -18.88 -7.50 -45.71
C ILE B 448 -19.05 -8.16 -47.06
N SER B 449 -17.97 -8.64 -47.69
CA SER B 449 -18.02 -9.15 -49.05
C SER B 449 -18.03 -10.68 -49.04
N THR B 450 -18.09 -11.24 -50.24
CA THR B 450 -18.15 -12.69 -50.42
C THR B 450 -17.35 -13.09 -51.65
N GLU B 451 -16.80 -14.30 -51.60
CA GLU B 451 -16.09 -14.91 -52.72
C GLU B 451 -16.41 -16.40 -52.72
N ILE B 452 -16.37 -17.00 -53.91
CA ILE B 452 -16.58 -18.43 -54.05
C ILE B 452 -15.31 -19.14 -53.62
N TYR B 453 -15.36 -19.80 -52.47
CA TYR B 453 -14.20 -20.52 -51.97
C TYR B 453 -14.00 -21.80 -52.76
N GLN B 454 -12.79 -22.00 -53.27
CA GLN B 454 -12.45 -23.18 -54.06
C GLN B 454 -11.77 -24.19 -53.14
N ALA B 455 -12.46 -25.31 -52.88
CA ALA B 455 -11.95 -26.36 -52.02
C ALA B 455 -11.69 -27.65 -52.81
N GLY B 456 -11.36 -27.53 -54.09
CA GLY B 456 -11.05 -28.67 -54.91
C GLY B 456 -9.74 -28.53 -55.62
N ASN B 457 -9.65 -29.04 -56.85
CA ASN B 457 -8.46 -28.90 -57.67
C ASN B 457 -8.68 -28.13 -58.95
N LYS B 458 -9.93 -27.94 -59.38
CA LYS B 458 -10.20 -27.23 -60.62
C LYS B 458 -10.69 -25.83 -60.34
N PRO B 459 -10.22 -24.82 -61.07
CA PRO B 459 -10.60 -23.43 -60.79
C PRO B 459 -11.99 -23.08 -61.30
N CYS B 460 -13.01 -23.31 -60.47
CA CYS B 460 -14.37 -22.93 -60.85
C CYS B 460 -14.43 -21.47 -61.26
N ASN B 461 -15.06 -21.21 -62.41
CA ASN B 461 -15.06 -19.88 -63.01
C ASN B 461 -16.26 -19.08 -62.49
N GLY B 462 -16.19 -18.74 -61.20
CA GLY B 462 -17.23 -17.94 -60.59
C GLY B 462 -18.59 -18.61 -60.50
N VAL B 463 -18.62 -19.94 -60.51
CA VAL B 463 -19.87 -20.69 -60.44
C VAL B 463 -19.78 -21.64 -59.25
N ALA B 464 -20.81 -21.63 -58.41
CA ALA B 464 -20.84 -22.45 -57.21
C ALA B 464 -21.43 -23.82 -57.54
N GLY B 465 -20.62 -24.86 -57.41
CA GLY B 465 -21.06 -26.21 -57.67
C GLY B 465 -20.54 -27.19 -56.63
N PHE B 466 -19.90 -28.25 -57.08
CA PHE B 466 -19.26 -29.21 -56.19
C PHE B 466 -17.82 -28.78 -55.94
N ASN B 467 -17.41 -28.79 -54.67
CA ASN B 467 -16.10 -28.34 -54.22
C ASN B 467 -15.88 -26.85 -54.47
N CYS B 468 -16.95 -26.08 -54.67
CA CYS B 468 -16.86 -24.64 -54.85
C CYS B 468 -18.12 -24.03 -54.24
N TYR B 469 -17.97 -23.37 -53.10
CA TYR B 469 -19.11 -22.98 -52.27
C TYR B 469 -19.25 -21.47 -52.20
N PHE B 470 -20.50 -21.03 -52.08
CA PHE B 470 -20.84 -19.62 -51.88
C PHE B 470 -21.21 -19.42 -50.43
N PRO B 471 -20.52 -18.55 -49.69
CA PRO B 471 -20.63 -18.53 -48.23
C PRO B 471 -21.75 -17.61 -47.72
N LEU B 472 -22.96 -17.78 -48.27
CA LEU B 472 -24.13 -17.05 -47.77
C LEU B 472 -25.34 -17.95 -47.91
N ARG B 473 -25.86 -18.40 -46.77
CA ARG B 473 -27.13 -19.10 -46.71
C ARG B 473 -28.19 -18.16 -46.14
N SER B 474 -29.41 -18.28 -46.66
CA SER B 474 -30.49 -17.39 -46.28
C SER B 474 -31.46 -18.10 -45.35
N TYR B 475 -32.10 -17.33 -44.48
CA TYR B 475 -33.16 -17.85 -43.65
C TYR B 475 -34.40 -18.12 -44.52
N GLY B 476 -35.28 -18.97 -43.99
CA GLY B 476 -36.49 -19.32 -44.69
C GLY B 476 -37.73 -19.05 -43.87
N PHE B 477 -37.78 -17.91 -43.20
CA PHE B 477 -38.82 -17.61 -42.23
C PHE B 477 -40.21 -17.78 -42.84
N ARG B 478 -40.97 -18.73 -42.29
CA ARG B 478 -42.36 -18.95 -42.65
C ARG B 478 -43.25 -18.85 -41.42
N PRO B 479 -44.50 -18.39 -41.57
CA PRO B 479 -45.35 -18.16 -40.39
C PRO B 479 -45.65 -19.40 -39.58
N THR B 480 -45.53 -20.59 -40.16
CA THR B 480 -45.92 -21.82 -39.50
C THR B 480 -44.80 -22.46 -38.69
N TYR B 481 -43.62 -21.84 -38.64
CA TYR B 481 -42.53 -22.37 -37.84
C TYR B 481 -42.83 -22.22 -36.35
N GLY B 482 -41.98 -22.81 -35.54
CA GLY B 482 -42.09 -22.74 -34.10
C GLY B 482 -41.06 -21.79 -33.50
N VAL B 483 -41.32 -21.39 -32.26
CA VAL B 483 -40.40 -20.48 -31.57
C VAL B 483 -39.04 -21.15 -31.46
N GLY B 484 -37.99 -20.34 -31.59
CA GLY B 484 -36.64 -20.83 -31.76
C GLY B 484 -36.21 -20.86 -33.21
N HIS B 485 -37.15 -20.75 -34.14
CA HIS B 485 -36.82 -20.63 -35.56
C HIS B 485 -37.56 -19.46 -36.20
N GLN B 486 -38.18 -18.59 -35.41
CA GLN B 486 -38.94 -17.44 -35.88
C GLN B 486 -38.08 -16.19 -35.90
N PRO B 487 -38.39 -15.23 -36.76
CA PRO B 487 -37.53 -14.04 -36.87
C PRO B 487 -37.55 -13.19 -35.61
N TYR B 488 -36.41 -12.57 -35.33
CA TYR B 488 -36.24 -11.67 -34.20
C TYR B 488 -35.51 -10.42 -34.66
N ARG B 489 -35.73 -9.31 -33.95
CA ARG B 489 -35.04 -8.06 -34.21
C ARG B 489 -34.16 -7.72 -33.02
N VAL B 490 -32.90 -7.38 -33.29
CA VAL B 490 -31.92 -7.16 -32.23
C VAL B 490 -31.32 -5.76 -32.38
N VAL B 491 -31.23 -5.06 -31.25
CA VAL B 491 -30.56 -3.76 -31.17
C VAL B 491 -29.52 -3.87 -30.06
N VAL B 492 -28.29 -3.44 -30.36
CA VAL B 492 -27.20 -3.41 -29.39
C VAL B 492 -26.76 -1.97 -29.22
N LEU B 493 -26.73 -1.49 -27.98
CA LEU B 493 -26.34 -0.12 -27.66
C LEU B 493 -24.97 -0.13 -27.00
N SER B 494 -24.08 0.71 -27.49
CA SER B 494 -22.71 0.81 -26.97
C SER B 494 -22.49 2.22 -26.45
N PHE B 495 -22.14 2.33 -25.17
CA PHE B 495 -21.89 3.60 -24.52
C PHE B 495 -20.38 3.83 -24.43
N GLU B 496 -19.93 5.01 -24.84
CA GLU B 496 -18.52 5.32 -24.95
C GLU B 496 -18.19 6.58 -24.18
N LEU B 497 -17.21 6.50 -23.28
CA LEU B 497 -16.68 7.65 -22.57
C LEU B 497 -15.28 7.93 -23.11
N LEU B 498 -15.20 8.78 -24.13
CA LEU B 498 -13.94 9.11 -24.78
C LEU B 498 -13.39 10.39 -24.13
N HIS B 499 -12.26 10.90 -24.61
CA HIS B 499 -11.67 12.13 -24.10
C HIS B 499 -12.21 13.28 -24.96
N ALA B 500 -13.37 13.79 -24.55
CA ALA B 500 -14.06 14.87 -25.25
C ALA B 500 -15.22 15.35 -24.38
N PRO B 501 -15.74 16.55 -24.61
CA PRO B 501 -16.91 16.99 -23.85
C PRO B 501 -18.10 16.05 -24.04
N ALA B 502 -18.81 15.79 -22.95
CA ALA B 502 -19.94 14.86 -22.98
C ALA B 502 -21.17 15.58 -23.53
N THR B 503 -21.61 15.17 -24.72
CA THR B 503 -22.72 15.83 -25.40
C THR B 503 -23.96 14.95 -25.48
N VAL B 504 -23.96 13.78 -24.85
CA VAL B 504 -25.13 12.91 -24.78
C VAL B 504 -25.44 12.68 -23.31
N CYS B 505 -26.48 13.34 -22.82
CA CYS B 505 -26.90 13.25 -21.43
C CYS B 505 -28.39 12.90 -21.37
N GLY B 506 -28.86 12.60 -20.17
CA GLY B 506 -30.27 12.37 -19.95
C GLY B 506 -30.99 13.64 -19.56
N PRO B 507 -32.32 13.60 -19.55
CA PRO B 507 -33.08 14.79 -19.16
C PRO B 507 -32.85 15.14 -17.69
N LYS B 508 -32.87 16.43 -17.39
CA LYS B 508 -32.77 16.94 -16.03
C LYS B 508 -34.08 17.63 -15.69
N LYS B 509 -34.81 17.05 -14.73
CA LYS B 509 -36.11 17.57 -14.37
C LYS B 509 -35.98 18.69 -13.35
N SER B 510 -36.88 19.68 -13.44
CA SER B 510 -36.88 20.83 -12.56
C SER B 510 -38.23 20.91 -11.85
N THR B 511 -38.19 21.33 -10.59
CA THR B 511 -39.39 21.48 -9.79
C THR B 511 -39.93 22.90 -9.94
N ASN B 512 -40.93 23.25 -9.15
CA ASN B 512 -41.51 24.57 -9.21
C ASN B 512 -40.56 25.60 -8.59
N LEU B 513 -41.00 26.85 -8.59
CA LEU B 513 -40.23 27.96 -8.03
C LEU B 513 -41.01 28.58 -6.88
N VAL B 514 -40.36 28.73 -5.73
CA VAL B 514 -40.98 29.27 -4.53
C VAL B 514 -40.16 30.47 -4.07
N LYS B 515 -40.87 31.48 -3.58
CA LYS B 515 -40.26 32.74 -3.17
C LYS B 515 -40.58 33.04 -1.72
N ASN B 516 -39.79 33.95 -1.15
CA ASN B 516 -40.02 34.47 0.21
C ASN B 516 -39.94 33.37 1.26
N LYS B 517 -39.08 32.38 1.01
CA LYS B 517 -38.86 31.30 1.96
C LYS B 517 -37.38 30.95 1.99
N CYS B 518 -36.93 30.41 3.12
CA CYS B 518 -35.56 29.94 3.27
C CYS B 518 -35.50 28.52 2.73
N VAL B 519 -34.98 28.36 1.50
CA VAL B 519 -34.96 27.08 0.81
C VAL B 519 -33.56 26.82 0.30
N ASN B 520 -33.27 25.55 0.04
CA ASN B 520 -32.07 25.18 -0.72
C ASN B 520 -32.40 25.20 -2.20
N PHE B 521 -31.47 25.73 -3.00
CA PHE B 521 -31.72 25.91 -4.42
C PHE B 521 -30.54 25.40 -5.23
N ASN B 522 -30.85 24.98 -6.45
CA ASN B 522 -29.86 24.51 -7.44
C ASN B 522 -30.29 25.07 -8.78
N PHE B 523 -29.68 26.18 -9.18
CA PHE B 523 -29.98 26.86 -10.45
C PHE B 523 -28.92 26.46 -11.46
N ASN B 524 -29.25 25.48 -12.31
CA ASN B 524 -28.40 25.08 -13.43
C ASN B 524 -26.99 24.70 -12.99
N GLY B 525 -26.88 24.10 -11.80
CA GLY B 525 -25.60 23.70 -11.26
C GLY B 525 -25.07 24.61 -10.17
N LEU B 526 -25.65 25.79 -9.98
CA LEU B 526 -25.26 26.70 -8.91
C LEU B 526 -26.06 26.34 -7.66
N THR B 527 -25.38 25.83 -6.64
CA THR B 527 -26.03 25.28 -5.46
C THR B 527 -25.87 26.23 -4.29
N GLY B 528 -26.94 26.42 -3.54
CA GLY B 528 -26.89 27.29 -2.38
C GLY B 528 -28.16 27.22 -1.57
N THR B 529 -28.35 28.20 -0.71
CA THR B 529 -29.54 28.27 0.12
C THR B 529 -29.81 29.71 0.52
N GLY B 530 -31.07 30.04 0.71
CA GLY B 530 -31.43 31.40 1.09
C GLY B 530 -32.87 31.71 0.71
N VAL B 531 -33.12 33.00 0.52
CA VAL B 531 -34.44 33.53 0.18
C VAL B 531 -34.35 34.22 -1.18
N LEU B 532 -35.28 33.89 -2.07
CA LEU B 532 -35.29 34.44 -3.42
C LEU B 532 -36.40 35.47 -3.55
N THR B 533 -36.04 36.69 -3.92
CA THR B 533 -37.00 37.77 -4.07
C THR B 533 -36.87 38.39 -5.46
N GLU B 534 -37.88 39.16 -5.84
CA GLU B 534 -37.86 39.82 -7.13
C GLU B 534 -36.77 40.88 -7.21
N SER B 535 -36.06 40.90 -8.32
CA SER B 535 -34.93 41.79 -8.52
C SER B 535 -35.27 42.90 -9.48
N ASN B 536 -34.60 44.04 -9.31
CA ASN B 536 -34.71 45.16 -10.22
C ASN B 536 -33.49 45.32 -11.12
N LYS B 537 -32.50 44.44 -10.98
CA LYS B 537 -31.30 44.51 -11.81
C LYS B 537 -31.62 44.11 -13.24
N LYS B 538 -30.71 44.47 -14.15
CA LYS B 538 -30.84 44.18 -15.57
C LYS B 538 -29.53 43.60 -16.06
N PHE B 539 -29.49 42.28 -16.26
CA PHE B 539 -28.30 41.63 -16.78
C PHE B 539 -28.17 41.88 -18.27
N LEU B 540 -26.98 41.61 -18.80
CA LEU B 540 -26.81 41.52 -20.24
C LEU B 540 -27.32 40.16 -20.72
N PRO B 541 -27.72 40.06 -21.99
CA PRO B 541 -28.39 38.83 -22.45
C PRO B 541 -27.59 37.55 -22.26
N PHE B 542 -26.26 37.63 -22.17
CA PHE B 542 -25.45 36.44 -22.01
C PHE B 542 -25.06 36.15 -20.57
N GLN B 543 -25.25 37.09 -19.65
CA GLN B 543 -24.86 36.90 -18.27
C GLN B 543 -25.92 36.11 -17.51
N GLN B 544 -25.47 35.23 -16.62
CA GLN B 544 -26.34 34.27 -15.97
C GLN B 544 -26.53 34.51 -14.48
N PHE B 545 -25.51 34.97 -13.77
CA PHE B 545 -25.63 35.27 -12.35
C PHE B 545 -24.73 36.44 -12.00
N GLY B 546 -25.01 37.06 -10.86
CA GLY B 546 -24.30 38.24 -10.42
C GLY B 546 -23.54 38.01 -9.13
N ARG B 547 -22.36 38.60 -9.04
CA ARG B 547 -21.51 38.49 -7.86
C ARG B 547 -21.31 39.85 -7.22
N ASP B 548 -20.91 39.83 -5.96
CA ASP B 548 -20.74 41.03 -5.17
C ASP B 548 -19.28 41.45 -5.15
N ILE B 549 -19.00 42.57 -4.45
CA ILE B 549 -17.62 43.04 -4.32
C ILE B 549 -16.79 42.04 -3.52
N ALA B 550 -17.42 41.29 -2.62
CA ALA B 550 -16.75 40.24 -1.87
C ALA B 550 -16.71 38.92 -2.60
N ASP B 551 -17.16 38.91 -3.87
CA ASP B 551 -17.19 37.71 -4.70
C ASP B 551 -18.12 36.65 -4.12
N THR B 552 -19.33 37.08 -3.78
CA THR B 552 -20.40 36.19 -3.35
C THR B 552 -21.59 36.37 -4.29
N THR B 553 -22.21 35.25 -4.66
CA THR B 553 -23.36 35.30 -5.56
C THR B 553 -24.55 35.97 -4.88
N ASP B 554 -25.13 36.97 -5.53
CA ASP B 554 -26.27 37.66 -4.97
C ASP B 554 -27.46 37.77 -5.90
N ALA B 555 -27.33 37.45 -7.18
CA ALA B 555 -28.44 37.45 -8.10
C ALA B 555 -28.29 36.27 -9.04
N VAL B 556 -29.42 35.82 -9.60
CA VAL B 556 -29.43 34.67 -10.49
C VAL B 556 -30.53 34.82 -11.52
N ARG B 557 -30.33 34.23 -12.69
CA ARG B 557 -31.32 34.23 -13.76
C ARG B 557 -31.97 32.86 -13.83
N ASP B 558 -33.29 32.83 -13.86
CA ASP B 558 -34.02 31.56 -13.91
C ASP B 558 -33.94 30.97 -15.31
N PRO B 559 -33.53 29.69 -15.44
CA PRO B 559 -33.28 29.14 -16.78
C PRO B 559 -34.52 29.02 -17.66
N GLN B 560 -35.71 28.90 -17.10
CA GLN B 560 -36.90 28.71 -17.92
C GLN B 560 -37.59 30.05 -18.24
N THR B 561 -37.99 30.78 -17.21
CA THR B 561 -38.44 32.15 -17.38
C THR B 561 -37.27 33.09 -17.08
N LEU B 562 -36.91 33.92 -18.05
CA LEU B 562 -35.63 34.63 -18.02
C LEU B 562 -35.75 35.90 -17.18
N GLU B 563 -36.08 35.72 -15.90
CA GLU B 563 -36.12 36.81 -14.96
C GLU B 563 -34.92 36.73 -14.02
N ILE B 564 -34.74 37.80 -13.26
CA ILE B 564 -33.65 37.92 -12.30
C ILE B 564 -34.23 37.85 -10.89
N LEU B 565 -33.54 37.11 -10.03
CA LEU B 565 -33.93 36.95 -8.63
C LEU B 565 -32.76 37.32 -7.74
N ASP B 566 -33.08 38.02 -6.64
CA ASP B 566 -32.11 38.37 -5.62
C ASP B 566 -32.05 37.27 -4.56
N ILE B 567 -30.84 36.83 -4.24
CA ILE B 567 -30.59 35.81 -3.23
C ILE B 567 -30.22 36.51 -1.94
N THR B 568 -30.84 36.11 -0.84
CA THR B 568 -30.60 36.74 0.44
C THR B 568 -30.29 35.68 1.49
N PRO B 569 -29.25 35.86 2.30
CA PRO B 569 -28.94 34.87 3.34
C PRO B 569 -30.04 34.82 4.39
N CYS B 570 -30.15 33.65 5.02
CA CYS B 570 -31.18 33.42 6.03
C CYS B 570 -30.71 33.90 7.40
N SER B 571 -31.68 34.15 8.27
CA SER B 571 -31.43 34.86 9.52
C SER B 571 -30.54 34.06 10.46
N PHE B 572 -29.62 34.75 11.11
CA PHE B 572 -28.76 34.17 12.15
C PHE B 572 -28.33 35.26 13.10
N GLY B 573 -27.96 34.85 14.31
CA GLY B 573 -27.56 35.83 15.32
C GLY B 573 -27.21 35.18 16.63
N GLY B 574 -26.81 36.01 17.58
CA GLY B 574 -26.43 35.58 18.92
C GLY B 574 -27.59 35.70 19.88
N VAL B 575 -27.62 34.81 20.88
CA VAL B 575 -28.67 34.76 21.88
C VAL B 575 -28.05 35.00 23.24
N SER B 576 -28.48 36.08 23.90
CA SER B 576 -27.97 36.49 25.21
C SER B 576 -29.10 36.44 26.23
N VAL B 577 -28.76 36.08 27.47
CA VAL B 577 -29.73 35.90 28.55
C VAL B 577 -29.43 36.90 29.64
N ILE B 578 -30.47 37.62 30.08
CA ILE B 578 -30.36 38.65 31.10
C ILE B 578 -31.09 38.18 32.35
N THR B 579 -30.43 38.27 33.50
CA THR B 579 -30.97 37.75 34.75
C THR B 579 -30.71 38.74 35.87
N PRO B 580 -31.55 38.77 36.90
CA PRO B 580 -31.24 39.56 38.10
C PRO B 580 -30.28 38.87 39.06
N GLY B 581 -29.78 37.69 38.71
CA GLY B 581 -28.97 36.91 39.63
C GLY B 581 -29.83 35.91 40.36
N THR B 582 -29.38 34.67 40.45
CA THR B 582 -30.18 33.63 41.10
C THR B 582 -30.42 33.94 42.57
N ASN B 583 -29.64 34.84 43.17
CA ASN B 583 -29.89 35.28 44.52
C ASN B 583 -31.12 36.17 44.61
N THR B 584 -31.62 36.68 43.49
CA THR B 584 -32.75 37.59 43.46
C THR B 584 -33.99 36.99 42.82
N SER B 585 -33.85 36.32 41.68
CA SER B 585 -34.98 35.69 41.02
C SER B 585 -34.48 34.68 40.02
N ASN B 586 -35.41 33.84 39.54
CA ASN B 586 -35.14 32.91 38.45
C ASN B 586 -35.72 33.38 37.13
N GLN B 587 -36.30 34.58 37.08
CA GLN B 587 -36.78 35.13 35.83
C GLN B 587 -35.62 35.62 34.98
N VAL B 588 -35.78 35.51 33.66
CA VAL B 588 -34.79 35.99 32.71
C VAL B 588 -35.50 36.67 31.55
N ALA B 589 -34.75 37.50 30.83
CA ALA B 589 -35.17 38.04 29.54
C ALA B 589 -34.16 37.58 28.49
N VAL B 590 -34.57 37.59 27.23
CA VAL B 590 -33.75 37.07 26.15
C VAL B 590 -33.56 38.14 25.09
N LEU B 591 -32.32 38.32 24.65
CA LEU B 591 -31.99 39.20 23.54
C LEU B 591 -31.53 38.36 22.34
N TYR B 592 -32.15 38.63 21.19
CA TYR B 592 -31.74 38.07 19.90
C TYR B 592 -31.05 39.21 19.16
N GLN B 593 -29.74 39.09 18.95
CA GLN B 593 -28.97 40.20 18.42
C GLN B 593 -29.11 40.28 16.91
N GLY B 594 -29.59 41.43 16.42
CA GLY B 594 -29.55 41.72 15.00
C GLY B 594 -30.65 41.13 14.16
N VAL B 595 -31.79 40.75 14.75
CA VAL B 595 -32.90 40.21 13.98
C VAL B 595 -34.17 40.99 14.32
N ASN B 596 -35.08 41.02 13.37
CA ASN B 596 -36.41 41.56 13.61
C ASN B 596 -37.23 40.60 14.45
N CYS B 597 -38.15 41.15 15.24
CA CYS B 597 -38.98 40.33 16.10
C CYS B 597 -39.96 39.46 15.33
N THR B 598 -40.11 39.68 14.02
CA THR B 598 -41.01 38.87 13.21
C THR B 598 -40.34 37.64 12.62
N GLU B 599 -39.02 37.51 12.75
CA GLU B 599 -38.29 36.44 12.07
C GLU B 599 -38.16 35.24 13.01
N VAL B 600 -39.21 34.42 13.04
CA VAL B 600 -39.27 33.10 13.68
C VAL B 600 -38.47 33.07 14.98
N PRO B 601 -38.91 33.80 16.02
CA PRO B 601 -38.16 33.80 17.27
C PRO B 601 -38.74 32.83 18.30
N SER B 620 -46.36 37.09 25.06
CA SER B 620 -45.07 37.47 25.63
C SER B 620 -44.71 38.90 25.25
N ASN B 621 -44.02 39.59 26.16
CA ASN B 621 -43.58 40.95 25.87
C ASN B 621 -42.45 40.94 24.86
N VAL B 622 -42.67 41.56 23.71
CA VAL B 622 -41.68 41.65 22.66
C VAL B 622 -41.42 43.13 22.36
N PHE B 623 -40.16 43.46 22.13
CA PHE B 623 -39.78 44.87 21.93
C PHE B 623 -38.66 44.92 20.91
N GLN B 624 -38.72 45.88 20.01
CA GLN B 624 -37.67 46.05 19.00
C GLN B 624 -36.75 47.20 19.38
N THR B 625 -35.46 46.90 19.46
CA THR B 625 -34.44 47.90 19.75
C THR B 625 -33.44 47.94 18.59
N ARG B 626 -32.46 48.83 18.72
CA ARG B 626 -31.39 48.90 17.73
C ARG B 626 -30.49 47.68 17.82
N ALA B 627 -30.33 47.12 19.03
CA ALA B 627 -29.45 45.96 19.21
C ALA B 627 -30.09 44.69 18.70
N GLY B 628 -31.41 44.57 18.82
CA GLY B 628 -32.10 43.37 18.37
C GLY B 628 -33.47 43.27 19.00
N CYS B 629 -33.96 42.03 19.06
CA CYS B 629 -35.28 41.76 19.61
C CYS B 629 -35.18 41.35 21.07
N LEU B 630 -35.96 42.00 21.93
CA LEU B 630 -35.94 41.75 23.36
C LEU B 630 -37.26 41.10 23.76
N ILE B 631 -37.19 39.93 24.38
CA ILE B 631 -38.37 39.16 24.78
C ILE B 631 -38.31 38.96 26.28
N GLY B 632 -39.36 39.37 26.98
CA GLY B 632 -39.48 39.16 28.41
C GLY B 632 -39.29 40.40 29.26
N ALA B 633 -39.21 41.59 28.67
CA ALA B 633 -39.00 42.82 29.41
C ALA B 633 -40.08 43.84 29.05
N GLU B 634 -40.34 44.75 29.99
CA GLU B 634 -41.33 45.81 29.81
C GLU B 634 -40.62 47.14 29.61
N TYR B 635 -41.11 47.93 28.65
CA TYR B 635 -40.44 49.14 28.22
C TYR B 635 -41.15 50.35 28.82
N VAL B 636 -40.66 50.82 29.97
CA VAL B 636 -41.16 52.03 30.61
C VAL B 636 -40.47 53.24 29.99
N ASN B 637 -40.97 54.43 30.30
CA ASN B 637 -40.41 55.66 29.74
C ASN B 637 -39.40 56.34 30.66
N ASN B 638 -39.80 56.67 31.88
CA ASN B 638 -38.95 57.44 32.78
C ASN B 638 -37.63 56.72 33.03
N SER B 639 -36.54 57.50 33.02
CA SER B 639 -35.19 56.97 32.93
C SER B 639 -34.51 56.93 34.29
N TYR B 640 -33.47 56.11 34.37
CA TYR B 640 -32.64 55.96 35.56
C TYR B 640 -31.19 55.86 35.13
N GLU B 641 -30.31 55.66 36.10
CA GLU B 641 -28.93 55.30 35.80
C GLU B 641 -28.88 53.89 35.24
N CYS B 642 -27.92 53.64 34.33
CA CYS B 642 -27.82 52.35 33.70
C CYS B 642 -27.44 51.28 34.71
N ASP B 643 -28.08 50.12 34.63
CA ASP B 643 -27.80 48.99 35.51
C ASP B 643 -27.22 47.82 34.74
N ILE B 644 -27.91 47.34 33.71
CA ILE B 644 -27.41 46.29 32.85
C ILE B 644 -27.41 46.81 31.41
N PRO B 645 -26.25 47.05 30.80
CA PRO B 645 -26.24 47.61 29.45
C PRO B 645 -26.77 46.63 28.42
N ILE B 646 -27.53 47.15 27.47
CA ILE B 646 -28.06 46.35 26.37
C ILE B 646 -27.46 46.83 25.06
N GLY B 647 -27.42 48.15 24.88
CA GLY B 647 -26.85 48.72 23.67
C GLY B 647 -27.68 49.84 23.09
N ALA B 648 -27.00 50.81 22.47
CA ALA B 648 -27.64 51.97 21.84
C ALA B 648 -28.50 52.76 22.83
N GLY B 649 -28.00 52.90 24.05
CA GLY B 649 -28.67 53.70 25.06
C GLY B 649 -29.73 52.98 25.87
N ILE B 650 -29.94 51.70 25.66
CA ILE B 650 -30.97 50.94 26.36
C ILE B 650 -30.33 50.17 27.49
N CYS B 651 -30.95 50.24 28.67
CA CYS B 651 -30.49 49.50 29.84
C CYS B 651 -31.69 48.80 30.47
N ALA B 652 -31.41 47.79 31.28
CA ALA B 652 -32.44 46.98 31.91
C ALA B 652 -32.21 46.90 33.41
N SER B 653 -33.30 46.67 34.14
CA SER B 653 -33.23 46.61 35.60
C SER B 653 -34.36 45.73 36.13
N TYR B 654 -34.30 45.45 37.43
CA TYR B 654 -35.29 44.63 38.13
C TYR B 654 -36.04 45.56 39.09
N GLN B 655 -37.25 45.97 38.69
CA GLN B 655 -38.01 46.93 39.47
C GLN B 655 -39.47 46.52 39.53
N THR B 656 -40.16 47.02 40.55
CA THR B 656 -41.59 46.74 40.73
C THR B 656 -42.42 47.36 39.63
N SER B 669 -45.31 41.75 40.94
CA SER B 669 -44.76 43.06 41.30
C SER B 669 -43.42 43.29 40.63
N GLN B 670 -42.37 42.71 41.20
CA GLN B 670 -41.03 42.86 40.66
C GLN B 670 -40.94 42.22 39.28
N SER B 671 -40.28 42.92 38.35
CA SER B 671 -40.20 42.45 36.98
C SER B 671 -39.02 43.13 36.29
N ILE B 672 -38.64 42.56 35.14
CA ILE B 672 -37.57 43.12 34.33
C ILE B 672 -38.13 44.27 33.49
N ILE B 673 -37.50 45.43 33.58
CA ILE B 673 -37.92 46.60 32.82
C ILE B 673 -36.75 47.12 32.00
N ALA B 674 -37.07 47.80 30.90
CA ALA B 674 -36.09 48.41 30.03
C ALA B 674 -36.41 49.90 29.87
N TYR B 675 -35.35 50.71 29.74
CA TYR B 675 -35.51 52.15 29.71
C TYR B 675 -34.31 52.77 28.99
N LYS B 676 -34.34 54.09 28.87
CA LYS B 676 -33.23 54.83 28.27
C LYS B 676 -32.25 55.28 29.35
N MET B 677 -30.97 55.33 28.99
CA MET B 677 -29.96 55.79 29.92
C MET B 677 -30.16 57.26 30.24
N HIS B 678 -29.90 57.62 31.49
CA HIS B 678 -30.01 58.99 31.96
C HIS B 678 -28.61 59.49 32.30
N LEU B 679 -28.22 60.63 31.71
CA LEU B 679 -26.83 61.07 31.83
C LEU B 679 -26.53 61.64 33.21
N GLY B 680 -27.44 62.41 33.76
CA GLY B 680 -27.22 63.00 35.07
C GLY B 680 -28.18 64.14 35.33
N ALA B 681 -28.09 64.66 36.56
CA ALA B 681 -29.00 65.69 37.00
C ALA B 681 -28.74 67.01 36.27
N GLU B 682 -29.83 67.68 35.90
CA GLU B 682 -29.75 68.95 35.20
C GLU B 682 -29.33 70.05 36.17
N ASN B 683 -28.50 70.98 35.69
CA ASN B 683 -28.03 72.10 36.49
C ASN B 683 -27.94 73.34 35.63
N SER B 684 -28.14 74.49 36.27
CA SER B 684 -28.06 75.78 35.57
C SER B 684 -27.56 76.82 36.57
N VAL B 685 -26.26 77.07 36.54
CA VAL B 685 -25.65 78.08 37.39
C VAL B 685 -25.93 79.46 36.81
N ALA B 686 -26.21 80.42 37.70
CA ALA B 686 -26.67 81.75 37.29
C ALA B 686 -25.48 82.61 36.91
N TYR B 687 -25.19 82.69 35.61
CA TYR B 687 -24.13 83.55 35.12
C TYR B 687 -24.60 85.01 35.10
N SER B 688 -23.67 85.91 35.39
CA SER B 688 -23.91 87.34 35.31
C SER B 688 -22.56 88.03 35.19
N ASN B 689 -22.60 89.29 34.75
CA ASN B 689 -21.38 90.08 34.60
C ASN B 689 -21.13 90.98 35.80
N ASN B 690 -21.80 90.75 36.92
CA ASN B 690 -21.53 91.45 38.16
C ASN B 690 -21.45 90.56 39.38
N SER B 691 -21.77 89.27 39.26
CA SER B 691 -21.91 88.41 40.42
C SER B 691 -20.79 87.37 40.46
N ILE B 692 -20.32 87.08 41.68
CA ILE B 692 -19.28 86.08 41.91
C ILE B 692 -19.70 85.23 43.09
N ALA B 693 -19.13 84.03 43.18
CA ALA B 693 -19.39 83.11 44.29
C ALA B 693 -18.08 82.80 45.00
N ILE B 694 -18.09 82.90 46.32
CA ILE B 694 -16.90 82.67 47.14
C ILE B 694 -17.20 81.65 48.23
N PRO B 695 -16.39 80.60 48.38
CA PRO B 695 -16.63 79.63 49.44
C PRO B 695 -16.35 80.22 50.82
N THR B 696 -17.03 79.67 51.83
CA THR B 696 -16.85 80.10 53.21
C THR B 696 -16.44 78.97 54.14
N ASN B 697 -16.28 77.75 53.63
CA ASN B 697 -15.88 76.61 54.46
C ASN B 697 -15.19 75.60 53.57
N PHE B 698 -14.68 74.54 54.18
CA PHE B 698 -13.91 73.54 53.44
C PHE B 698 -14.12 72.15 54.03
N THR B 699 -13.59 71.17 53.32
CA THR B 699 -13.69 69.76 53.69
C THR B 699 -12.40 69.06 53.29
N ILE B 700 -11.90 68.19 54.18
CA ILE B 700 -10.75 67.34 53.90
C ILE B 700 -11.26 65.98 53.46
N SER B 701 -10.82 65.53 52.29
CA SER B 701 -11.31 64.26 51.75
C SER B 701 -10.16 63.31 51.49
N VAL B 702 -10.43 62.01 51.68
CA VAL B 702 -9.45 60.94 51.47
C VAL B 702 -10.04 59.94 50.50
N THR B 703 -9.29 59.62 49.45
CA THR B 703 -9.75 58.68 48.42
C THR B 703 -8.68 57.62 48.16
N THR B 704 -9.11 56.49 47.61
CA THR B 704 -8.23 55.36 47.36
C THR B 704 -8.03 55.13 45.87
N GLU B 705 -6.87 54.56 45.53
CA GLU B 705 -6.57 54.18 44.15
C GLU B 705 -5.72 52.90 44.16
N ILE B 706 -6.19 51.86 43.49
CA ILE B 706 -5.53 50.56 43.45
C ILE B 706 -4.86 50.39 42.09
N LEU B 707 -3.62 49.88 42.09
CA LEU B 707 -2.90 49.71 40.84
C LEU B 707 -2.05 48.45 40.87
N PRO B 708 -2.20 47.55 39.88
CA PRO B 708 -1.34 46.37 39.82
C PRO B 708 0.08 46.72 39.37
N VAL B 709 1.02 45.88 39.79
CA VAL B 709 2.44 46.12 39.57
C VAL B 709 3.11 44.97 38.82
N SER B 710 2.94 43.74 39.29
CA SER B 710 3.62 42.60 38.72
C SER B 710 2.66 41.41 38.64
N MET B 711 3.16 40.31 38.08
CA MET B 711 2.37 39.09 37.95
C MET B 711 3.26 37.89 38.19
N THR B 712 2.69 36.69 38.07
CA THR B 712 3.38 35.47 38.42
C THR B 712 4.41 35.09 37.35
N LYS B 713 5.54 34.58 37.80
CA LYS B 713 6.62 34.13 36.93
C LYS B 713 6.53 32.63 36.73
N THR B 714 6.54 32.19 35.47
CA THR B 714 6.37 30.79 35.14
C THR B 714 7.52 30.33 34.25
N SER B 715 7.72 29.01 34.24
CA SER B 715 8.71 28.39 33.37
C SER B 715 8.17 27.05 32.90
N VAL B 716 8.57 26.65 31.69
CA VAL B 716 8.09 25.43 31.07
C VAL B 716 9.28 24.62 30.57
N ASP B 717 9.27 23.31 30.85
CA ASP B 717 10.20 22.37 30.25
C ASP B 717 9.54 21.81 28.99
N CYS B 718 10.01 22.26 27.83
CA CYS B 718 9.31 21.97 26.58
C CYS B 718 9.29 20.48 26.29
N THR B 719 10.43 19.81 26.41
CA THR B 719 10.50 18.39 26.06
C THR B 719 9.61 17.55 26.96
N MET B 720 9.61 17.83 28.26
CA MET B 720 8.76 17.08 29.17
C MET B 720 7.28 17.32 28.87
N TYR B 721 6.94 18.51 28.39
CA TYR B 721 5.55 18.79 28.05
C TYR B 721 5.14 18.06 26.77
N ILE B 722 6.02 18.06 25.76
CA ILE B 722 5.68 17.43 24.49
C ILE B 722 5.76 15.91 24.59
N CYS B 723 6.94 15.40 24.94
CA CYS B 723 7.20 13.97 25.03
C CYS B 723 7.49 13.64 26.49
N GLY B 724 6.53 13.02 27.17
CA GLY B 724 6.69 12.77 28.60
C GLY B 724 7.95 11.99 28.92
N ASP B 725 8.03 10.75 28.45
CA ASP B 725 9.17 9.89 28.77
C ASP B 725 9.71 9.19 27.53
N SER B 726 8.92 9.17 26.46
CA SER B 726 9.29 8.46 25.25
C SER B 726 10.61 8.99 24.69
N THR B 727 11.50 8.06 24.36
CA THR B 727 12.73 8.43 23.65
C THR B 727 12.48 8.63 22.16
N GLU B 728 11.53 7.89 21.58
CA GLU B 728 11.23 8.05 20.16
C GLU B 728 10.64 9.43 19.88
N CYS B 729 9.73 9.90 20.74
CA CYS B 729 9.20 11.24 20.59
C CYS B 729 10.29 12.28 20.78
N SER B 730 11.21 12.04 21.71
CA SER B 730 12.33 12.95 21.90
C SER B 730 13.18 13.03 20.64
N ASN B 731 13.45 11.89 20.01
CA ASN B 731 14.22 11.88 18.77
C ASN B 731 13.48 12.58 17.64
N LEU B 732 12.17 12.39 17.55
CA LEU B 732 11.39 13.06 16.51
C LEU B 732 11.25 14.55 16.74
N LEU B 733 11.34 15.00 17.99
CA LEU B 733 11.12 16.41 18.30
C LEU B 733 12.22 17.30 17.75
N LEU B 734 13.47 16.84 17.79
CA LEU B 734 14.59 17.64 17.32
C LEU B 734 14.61 17.79 15.80
N GLN B 735 13.76 17.06 15.09
CA GLN B 735 13.66 17.22 13.64
C GLN B 735 13.25 18.65 13.26
N TYR B 736 12.58 19.36 14.16
CA TYR B 736 12.14 20.72 13.91
C TYR B 736 13.31 21.67 14.10
N GLY B 737 13.03 22.97 14.14
CA GLY B 737 14.04 23.98 14.34
C GLY B 737 14.32 24.33 15.78
N SER B 738 13.89 23.49 16.72
CA SER B 738 14.11 23.70 18.15
C SER B 738 13.53 25.03 18.61
N PHE B 739 12.20 25.09 18.54
CA PHE B 739 11.45 26.24 19.05
C PHE B 739 11.62 26.41 20.56
N CYS B 740 12.06 25.37 21.25
CA CYS B 740 12.21 25.41 22.70
C CYS B 740 13.12 26.55 23.13
N THR B 741 14.17 26.82 22.35
CA THR B 741 15.12 27.85 22.74
C THR B 741 14.46 29.22 22.78
N GLN B 742 13.74 29.60 21.73
CA GLN B 742 13.11 30.92 21.73
C GLN B 742 11.98 30.99 22.75
N LEU B 743 11.22 29.91 22.93
CA LEU B 743 10.20 29.93 23.95
C LEU B 743 10.80 30.16 25.34
N LYS B 744 11.88 29.46 25.65
CA LYS B 744 12.52 29.59 26.95
C LYS B 744 13.07 30.99 27.15
N ARG B 745 13.71 31.56 26.12
CA ARG B 745 14.26 32.90 26.27
C ARG B 745 13.17 33.94 26.45
N ALA B 746 12.03 33.78 25.75
CA ALA B 746 10.92 34.71 25.95
C ALA B 746 10.39 34.64 27.38
N LEU B 747 10.22 33.42 27.91
CA LEU B 747 9.72 33.29 29.28
C LEU B 747 10.70 33.88 30.29
N THR B 748 12.00 33.66 30.09
CA THR B 748 12.99 34.22 31.01
C THR B 748 12.99 35.75 30.97
N GLY B 749 12.86 36.32 29.76
CA GLY B 749 12.76 37.77 29.66
C GLY B 749 11.55 38.31 30.40
N ILE B 750 10.41 37.61 30.29
CA ILE B 750 9.22 38.04 31.02
C ILE B 750 9.46 38.00 32.52
N ALA B 751 10.11 36.94 33.01
CA ALA B 751 10.36 36.84 34.45
C ALA B 751 11.29 37.96 34.94
N VAL B 752 12.33 38.27 34.17
CA VAL B 752 13.23 39.35 34.55
C VAL B 752 12.50 40.68 34.57
N GLU B 753 11.63 40.91 33.59
CA GLU B 753 10.83 42.14 33.57
C GLU B 753 9.93 42.23 34.80
N GLN B 754 9.33 41.11 35.21
CA GLN B 754 8.50 41.11 36.40
C GLN B 754 9.30 41.47 37.64
N ASP B 755 10.52 40.95 37.76
CA ASP B 755 11.36 41.35 38.89
C ASP B 755 11.68 42.85 38.84
N LYS B 756 11.93 43.38 37.64
CA LYS B 756 12.30 44.79 37.53
C LYS B 756 11.16 45.74 37.86
N ASN B 757 9.91 45.32 37.57
CA ASN B 757 8.76 46.20 37.80
C ASN B 757 8.63 46.60 39.27
N THR B 758 8.72 45.62 40.18
CA THR B 758 8.59 45.92 41.61
C THR B 758 9.71 46.83 42.09
N GLN B 759 10.92 46.58 41.63
CA GLN B 759 12.06 47.41 42.00
C GLN B 759 11.87 48.85 41.56
N GLU B 760 11.34 49.05 40.35
CA GLU B 760 11.15 50.41 39.84
C GLU B 760 10.16 51.19 40.69
N VAL B 761 9.16 50.51 41.26
CA VAL B 761 8.11 51.21 41.98
C VAL B 761 8.50 51.42 43.45
N PHE B 762 8.78 50.34 44.17
CA PHE B 762 8.89 50.43 45.62
C PHE B 762 10.25 50.91 46.11
N ALA B 763 11.32 50.69 45.35
CA ALA B 763 12.66 51.11 45.77
C ALA B 763 12.98 52.47 45.17
N GLN B 764 12.73 53.50 45.97
CA GLN B 764 13.05 54.88 45.58
C GLN B 764 13.85 55.63 46.63
N VAL B 765 13.70 55.27 47.90
CA VAL B 765 14.47 55.91 48.96
C VAL B 765 15.82 55.23 49.09
N LYS B 766 16.84 56.03 49.42
CA LYS B 766 18.19 55.49 49.58
C LYS B 766 18.44 54.98 50.98
N GLN B 767 17.69 55.45 51.97
CA GLN B 767 17.97 55.21 53.37
C GLN B 767 16.68 54.81 54.08
N ILE B 768 16.81 53.96 55.09
CA ILE B 768 15.66 53.46 55.84
C ILE B 768 15.37 54.42 56.99
N TYR B 769 14.16 54.97 57.01
CA TYR B 769 13.75 55.95 58.01
C TYR B 769 12.82 55.31 59.03
N LYS B 770 12.91 55.77 60.28
CA LYS B 770 12.07 55.32 61.36
C LYS B 770 11.27 56.46 61.96
N THR B 771 10.03 56.16 62.32
CA THR B 771 9.17 57.09 63.01
C THR B 771 9.63 57.30 64.45
N PRO B 772 9.43 58.49 65.01
CA PRO B 772 9.84 58.75 66.39
C PRO B 772 9.05 57.88 67.37
N PRO B 773 9.64 57.56 68.52
CA PRO B 773 8.92 56.70 69.49
C PRO B 773 7.62 57.32 70.01
N ILE B 774 7.56 58.64 70.12
CA ILE B 774 6.38 59.33 70.62
C ILE B 774 5.50 59.71 69.44
N LYS B 775 4.31 59.11 69.37
CA LYS B 775 3.39 59.32 68.25
C LYS B 775 2.53 60.55 68.53
N TYR B 776 3.15 61.72 68.37
CA TYR B 776 2.50 62.99 68.61
C TYR B 776 2.83 63.93 67.45
N PHE B 777 1.82 64.30 66.67
CA PHE B 777 1.99 65.12 65.48
C PHE B 777 0.93 66.21 65.43
N GLY B 778 0.73 66.89 66.56
CA GLY B 778 -0.19 68.01 66.60
C GLY B 778 -1.65 67.66 66.53
N GLY B 779 -2.02 66.44 66.93
CA GLY B 779 -3.41 66.02 66.91
C GLY B 779 -3.78 65.09 65.78
N PHE B 780 -2.89 64.89 64.80
CA PHE B 780 -3.18 63.99 63.69
C PHE B 780 -2.86 62.55 64.09
N ASN B 781 -3.75 61.64 63.72
CA ASN B 781 -3.66 60.24 64.08
C ASN B 781 -3.28 59.41 62.86
N PHE B 782 -2.16 58.70 62.94
CA PHE B 782 -1.69 57.87 61.84
C PHE B 782 -1.61 56.39 62.22
N SER B 783 -2.34 55.97 63.26
CA SER B 783 -2.22 54.59 63.73
C SER B 783 -2.72 53.58 62.71
N GLN B 784 -3.66 53.98 61.85
CA GLN B 784 -4.22 53.04 60.88
C GLN B 784 -3.22 52.68 59.79
N ILE B 785 -2.30 53.58 59.46
CA ILE B 785 -1.35 53.34 58.38
C ILE B 785 0.07 53.09 58.89
N LEU B 786 0.31 53.21 60.16
CA LEU B 786 1.64 52.95 60.69
C LEU B 786 1.78 51.47 61.06
N PRO B 787 3.00 50.93 61.01
CA PRO B 787 3.19 49.51 61.34
C PRO B 787 2.77 49.18 62.76
N ASP B 788 2.20 48.00 62.93
CA ASP B 788 1.76 47.52 64.24
C ASP B 788 2.73 46.46 64.76
N PRO B 789 3.50 46.75 65.81
CA PRO B 789 4.49 45.76 66.28
C PRO B 789 3.86 44.56 66.97
N SER B 790 2.63 44.66 67.45
CA SER B 790 2.00 43.53 68.15
C SER B 790 1.79 42.35 67.22
N LYS B 791 1.32 42.61 66.00
CA LYS B 791 1.12 41.54 65.04
C LYS B 791 2.47 41.01 64.56
N PRO B 792 2.55 39.72 64.22
CA PRO B 792 3.86 39.15 63.83
C PRO B 792 4.27 39.47 62.40
N SER B 793 3.36 39.94 61.56
CA SER B 793 3.73 40.30 60.19
C SER B 793 4.32 41.70 60.12
N LYS B 794 4.20 42.47 61.20
CA LYS B 794 4.64 43.87 61.24
C LYS B 794 3.95 44.72 60.18
N ARG B 795 2.66 44.51 59.98
CA ARG B 795 1.88 45.24 58.99
C ARG B 795 0.89 46.18 59.67
N SER B 796 0.45 47.18 58.93
CA SER B 796 -0.59 48.08 59.38
C SER B 796 -1.96 47.42 59.25
N PRO B 797 -2.96 47.90 60.00
CA PRO B 797 -4.29 47.29 59.90
C PRO B 797 -4.87 47.29 58.49
N ILE B 798 -4.67 48.37 57.74
CA ILE B 798 -5.18 48.42 56.38
C ILE B 798 -4.44 47.42 55.50
N GLU B 799 -3.12 47.31 55.68
CA GLU B 799 -2.36 46.33 54.91
C GLU B 799 -2.79 44.91 55.25
N ASP B 800 -3.07 44.63 56.52
CA ASP B 800 -3.57 43.31 56.90
C ASP B 800 -4.92 43.02 56.29
N LEU B 801 -5.81 44.01 56.27
CA LEU B 801 -7.11 43.82 55.63
C LEU B 801 -6.95 43.55 54.14
N LEU B 802 -6.06 44.29 53.48
CA LEU B 802 -5.82 44.06 52.06
C LEU B 802 -5.25 42.66 51.81
N PHE B 803 -4.32 42.23 52.67
CA PHE B 803 -3.72 40.92 52.51
C PHE B 803 -4.76 39.81 52.69
N ASN B 804 -5.66 39.98 53.66
CA ASN B 804 -6.67 38.95 53.88
C ASN B 804 -7.75 38.97 52.79
N LYS B 805 -8.07 40.14 52.25
CA LYS B 805 -9.14 40.22 51.25
C LYS B 805 -8.78 39.45 49.98
N VAL B 806 -7.54 39.57 49.52
CA VAL B 806 -7.11 38.88 48.31
C VAL B 806 -6.69 37.45 48.63
N PHE B 835 0.97 19.12 37.09
CA PHE B 835 1.92 19.94 36.35
C PHE B 835 2.95 19.06 35.66
N ASN B 836 3.07 19.23 34.35
CA ASN B 836 3.95 18.41 33.51
C ASN B 836 4.97 19.33 32.86
N GLY B 837 6.09 19.54 33.56
CA GLY B 837 7.11 20.44 33.08
C GLY B 837 6.86 21.91 33.36
N LEU B 838 5.79 22.24 34.06
CA LEU B 838 5.48 23.62 34.41
C LEU B 838 5.92 23.91 35.83
N THR B 839 6.49 25.09 36.05
CA THR B 839 6.94 25.46 37.38
C THR B 839 6.74 26.95 37.59
N VAL B 840 6.68 27.34 38.86
CA VAL B 840 6.48 28.73 39.27
C VAL B 840 7.69 29.16 40.08
N LEU B 841 8.24 30.32 39.72
CA LEU B 841 9.44 30.85 40.39
C LEU B 841 9.05 31.91 41.41
N PRO B 842 9.64 31.89 42.61
CA PRO B 842 9.27 32.89 43.61
C PRO B 842 9.83 34.25 43.25
N PRO B 843 9.20 35.33 43.72
CA PRO B 843 9.75 36.66 43.48
C PRO B 843 11.00 36.93 44.32
N LEU B 844 11.81 37.87 43.83
CA LEU B 844 13.06 38.18 44.50
C LEU B 844 12.82 38.87 45.84
N LEU B 845 11.88 39.80 45.91
CA LEU B 845 11.58 40.54 47.12
C LEU B 845 10.40 39.91 47.84
N THR B 846 10.57 39.62 49.13
CA THR B 846 9.48 39.08 49.93
C THR B 846 8.53 40.19 50.35
N ASP B 847 7.39 39.80 50.92
CA ASP B 847 6.39 40.78 51.32
C ASP B 847 6.89 41.65 52.46
N GLU B 848 7.73 41.09 53.34
CA GLU B 848 8.27 41.87 54.45
C GLU B 848 9.13 43.01 53.94
N MET B 849 9.91 42.77 52.89
CA MET B 849 10.74 43.84 52.32
C MET B 849 9.88 44.95 51.70
N ILE B 850 8.79 44.57 51.03
CA ILE B 850 7.87 45.58 50.51
C ILE B 850 7.28 46.40 51.63
N ALA B 851 6.88 45.74 52.73
CA ALA B 851 6.34 46.45 53.87
C ALA B 851 7.36 47.39 54.47
N GLN B 852 8.63 46.98 54.50
CA GLN B 852 9.67 47.84 55.06
C GLN B 852 9.91 49.07 54.17
N TYR B 853 9.89 48.90 52.85
CA TYR B 853 9.95 50.07 51.97
C TYR B 853 8.77 51.01 52.20
N THR B 854 7.56 50.47 52.30
CA THR B 854 6.41 51.34 52.52
C THR B 854 6.51 52.09 53.84
N SER B 855 6.97 51.39 54.89
CA SER B 855 7.15 52.03 56.18
C SER B 855 8.19 53.13 56.13
N ALA B 856 9.30 52.90 55.42
CA ALA B 856 10.32 53.93 55.28
C ALA B 856 9.78 55.15 54.56
N LEU B 857 9.02 54.94 53.49
CA LEU B 857 8.42 56.07 52.78
C LEU B 857 7.47 56.86 53.68
N LEU B 858 6.63 56.15 54.43
CA LEU B 858 5.69 56.83 55.32
C LEU B 858 6.41 57.64 56.39
N ALA B 859 7.44 57.04 57.00
CA ALA B 859 8.19 57.76 58.02
C ALA B 859 8.87 58.99 57.45
N GLY B 860 9.47 58.86 56.27
CA GLY B 860 10.11 60.01 55.65
C GLY B 860 9.14 61.13 55.37
N THR B 861 7.98 60.82 54.78
CA THR B 861 7.05 61.89 54.45
C THR B 861 6.39 62.50 55.69
N ILE B 862 6.16 61.73 56.74
CA ILE B 862 5.59 62.32 57.94
C ILE B 862 6.61 63.18 58.68
N THR B 863 7.87 62.78 58.70
CA THR B 863 8.85 63.47 59.52
C THR B 863 9.51 64.65 58.82
N SER B 864 9.72 64.57 57.50
CA SER B 864 10.57 65.56 56.83
C SER B 864 9.91 66.17 55.60
N GLY B 865 8.59 66.09 55.50
CA GLY B 865 7.90 66.69 54.36
C GLY B 865 8.37 66.11 53.05
N TRP B 866 8.66 66.98 52.08
CA TRP B 866 9.13 66.57 50.78
C TRP B 866 10.63 66.79 50.59
N THR B 867 11.36 67.11 51.65
CA THR B 867 12.78 67.41 51.51
C THR B 867 13.62 66.17 51.25
N PHE B 868 13.20 65.01 51.77
CA PHE B 868 14.00 63.80 51.64
C PHE B 868 13.95 63.22 50.23
N GLY B 869 13.06 63.69 49.37
CA GLY B 869 12.98 63.20 48.01
C GLY B 869 13.91 63.91 47.06
N ALA B 870 14.35 65.12 47.43
CA ALA B 870 15.25 65.92 46.60
C ALA B 870 16.64 66.03 47.18
N GLY B 871 16.93 65.35 48.29
CA GLY B 871 18.21 65.43 48.92
C GLY B 871 18.17 64.89 50.34
N PRO B 872 18.75 65.63 51.28
CA PRO B 872 18.75 65.17 52.67
C PRO B 872 17.44 65.46 53.38
N ALA B 873 17.04 64.59 54.31
CA ALA B 873 15.85 64.83 55.09
C ALA B 873 16.10 65.93 56.11
N LEU B 874 15.18 66.90 56.17
CA LEU B 874 15.25 68.02 57.10
C LEU B 874 13.97 68.03 57.91
N GLN B 875 14.09 67.86 59.22
CA GLN B 875 12.91 67.76 60.08
C GLN B 875 12.17 69.10 60.14
N ILE B 876 10.86 69.01 60.32
CA ILE B 876 9.97 70.16 60.42
C ILE B 876 8.73 69.72 61.19
N PRO B 877 8.17 70.56 62.06
CA PRO B 877 6.91 70.21 62.73
C PRO B 877 5.79 70.01 61.72
N PHE B 878 4.93 69.03 61.99
CA PHE B 878 3.90 68.65 61.03
C PHE B 878 2.90 69.76 60.74
N PRO B 879 2.36 70.52 61.71
CA PRO B 879 1.48 71.63 61.35
C PRO B 879 2.13 72.67 60.46
N MET B 880 3.43 72.92 60.62
CA MET B 880 4.12 73.85 59.73
C MET B 880 4.17 73.32 58.30
N GLN B 881 4.39 72.01 58.15
CA GLN B 881 4.35 71.40 56.82
C GLN B 881 2.97 71.52 56.22
N MET B 882 1.93 71.32 57.03
CA MET B 882 0.57 71.49 56.53
C MET B 882 0.31 72.93 56.10
N ALA B 883 0.87 73.89 56.84
CA ALA B 883 0.72 75.30 56.44
C ALA B 883 1.42 75.56 55.11
N TYR B 884 2.59 74.97 54.91
CA TYR B 884 3.27 75.08 53.62
C TYR B 884 2.39 74.51 52.51
N ARG B 885 1.77 73.36 52.76
CA ARG B 885 0.91 72.75 51.76
C ARG B 885 -0.33 73.58 51.46
N PHE B 886 -0.93 74.22 52.47
CA PHE B 886 -2.02 75.15 52.18
C PHE B 886 -1.53 76.34 51.37
N ASN B 887 -0.33 76.85 51.66
CA ASN B 887 0.25 77.86 50.77
C ASN B 887 0.38 77.34 49.36
N GLY B 888 0.57 76.03 49.19
CA GLY B 888 0.66 75.46 47.86
C GLY B 888 -0.62 75.60 47.06
N ILE B 889 -1.78 75.39 47.69
CA ILE B 889 -3.03 75.35 46.95
C ILE B 889 -3.65 76.73 46.74
N GLY B 890 -3.40 77.68 47.63
CA GLY B 890 -3.95 79.01 47.43
C GLY B 890 -4.64 79.62 48.62
N VAL B 891 -4.46 79.03 49.80
CA VAL B 891 -5.02 79.53 51.04
C VAL B 891 -3.89 80.04 51.91
N THR B 892 -4.09 81.20 52.53
CA THR B 892 -3.05 81.81 53.32
C THR B 892 -2.74 80.96 54.56
N GLN B 893 -1.61 81.29 55.18
CA GLN B 893 -1.06 80.48 56.26
C GLN B 893 -1.88 80.52 57.55
N ASN B 894 -2.51 81.65 57.85
CA ASN B 894 -3.26 81.80 59.09
C ASN B 894 -4.53 80.97 59.13
N VAL B 895 -5.11 80.63 57.97
CA VAL B 895 -6.35 79.87 57.94
C VAL B 895 -6.17 78.52 58.62
N LEU B 896 -5.03 77.88 58.41
CA LEU B 896 -4.75 76.61 59.06
C LEU B 896 -4.54 76.78 60.56
N TYR B 897 -3.74 77.77 60.96
CA TYR B 897 -3.44 77.93 62.38
C TYR B 897 -4.68 78.34 63.16
N GLU B 898 -5.68 78.92 62.50
CA GLU B 898 -6.91 79.27 63.18
C GLU B 898 -7.93 78.15 63.22
N ASN B 899 -7.69 77.03 62.54
CA ASN B 899 -8.66 75.95 62.45
C ASN B 899 -7.99 74.58 62.61
N GLN B 900 -6.90 74.53 63.38
CA GLN B 900 -6.08 73.32 63.43
C GLN B 900 -6.87 72.12 63.94
N LYS B 901 -7.65 72.31 65.01
CA LYS B 901 -8.40 71.21 65.59
C LYS B 901 -9.44 70.66 64.62
N LEU B 902 -10.10 71.55 63.87
CA LEU B 902 -11.08 71.11 62.90
C LEU B 902 -10.44 70.26 61.80
N ILE B 903 -9.27 70.69 61.30
CA ILE B 903 -8.57 69.91 60.28
C ILE B 903 -8.21 68.54 60.83
N ALA B 904 -7.67 68.50 62.05
CA ALA B 904 -7.29 67.21 62.63
C ALA B 904 -8.49 66.29 62.77
N ASN B 905 -9.61 66.83 63.25
CA ASN B 905 -10.80 66.00 63.43
C ASN B 905 -11.34 65.48 62.10
N GLN B 906 -11.39 66.33 61.08
CA GLN B 906 -11.89 65.89 59.78
C GLN B 906 -10.99 64.83 59.17
N PHE B 907 -9.66 65.03 59.27
CA PHE B 907 -8.73 64.03 58.75
C PHE B 907 -8.88 62.70 59.47
N ASN B 908 -9.01 62.74 60.81
CA ASN B 908 -9.16 61.51 61.57
C ASN B 908 -10.45 60.78 61.19
N SER B 909 -11.55 61.53 61.03
CA SER B 909 -12.81 60.90 60.65
C SER B 909 -12.70 60.25 59.27
N ALA B 910 -12.10 60.95 58.31
CA ALA B 910 -11.97 60.38 56.97
C ALA B 910 -11.09 59.12 56.97
N ILE B 911 -9.97 59.16 57.71
CA ILE B 911 -9.09 58.01 57.74
C ILE B 911 -9.75 56.84 58.47
N GLY B 912 -10.61 57.11 59.45
CA GLY B 912 -11.37 56.04 60.07
C GLY B 912 -12.39 55.44 59.12
N LYS B 913 -13.06 56.28 58.34
CA LYS B 913 -14.11 55.82 57.44
C LYS B 913 -13.55 55.04 56.24
N ILE B 914 -12.29 55.30 55.86
CA ILE B 914 -11.76 54.70 54.65
C ILE B 914 -11.68 53.18 54.78
N GLN B 915 -11.39 52.67 55.98
CA GLN B 915 -11.30 51.23 56.16
C GLN B 915 -12.64 50.55 55.97
N ASP B 916 -13.70 51.11 56.55
CA ASP B 916 -15.04 50.55 56.34
C ASP B 916 -15.45 50.65 54.88
N SER B 917 -15.14 51.77 54.22
CA SER B 917 -15.49 51.92 52.82
C SER B 917 -14.80 50.87 51.96
N LEU B 918 -13.52 50.60 52.25
CA LEU B 918 -12.78 49.60 51.48
C LEU B 918 -13.28 48.19 51.76
N SER B 919 -13.59 47.89 53.03
CA SER B 919 -13.99 46.53 53.38
C SER B 919 -15.38 46.20 52.87
N SER B 920 -16.30 47.17 52.93
CA SER B 920 -17.70 46.89 52.62
C SER B 920 -17.88 46.49 51.15
N THR B 921 -17.22 47.19 50.25
CA THR B 921 -17.35 46.88 48.83
C THR B 921 -16.67 45.55 48.51
N PRO B 922 -17.37 44.60 47.89
CA PRO B 922 -16.73 43.29 47.62
C PRO B 922 -15.80 43.32 46.41
N SER B 923 -16.08 44.19 45.44
CA SER B 923 -15.33 44.23 44.19
C SER B 923 -14.26 45.31 44.17
N ALA B 924 -13.98 45.93 45.33
CA ALA B 924 -13.06 47.07 45.36
C ALA B 924 -11.68 46.69 44.85
N LEU B 925 -11.20 45.50 45.21
CA LEU B 925 -9.89 45.03 44.79
C LEU B 925 -9.95 44.21 43.50
N GLY B 926 -11.10 44.24 42.82
CA GLY B 926 -11.32 43.33 41.71
C GLY B 926 -10.19 43.33 40.69
N LYS B 927 -9.70 44.52 40.33
CA LYS B 927 -8.57 44.65 39.42
C LYS B 927 -7.47 43.65 39.76
N LEU B 928 -6.92 43.76 40.97
CA LEU B 928 -5.86 42.84 41.38
C LEU B 928 -6.32 41.40 41.22
N GLN B 929 -7.48 41.08 41.81
CA GLN B 929 -8.00 39.72 41.71
C GLN B 929 -8.08 39.27 40.26
N ASN B 930 -8.56 40.17 39.40
CA ASN B 930 -8.71 39.83 37.98
C ASN B 930 -7.43 39.24 37.44
N VAL B 931 -6.30 39.92 37.69
CA VAL B 931 -5.02 39.48 37.12
C VAL B 931 -4.77 38.03 37.50
N VAL B 932 -4.90 37.72 38.80
CA VAL B 932 -4.62 36.37 39.26
C VAL B 932 -5.47 35.38 38.49
N ASN B 933 -6.78 35.65 38.42
CA ASN B 933 -7.68 34.73 37.74
C ASN B 933 -7.20 34.44 36.34
N HIS B 934 -6.85 35.50 35.59
CA HIS B 934 -6.42 35.31 34.22
C HIS B 934 -5.29 34.30 34.15
N ASN B 935 -4.26 34.49 34.97
CA ASN B 935 -3.12 33.57 34.94
C ASN B 935 -3.59 32.14 35.13
N ALA B 936 -4.39 31.90 36.18
CA ALA B 936 -4.84 30.55 36.46
C ALA B 936 -5.55 29.97 35.25
N GLN B 937 -6.44 30.75 34.64
CA GLN B 937 -7.20 30.27 33.49
C GLN B 937 -6.23 29.76 32.43
N ALA B 938 -5.22 30.56 32.11
CA ALA B 938 -4.29 30.19 31.06
C ALA B 938 -3.70 28.82 31.32
N LEU B 939 -3.26 28.58 32.57
CA LEU B 939 -2.62 27.31 32.88
C LEU B 939 -3.54 26.15 32.56
N ASN B 940 -4.80 26.26 32.97
CA ASN B 940 -5.73 25.15 32.70
C ASN B 940 -5.85 24.90 31.21
N THR B 941 -5.96 25.97 30.42
CA THR B 941 -6.12 25.82 28.99
C THR B 941 -4.97 25.03 28.40
N LEU B 942 -3.79 25.13 29.02
CA LEU B 942 -2.65 24.36 28.54
C LEU B 942 -2.77 22.91 28.97
N VAL B 943 -3.04 22.66 30.24
CA VAL B 943 -2.91 21.33 30.82
C VAL B 943 -3.86 20.35 30.15
N LYS B 944 -5.15 20.67 30.17
CA LYS B 944 -6.13 19.76 29.59
C LYS B 944 -6.10 19.83 28.08
N GLN B 945 -5.20 20.65 27.52
CA GLN B 945 -4.93 20.55 26.09
C GLN B 945 -4.10 19.32 25.75
N LEU B 946 -3.52 18.66 26.75
CA LEU B 946 -2.79 17.42 26.49
C LEU B 946 -3.74 16.27 26.17
N SER B 947 -4.87 16.21 26.88
CA SER B 947 -5.79 15.10 26.72
C SER B 947 -6.51 15.10 25.38
N SER B 948 -6.42 16.17 24.61
CA SER B 948 -7.05 16.20 23.30
C SER B 948 -6.30 15.30 22.32
N ASN B 949 -7.04 14.71 21.40
CA ASN B 949 -6.50 13.77 20.43
C ASN B 949 -5.86 14.44 19.23
N PHE B 950 -6.27 15.66 18.90
CA PHE B 950 -5.74 16.40 17.75
C PHE B 950 -5.86 15.57 16.47
N GLY B 951 -6.98 14.87 16.35
CA GLY B 951 -7.21 14.03 15.18
C GLY B 951 -6.19 12.93 15.05
N ALA B 952 -6.16 12.01 16.01
CA ALA B 952 -5.21 10.91 15.99
C ALA B 952 -5.84 9.72 16.68
N ILE B 953 -5.06 8.66 16.85
CA ILE B 953 -5.59 7.41 17.42
C ILE B 953 -5.95 7.60 18.88
N SER B 954 -5.09 8.28 19.64
CA SER B 954 -5.33 8.48 21.06
C SER B 954 -4.53 9.69 21.53
N SER B 955 -4.76 10.06 22.78
CA SER B 955 -3.99 11.14 23.40
C SER B 955 -2.75 10.62 24.12
N VAL B 956 -2.85 9.45 24.77
CA VAL B 956 -1.70 8.86 25.43
C VAL B 956 -0.80 8.22 24.38
N LEU B 957 0.50 8.49 24.47
CA LEU B 957 1.44 7.99 23.49
C LEU B 957 1.78 6.52 23.70
N ASN B 958 1.69 6.01 24.92
CA ASN B 958 2.06 4.63 25.19
C ASN B 958 1.15 3.67 24.44
N ASP B 959 -0.16 3.94 24.43
CA ASP B 959 -1.10 3.09 23.71
C ASP B 959 -0.97 3.23 22.20
N ILE B 960 -0.36 4.33 21.72
CA ILE B 960 -0.17 4.50 20.30
C ILE B 960 1.08 3.77 19.83
N LEU B 961 2.15 3.83 20.64
CA LEU B 961 3.41 3.22 20.23
C LEU B 961 3.33 1.69 20.22
N SER B 962 2.60 1.10 21.17
CA SER B 962 2.55 -0.35 21.25
C SER B 962 1.69 -0.96 20.15
N ARG B 963 0.61 -0.27 19.78
CA ARG B 963 -0.39 -0.82 18.86
C ARG B 963 0.05 -0.71 17.39
N LEU B 964 1.19 -0.07 17.10
CA LEU B 964 1.64 0.08 15.74
C LEU B 964 3.08 -0.39 15.61
N ASP B 965 3.39 -0.97 14.46
CA ASP B 965 4.77 -1.35 14.13
C ASP B 965 5.60 -0.09 13.90
N PRO B 966 6.93 -0.20 13.97
CA PRO B 966 7.79 0.99 13.96
C PRO B 966 7.43 1.98 12.87
N PRO B 967 7.37 1.58 11.59
CA PRO B 967 7.16 2.63 10.58
C PRO B 967 5.68 2.98 10.38
N GLU B 968 4.95 3.07 11.49
CA GLU B 968 3.55 3.48 11.42
C GLU B 968 3.28 4.67 12.32
N ALA B 969 3.85 4.64 13.53
CA ALA B 969 3.49 5.61 14.57
C ALA B 969 3.98 7.02 14.25
N GLU B 970 4.82 7.19 13.24
CA GLU B 970 5.39 8.50 12.93
C GLU B 970 4.32 9.54 12.64
N VAL B 971 3.31 9.19 11.85
CA VAL B 971 2.29 10.17 11.50
C VAL B 971 1.53 10.63 12.74
N GLN B 972 1.13 9.69 13.59
CA GLN B 972 0.39 10.05 14.79
C GLN B 972 1.24 10.88 15.75
N ILE B 973 2.51 10.48 15.92
CA ILE B 973 3.39 11.20 16.83
C ILE B 973 3.63 12.62 16.32
N ASP B 974 3.85 12.78 15.01
CA ASP B 974 4.06 14.11 14.46
C ASP B 974 2.82 14.97 14.59
N ARG B 975 1.64 14.37 14.38
CA ARG B 975 0.40 15.12 14.55
C ARG B 975 0.24 15.62 15.98
N LEU B 976 0.52 14.74 16.97
CA LEU B 976 0.43 15.15 18.36
C LEU B 976 1.45 16.24 18.69
N ILE B 977 2.67 16.10 18.15
CA ILE B 977 3.71 17.10 18.40
C ILE B 977 3.28 18.47 17.88
N THR B 978 2.75 18.51 16.65
CA THR B 978 2.29 19.77 16.09
C THR B 978 1.15 20.35 16.92
N GLY B 979 0.19 19.52 17.30
CA GLY B 979 -0.94 19.99 18.08
C GLY B 979 -0.54 20.57 19.42
N ARG B 980 0.49 20.03 20.06
CA ARG B 980 0.97 20.57 21.33
C ARG B 980 1.86 21.80 21.16
N LEU B 981 2.69 21.82 20.11
CA LEU B 981 3.55 22.96 19.87
C LEU B 981 2.74 24.22 19.55
N GLN B 982 1.62 24.04 18.83
CA GLN B 982 0.76 25.18 18.56
C GLN B 982 0.24 25.82 19.85
N SER B 983 -0.22 24.99 20.78
CA SER B 983 -0.73 25.51 22.05
C SER B 983 0.37 26.20 22.84
N LEU B 984 1.58 25.64 22.83
CA LEU B 984 2.70 26.31 23.49
C LEU B 984 2.94 27.70 22.92
N GLN B 985 2.95 27.80 21.58
CA GLN B 985 3.19 29.08 20.94
C GLN B 985 2.12 30.11 21.30
N THR B 986 0.85 29.69 21.26
CA THR B 986 -0.22 30.61 21.62
C THR B 986 -0.13 31.06 23.08
N TYR B 987 0.21 30.16 24.00
CA TYR B 987 0.38 30.53 25.39
C TYR B 987 1.48 31.58 25.54
N VAL B 988 2.61 31.39 24.88
CA VAL B 988 3.70 32.36 25.00
C VAL B 988 3.28 33.71 24.45
N THR B 989 2.57 33.73 23.32
CA THR B 989 2.14 35.01 22.75
C THR B 989 1.20 35.75 23.70
N GLN B 990 0.24 35.04 24.28
CA GLN B 990 -0.67 35.68 25.24
C GLN B 990 0.09 36.23 26.43
N GLN B 991 1.08 35.48 26.93
CA GLN B 991 1.87 35.96 28.05
C GLN B 991 2.63 37.23 27.70
N LEU B 992 3.19 37.30 26.49
CA LEU B 992 3.91 38.51 26.08
C LEU B 992 2.99 39.73 26.07
N ILE B 993 1.78 39.58 25.50
CA ILE B 993 0.87 40.70 25.44
C ILE B 993 0.47 41.16 26.84
N ARG B 994 0.14 40.22 27.71
CA ARG B 994 -0.24 40.58 29.08
C ARG B 994 0.91 41.23 29.82
N ALA B 995 2.15 40.77 29.56
CA ALA B 995 3.30 41.38 30.21
C ALA B 995 3.47 42.84 29.81
N ALA B 996 3.28 43.14 28.52
CA ALA B 996 3.35 44.54 28.10
C ALA B 996 2.27 45.37 28.80
N GLU B 997 1.05 44.83 28.88
CA GLU B 997 -0.02 45.55 29.55
C GLU B 997 0.31 45.83 31.01
N ILE B 998 0.92 44.85 31.69
CA ILE B 998 1.28 45.04 33.10
C ILE B 998 2.41 46.07 33.24
N ARG B 999 3.36 46.06 32.30
CA ARG B 999 4.46 47.02 32.36
C ARG B 999 3.97 48.45 32.27
N ALA B 1000 2.97 48.70 31.43
CA ALA B 1000 2.41 50.05 31.34
C ALA B 1000 1.88 50.52 32.70
N SER B 1001 1.12 49.65 33.38
CA SER B 1001 0.56 49.99 34.68
C SER B 1001 1.67 50.22 35.71
N ALA B 1002 2.72 49.40 35.66
CA ALA B 1002 3.84 49.60 36.60
C ALA B 1002 4.50 50.94 36.38
N ASN B 1003 4.68 51.36 35.13
CA ASN B 1003 5.25 52.67 34.86
C ASN B 1003 4.36 53.78 35.41
N LEU B 1004 3.04 53.66 35.23
CA LEU B 1004 2.14 54.66 35.78
C LEU B 1004 2.23 54.72 37.30
N ALA B 1005 2.31 53.55 37.95
CA ALA B 1005 2.40 53.53 39.41
C ALA B 1005 3.69 54.18 39.90
N ALA B 1006 4.80 53.92 39.20
CA ALA B 1006 6.06 54.57 39.57
C ALA B 1006 5.98 56.08 39.44
N THR B 1007 5.36 56.56 38.36
CA THR B 1007 5.21 58.00 38.19
C THR B 1007 4.36 58.60 39.32
N LYS B 1008 3.26 57.93 39.67
CA LYS B 1008 2.41 58.41 40.75
C LYS B 1008 3.15 58.43 42.08
N MET B 1009 3.97 57.41 42.35
CA MET B 1009 4.76 57.39 43.57
C MET B 1009 5.74 58.55 43.59
N SER B 1010 6.35 58.87 42.44
CA SER B 1010 7.32 59.96 42.40
C SER B 1010 6.65 61.32 42.60
N GLU B 1011 5.49 61.54 42.00
CA GLU B 1011 4.92 62.88 41.97
C GLU B 1011 3.83 63.15 42.99
N CYS B 1012 3.20 62.12 43.56
CA CYS B 1012 2.16 62.34 44.55
C CYS B 1012 2.61 62.12 45.99
N VAL B 1013 3.48 61.15 46.23
CA VAL B 1013 3.85 60.81 47.60
C VAL B 1013 4.95 61.73 48.11
N LEU B 1014 6.09 61.75 47.44
CA LEU B 1014 7.19 62.62 47.84
C LEU B 1014 7.19 63.93 47.05
N GLY B 1015 6.02 64.56 47.01
CA GLY B 1015 5.87 65.85 46.37
C GLY B 1015 4.42 66.26 46.35
N GLN B 1016 4.19 67.51 45.97
CA GLN B 1016 2.85 68.07 45.83
C GLN B 1016 2.65 68.42 44.36
N SER B 1017 1.55 67.93 43.79
CA SER B 1017 1.32 68.02 42.35
C SER B 1017 0.23 69.02 42.04
N LYS B 1018 0.46 69.84 41.01
CA LYS B 1018 -0.52 70.79 40.53
C LYS B 1018 -1.32 70.29 39.34
N ARG B 1019 -1.07 69.07 38.88
CA ARG B 1019 -1.82 68.52 37.76
C ARG B 1019 -3.22 68.16 38.20
N VAL B 1020 -4.21 68.57 37.40
CA VAL B 1020 -5.61 68.39 37.78
C VAL B 1020 -5.98 66.92 37.66
N ASP B 1021 -6.60 66.40 38.72
CA ASP B 1021 -7.14 65.03 38.75
C ASP B 1021 -6.07 63.97 38.61
N PHE B 1022 -4.82 64.31 38.92
CA PHE B 1022 -3.76 63.32 38.88
C PHE B 1022 -3.64 62.58 40.22
N CYS B 1023 -3.45 63.32 41.31
CA CYS B 1023 -3.37 62.72 42.63
C CYS B 1023 -4.70 62.89 43.36
N GLY B 1024 -5.72 62.23 42.82
CA GLY B 1024 -7.05 62.28 43.40
C GLY B 1024 -7.91 63.39 42.81
N LYS B 1025 -9.04 63.64 43.48
CA LYS B 1025 -10.02 64.63 43.06
C LYS B 1025 -10.04 65.80 44.03
N GLY B 1026 -9.97 67.00 43.48
CA GLY B 1026 -9.84 68.21 44.27
C GLY B 1026 -8.43 68.75 44.27
N TYR B 1027 -8.20 69.73 45.12
CA TYR B 1027 -6.88 70.33 45.27
C TYR B 1027 -6.01 69.38 46.11
N HIS B 1028 -4.97 68.83 45.49
CA HIS B 1028 -4.17 67.80 46.14
C HIS B 1028 -3.38 68.38 47.31
N LEU B 1029 -3.49 67.73 48.47
CA LEU B 1029 -2.70 68.08 49.64
C LEU B 1029 -1.52 67.13 49.82
N MET B 1030 -1.77 65.83 49.96
CA MET B 1030 -0.67 64.89 50.13
C MET B 1030 -1.19 63.47 49.92
N SER B 1031 -0.29 62.48 50.06
CA SER B 1031 -0.64 61.11 49.71
C SER B 1031 0.18 60.13 50.53
N PHE B 1032 -0.37 58.91 50.67
CA PHE B 1032 0.24 57.84 51.45
C PHE B 1032 0.22 56.54 50.64
N PRO B 1033 1.33 55.79 50.59
CA PRO B 1033 1.32 54.48 49.94
C PRO B 1033 1.08 53.33 50.91
N GLN B 1034 0.50 52.26 50.37
CA GLN B 1034 0.32 51.00 51.08
C GLN B 1034 0.55 49.86 50.09
N SER B 1035 1.09 48.75 50.58
CA SER B 1035 1.40 47.61 49.72
C SER B 1035 0.27 46.58 49.76
N ALA B 1036 0.06 45.90 48.64
CA ALA B 1036 -0.96 44.88 48.51
C ALA B 1036 -0.40 43.77 47.63
N PRO B 1037 -0.97 42.56 47.71
CA PRO B 1037 -0.49 41.47 46.86
C PRO B 1037 -0.47 41.84 45.39
N HIS B 1038 0.74 41.89 44.81
CA HIS B 1038 0.95 42.23 43.41
C HIS B 1038 0.48 43.64 43.07
N GLY B 1039 0.47 44.56 44.03
CA GLY B 1039 -0.04 45.88 43.71
C GLY B 1039 0.20 46.89 44.81
N VAL B 1040 -0.25 48.11 44.54
CA VAL B 1040 -0.06 49.24 45.45
C VAL B 1040 -1.37 50.01 45.56
N VAL B 1041 -1.62 50.52 46.76
CA VAL B 1041 -2.81 51.32 47.05
C VAL B 1041 -2.35 52.70 47.50
N PHE B 1042 -2.92 53.74 46.88
CA PHE B 1042 -2.62 55.11 47.21
C PHE B 1042 -3.80 55.73 47.93
N LEU B 1043 -3.53 56.41 49.05
CA LEU B 1043 -4.52 57.22 49.75
C LEU B 1043 -4.21 58.68 49.49
N HIS B 1044 -5.11 59.38 48.82
CA HIS B 1044 -4.94 60.78 48.46
C HIS B 1044 -5.77 61.63 49.41
N VAL B 1045 -5.12 62.61 50.03
CA VAL B 1045 -5.76 63.60 50.89
C VAL B 1045 -5.82 64.92 50.13
N THR B 1046 -7.04 65.41 49.93
CA THR B 1046 -7.31 66.58 49.10
C THR B 1046 -8.25 67.54 49.81
N TYR B 1047 -8.39 68.71 49.20
CA TYR B 1047 -9.08 69.87 49.76
C TYR B 1047 -10.30 70.20 48.91
N VAL B 1048 -11.45 70.41 49.54
CA VAL B 1048 -12.67 70.70 48.79
C VAL B 1048 -13.39 71.91 49.36
N PRO B 1049 -13.67 72.94 48.56
CA PRO B 1049 -14.42 74.09 49.06
C PRO B 1049 -15.89 73.74 49.32
N ALA B 1050 -16.54 74.56 50.15
CA ALA B 1050 -17.93 74.31 50.50
C ALA B 1050 -18.56 75.58 51.06
N GLN B 1051 -19.89 75.61 51.06
CA GLN B 1051 -20.69 76.68 51.64
C GLN B 1051 -20.37 78.04 51.02
N GLU B 1052 -20.66 78.15 49.72
CA GLU B 1052 -20.35 79.36 48.99
C GLU B 1052 -21.46 80.40 49.14
N LYS B 1053 -21.10 81.66 48.90
CA LYS B 1053 -22.03 82.77 48.95
C LYS B 1053 -21.84 83.65 47.73
N ASN B 1054 -22.89 84.39 47.38
CA ASN B 1054 -22.91 85.24 46.20
C ASN B 1054 -22.65 86.70 46.59
N PHE B 1055 -21.85 87.38 45.78
CA PHE B 1055 -21.46 88.76 46.03
C PHE B 1055 -21.45 89.51 44.70
N THR B 1056 -21.37 90.83 44.80
CA THR B 1056 -21.20 91.71 43.65
C THR B 1056 -19.72 92.09 43.55
N THR B 1057 -19.18 92.06 42.33
CA THR B 1057 -17.77 92.30 42.10
C THR B 1057 -17.56 93.36 41.04
N ALA B 1058 -16.37 93.96 41.06
CA ALA B 1058 -15.98 94.99 40.11
C ALA B 1058 -14.54 94.75 39.66
N PRO B 1059 -14.20 95.12 38.43
CA PRO B 1059 -12.83 94.89 37.95
C PRO B 1059 -11.80 95.80 38.60
N ALA B 1060 -12.13 97.08 38.76
CA ALA B 1060 -11.20 98.05 39.28
C ALA B 1060 -11.96 99.14 40.03
N ILE B 1061 -11.22 99.91 40.83
CA ILE B 1061 -11.79 100.95 41.67
C ILE B 1061 -11.10 102.27 41.34
N CYS B 1062 -11.89 103.31 41.11
CA CYS B 1062 -11.39 104.64 40.78
C CYS B 1062 -11.48 105.54 42.01
N HIS B 1063 -10.36 106.15 42.39
CA HIS B 1063 -10.29 106.97 43.59
C HIS B 1063 -10.04 108.44 43.29
N ASP B 1064 -8.97 108.78 42.60
CA ASP B 1064 -8.60 110.16 42.30
C ASP B 1064 -8.21 110.29 40.84
N GLY B 1065 -9.02 109.73 39.95
CA GLY B 1065 -8.67 109.70 38.55
C GLY B 1065 -7.68 108.63 38.16
N LYS B 1066 -7.33 107.75 39.10
CA LYS B 1066 -6.40 106.65 38.84
C LYS B 1066 -7.10 105.33 39.12
N ALA B 1067 -6.79 104.32 38.30
CA ALA B 1067 -7.38 103.00 38.46
C ALA B 1067 -6.50 102.15 39.37
N HIS B 1068 -7.15 101.40 40.27
CA HIS B 1068 -6.46 100.55 41.23
C HIS B 1068 -6.85 99.10 40.98
N PHE B 1069 -5.87 98.21 41.00
CA PHE B 1069 -6.12 96.79 40.83
C PHE B 1069 -5.59 96.01 42.02
N PRO B 1070 -6.28 94.99 42.49
CA PRO B 1070 -5.78 94.23 43.64
C PRO B 1070 -4.53 93.45 43.29
N ARG B 1071 -3.64 93.32 44.27
CA ARG B 1071 -2.40 92.55 44.06
C ARG B 1071 -2.71 91.06 43.98
N GLU B 1072 -3.33 90.51 45.02
CA GLU B 1072 -3.87 89.16 44.98
C GLU B 1072 -5.22 89.17 45.69
N GLY B 1073 -6.26 88.75 45.00
CA GLY B 1073 -7.59 88.75 45.55
C GLY B 1073 -8.57 89.39 44.59
N VAL B 1074 -9.78 89.61 45.07
CA VAL B 1074 -10.85 90.22 44.29
C VAL B 1074 -11.57 91.26 45.14
N PHE B 1075 -12.21 92.20 44.44
CA PHE B 1075 -13.03 93.25 45.06
C PHE B 1075 -14.45 92.71 45.17
N VAL B 1076 -14.98 92.67 46.38
CA VAL B 1076 -16.32 92.19 46.62
C VAL B 1076 -17.12 93.26 47.36
N SER B 1077 -18.43 93.17 47.29
CA SER B 1077 -19.32 94.12 47.93
C SER B 1077 -20.42 93.39 48.68
N ASN B 1078 -20.69 93.83 49.91
CA ASN B 1078 -21.83 93.30 50.64
C ASN B 1078 -23.14 93.73 50.00
N GLY B 1079 -23.16 94.92 49.42
CA GLY B 1079 -24.37 95.54 48.92
C GLY B 1079 -24.30 97.03 49.20
N THR B 1080 -23.52 97.39 50.22
CA THR B 1080 -23.27 98.79 50.56
C THR B 1080 -21.80 99.14 50.74
N HIS B 1081 -20.93 98.18 51.05
CA HIS B 1081 -19.53 98.45 51.32
C HIS B 1081 -18.66 97.55 50.45
N TRP B 1082 -17.42 97.98 50.22
CA TRP B 1082 -16.48 97.28 49.36
C TRP B 1082 -15.29 96.78 50.16
N PHE B 1083 -14.84 95.57 49.83
CA PHE B 1083 -13.71 94.95 50.51
C PHE B 1083 -12.89 94.19 49.48
N VAL B 1084 -11.72 93.71 49.91
CA VAL B 1084 -10.87 92.85 49.09
C VAL B 1084 -10.69 91.53 49.83
N THR B 1085 -10.71 90.43 49.09
CA THR B 1085 -10.66 89.10 49.70
C THR B 1085 -9.83 88.16 48.85
N GLN B 1086 -9.48 87.02 49.45
CA GLN B 1086 -8.84 85.94 48.72
C GLN B 1086 -9.81 85.33 47.71
N ARG B 1087 -9.26 84.59 46.77
CA ARG B 1087 -10.06 83.98 45.70
C ARG B 1087 -10.63 82.62 46.09
N ASN B 1088 -10.22 82.05 47.22
CA ASN B 1088 -10.65 80.71 47.60
C ASN B 1088 -11.33 80.67 48.96
N PHE B 1089 -10.87 81.49 49.91
CA PHE B 1089 -11.46 81.56 51.24
C PHE B 1089 -11.91 82.98 51.50
N TYR B 1090 -13.10 83.13 52.08
CA TYR B 1090 -13.72 84.42 52.26
C TYR B 1090 -13.28 85.04 53.58
N GLU B 1091 -12.55 86.14 53.50
CA GLU B 1091 -12.25 86.97 54.68
C GLU B 1091 -12.00 88.39 54.19
N PRO B 1092 -13.01 89.25 54.23
CA PRO B 1092 -12.87 90.60 53.67
C PRO B 1092 -11.90 91.46 54.44
N GLN B 1093 -11.25 92.38 53.73
CA GLN B 1093 -10.34 93.34 54.34
C GLN B 1093 -10.49 94.69 53.66
N ILE B 1094 -10.06 95.73 54.37
CA ILE B 1094 -10.17 97.09 53.87
C ILE B 1094 -9.24 97.29 52.67
N ILE B 1095 -9.66 98.15 51.76
CA ILE B 1095 -8.89 98.46 50.55
C ILE B 1095 -7.95 99.61 50.86
N THR B 1096 -6.64 99.31 50.87
CA THR B 1096 -5.62 100.29 51.19
C THR B 1096 -4.60 100.35 50.05
N THR B 1097 -3.64 101.26 50.17
CA THR B 1097 -2.63 101.42 49.13
C THR B 1097 -1.62 100.27 49.11
N ASP B 1098 -1.53 99.50 50.18
CA ASP B 1098 -0.66 98.33 50.20
C ASP B 1098 -1.38 97.05 49.81
N ASN B 1099 -2.69 97.12 49.54
CA ASN B 1099 -3.44 95.99 49.03
C ASN B 1099 -3.58 96.02 47.52
N THR B 1100 -3.41 97.18 46.91
CA THR B 1100 -3.63 97.38 45.49
C THR B 1100 -2.43 98.05 44.86
N PHE B 1101 -2.43 98.11 43.53
CA PHE B 1101 -1.45 98.87 42.78
C PHE B 1101 -2.16 99.70 41.72
N VAL B 1102 -1.60 100.87 41.44
CA VAL B 1102 -2.23 101.87 40.58
C VAL B 1102 -1.68 101.74 39.17
N SER B 1103 -2.56 101.89 38.18
CA SER B 1103 -2.18 101.79 36.79
C SER B 1103 -3.20 102.46 35.87
N GLY B 1104 -2.77 103.50 35.15
CA GLY B 1104 -3.62 104.13 34.17
C GLY B 1104 -4.63 105.10 34.78
N ASN B 1105 -5.64 105.43 33.97
CA ASN B 1105 -6.67 106.37 34.33
C ASN B 1105 -8.01 105.64 34.46
N CYS B 1106 -9.08 106.41 34.71
CA CYS B 1106 -10.41 105.87 34.96
C CYS B 1106 -11.30 105.93 33.73
N ASP B 1107 -10.74 105.71 32.55
CA ASP B 1107 -11.52 105.81 31.31
C ASP B 1107 -11.48 104.55 30.47
N VAL B 1108 -10.40 103.75 30.56
CA VAL B 1108 -10.25 102.62 29.65
C VAL B 1108 -10.94 101.38 30.20
N VAL B 1109 -11.02 101.25 31.52
CA VAL B 1109 -11.57 100.04 32.13
C VAL B 1109 -13.09 100.08 32.06
N ILE B 1110 -13.68 99.00 31.55
CA ILE B 1110 -15.13 98.88 31.47
C ILE B 1110 -15.67 98.30 32.76
N GLY B 1111 -16.61 99.02 33.37
CA GLY B 1111 -17.22 98.55 34.61
C GLY B 1111 -16.49 98.98 35.88
N ILE B 1112 -15.67 100.02 35.80
CA ILE B 1112 -14.96 100.52 36.97
C ILE B 1112 -15.96 101.21 37.90
N VAL B 1113 -15.70 101.12 39.20
CA VAL B 1113 -16.63 101.58 40.23
C VAL B 1113 -15.93 102.62 41.10
N ASN B 1114 -16.62 103.74 41.35
CA ASN B 1114 -16.10 104.76 42.25
C ASN B 1114 -16.12 104.27 43.69
N ASN B 1115 -15.03 104.52 44.41
CA ASN B 1115 -14.94 104.23 45.84
C ASN B 1115 -13.76 105.00 46.41
N THR B 1116 -13.41 104.71 47.66
CA THR B 1116 -12.30 105.36 48.34
C THR B 1116 -11.25 104.32 48.71
N VAL B 1117 -9.99 104.73 48.65
CA VAL B 1117 -8.86 103.88 49.00
C VAL B 1117 -8.19 104.51 50.21
N TYR B 1118 -8.22 103.82 51.34
CA TYR B 1118 -7.69 104.37 52.57
C TYR B 1118 -6.17 104.38 52.55
N ASP B 1119 -5.59 105.52 52.97
CA ASP B 1119 -4.14 105.65 53.04
C ASP B 1119 -3.66 105.33 54.44
N PRO B 1120 -2.75 104.37 54.62
CA PRO B 1120 -2.35 103.98 55.98
C PRO B 1120 -1.50 105.02 56.69
N LEU B 1121 -1.03 106.05 56.00
CA LEU B 1121 -0.12 107.03 56.57
C LEU B 1121 -0.93 108.19 57.17
N GLN B 1122 -1.02 108.23 58.49
CA GLN B 1122 -1.63 109.35 59.22
C GLN B 1122 -0.60 109.97 60.14
N PRO B 1123 0.08 111.04 59.71
CA PRO B 1123 1.09 111.70 60.56
C PRO B 1123 0.47 112.73 61.50
N LEU C 1 58.43 -14.67 22.24
CA LEU C 1 57.98 -14.53 23.62
C LEU C 1 57.85 -13.06 24.01
N ILE C 2 56.61 -12.61 24.19
CA ILE C 2 56.34 -11.24 24.60
C ILE C 2 55.41 -11.28 25.80
N THR C 3 55.84 -10.64 26.90
CA THR C 3 55.05 -10.55 28.13
C THR C 3 54.76 -9.08 28.38
N ARG C 4 53.48 -8.75 28.52
CA ARG C 4 53.05 -7.37 28.69
C ARG C 4 52.63 -7.08 30.12
N THR C 5 52.66 -5.79 30.48
CA THR C 5 52.26 -5.31 31.79
C THR C 5 51.57 -3.97 31.62
N GLN C 6 50.65 -3.64 32.53
CA GLN C 6 49.82 -2.45 32.40
C GLN C 6 50.09 -1.47 33.53
N SER C 7 49.71 -0.23 33.27
CA SER C 7 49.70 0.86 34.25
C SER C 7 48.65 1.87 33.79
N TYR C 8 48.41 2.90 34.59
CA TYR C 8 47.35 3.85 34.27
C TYR C 8 47.87 5.28 34.34
N THR C 9 47.44 6.10 33.38
CA THR C 9 47.84 7.51 33.32
C THR C 9 46.63 8.36 32.96
N ASN C 10 46.83 9.67 32.96
CA ASN C 10 45.78 10.65 32.67
C ASN C 10 45.95 11.18 31.26
N SER C 11 44.82 11.39 30.57
CA SER C 11 44.89 11.81 29.17
C SER C 11 45.31 13.27 29.02
N PHE C 12 44.75 14.16 29.84
CA PHE C 12 45.12 15.58 29.86
C PHE C 12 44.71 16.30 28.57
N THR C 13 43.46 16.09 28.16
CA THR C 13 42.86 16.79 27.01
C THR C 13 43.67 16.57 25.73
N ARG C 14 43.69 15.32 25.28
CA ARG C 14 44.30 14.96 24.02
C ARG C 14 43.28 14.23 23.14
N GLY C 15 43.71 13.92 21.92
CA GLY C 15 42.88 13.14 21.02
C GLY C 15 41.85 13.92 20.25
N VAL C 16 42.08 15.21 20.00
CA VAL C 16 41.16 16.03 19.22
C VAL C 16 41.59 15.97 17.76
N TYR C 17 40.62 15.77 16.87
CA TYR C 17 40.89 15.68 15.44
C TYR C 17 39.88 16.53 14.67
N TYR C 18 40.25 16.88 13.44
CA TYR C 18 39.34 17.61 12.57
C TYR C 18 38.20 16.70 12.16
N PRO C 19 36.94 17.04 12.48
CA PRO C 19 35.84 16.12 12.19
C PRO C 19 35.27 16.24 10.80
N ASP C 20 35.69 17.22 10.00
CA ASP C 20 35.08 17.46 8.70
C ASP C 20 36.11 18.16 7.82
N LYS C 21 35.79 18.26 6.53
CA LYS C 21 36.66 18.89 5.53
C LYS C 21 36.20 20.30 5.19
N VAL C 22 35.76 21.07 6.17
CA VAL C 22 35.20 22.39 5.96
C VAL C 22 36.14 23.43 6.55
N PHE C 23 36.48 24.45 5.75
CA PHE C 23 37.31 25.55 6.22
C PHE C 23 36.48 26.57 6.98
N ARG C 24 36.97 26.97 8.15
CA ARG C 24 36.31 27.98 8.96
C ARG C 24 37.35 28.98 9.45
N SER C 25 36.91 30.21 9.70
CA SER C 25 37.81 31.31 10.02
C SER C 25 37.31 32.07 11.23
N SER C 26 38.04 31.95 12.35
CA SER C 26 37.76 32.69 13.59
C SER C 26 36.33 32.45 14.05
N VAL C 27 36.02 31.19 14.34
CA VAL C 27 34.65 30.77 14.60
C VAL C 27 34.65 29.75 15.74
N LEU C 28 33.67 29.85 16.64
CA LEU C 28 33.40 28.77 17.59
C LEU C 28 32.30 27.88 17.03
N HIS C 29 32.57 26.57 16.97
CA HIS C 29 31.63 25.63 16.36
C HIS C 29 31.41 24.44 17.29
N SER C 30 30.16 24.02 17.44
CA SER C 30 29.81 22.91 18.31
C SER C 30 29.57 21.66 17.47
N THR C 31 30.13 20.54 17.93
CA THR C 31 30.10 19.28 17.20
C THR C 31 29.66 18.15 18.14
N GLN C 32 29.06 17.12 17.57
CA GLN C 32 28.68 15.92 18.31
C GLN C 32 29.24 14.72 17.57
N ASP C 33 30.18 14.02 18.20
CA ASP C 33 30.90 12.94 17.51
C ASP C 33 31.56 12.06 18.56
N LEU C 34 32.37 11.10 18.09
CA LEU C 34 33.09 10.19 18.98
C LEU C 34 34.44 10.81 19.34
N PHE C 35 34.64 11.08 20.63
CA PHE C 35 35.85 11.75 21.11
C PHE C 35 36.41 11.00 22.30
N LEU C 36 37.67 11.30 22.61
CA LEU C 36 38.28 10.84 23.84
C LEU C 36 38.00 11.85 24.95
N PRO C 37 37.25 11.49 25.98
CA PRO C 37 36.87 12.47 27.00
C PRO C 37 38.08 13.03 27.73
N PHE C 38 37.94 14.29 28.15
CA PHE C 38 39.03 14.96 28.84
C PHE C 38 39.27 14.36 30.21
N PHE C 39 40.55 14.28 30.61
CA PHE C 39 40.96 13.81 31.93
C PHE C 39 40.43 12.42 32.23
N SER C 40 40.47 11.55 31.22
CA SER C 40 40.15 10.15 31.38
C SER C 40 41.42 9.36 31.67
N ASN C 41 41.25 8.14 32.16
CA ASN C 41 42.39 7.29 32.46
C ASN C 41 42.67 6.36 31.28
N VAL C 42 43.90 6.37 30.81
CA VAL C 42 44.32 5.56 29.67
C VAL C 42 45.34 4.54 30.17
N THR C 43 45.44 3.45 29.41
CA THR C 43 46.29 2.34 29.82
C THR C 43 47.67 2.45 29.17
N TRP C 44 48.70 2.22 29.97
CA TRP C 44 50.09 2.29 29.53
C TRP C 44 50.66 0.88 29.56
N PHE C 45 50.95 0.33 28.38
CA PHE C 45 51.46 -1.02 28.24
C PHE C 45 52.97 -0.98 28.05
N HIS C 46 53.68 -1.84 28.79
CA HIS C 46 55.11 -2.06 28.62
C HIS C 46 55.30 -3.49 28.14
N ALA C 47 55.24 -3.68 26.82
CA ALA C 47 55.52 -4.98 26.22
C ALA C 47 57.01 -5.15 26.05
N ILE C 48 57.55 -6.22 26.64
CA ILE C 48 58.99 -6.44 26.66
C ILE C 48 59.27 -7.88 26.22
N HIS C 49 60.46 -8.11 25.69
CA HIS C 49 60.91 -9.43 25.27
C HIS C 49 62.29 -9.68 25.85
N VAL C 50 62.40 -10.65 26.76
CA VAL C 50 63.68 -11.01 27.37
C VAL C 50 63.89 -12.51 27.26
N ASN C 61 50.21 -12.10 26.67
CA ASN C 61 49.97 -10.94 25.81
C ASN C 61 48.73 -11.14 24.93
N PRO C 62 47.55 -11.04 25.52
CA PRO C 62 46.31 -11.26 24.76
C PRO C 62 45.96 -10.05 23.91
N VAL C 63 44.89 -10.21 23.12
CA VAL C 63 44.41 -9.15 22.24
C VAL C 63 43.58 -8.16 23.03
N LEU C 64 43.34 -6.99 22.47
CA LEU C 64 42.58 -5.93 23.12
C LEU C 64 41.27 -5.68 22.38
N PRO C 65 40.21 -5.32 23.09
CA PRO C 65 38.95 -5.02 22.42
C PRO C 65 39.01 -3.72 21.62
N PHE C 66 38.17 -3.65 20.59
CA PHE C 66 38.03 -2.47 19.74
C PHE C 66 36.54 -2.12 19.76
N ASN C 67 36.16 -1.15 20.59
CA ASN C 67 34.77 -0.76 20.74
C ASN C 67 34.64 0.74 20.53
N ASP C 68 34.00 1.13 19.42
CA ASP C 68 33.68 2.50 19.03
C ASP C 68 34.89 3.31 18.55
N GLY C 69 36.09 2.76 18.59
CA GLY C 69 37.25 3.50 18.11
C GLY C 69 38.37 3.54 19.12
N VAL C 70 39.60 3.75 18.66
CA VAL C 70 40.77 3.63 19.53
C VAL C 70 41.69 4.83 19.34
N TYR C 71 42.21 5.35 20.44
CA TYR C 71 43.27 6.34 20.43
C TYR C 71 44.57 5.64 20.84
N PHE C 72 45.59 5.76 19.99
CA PHE C 72 46.87 5.08 20.17
C PHE C 72 47.97 6.13 20.24
N ALA C 73 48.89 5.96 21.19
CA ALA C 73 49.99 6.91 21.31
C ALA C 73 51.30 6.17 21.57
N SER C 74 52.39 6.70 21.02
CA SER C 74 53.70 6.11 21.28
C SER C 74 54.77 7.19 21.22
N THR C 75 55.91 6.90 21.85
CA THR C 75 57.02 7.84 21.91
C THR C 75 58.35 7.11 21.71
N GLU C 76 58.33 6.04 20.93
CA GLU C 76 59.53 5.24 20.70
C GLU C 76 60.44 5.95 19.71
N LYS C 77 61.73 6.05 20.06
CA LYS C 77 62.73 6.65 19.18
C LYS C 77 63.38 5.55 18.32
N SER C 78 62.53 4.77 17.66
CA SER C 78 62.96 3.67 16.82
C SER C 78 61.76 3.18 16.02
N ASN C 79 61.95 2.08 15.31
CA ASN C 79 60.91 1.44 14.52
C ASN C 79 60.60 0.04 15.03
N ILE C 80 60.54 -0.12 16.35
CA ILE C 80 60.18 -1.42 16.92
C ILE C 80 58.71 -1.72 16.65
N ILE C 81 57.86 -0.71 16.71
CA ILE C 81 56.45 -0.85 16.40
C ILE C 81 56.26 -0.58 14.91
N ARG C 82 55.58 -1.50 14.21
CA ARG C 82 55.49 -1.42 12.77
C ARG C 82 54.07 -1.43 12.21
N GLY C 83 53.05 -1.80 12.99
CA GLY C 83 51.71 -1.84 12.45
C GLY C 83 50.75 -2.44 13.45
N TRP C 84 49.56 -2.78 12.94
CA TRP C 84 48.46 -3.27 13.76
C TRP C 84 47.69 -4.32 12.99
N ILE C 85 46.91 -5.11 13.74
CA ILE C 85 45.98 -6.10 13.20
C ILE C 85 44.60 -5.80 13.75
N PHE C 86 43.61 -5.74 12.87
CA PHE C 86 42.23 -5.51 13.25
C PHE C 86 41.36 -6.64 12.71
N GLY C 87 40.42 -7.10 13.53
CA GLY C 87 39.55 -8.18 13.08
C GLY C 87 38.43 -8.44 14.05
N THR C 88 37.78 -9.58 13.87
CA THR C 88 36.71 -10.02 14.75
C THR C 88 36.92 -11.42 15.31
N THR C 89 37.49 -12.34 14.53
CA THR C 89 37.85 -13.66 15.02
C THR C 89 39.33 -13.96 14.87
N LEU C 90 40.02 -13.25 13.98
CA LEU C 90 41.47 -13.38 13.81
C LEU C 90 41.86 -14.80 13.40
N ASP C 91 41.05 -15.42 12.56
CA ASP C 91 41.34 -16.73 12.00
C ASP C 91 40.88 -16.75 10.55
N SER C 92 40.85 -17.94 9.95
CA SER C 92 40.53 -18.08 8.54
C SER C 92 39.04 -18.08 8.27
N LYS C 93 38.19 -18.03 9.30
CA LYS C 93 36.75 -18.04 9.08
C LYS C 93 36.27 -16.72 8.49
N THR C 94 36.74 -15.60 9.02
CA THR C 94 36.32 -14.28 8.61
C THR C 94 37.52 -13.50 8.08
N GLN C 95 37.26 -12.30 7.58
CA GLN C 95 38.29 -11.46 7.00
C GLN C 95 38.90 -10.53 8.05
N SER C 96 40.16 -10.19 7.83
CA SER C 96 40.93 -9.37 8.75
C SER C 96 41.80 -8.39 7.97
N LEU C 97 42.10 -7.27 8.62
CA LEU C 97 42.88 -6.18 8.05
C LEU C 97 44.28 -6.18 8.65
N LEU C 98 45.28 -5.83 7.83
CA LEU C 98 46.66 -5.87 8.24
C LEU C 98 47.40 -4.66 7.67
N ILE C 99 48.16 -3.99 8.54
CA ILE C 99 48.94 -2.81 8.18
C ILE C 99 50.37 -3.03 8.64
N VAL C 100 51.32 -2.91 7.72
CA VAL C 100 52.74 -3.04 8.02
C VAL C 100 53.50 -1.90 7.37
N ASN C 101 54.38 -1.25 8.11
CA ASN C 101 55.22 -0.19 7.61
C ASN C 101 56.67 -0.65 7.56
N ASN C 102 57.38 -0.25 6.51
CA ASN C 102 58.82 -0.47 6.44
C ASN C 102 59.52 0.86 6.20
N ALA C 103 60.80 0.82 5.83
CA ALA C 103 61.56 2.04 5.67
C ALA C 103 61.08 2.92 4.52
N THR C 104 60.30 2.38 3.59
CA THR C 104 59.92 3.15 2.40
C THR C 104 58.45 3.08 2.01
N ASN C 105 57.63 2.25 2.65
CA ASN C 105 56.27 2.07 2.19
C ASN C 105 55.36 1.67 3.34
N VAL C 106 54.06 1.84 3.11
CA VAL C 106 53.00 1.26 3.94
C VAL C 106 52.13 0.40 3.04
N VAL C 107 51.90 -0.84 3.46
CA VAL C 107 51.07 -1.79 2.73
C VAL C 107 49.89 -2.17 3.62
N ILE C 108 48.68 -2.01 3.10
CA ILE C 108 47.45 -2.31 3.82
C ILE C 108 46.69 -3.35 3.02
N LYS C 109 46.34 -4.47 3.67
CA LYS C 109 45.68 -5.56 2.99
C LYS C 109 44.62 -6.19 3.86
N VAL C 110 43.45 -6.47 3.29
CA VAL C 110 42.40 -7.23 3.96
C VAL C 110 42.25 -8.57 3.26
N CYS C 111 42.34 -9.65 4.03
CA CYS C 111 42.32 -11.00 3.47
C CYS C 111 41.67 -11.92 4.48
N GLU C 112 41.86 -13.23 4.32
CA GLU C 112 41.44 -14.22 5.30
C GLU C 112 42.71 -14.86 5.86
N PHE C 113 43.27 -14.24 6.89
CA PHE C 113 44.53 -14.66 7.46
C PHE C 113 44.32 -15.76 8.49
N GLN C 114 45.40 -16.47 8.79
CA GLN C 114 45.45 -17.43 9.89
C GLN C 114 46.56 -16.95 10.81
N PHE C 115 46.21 -16.06 11.73
CA PHE C 115 47.20 -15.40 12.56
C PHE C 115 47.74 -16.33 13.63
N CYS C 116 48.98 -16.06 14.04
CA CYS C 116 49.60 -16.78 15.14
C CYS C 116 49.12 -16.20 16.48
N ASN C 117 49.43 -16.93 17.56
CA ASN C 117 49.04 -16.46 18.89
C ASN C 117 49.83 -15.22 19.29
N ASP C 118 51.12 -15.17 18.93
CA ASP C 118 51.99 -14.06 19.31
C ASP C 118 52.72 -13.57 18.07
N PRO C 119 52.01 -12.92 17.14
CA PRO C 119 52.63 -12.52 15.88
C PRO C 119 53.66 -11.42 16.04
N PHE C 120 54.69 -11.49 15.19
CA PHE C 120 55.72 -10.46 15.12
C PHE C 120 56.46 -10.61 13.81
N LEU C 121 57.28 -9.61 13.50
CA LEU C 121 58.08 -9.60 12.28
C LEU C 121 59.50 -10.07 12.59
N ASP C 122 59.98 -11.03 11.82
CA ASP C 122 61.31 -11.61 12.03
C ASP C 122 62.31 -10.93 11.10
N VAL C 123 63.49 -10.63 11.64
CA VAL C 123 64.54 -9.94 10.91
C VAL C 123 65.86 -10.66 11.17
N TYR C 124 66.60 -10.92 10.10
CA TYR C 124 67.93 -11.52 10.21
C TYR C 124 68.93 -10.75 9.36
N MET C 133 65.90 -8.28 5.41
CA MET C 133 64.75 -9.04 4.91
C MET C 133 63.78 -9.37 6.05
N GLU C 134 62.53 -8.96 5.90
CA GLU C 134 61.50 -9.15 6.91
C GLU C 134 60.55 -10.24 6.44
N SER C 135 60.26 -11.19 7.33
CA SER C 135 59.37 -12.29 7.03
C SER C 135 58.05 -12.14 7.76
N GLU C 136 56.97 -12.49 7.07
CA GLU C 136 55.63 -12.48 7.64
C GLU C 136 55.19 -13.90 8.01
N PHE C 137 56.15 -14.81 8.13
CA PHE C 137 55.87 -16.21 8.43
C PHE C 137 55.55 -16.42 9.90
N ARG C 138 55.72 -15.41 10.74
CA ARG C 138 55.33 -15.48 12.15
C ARG C 138 54.18 -14.55 12.47
N VAL C 139 53.63 -13.84 11.48
CA VAL C 139 52.44 -13.01 11.65
C VAL C 139 51.19 -13.81 11.33
N TYR C 140 51.13 -14.43 10.15
CA TYR C 140 49.99 -15.25 9.75
C TYR C 140 50.51 -16.56 9.17
N SER C 141 49.72 -17.62 9.37
CA SER C 141 50.07 -18.91 8.78
C SER C 141 49.73 -18.95 7.30
N SER C 142 48.60 -18.35 6.91
CA SER C 142 48.14 -18.38 5.54
C SER C 142 47.36 -17.12 5.24
N ALA C 143 47.16 -16.85 3.94
CA ALA C 143 46.43 -15.66 3.49
C ALA C 143 45.71 -16.01 2.20
N ASN C 144 44.38 -16.07 2.26
CA ASN C 144 43.57 -16.47 1.12
C ASN C 144 42.41 -15.52 0.94
N ASN C 145 41.89 -15.48 -0.29
CA ASN C 145 40.70 -14.70 -0.64
C ASN C 145 40.87 -13.22 -0.30
N CYS C 146 41.99 -12.65 -0.77
CA CYS C 146 42.27 -11.24 -0.57
C CYS C 146 41.30 -10.39 -1.37
N THR C 147 40.90 -9.26 -0.80
CA THR C 147 39.82 -8.45 -1.34
C THR C 147 40.20 -7.00 -1.61
N PHE C 148 41.17 -6.44 -0.89
CA PHE C 148 41.57 -5.05 -1.06
C PHE C 148 43.05 -4.93 -0.79
N GLU C 149 43.68 -3.94 -1.41
CA GLU C 149 45.11 -3.71 -1.21
C GLU C 149 45.42 -2.24 -1.46
N TYR C 150 46.35 -1.70 -0.69
CA TYR C 150 46.71 -0.29 -0.75
C TYR C 150 48.20 -0.16 -0.43
N VAL C 151 48.90 0.68 -1.18
CA VAL C 151 50.32 0.92 -0.99
C VAL C 151 50.58 2.43 -1.04
N SER C 152 51.37 2.92 -0.10
CA SER C 152 51.68 4.35 -0.06
C SER C 152 52.99 4.56 0.68
N GLN C 153 53.24 5.80 1.09
CA GLN C 153 54.47 6.13 1.80
C GLN C 153 54.37 5.81 3.28
N PRO C 154 55.52 5.57 3.92
CA PRO C 154 55.53 5.21 5.35
C PRO C 154 54.75 6.22 6.18
N LYS C 167 61.27 12.08 22.77
CA LYS C 167 61.73 13.14 21.88
C LYS C 167 60.68 13.45 20.82
N ASN C 168 60.01 12.41 20.33
CA ASN C 168 58.97 12.54 19.32
C ASN C 168 57.77 11.69 19.71
N LEU C 169 56.60 12.31 19.75
CA LEU C 169 55.36 11.64 20.11
C LEU C 169 54.49 11.48 18.87
N ARG C 170 54.00 10.27 18.64
CA ARG C 170 53.16 9.97 17.51
C ARG C 170 51.79 9.50 18.01
N GLU C 171 50.74 10.15 17.52
CA GLU C 171 49.37 9.87 17.94
C GLU C 171 48.54 9.47 16.74
N PHE C 172 47.69 8.47 16.94
CA PHE C 172 46.79 7.96 15.91
C PHE C 172 45.39 7.78 16.49
N VAL C 173 44.39 7.97 15.64
CA VAL C 173 43.01 7.70 15.98
C VAL C 173 42.44 6.80 14.90
N PHE C 174 41.88 5.66 15.31
CA PHE C 174 41.30 4.67 14.41
C PHE C 174 39.81 4.60 14.64
N LYS C 175 39.04 4.78 13.57
CA LYS C 175 37.58 4.76 13.64
C LYS C 175 37.03 3.90 12.53
N ASN C 176 35.89 3.27 12.78
CA ASN C 176 35.21 2.43 11.80
C ASN C 176 33.73 2.75 11.82
N ILE C 177 33.26 3.43 10.78
CA ILE C 177 31.86 3.86 10.71
C ILE C 177 31.30 3.55 9.32
N ASP C 178 30.11 2.97 9.31
CA ASP C 178 29.29 2.64 8.12
C ASP C 178 30.11 2.22 6.90
N GLY C 179 30.93 1.19 7.04
CA GLY C 179 31.66 0.63 5.92
C GLY C 179 32.96 1.33 5.58
N TYR C 180 33.43 2.23 6.42
CA TYR C 180 34.65 2.98 6.17
C TYR C 180 35.55 2.92 7.39
N PHE C 181 36.85 2.76 7.13
CA PHE C 181 37.89 2.77 8.14
C PHE C 181 38.69 4.05 7.98
N LYS C 182 38.76 4.86 9.04
CA LYS C 182 39.36 6.18 9.00
C LYS C 182 40.52 6.26 9.98
N ILE C 183 41.62 6.86 9.52
CA ILE C 183 42.83 7.02 10.32
C ILE C 183 43.17 8.50 10.40
N TYR C 184 43.44 8.99 11.61
CA TYR C 184 43.97 10.33 11.82
C TYR C 184 45.32 10.20 12.53
N SER C 185 46.25 11.11 12.21
CA SER C 185 47.59 11.00 12.75
C SER C 185 48.17 12.37 13.06
N LYS C 186 49.17 12.38 13.93
CA LYS C 186 49.88 13.60 14.28
C LYS C 186 51.24 13.25 14.85
N HIS C 187 52.25 14.05 14.50
CA HIS C 187 53.61 13.92 15.01
C HIS C 187 53.98 15.21 15.73
N THR C 188 54.54 15.09 16.94
CA THR C 188 54.83 16.26 17.74
C THR C 188 56.17 16.13 18.45
N PRO C 189 57.06 17.13 18.34
CA PRO C 189 58.27 17.11 19.15
C PRO C 189 57.97 17.42 20.60
N ILE C 190 58.49 16.60 21.50
CA ILE C 190 58.31 16.79 22.93
C ILE C 190 59.64 17.20 23.55
N ASN C 191 59.56 17.70 24.77
CA ASN C 191 60.76 18.18 25.47
C ASN C 191 60.90 17.46 26.80
N LEU C 192 61.78 17.95 27.66
CA LEU C 192 61.98 17.35 28.97
C LEU C 192 60.67 17.33 29.75
N GLY C 193 60.37 16.19 30.35
CA GLY C 193 59.14 16.02 31.08
C GLY C 193 58.58 14.64 30.81
N ARG C 194 57.28 14.49 31.07
CA ARG C 194 56.60 13.22 30.93
C ARG C 194 56.06 13.06 29.51
N ASP C 195 55.49 11.89 29.25
CA ASP C 195 54.76 11.66 28.02
C ASP C 195 53.32 12.16 28.17
N LEU C 196 52.67 12.34 27.03
CA LEU C 196 51.32 12.94 26.98
C LEU C 196 51.37 14.30 27.66
N PRO C 197 52.06 15.28 27.07
CA PRO C 197 52.29 16.54 27.79
C PRO C 197 51.08 17.46 27.78
N GLN C 198 51.26 18.66 28.34
CA GLN C 198 50.21 19.67 28.36
C GLN C 198 50.30 20.54 27.12
N GLY C 199 49.17 20.75 26.48
CA GLY C 199 49.11 21.50 25.25
C GLY C 199 47.95 21.01 24.42
N PHE C 200 47.84 21.56 23.21
CA PHE C 200 46.76 21.20 22.31
C PHE C 200 47.32 21.01 20.91
N SER C 201 46.89 19.96 20.23
CA SER C 201 47.32 19.70 18.86
C SER C 201 46.28 18.80 18.19
N ALA C 202 45.59 19.33 17.19
CA ALA C 202 44.55 18.58 16.50
C ALA C 202 45.15 17.62 15.49
N LEU C 203 44.51 16.46 15.33
CA LEU C 203 44.95 15.43 14.40
C LEU C 203 44.27 15.63 13.05
N GLU C 204 45.02 15.41 11.98
CA GLU C 204 44.51 15.65 10.64
C GLU C 204 44.20 14.34 9.93
N PRO C 205 43.20 14.34 9.05
CA PRO C 205 42.84 13.09 8.36
C PRO C 205 44.00 12.57 7.52
N LEU C 206 44.17 11.25 7.56
CA LEU C 206 45.27 10.59 6.86
C LEU C 206 44.78 9.66 5.76
N VAL C 207 43.90 8.72 6.08
CA VAL C 207 43.50 7.65 5.15
C VAL C 207 42.05 7.26 5.43
N ASP C 208 41.29 7.04 4.36
CA ASP C 208 39.94 6.51 4.43
C ASP C 208 39.85 5.30 3.50
N LEU C 209 39.30 4.20 3.99
CA LEU C 209 39.24 2.97 3.22
C LEU C 209 37.84 2.35 3.26
N PRO C 210 37.31 1.92 2.11
CA PRO C 210 35.99 1.24 2.08
C PRO C 210 36.10 -0.29 2.14
N ILE C 211 36.45 -0.82 3.30
CA ILE C 211 36.62 -2.25 3.47
C ILE C 211 35.32 -2.97 3.75
N GLY C 212 34.38 -2.35 4.45
CA GLY C 212 33.08 -2.95 4.69
C GLY C 212 33.10 -4.24 5.50
N ILE C 213 33.91 -4.29 6.54
CA ILE C 213 34.01 -5.46 7.41
C ILE C 213 33.68 -5.05 8.84
N ASN C 214 33.55 -6.05 9.71
CA ASN C 214 33.27 -5.85 11.12
C ASN C 214 34.55 -6.03 11.91
N ILE C 215 34.84 -5.09 12.81
CA ILE C 215 36.05 -5.10 13.62
C ILE C 215 35.65 -5.04 15.08
N THR C 216 36.19 -5.96 15.88
CA THR C 216 35.92 -6.01 17.31
C THR C 216 37.18 -6.10 18.16
N ARG C 217 38.29 -6.60 17.62
CA ARG C 217 39.51 -6.79 18.39
C ARG C 217 40.70 -6.31 17.56
N PHE C 218 41.78 -5.95 18.24
CA PHE C 218 42.97 -5.48 17.55
C PHE C 218 44.21 -5.81 18.37
N GLN C 219 45.37 -5.72 17.70
CA GLN C 219 46.64 -6.09 18.28
C GLN C 219 47.75 -5.26 17.64
N THR C 220 48.87 -5.14 18.35
CA THR C 220 50.01 -4.36 17.92
C THR C 220 51.15 -5.26 17.45
N LEU C 221 51.91 -4.78 16.46
CA LEU C 221 52.97 -5.55 15.83
C LEU C 221 54.34 -5.05 16.28
N LEU C 222 55.22 -5.99 16.62
CA LEU C 222 56.59 -5.70 16.99
C LEU C 222 57.54 -6.31 15.97
N ALA C 223 58.80 -5.88 16.01
CA ALA C 223 59.83 -6.37 15.10
C ALA C 223 61.03 -6.81 15.92
N LEU C 224 61.48 -8.05 15.73
CA LEU C 224 62.57 -8.63 16.49
C LEU C 224 63.70 -9.08 15.57
N HIS C 225 64.85 -9.37 16.19
CA HIS C 225 66.02 -9.83 15.46
C HIS C 225 66.61 -11.08 16.11
N ALA C 243 57.75 -1.20 22.33
CA ALA C 243 57.99 -1.58 23.72
C ALA C 243 56.90 -1.04 24.64
N ALA C 244 56.72 0.28 24.65
CA ALA C 244 55.74 0.93 25.50
C ALA C 244 54.78 1.77 24.65
N TYR C 245 53.50 1.72 24.99
CA TYR C 245 52.53 2.51 24.25
C TYR C 245 51.31 2.80 25.13
N TYR C 246 50.48 3.72 24.65
CA TYR C 246 49.30 4.20 25.36
C TYR C 246 48.04 3.90 24.55
N VAL C 247 46.99 3.43 25.23
CA VAL C 247 45.73 3.08 24.59
C VAL C 247 44.58 3.74 25.34
N GLY C 248 43.66 4.34 24.59
CA GLY C 248 42.43 4.88 25.15
C GLY C 248 41.27 4.64 24.21
N TYR C 249 40.06 4.82 24.74
CA TYR C 249 38.84 4.51 24.02
C TYR C 249 37.95 5.74 23.87
N LEU C 250 37.19 5.77 22.78
CA LEU C 250 36.35 6.91 22.41
C LEU C 250 34.90 6.65 22.83
N GLN C 251 34.16 7.75 22.99
CA GLN C 251 32.76 7.71 23.39
C GLN C 251 32.01 8.83 22.70
N PRO C 252 30.69 8.69 22.53
CA PRO C 252 29.90 9.80 21.98
C PRO C 252 29.93 11.00 22.92
N ARG C 253 30.09 12.19 22.35
CA ARG C 253 30.31 13.37 23.16
C ARG C 253 30.15 14.60 22.28
N THR C 254 29.77 15.71 22.91
CA THR C 254 29.64 16.99 22.24
C THR C 254 30.76 17.93 22.70
N PHE C 255 31.40 18.59 21.74
CA PHE C 255 32.56 19.44 21.98
C PHE C 255 32.30 20.81 21.36
N LEU C 256 33.03 21.81 21.85
CA LEU C 256 33.01 23.15 21.29
C LEU C 256 34.44 23.52 20.89
N LEU C 257 34.66 23.73 19.59
CA LEU C 257 35.98 23.93 19.01
C LEU C 257 36.16 25.37 18.57
N LYS C 258 37.40 25.84 18.62
CA LYS C 258 37.75 27.21 18.25
C LYS C 258 38.64 27.19 17.01
N TYR C 259 38.25 27.91 15.97
CA TYR C 259 39.01 28.03 14.73
C TYR C 259 39.59 29.44 14.65
N ASN C 260 40.90 29.53 14.44
CA ASN C 260 41.55 30.81 14.28
C ASN C 260 41.38 31.31 12.85
N GLU C 261 42.10 32.38 12.50
CA GLU C 261 41.91 33.00 11.20
C GLU C 261 42.53 32.20 10.07
N ASN C 262 43.50 31.34 10.37
CA ASN C 262 44.12 30.51 9.34
C ASN C 262 43.38 29.19 9.13
N GLY C 263 42.33 28.91 9.90
CA GLY C 263 41.57 27.70 9.74
C GLY C 263 42.00 26.52 10.58
N THR C 264 42.83 26.73 11.59
CA THR C 264 43.32 25.65 12.43
C THR C 264 42.62 25.66 13.78
N ILE C 265 42.35 24.46 14.29
CA ILE C 265 41.71 24.30 15.59
C ILE C 265 42.75 24.56 16.67
N THR C 266 42.47 25.53 17.55
CA THR C 266 43.44 25.95 18.55
C THR C 266 43.05 25.62 19.98
N ASP C 267 41.77 25.37 20.27
CA ASP C 267 41.37 25.01 21.62
C ASP C 267 39.96 24.42 21.55
N ALA C 268 39.60 23.69 22.61
CA ALA C 268 38.33 22.99 22.65
C ALA C 268 37.81 22.94 24.08
N VAL C 269 36.50 22.73 24.20
CA VAL C 269 35.81 22.61 25.48
C VAL C 269 34.93 21.37 25.43
N ASP C 270 35.01 20.56 26.48
CA ASP C 270 34.16 19.39 26.64
C ASP C 270 32.92 19.79 27.44
N CYS C 271 31.74 19.54 26.87
CA CYS C 271 30.52 20.10 27.45
C CYS C 271 30.13 19.39 28.75
N ALA C 272 30.39 18.09 28.85
CA ALA C 272 29.88 17.28 29.94
C ALA C 272 30.91 17.03 31.03
N LEU C 273 31.94 17.87 31.12
CA LEU C 273 32.97 17.66 32.13
C LEU C 273 32.54 18.17 33.49
N ASP C 274 32.22 19.45 33.59
CA ASP C 274 31.87 20.11 34.84
C ASP C 274 30.86 21.21 34.54
N PRO C 275 30.20 21.76 35.57
CA PRO C 275 29.19 22.80 35.32
C PRO C 275 29.71 24.02 34.59
N LEU C 276 30.95 24.44 34.84
CA LEU C 276 31.48 25.64 34.20
C LEU C 276 31.60 25.45 32.68
N SER C 277 32.09 24.29 32.25
CA SER C 277 32.19 24.04 30.81
C SER C 277 30.81 23.93 30.19
N GLU C 278 29.84 23.40 30.93
CA GLU C 278 28.47 23.36 30.43
C GLU C 278 27.91 24.76 30.22
N THR C 279 28.20 25.67 31.16
CA THR C 279 27.79 27.06 30.96
C THR C 279 28.49 27.69 29.76
N LYS C 280 29.79 27.42 29.60
CA LYS C 280 30.51 27.95 28.45
C LYS C 280 29.89 27.47 27.15
N CYS C 281 29.49 26.20 27.09
CA CYS C 281 28.92 25.66 25.87
C CYS C 281 27.49 26.13 25.64
N THR C 282 26.73 26.39 26.71
CA THR C 282 25.39 26.91 26.51
C THR C 282 25.39 28.39 26.15
N LEU C 283 26.46 29.12 26.49
CA LEU C 283 26.61 30.49 26.05
C LEU C 283 27.33 30.62 24.72
N LYS C 284 27.89 29.52 24.21
CA LYS C 284 28.68 29.53 22.98
C LYS C 284 29.82 30.55 23.05
N SER C 285 30.51 30.57 24.18
CA SER C 285 31.62 31.50 24.36
C SER C 285 32.62 30.89 25.34
N PHE C 286 33.88 31.31 25.21
CA PHE C 286 34.95 30.79 26.05
C PHE C 286 35.18 31.61 27.31
N THR C 287 34.51 32.75 27.45
CA THR C 287 34.54 33.54 28.66
C THR C 287 33.12 33.88 29.06
N VAL C 288 32.87 33.88 30.37
CA VAL C 288 31.54 34.18 30.91
C VAL C 288 31.68 35.29 31.94
N GLU C 289 30.66 36.12 32.04
CA GLU C 289 30.66 37.21 32.99
C GLU C 289 29.91 36.80 34.26
N LYS C 290 30.13 37.57 35.33
CA LYS C 290 29.55 37.25 36.62
C LYS C 290 28.04 37.19 36.55
N GLY C 291 27.46 36.14 37.12
CA GLY C 291 26.01 36.01 37.13
C GLY C 291 25.58 34.56 37.30
N ILE C 292 24.28 34.36 37.06
CA ILE C 292 23.63 33.07 37.22
C ILE C 292 22.96 32.71 35.89
N TYR C 293 23.22 31.48 35.43
CA TYR C 293 22.76 31.02 34.13
C TYR C 293 22.05 29.68 34.29
N GLN C 294 20.86 29.55 33.73
CA GLN C 294 20.12 28.31 33.77
C GLN C 294 20.62 27.42 32.64
N THR C 295 21.31 26.34 32.98
CA THR C 295 21.95 25.49 31.98
C THR C 295 21.22 24.17 31.75
N SER C 296 20.83 23.47 32.82
CA SER C 296 20.43 22.08 32.61
C SER C 296 19.08 21.79 33.24
N ASN C 297 18.68 20.52 33.16
CA ASN C 297 17.45 20.04 33.76
C ASN C 297 17.75 18.77 34.53
N PHE C 298 16.99 18.53 35.59
CA PHE C 298 17.23 17.41 36.49
C PHE C 298 15.93 16.63 36.68
N ARG C 299 16.05 15.30 36.65
CA ARG C 299 14.90 14.42 36.67
C ARG C 299 15.28 13.11 37.35
N VAL C 300 14.51 12.73 38.38
CA VAL C 300 14.74 11.45 39.04
C VAL C 300 14.25 10.31 38.17
N GLN C 301 15.06 9.27 38.05
CA GLN C 301 14.77 8.15 37.17
C GLN C 301 14.19 6.97 37.94
N PRO C 302 13.39 6.12 37.30
CA PRO C 302 12.76 5.01 38.01
C PRO C 302 13.68 3.80 38.10
N THR C 303 13.39 2.95 39.07
CA THR C 303 14.20 1.78 39.35
C THR C 303 13.44 0.47 39.33
N GLU C 304 12.11 0.50 39.24
CA GLU C 304 11.31 -0.70 39.42
C GLU C 304 10.01 -0.56 38.63
N SER C 305 9.46 -1.70 38.24
CA SER C 305 8.18 -1.79 37.56
C SER C 305 7.22 -2.64 38.38
N ILE C 306 5.97 -2.20 38.46
CA ILE C 306 4.94 -2.86 39.27
C ILE C 306 3.75 -3.16 38.37
N VAL C 307 3.25 -4.39 38.43
CA VAL C 307 2.07 -4.81 37.71
C VAL C 307 1.08 -5.35 38.72
N ARG C 308 -0.18 -4.90 38.64
CA ARG C 308 -1.18 -5.29 39.63
C ARG C 308 -2.47 -5.68 38.94
N PHE C 309 -2.93 -6.90 39.21
CA PHE C 309 -4.13 -7.47 38.62
C PHE C 309 -4.87 -8.25 39.69
N PRO C 310 -6.18 -8.46 39.51
CA PRO C 310 -6.96 -9.19 40.53
C PRO C 310 -6.66 -10.68 40.49
N ASN C 311 -7.19 -11.37 41.51
CA ASN C 311 -6.99 -12.81 41.63
C ASN C 311 -7.69 -13.55 40.50
N ILE C 312 -7.12 -14.70 40.13
CA ILE C 312 -7.76 -15.58 39.16
C ILE C 312 -8.78 -16.44 39.88
N THR C 313 -10.04 -16.40 39.42
CA THR C 313 -11.13 -17.07 40.11
C THR C 313 -11.87 -18.06 39.23
N ASN C 314 -12.11 -17.73 37.97
CA ASN C 314 -12.88 -18.60 37.08
C ASN C 314 -11.95 -19.38 36.17
N LEU C 315 -12.11 -20.70 36.17
CA LEU C 315 -11.22 -21.60 35.44
C LEU C 315 -12.01 -22.34 34.36
N CYS C 316 -11.39 -22.45 33.18
CA CYS C 316 -12.00 -23.24 32.12
C CYS C 316 -11.88 -24.73 32.46
N PRO C 317 -12.95 -25.50 32.30
CA PRO C 317 -12.96 -26.90 32.77
C PRO C 317 -12.26 -27.86 31.82
N PHE C 318 -10.92 -27.78 31.79
CA PHE C 318 -10.14 -28.76 31.05
C PHE C 318 -10.03 -30.07 31.82
N ASP C 319 -9.93 -29.99 33.15
CA ASP C 319 -9.82 -31.20 33.96
C ASP C 319 -11.08 -32.04 33.87
N GLU C 320 -12.24 -31.40 33.71
CA GLU C 320 -13.48 -32.14 33.52
C GLU C 320 -13.43 -33.03 32.28
N VAL C 321 -12.72 -32.60 31.24
CA VAL C 321 -12.55 -33.40 30.04
C VAL C 321 -11.46 -34.44 30.21
N PHE C 322 -10.31 -34.03 30.75
CA PHE C 322 -9.16 -34.93 30.77
C PHE C 322 -9.31 -36.04 31.81
N ASN C 323 -9.75 -35.70 33.01
CA ASN C 323 -9.90 -36.66 34.10
C ASN C 323 -11.36 -37.13 34.09
N ALA C 324 -11.73 -37.84 33.04
CA ALA C 324 -13.08 -38.38 32.88
C ALA C 324 -13.09 -39.86 33.21
N THR C 325 -14.15 -40.29 33.90
CA THR C 325 -14.25 -41.68 34.30
C THR C 325 -14.30 -42.62 33.10
N ARG C 326 -14.81 -42.15 31.97
CA ARG C 326 -14.89 -42.95 30.76
C ARG C 326 -15.08 -42.01 29.58
N PHE C 327 -14.47 -42.36 28.45
CA PHE C 327 -14.62 -41.59 27.23
C PHE C 327 -15.74 -42.18 26.38
N ALA C 328 -15.80 -41.74 25.12
CA ALA C 328 -16.78 -42.22 24.17
C ALA C 328 -16.08 -42.89 22.99
N SER C 329 -16.83 -43.72 22.27
CA SER C 329 -16.29 -44.44 21.13
C SER C 329 -15.79 -43.45 20.07
N VAL C 330 -14.91 -43.94 19.20
CA VAL C 330 -14.30 -43.06 18.19
C VAL C 330 -15.33 -42.58 17.18
N TYR C 331 -16.27 -43.44 16.80
CA TYR C 331 -17.31 -43.01 15.87
C TYR C 331 -18.30 -42.06 16.54
N ALA C 332 -18.28 -41.97 17.86
CA ALA C 332 -19.14 -41.05 18.62
C ALA C 332 -18.23 -40.15 19.44
N TRP C 333 -17.67 -39.13 18.79
CA TRP C 333 -16.80 -38.20 19.49
C TRP C 333 -17.61 -37.08 20.12
N ASN C 334 -17.17 -36.66 21.30
CA ASN C 334 -17.83 -35.60 22.02
C ASN C 334 -17.52 -34.25 21.35
N ARG C 335 -18.09 -33.19 21.93
CA ARG C 335 -17.87 -31.85 21.45
C ARG C 335 -18.22 -30.86 22.55
N LYS C 336 -17.26 -30.06 22.96
CA LYS C 336 -17.48 -29.09 24.03
C LYS C 336 -17.39 -27.67 23.48
N ARG C 337 -17.94 -26.73 24.25
CA ARG C 337 -17.83 -25.31 23.95
C ARG C 337 -17.35 -24.62 25.21
N ILE C 338 -16.18 -24.00 25.15
CA ILE C 338 -15.56 -23.38 26.30
C ILE C 338 -15.42 -21.89 26.00
N SER C 339 -16.03 -21.07 26.86
CA SER C 339 -16.00 -19.62 26.75
C SER C 339 -16.30 -19.02 28.12
N ASN C 340 -16.05 -17.71 28.24
CA ASN C 340 -16.34 -16.94 29.46
C ASN C 340 -15.58 -17.49 30.66
N CYS C 341 -14.30 -17.76 30.47
CA CYS C 341 -13.46 -18.25 31.56
C CYS C 341 -12.01 -17.91 31.25
N VAL C 342 -11.14 -18.18 32.22
CA VAL C 342 -9.71 -17.97 32.08
C VAL C 342 -9.07 -19.32 31.75
N ALA C 343 -8.28 -19.35 30.68
CA ALA C 343 -7.69 -20.58 30.17
C ALA C 343 -6.19 -20.58 30.48
N ASP C 344 -5.79 -21.39 31.46
CA ASP C 344 -4.39 -21.60 31.79
C ASP C 344 -3.94 -22.92 31.16
N TYR C 345 -3.06 -22.82 30.16
CA TYR C 345 -2.65 -23.98 29.39
C TYR C 345 -1.51 -24.76 30.05
N SER C 346 -1.18 -24.46 31.31
CA SER C 346 -0.21 -25.25 32.03
C SER C 346 -0.85 -26.41 32.78
N VAL C 347 -2.19 -26.49 32.79
CA VAL C 347 -2.86 -27.63 33.41
C VAL C 347 -2.67 -28.89 32.57
N LEU C 348 -2.36 -28.70 31.28
CA LEU C 348 -2.24 -29.83 30.37
C LEU C 348 -1.14 -30.79 30.80
N TYR C 349 -0.07 -30.26 31.38
CA TYR C 349 1.10 -31.05 31.74
C TYR C 349 0.92 -31.84 33.04
N ASN C 350 -0.32 -31.98 33.52
CA ASN C 350 -0.57 -32.82 34.68
C ASN C 350 -0.25 -34.28 34.37
N PHE C 351 -0.57 -34.73 33.16
CA PHE C 351 -0.19 -36.07 32.73
C PHE C 351 1.26 -36.08 32.25
N ALA C 352 2.03 -37.02 32.77
CA ALA C 352 3.44 -37.10 32.43
C ALA C 352 3.69 -37.79 31.08
N PRO C 353 3.20 -39.02 30.84
CA PRO C 353 3.61 -39.73 29.62
C PRO C 353 2.74 -39.38 28.41
N PHE C 354 2.95 -38.18 27.87
CA PHE C 354 2.26 -37.78 26.65
C PHE C 354 3.00 -38.34 25.45
N PHE C 355 2.41 -39.35 24.80
CA PHE C 355 3.01 -39.94 23.61
C PHE C 355 2.86 -39.07 22.37
N ALA C 356 1.85 -38.20 22.33
CA ALA C 356 1.66 -37.31 21.19
C ALA C 356 1.07 -36.00 21.72
N PHE C 357 1.97 -35.04 21.96
CA PHE C 357 1.60 -33.65 22.27
C PHE C 357 1.85 -32.78 21.04
N LYS C 358 1.06 -33.00 19.98
CA LYS C 358 1.32 -32.35 18.70
C LYS C 358 0.44 -31.11 18.56
N CYS C 359 1.05 -29.94 18.61
CA CYS C 359 0.35 -28.67 18.43
C CYS C 359 0.59 -28.17 17.01
N TYR C 360 -0.50 -27.90 16.29
CA TYR C 360 -0.45 -27.51 14.89
C TYR C 360 -1.02 -26.10 14.75
N GLY C 361 -0.22 -25.19 14.21
CA GLY C 361 -0.66 -23.84 13.94
C GLY C 361 -0.57 -22.87 15.09
N VAL C 362 -0.24 -23.35 16.29
CA VAL C 362 -0.07 -22.51 17.47
C VAL C 362 1.13 -22.99 18.26
N SER C 363 1.84 -22.06 18.90
CA SER C 363 2.96 -22.41 19.75
C SER C 363 2.42 -22.88 21.09
N PRO C 364 2.85 -24.05 21.59
CA PRO C 364 2.30 -24.58 22.84
C PRO C 364 2.45 -23.62 24.02
N THR C 365 3.58 -22.92 24.09
CA THR C 365 3.85 -21.99 25.18
C THR C 365 3.19 -20.64 24.94
N LYS C 366 3.20 -20.15 23.71
CA LYS C 366 2.59 -18.86 23.40
C LYS C 366 1.08 -18.93 23.33
N LEU C 367 0.46 -20.01 23.77
CA LEU C 367 -1.00 -20.09 23.79
C LEU C 367 -1.59 -19.04 24.70
N ASN C 368 -0.95 -18.79 25.84
CA ASN C 368 -1.36 -17.67 26.67
C ASN C 368 -1.05 -16.35 25.96
N ASP C 369 -1.54 -15.26 26.53
CA ASP C 369 -1.47 -13.91 25.97
C ASP C 369 -2.21 -13.88 24.63
N LEU C 370 -3.22 -14.72 24.45
CA LEU C 370 -4.06 -14.71 23.26
C LEU C 370 -5.51 -14.73 23.71
N CYS C 371 -6.26 -13.70 23.32
CA CYS C 371 -7.67 -13.59 23.67
C CYS C 371 -8.49 -14.15 22.53
N PHE C 372 -9.11 -15.30 22.74
CA PHE C 372 -9.91 -15.98 21.74
C PHE C 372 -11.39 -15.78 22.00
N THR C 373 -12.21 -16.11 21.00
CA THR C 373 -13.65 -16.01 21.16
C THR C 373 -14.22 -17.23 21.87
N ASN C 374 -13.82 -18.42 21.45
CA ASN C 374 -14.17 -19.64 22.17
C ASN C 374 -13.25 -20.76 21.72
N VAL C 375 -13.34 -21.90 22.41
CA VAL C 375 -12.55 -23.08 22.06
C VAL C 375 -13.47 -24.30 22.13
N TYR C 376 -13.08 -25.35 21.40
CA TYR C 376 -13.83 -26.59 21.37
C TYR C 376 -12.91 -27.75 21.71
N ALA C 377 -13.46 -28.75 22.39
CA ALA C 377 -12.71 -29.93 22.81
C ALA C 377 -13.41 -31.18 22.30
N ASP C 378 -12.61 -32.12 21.79
CA ASP C 378 -13.08 -33.38 21.23
C ASP C 378 -12.28 -34.52 21.84
N SER C 379 -12.94 -35.44 22.54
CA SER C 379 -12.24 -36.43 23.36
C SER C 379 -12.83 -37.82 23.18
N PHE C 380 -11.95 -38.82 23.07
CA PHE C 380 -12.40 -40.20 22.85
C PHE C 380 -11.25 -41.17 23.10
N VAL C 381 -11.45 -42.43 22.71
CA VAL C 381 -10.50 -43.52 22.92
C VAL C 381 -10.30 -44.27 21.61
N ILE C 382 -9.04 -44.54 21.27
CA ILE C 382 -8.71 -45.30 20.07
C ILE C 382 -7.64 -46.35 20.37
N ARG C 383 -7.17 -47.01 19.31
CA ARG C 383 -6.12 -48.02 19.39
C ARG C 383 -4.76 -47.33 19.34
N GLY C 384 -3.74 -48.05 19.83
CA GLY C 384 -2.42 -47.43 20.03
C GLY C 384 -1.80 -46.92 18.75
N ASN C 385 -1.82 -47.74 17.69
CA ASN C 385 -1.08 -47.37 16.48
C ASN C 385 -1.89 -46.45 15.58
N GLU C 386 -3.18 -46.28 15.86
CA GLU C 386 -4.04 -45.48 15.02
C GLU C 386 -3.93 -43.99 15.36
N VAL C 387 -3.15 -43.66 16.38
CA VAL C 387 -3.04 -42.27 16.82
C VAL C 387 -2.34 -41.42 15.76
N SER C 388 -1.46 -42.05 14.97
CA SER C 388 -0.70 -41.29 13.98
C SER C 388 -1.61 -40.74 12.89
N GLN C 389 -2.80 -41.32 12.72
CA GLN C 389 -3.72 -40.84 11.69
C GLN C 389 -4.39 -39.53 12.07
N ILE C 390 -4.26 -39.10 13.32
CA ILE C 390 -4.92 -37.88 13.77
C ILE C 390 -4.02 -36.69 13.42
N ALA C 391 -4.17 -36.19 12.19
CA ALA C 391 -3.39 -35.08 11.67
C ALA C 391 -4.02 -34.63 10.35
N PRO C 392 -3.79 -33.39 9.92
CA PRO C 392 -4.33 -32.97 8.62
C PRO C 392 -3.68 -33.76 7.49
N GLY C 393 -4.47 -33.99 6.43
CA GLY C 393 -3.98 -34.71 5.27
C GLY C 393 -3.59 -36.15 5.55
N GLN C 394 -4.44 -36.89 6.24
CA GLN C 394 -4.17 -38.27 6.58
C GLN C 394 -5.30 -39.17 6.08
N THR C 395 -4.96 -40.43 5.81
CA THR C 395 -5.88 -41.40 5.24
C THR C 395 -5.89 -42.68 6.07
N GLY C 396 -6.85 -43.54 5.78
CA GLY C 396 -7.05 -44.79 6.49
C GLY C 396 -8.34 -44.73 7.28
N ASN C 397 -8.76 -45.88 7.81
CA ASN C 397 -10.04 -45.96 8.53
C ASN C 397 -10.43 -44.83 9.46
N ILE C 398 -9.76 -44.70 10.60
CA ILE C 398 -10.18 -43.69 11.58
C ILE C 398 -10.30 -42.33 10.93
N ALA C 399 -9.47 -42.05 9.93
CA ALA C 399 -9.49 -40.75 9.28
C ALA C 399 -10.55 -40.66 8.20
N ASP C 400 -10.96 -41.79 7.65
CA ASP C 400 -11.91 -41.73 6.55
C ASP C 400 -13.35 -42.00 6.97
N TYR C 401 -13.57 -42.72 8.08
CA TYR C 401 -14.92 -43.10 8.47
C TYR C 401 -15.29 -42.72 9.90
N ASN C 402 -14.36 -42.23 10.72
CA ASN C 402 -14.66 -41.98 12.12
C ASN C 402 -14.39 -40.55 12.55
N TYR C 403 -13.28 -39.95 12.11
CA TYR C 403 -12.89 -38.62 12.58
C TYR C 403 -11.91 -38.04 11.58
N LYS C 404 -12.26 -36.90 10.98
CA LYS C 404 -11.39 -36.25 10.00
C LYS C 404 -11.17 -34.80 10.39
N LEU C 405 -9.91 -34.42 10.58
CA LEU C 405 -9.53 -33.04 10.84
C LEU C 405 -9.42 -32.26 9.53
N PRO C 406 -9.56 -30.93 9.59
CA PRO C 406 -9.37 -30.13 8.38
C PRO C 406 -7.90 -29.82 8.13
N ASP C 407 -7.55 -29.48 6.89
CA ASP C 407 -6.16 -29.24 6.54
C ASP C 407 -5.55 -28.07 7.31
N ASP C 408 -6.29 -26.97 7.41
CA ASP C 408 -5.83 -25.80 8.16
C ASP C 408 -6.28 -25.94 9.61
N PHE C 409 -5.46 -26.57 10.43
CA PHE C 409 -5.78 -26.86 11.82
C PHE C 409 -5.00 -25.92 12.73
N THR C 410 -5.71 -25.16 13.56
CA THR C 410 -5.10 -24.32 14.58
C THR C 410 -5.53 -24.84 15.94
N GLY C 411 -4.67 -25.62 16.56
CA GLY C 411 -5.01 -26.25 17.82
C GLY C 411 -3.91 -27.19 18.26
N CYS C 412 -4.28 -28.17 19.08
CA CYS C 412 -3.33 -29.14 19.57
C CYS C 412 -4.04 -30.44 19.89
N VAL C 413 -3.44 -31.54 19.45
CA VAL C 413 -3.92 -32.90 19.65
C VAL C 413 -2.97 -33.58 20.63
N ILE C 414 -3.50 -34.07 21.75
CA ILE C 414 -2.67 -34.67 22.77
C ILE C 414 -3.31 -35.98 23.25
N ALA C 415 -2.48 -37.02 23.31
CA ALA C 415 -2.96 -38.38 23.59
C ALA C 415 -2.05 -39.04 24.62
N TRP C 416 -2.64 -39.89 25.46
CA TRP C 416 -1.88 -40.62 26.46
C TRP C 416 -2.44 -42.03 26.67
N ASN C 417 -1.58 -42.95 27.08
CA ASN C 417 -1.97 -44.34 27.25
C ASN C 417 -2.86 -44.51 28.47
N SER C 418 -3.81 -45.43 28.38
CA SER C 418 -4.74 -45.75 29.46
C SER C 418 -4.93 -47.25 29.59
N ASN C 419 -3.83 -48.00 29.55
CA ASN C 419 -3.93 -49.45 29.70
C ASN C 419 -4.45 -49.84 31.07
N LYS C 420 -4.07 -49.10 32.10
CA LYS C 420 -4.41 -49.49 33.47
C LYS C 420 -5.90 -49.34 33.75
N LEU C 421 -6.60 -48.50 32.98
CA LEU C 421 -7.99 -48.17 33.28
C LEU C 421 -8.99 -48.81 32.33
N ASP C 422 -8.65 -48.95 31.05
CA ASP C 422 -9.59 -49.41 30.05
C ASP C 422 -9.56 -50.91 29.82
N SER C 423 -8.38 -51.49 29.57
CA SER C 423 -8.28 -52.91 29.30
C SER C 423 -8.56 -53.73 30.55
N LYS C 424 -9.29 -54.83 30.37
CA LYS C 424 -9.60 -55.73 31.46
C LYS C 424 -9.68 -57.15 30.93
N VAL C 425 -9.56 -58.13 31.83
CA VAL C 425 -9.64 -59.52 31.45
C VAL C 425 -11.02 -59.83 30.92
N GLY C 426 -11.09 -60.67 29.89
CA GLY C 426 -12.34 -60.98 29.22
C GLY C 426 -12.73 -60.00 28.14
N GLY C 427 -11.96 -58.93 27.95
CA GLY C 427 -12.23 -57.98 26.88
C GLY C 427 -13.12 -56.84 27.30
N ASN C 428 -12.71 -55.61 26.98
CA ASN C 428 -13.51 -54.43 27.26
C ASN C 428 -14.35 -54.13 26.02
N TYR C 429 -15.53 -54.73 25.96
CA TYR C 429 -16.40 -54.63 24.78
C TYR C 429 -17.33 -53.43 24.90
N ASN C 430 -16.72 -52.26 25.09
CA ASN C 430 -17.47 -51.02 25.23
C ASN C 430 -17.12 -49.95 24.20
N TYR C 431 -15.94 -50.01 23.60
CA TYR C 431 -15.52 -49.03 22.61
C TYR C 431 -15.61 -49.64 21.22
N LEU C 432 -16.25 -48.92 20.30
CA LEU C 432 -16.57 -49.43 18.97
C LEU C 432 -15.93 -48.53 17.91
N TYR C 433 -15.99 -48.99 16.66
CA TYR C 433 -15.54 -48.19 15.53
C TYR C 433 -16.27 -48.68 14.28
N ARG C 434 -16.25 -47.84 13.24
CA ARG C 434 -17.00 -48.09 12.02
C ARG C 434 -16.11 -48.73 10.97
N LEU C 435 -16.61 -49.81 10.36
CA LEU C 435 -15.84 -50.58 9.38
C LEU C 435 -15.80 -49.92 8.01
N PHE C 436 -16.97 -49.62 7.44
CA PHE C 436 -17.04 -49.15 6.06
C PHE C 436 -18.06 -48.02 5.96
N ARG C 437 -17.97 -47.29 4.85
CA ARG C 437 -18.87 -46.19 4.58
C ARG C 437 -18.93 -45.95 3.08
N LYS C 438 -20.11 -45.52 2.61
CA LYS C 438 -20.29 -45.29 1.19
C LYS C 438 -19.43 -44.13 0.69
N SER C 439 -19.31 -43.07 1.49
CA SER C 439 -18.49 -41.92 1.13
C SER C 439 -17.70 -41.48 2.35
N ASN C 440 -16.58 -40.81 2.08
CA ASN C 440 -15.70 -40.37 3.16
C ASN C 440 -16.36 -39.26 3.98
N LEU C 441 -15.84 -39.07 5.19
CA LEU C 441 -16.45 -38.15 6.12
C LEU C 441 -16.19 -36.70 5.74
N LYS C 442 -16.97 -35.82 6.35
CA LYS C 442 -16.70 -34.40 6.36
C LYS C 442 -15.71 -34.08 7.48
N PRO C 443 -15.05 -32.93 7.42
CA PRO C 443 -14.25 -32.50 8.58
C PRO C 443 -15.17 -32.20 9.76
N PHE C 444 -15.05 -33.03 10.80
CA PHE C 444 -15.74 -32.83 12.08
C PHE C 444 -17.25 -33.08 11.98
N GLU C 445 -17.62 -34.25 11.47
CA GLU C 445 -19.02 -34.71 11.50
C GLU C 445 -19.09 -36.04 12.24
N ARG C 446 -20.27 -36.34 12.78
CA ARG C 446 -20.46 -37.48 13.66
C ARG C 446 -21.58 -38.36 13.13
N ASP C 447 -21.21 -39.36 12.33
CA ASP C 447 -22.17 -40.26 11.70
C ASP C 447 -22.41 -41.43 12.64
N ILE C 448 -23.61 -41.50 13.22
CA ILE C 448 -23.98 -42.56 14.14
C ILE C 448 -25.07 -43.46 13.59
N SER C 449 -25.54 -43.23 12.37
CA SER C 449 -26.56 -44.09 11.78
C SER C 449 -26.00 -45.49 11.57
N THR C 450 -26.76 -46.49 11.98
CA THR C 450 -26.34 -47.90 11.92
C THR C 450 -27.43 -48.69 11.21
N GLU C 451 -27.35 -48.73 9.88
CA GLU C 451 -28.26 -49.53 9.07
C GLU C 451 -27.50 -50.65 8.39
N ILE C 452 -28.09 -51.84 8.38
CA ILE C 452 -27.46 -53.02 7.81
C ILE C 452 -27.38 -52.85 6.30
N TYR C 453 -26.18 -52.99 5.76
CA TYR C 453 -25.98 -52.87 4.32
C TYR C 453 -26.32 -54.20 3.65
N GLN C 454 -27.16 -54.14 2.62
CA GLN C 454 -27.59 -55.33 1.89
C GLN C 454 -26.83 -55.39 0.58
N ALA C 455 -25.88 -56.32 0.48
CA ALA C 455 -25.10 -56.50 -0.73
C ALA C 455 -25.57 -57.66 -1.60
N GLY C 456 -26.26 -58.64 -1.02
CA GLY C 456 -26.76 -59.77 -1.77
C GLY C 456 -28.03 -59.44 -2.54
N ASN C 457 -28.98 -60.39 -2.52
CA ASN C 457 -30.24 -60.22 -3.21
C ASN C 457 -31.45 -60.22 -2.28
N LYS C 458 -31.42 -60.99 -1.20
CA LYS C 458 -32.55 -61.04 -0.30
C LYS C 458 -32.50 -59.87 0.69
N PRO C 459 -33.67 -59.37 1.10
CA PRO C 459 -33.69 -58.33 2.13
C PRO C 459 -33.17 -58.85 3.46
N CYS C 460 -32.50 -57.97 4.20
CA CYS C 460 -31.92 -58.34 5.48
C CYS C 460 -32.92 -58.33 6.63
N ASN C 461 -33.95 -57.48 6.56
CA ASN C 461 -35.01 -57.41 7.57
C ASN C 461 -34.44 -57.13 8.95
N GLY C 462 -33.40 -56.32 9.00
CA GLY C 462 -32.87 -55.84 10.27
C GLY C 462 -32.12 -56.88 11.08
N VAL C 463 -31.61 -57.93 10.45
CA VAL C 463 -30.78 -58.92 11.12
C VAL C 463 -29.51 -59.12 10.33
N ALA C 464 -28.45 -59.50 11.03
CA ALA C 464 -27.14 -59.69 10.42
C ALA C 464 -26.96 -61.14 9.96
N GLY C 465 -26.16 -61.31 8.91
CA GLY C 465 -25.90 -62.63 8.36
C GLY C 465 -25.01 -62.57 7.14
N PHE C 466 -25.01 -63.64 6.34
CA PHE C 466 -24.26 -63.63 5.10
C PHE C 466 -24.87 -62.62 4.13
N ASN C 467 -24.02 -61.77 3.55
CA ASN C 467 -24.40 -60.68 2.66
C ASN C 467 -25.24 -59.61 3.34
N CYS C 468 -25.30 -59.61 4.67
CA CYS C 468 -25.97 -58.57 5.45
C CYS C 468 -25.04 -58.18 6.58
N TYR C 469 -24.37 -57.05 6.44
CA TYR C 469 -23.25 -56.68 7.30
C TYR C 469 -23.63 -55.53 8.23
N PHE C 470 -23.31 -55.70 9.51
CA PHE C 470 -23.38 -54.61 10.49
C PHE C 470 -22.15 -53.73 10.36
N PRO C 471 -22.30 -52.41 10.39
CA PRO C 471 -21.17 -51.51 10.10
C PRO C 471 -20.26 -51.23 11.28
N LEU C 472 -20.50 -51.81 12.45
CA LEU C 472 -19.70 -51.50 13.64
C LEU C 472 -19.05 -52.74 14.20
N ARG C 473 -17.76 -52.62 14.54
CA ARG C 473 -17.03 -53.60 15.33
C ARG C 473 -16.64 -52.97 16.65
N SER C 474 -16.02 -53.75 17.52
CA SER C 474 -15.60 -53.28 18.84
C SER C 474 -14.18 -53.75 19.11
N TYR C 475 -13.34 -52.84 19.61
CA TYR C 475 -12.01 -53.22 20.07
C TYR C 475 -12.11 -54.22 21.19
N GLY C 476 -11.31 -55.27 21.13
CA GLY C 476 -11.21 -56.21 22.24
C GLY C 476 -9.98 -55.92 23.06
N PHE C 477 -10.16 -55.31 24.23
CA PHE C 477 -9.03 -54.82 25.02
C PHE C 477 -8.71 -55.80 26.13
N ARG C 478 -7.45 -56.22 26.21
CA ARG C 478 -6.92 -57.11 27.22
C ARG C 478 -5.68 -56.49 27.84
N PRO C 479 -5.34 -56.87 29.08
CA PRO C 479 -4.16 -56.28 29.72
C PRO C 479 -2.86 -56.56 29.00
N THR C 480 -2.80 -57.59 28.14
CA THR C 480 -1.54 -58.02 27.53
C THR C 480 -1.65 -58.14 26.01
N TYR C 481 -1.62 -57.00 25.31
CA TYR C 481 -1.41 -56.95 23.87
C TYR C 481 -0.21 -56.11 23.44
N GLY C 482 0.67 -55.72 24.36
CA GLY C 482 1.84 -54.96 23.97
C GLY C 482 1.53 -53.50 23.75
N VAL C 483 2.56 -52.76 23.34
CA VAL C 483 2.43 -51.31 23.17
C VAL C 483 1.36 -50.98 22.15
N GLY C 484 1.36 -51.72 21.03
CA GLY C 484 0.27 -51.59 20.09
C GLY C 484 -0.98 -52.29 20.57
N HIS C 485 -2.11 -51.98 19.92
CA HIS C 485 -3.40 -52.59 20.21
C HIS C 485 -3.85 -52.36 21.65
N GLN C 486 -3.29 -51.38 22.34
CA GLN C 486 -3.74 -51.00 23.67
C GLN C 486 -4.48 -49.67 23.64
N PRO C 487 -5.39 -49.45 24.58
CA PRO C 487 -6.23 -48.24 24.52
C PRO C 487 -5.40 -46.98 24.68
N TYR C 488 -5.81 -45.93 23.97
CA TYR C 488 -5.21 -44.61 24.08
C TYR C 488 -6.33 -43.59 24.18
N ARG C 489 -6.16 -42.63 25.07
CA ARG C 489 -7.13 -41.57 25.29
C ARG C 489 -6.64 -40.31 24.60
N VAL C 490 -7.49 -39.75 23.73
CA VAL C 490 -7.12 -38.65 22.85
C VAL C 490 -8.02 -37.46 23.13
N VAL C 491 -7.42 -36.28 23.27
CA VAL C 491 -8.14 -35.02 23.39
C VAL C 491 -7.60 -34.08 22.33
N VAL C 492 -8.49 -33.26 21.76
CA VAL C 492 -8.13 -32.26 20.76
C VAL C 492 -8.74 -30.94 21.18
N LEU C 493 -7.95 -29.87 21.11
CA LEU C 493 -8.38 -28.53 21.52
C LEU C 493 -8.26 -27.57 20.32
N SER C 494 -9.38 -27.30 19.68
CA SER C 494 -9.36 -26.42 18.52
C SER C 494 -9.97 -25.06 18.85
N PHE C 495 -9.23 -24.01 18.50
CA PHE C 495 -9.58 -22.64 18.85
C PHE C 495 -10.59 -22.08 17.87
N GLU C 496 -11.14 -20.92 18.18
CA GLU C 496 -11.99 -20.19 17.23
C GLU C 496 -12.13 -18.74 17.66
N LEU C 497 -11.85 -17.82 16.74
CA LEU C 497 -11.96 -16.38 16.99
C LEU C 497 -12.66 -15.76 15.79
N LEU C 498 -13.69 -14.95 16.06
CA LEU C 498 -14.39 -14.22 15.01
C LEU C 498 -14.74 -12.84 15.57
N HIS C 499 -15.63 -12.13 14.88
CA HIS C 499 -16.04 -10.79 15.27
C HIS C 499 -17.01 -10.92 16.45
N ALA C 500 -16.44 -10.95 17.65
CA ALA C 500 -17.20 -11.05 18.89
C ALA C 500 -16.29 -10.67 20.05
N PRO C 501 -16.85 -10.24 21.18
CA PRO C 501 -16.02 -9.96 22.36
C PRO C 501 -15.27 -11.21 22.81
N ALA C 502 -13.93 -11.11 22.76
CA ALA C 502 -13.09 -12.25 23.11
C ALA C 502 -13.14 -12.48 24.61
N THR C 503 -13.87 -13.52 25.03
CA THR C 503 -14.09 -13.81 26.44
C THR C 503 -13.19 -14.95 26.94
N VAL C 504 -12.23 -15.39 26.12
CA VAL C 504 -11.30 -16.43 26.54
C VAL C 504 -9.88 -15.89 26.46
N CYS C 505 -9.28 -15.62 27.62
CA CYS C 505 -7.93 -15.09 27.69
C CYS C 505 -7.17 -15.83 28.77
N GLY C 506 -5.84 -15.81 28.66
CA GLY C 506 -4.98 -16.46 29.62
C GLY C 506 -4.87 -15.66 30.91
N PRO C 507 -4.34 -16.27 31.95
CA PRO C 507 -4.17 -15.57 33.23
C PRO C 507 -3.17 -14.44 33.12
N LYS C 508 -3.37 -13.42 33.96
CA LYS C 508 -2.50 -12.25 34.00
C LYS C 508 -1.75 -12.24 35.33
N LYS C 509 -0.43 -12.11 35.25
CA LYS C 509 0.42 -12.18 36.42
C LYS C 509 0.71 -10.78 36.96
N SER C 510 0.77 -10.69 38.29
CA SER C 510 1.01 -9.43 38.97
C SER C 510 2.15 -9.60 39.96
N THR C 511 2.96 -8.55 40.09
CA THR C 511 4.11 -8.55 40.98
C THR C 511 3.71 -8.02 42.36
N ASN C 512 4.69 -7.75 43.20
CA ASN C 512 4.42 -7.20 44.52
C ASN C 512 4.13 -5.70 44.41
N LEU C 513 3.98 -5.05 45.56
CA LEU C 513 3.66 -3.63 45.62
C LEU C 513 4.76 -2.90 46.38
N VAL C 514 5.31 -1.85 45.77
CA VAL C 514 6.39 -1.07 46.36
C VAL C 514 5.89 0.34 46.59
N LYS C 515 6.24 0.90 47.75
CA LYS C 515 5.81 2.23 48.14
C LYS C 515 7.02 3.09 48.48
N ASN C 516 6.83 4.40 48.38
CA ASN C 516 7.85 5.40 48.68
C ASN C 516 9.05 5.32 47.73
N LYS C 517 8.80 4.93 46.48
CA LYS C 517 9.85 4.89 45.47
C LYS C 517 9.28 5.37 44.14
N CYS C 518 10.14 5.96 43.31
CA CYS C 518 9.76 6.37 41.96
C CYS C 518 9.79 5.14 41.06
N VAL C 519 8.62 4.60 40.75
CA VAL C 519 8.51 3.36 39.99
C VAL C 519 7.48 3.56 38.88
N ASN C 520 7.58 2.67 37.88
CA ASN C 520 6.52 2.54 36.88
C ASN C 520 5.45 1.59 37.41
N PHE C 521 4.20 1.88 37.08
CA PHE C 521 3.11 1.07 37.60
C PHE C 521 2.07 0.83 36.53
N ASN C 522 1.40 -0.32 36.64
CA ASN C 522 0.30 -0.71 35.76
C ASN C 522 -0.78 -1.36 36.62
N PHE C 523 -1.85 -0.60 36.88
CA PHE C 523 -3.00 -1.04 37.67
C PHE C 523 -4.17 -1.27 36.72
N ASN C 524 -4.42 -2.54 36.37
CA ASN C 524 -5.55 -2.93 35.53
C ASN C 524 -5.56 -2.16 34.22
N GLY C 525 -4.39 -1.98 33.62
CA GLY C 525 -4.28 -1.26 32.37
C GLY C 525 -4.04 0.23 32.52
N LEU C 526 -4.16 0.77 33.73
CA LEU C 526 -3.84 2.17 33.99
C LEU C 526 -2.34 2.27 34.24
N THR C 527 -1.60 2.86 33.30
CA THR C 527 -0.15 2.87 33.33
C THR C 527 0.35 4.26 33.68
N GLY C 528 1.46 4.30 34.42
CA GLY C 528 2.01 5.58 34.81
C GLY C 528 3.34 5.42 35.52
N THR C 529 3.82 6.52 36.06
CA THR C 529 5.08 6.56 36.80
C THR C 529 4.95 7.52 37.97
N GLY C 530 5.53 7.16 39.11
CA GLY C 530 5.50 8.05 40.25
C GLY C 530 5.74 7.29 41.55
N VAL C 531 5.26 7.90 42.63
CA VAL C 531 5.43 7.39 43.99
C VAL C 531 4.04 7.13 44.57
N LEU C 532 3.84 5.95 45.14
CA LEU C 532 2.57 5.54 45.71
C LEU C 532 2.67 5.56 47.23
N THR C 533 1.75 6.28 47.87
CA THR C 533 1.75 6.40 49.33
C THR C 533 0.37 6.11 49.88
N GLU C 534 0.29 5.98 51.20
CA GLU C 534 -0.97 5.70 51.87
C GLU C 534 -1.94 6.87 51.73
N SER C 535 -3.20 6.54 51.45
CA SER C 535 -4.24 7.53 51.27
C SER C 535 -5.34 7.32 52.31
N ASN C 536 -5.96 8.42 52.73
CA ASN C 536 -7.11 8.38 53.62
C ASN C 536 -8.41 8.72 52.91
N LYS C 537 -8.39 8.82 51.59
CA LYS C 537 -9.62 9.02 50.83
C LYS C 537 -10.50 7.78 50.93
N LYS C 538 -11.80 8.00 50.79
CA LYS C 538 -12.80 6.93 50.90
C LYS C 538 -13.60 6.87 49.60
N PHE C 539 -13.24 5.93 48.73
CA PHE C 539 -13.97 5.73 47.50
C PHE C 539 -15.32 5.08 47.78
N LEU C 540 -16.24 5.21 46.83
CA LEU C 540 -17.43 4.38 46.87
C LEU C 540 -17.07 2.96 46.42
N PRO C 541 -17.84 1.96 46.85
CA PRO C 541 -17.45 0.57 46.57
C PRO C 541 -17.25 0.24 45.10
N PHE C 542 -17.92 0.94 44.19
CA PHE C 542 -17.80 0.64 42.77
C PHE C 542 -16.74 1.48 42.07
N GLN C 543 -16.07 2.40 42.77
CA GLN C 543 -15.12 3.29 42.13
C GLN C 543 -13.71 2.71 42.19
N GLN C 544 -12.95 2.93 41.12
CA GLN C 544 -11.62 2.33 40.97
C GLN C 544 -10.50 3.34 41.16
N PHE C 545 -10.56 4.49 40.49
CA PHE C 545 -9.52 5.49 40.59
C PHE C 545 -10.14 6.88 40.65
N GLY C 546 -9.34 7.86 41.04
CA GLY C 546 -9.79 9.22 41.20
C GLY C 546 -8.99 10.18 40.34
N ARG C 547 -9.69 11.17 39.79
CA ARG C 547 -9.08 12.23 39.00
C ARG C 547 -9.12 13.54 39.78
N ASP C 548 -8.49 14.56 39.20
CA ASP C 548 -8.36 15.87 39.80
C ASP C 548 -9.12 16.91 38.98
N ILE C 549 -9.02 18.17 39.40
CA ILE C 549 -9.69 19.25 38.70
C ILE C 549 -9.15 19.38 37.28
N ALA C 550 -7.84 19.20 37.11
CA ALA C 550 -7.23 19.19 35.79
C ALA C 550 -7.40 17.86 35.06
N ASP C 551 -8.20 16.95 35.62
CA ASP C 551 -8.47 15.64 35.02
C ASP C 551 -7.20 14.80 34.93
N THR C 552 -6.40 14.80 36.00
CA THR C 552 -5.23 13.94 36.11
C THR C 552 -5.47 12.94 37.23
N THR C 553 -5.07 11.69 36.98
CA THR C 553 -5.26 10.63 37.97
C THR C 553 -4.37 10.89 39.18
N ASP C 554 -4.95 10.85 40.38
CA ASP C 554 -4.20 11.09 41.59
C ASP C 554 -4.37 10.04 42.67
N ALA C 555 -5.34 9.15 42.56
CA ALA C 555 -5.50 8.05 43.51
C ALA C 555 -5.90 6.80 42.75
N VAL C 556 -5.65 5.64 43.36
CA VAL C 556 -5.94 4.37 42.71
C VAL C 556 -6.27 3.33 43.78
N ARG C 557 -7.10 2.36 43.41
CA ARG C 557 -7.47 1.26 44.29
C ARG C 557 -6.73 0.00 43.86
N ASP C 558 -6.10 -0.67 44.82
CA ASP C 558 -5.35 -1.89 44.52
C ASP C 558 -6.31 -3.03 44.23
N PRO C 559 -6.18 -3.73 43.09
CA PRO C 559 -7.18 -4.73 42.72
C PRO C 559 -7.17 -5.99 43.58
N GLN C 560 -6.11 -6.24 44.35
CA GLN C 560 -6.09 -7.44 45.18
C GLN C 560 -6.54 -7.14 46.60
N THR C 561 -5.84 -6.25 47.28
CA THR C 561 -6.29 -5.73 48.57
C THR C 561 -6.99 -4.39 48.32
N LEU C 562 -8.23 -4.27 48.77
CA LEU C 562 -9.03 -3.11 48.43
C LEU C 562 -8.54 -1.90 49.21
N GLU C 563 -7.48 -1.28 48.72
CA GLU C 563 -6.77 -0.24 49.43
C GLU C 563 -6.53 0.93 48.48
N ILE C 564 -6.57 2.15 49.02
CA ILE C 564 -6.44 3.36 48.24
C ILE C 564 -5.02 3.89 48.39
N LEU C 565 -4.41 4.27 47.27
CA LEU C 565 -3.06 4.80 47.23
C LEU C 565 -3.06 6.14 46.51
N ASP C 566 -2.28 7.07 47.04
CA ASP C 566 -2.06 8.37 46.42
C ASP C 566 -0.85 8.32 45.51
N ILE C 567 -0.98 8.93 44.33
CA ILE C 567 0.07 8.96 43.32
C ILE C 567 0.68 10.35 43.32
N THR C 568 2.02 10.43 43.38
CA THR C 568 2.74 11.69 43.38
C THR C 568 3.80 11.64 42.29
N PRO C 569 3.92 12.69 41.47
CA PRO C 569 4.96 12.70 40.43
C PRO C 569 6.35 12.77 41.04
N CYS C 570 7.33 12.24 40.29
CA CYS C 570 8.70 12.25 40.74
C CYS C 570 9.33 13.62 40.51
N SER C 571 10.42 13.88 41.23
CA SER C 571 11.01 15.22 41.27
C SER C 571 11.64 15.60 39.93
N PHE C 572 11.55 16.89 39.62
CA PHE C 572 12.19 17.45 38.43
C PHE C 572 12.39 18.93 38.65
N GLY C 573 13.33 19.51 37.91
CA GLY C 573 13.57 20.93 38.00
C GLY C 573 14.78 21.48 37.27
N GLY C 574 14.82 22.79 37.07
CA GLY C 574 15.94 23.39 36.38
C GLY C 574 17.20 23.45 37.23
N VAL C 575 18.34 23.51 36.55
CA VAL C 575 19.65 23.53 37.19
C VAL C 575 20.40 24.76 36.69
N SER C 576 20.77 25.64 37.63
CA SER C 576 21.44 26.90 37.33
C SER C 576 22.83 26.93 37.94
N VAL C 577 23.74 27.66 37.28
CA VAL C 577 25.13 27.78 37.70
C VAL C 577 25.42 29.23 38.01
N ILE C 578 26.08 29.48 39.14
CA ILE C 578 26.40 30.81 39.62
C ILE C 578 27.91 30.97 39.61
N THR C 579 28.40 31.98 38.90
CA THR C 579 29.84 32.16 38.73
C THR C 579 30.22 33.63 38.92
N PRO C 580 31.42 33.89 39.44
CA PRO C 580 31.94 35.26 39.52
C PRO C 580 32.63 35.76 38.27
N GLY C 581 32.51 35.05 37.15
CA GLY C 581 33.18 35.44 35.92
C GLY C 581 34.51 34.76 35.79
N THR C 582 34.80 34.22 34.60
CA THR C 582 36.07 33.55 34.38
C THR C 582 37.26 34.49 34.54
N ASN C 583 37.02 35.80 34.44
CA ASN C 583 38.07 36.77 34.74
C ASN C 583 38.44 36.73 36.22
N THR C 584 37.45 36.52 37.10
CA THR C 584 37.68 36.59 38.53
C THR C 584 38.11 35.26 39.13
N SER C 585 37.45 34.16 38.76
CA SER C 585 37.78 32.86 39.32
C SER C 585 37.13 31.78 38.47
N ASN C 586 37.47 30.52 38.78
CA ASN C 586 36.90 29.36 38.11
C ASN C 586 35.90 28.60 38.98
N GLN C 587 35.69 29.03 40.23
CA GLN C 587 34.74 28.38 41.10
C GLN C 587 33.31 28.74 40.71
N VAL C 588 32.38 27.81 40.97
CA VAL C 588 30.96 28.02 40.71
C VAL C 588 30.17 27.40 41.84
N ALA C 589 28.90 27.81 41.94
CA ALA C 589 27.91 27.16 42.78
C ALA C 589 26.75 26.68 41.92
N VAL C 590 26.01 25.70 42.42
CA VAL C 590 24.93 25.09 41.65
C VAL C 590 23.62 25.19 42.43
N LEU C 591 22.56 25.61 41.76
CA LEU C 591 21.24 25.71 42.35
C LEU C 591 20.28 24.76 41.63
N TYR C 592 19.66 23.88 42.41
CA TYR C 592 18.57 23.04 41.94
C TYR C 592 17.26 23.68 42.37
N GLN C 593 16.47 24.13 41.41
CA GLN C 593 15.29 24.94 41.70
C GLN C 593 14.12 24.07 42.13
N GLY C 594 13.54 24.39 43.28
CA GLY C 594 12.32 23.75 43.73
C GLY C 594 12.41 22.27 44.03
N VAL C 595 13.51 21.82 44.63
CA VAL C 595 13.63 20.44 45.08
C VAL C 595 14.16 20.44 46.50
N ASN C 596 13.82 19.38 47.23
CA ASN C 596 14.35 19.19 48.57
C ASN C 596 15.78 18.71 48.51
N CYS C 597 16.61 19.22 49.42
CA CYS C 597 18.03 18.87 49.41
C CYS C 597 18.30 17.40 49.70
N THR C 598 17.30 16.66 50.20
CA THR C 598 17.49 15.24 50.47
C THR C 598 17.35 14.38 49.22
N GLU C 599 16.93 14.96 48.09
CA GLU C 599 16.69 14.19 46.89
C GLU C 599 17.79 14.32 45.85
N VAL C 600 18.72 15.25 46.03
CA VAL C 600 19.81 15.39 45.07
C VAL C 600 20.71 14.16 45.13
N PRO C 601 21.02 13.51 44.01
CA PRO C 601 21.86 12.31 44.00
C PRO C 601 23.33 12.63 44.20
N SER C 620 30.69 18.58 50.65
CA SER C 620 30.23 19.85 50.07
C SER C 620 29.27 20.57 51.01
N ASN C 621 29.15 21.88 50.81
CA ASN C 621 28.21 22.70 51.56
C ASN C 621 26.86 22.66 50.87
N VAL C 622 25.85 22.14 51.55
CA VAL C 622 24.50 22.07 51.04
C VAL C 622 23.60 22.96 51.90
N PHE C 623 22.78 23.76 51.25
CA PHE C 623 21.91 24.70 51.93
C PHE C 623 20.51 24.63 51.32
N GLN C 624 19.50 24.79 52.16
CA GLN C 624 18.11 24.74 51.74
C GLN C 624 17.51 26.14 51.83
N THR C 625 16.98 26.61 50.71
CA THR C 625 16.32 27.90 50.63
C THR C 625 14.90 27.70 50.12
N ARG C 626 14.14 28.80 50.05
CA ARG C 626 12.80 28.74 49.47
C ARG C 626 12.87 28.57 47.96
N ALA C 627 14.01 28.87 47.36
CA ALA C 627 14.16 28.70 45.92
C ALA C 627 14.58 27.29 45.54
N GLY C 628 15.29 26.61 46.42
CA GLY C 628 15.72 25.25 46.13
C GLY C 628 16.97 24.89 46.94
N CYS C 629 17.72 23.94 46.40
CA CYS C 629 18.92 23.43 47.04
C CYS C 629 20.15 24.11 46.44
N LEU C 630 21.02 24.64 47.29
CA LEU C 630 22.20 25.35 46.87
C LEU C 630 23.44 24.59 47.32
N ILE C 631 24.32 24.25 46.38
CA ILE C 631 25.52 23.47 46.65
C ILE C 631 26.73 24.27 46.21
N GLY C 632 27.68 24.44 47.12
CA GLY C 632 28.92 25.15 46.83
C GLY C 632 29.04 26.54 47.42
N ALA C 633 28.13 26.94 48.30
CA ALA C 633 28.16 28.27 48.90
C ALA C 633 28.02 28.15 50.41
N GLU C 634 28.54 29.16 51.11
CA GLU C 634 28.57 29.20 52.57
C GLU C 634 27.68 30.32 53.06
N TYR C 635 26.79 30.00 54.01
CA TYR C 635 25.82 30.98 54.49
C TYR C 635 26.43 31.82 55.60
N VAL C 636 26.44 33.14 55.41
CA VAL C 636 27.29 33.99 56.26
C VAL C 636 26.53 34.97 57.14
N ASN C 637 25.22 34.80 57.27
CA ASN C 637 24.41 35.56 58.22
C ASN C 637 24.34 37.05 57.90
N ASN C 638 25.46 37.77 58.06
CA ASN C 638 25.47 39.21 57.90
C ASN C 638 25.08 39.62 56.49
N SER C 639 24.30 40.69 56.38
CA SER C 639 23.67 41.09 55.13
C SER C 639 24.51 42.15 54.41
N TYR C 640 24.44 42.14 53.09
CA TYR C 640 25.10 43.11 52.23
C TYR C 640 24.13 43.55 51.15
N GLU C 641 24.59 44.42 50.27
CA GLU C 641 23.84 44.73 49.05
C GLU C 641 23.82 43.51 48.13
N CYS C 642 22.72 43.33 47.43
CA CYS C 642 22.58 42.17 46.55
C CYS C 642 23.50 42.30 45.35
N ASP C 643 24.22 41.23 45.05
CA ASP C 643 25.13 41.17 43.91
C ASP C 643 24.63 40.21 42.83
N ILE C 644 24.37 38.96 43.19
CA ILE C 644 23.77 37.99 42.28
C ILE C 644 22.47 37.51 42.92
N PRO C 645 21.31 37.84 42.36
CA PRO C 645 20.04 37.48 42.99
C PRO C 645 19.76 36.00 42.87
N ILE C 646 19.73 35.31 44.01
CA ILE C 646 19.31 33.91 44.01
C ILE C 646 17.80 33.80 44.06
N GLY C 647 17.17 34.49 45.00
CA GLY C 647 15.72 34.55 45.07
C GLY C 647 15.22 34.44 46.50
N ALA C 648 13.96 34.83 46.69
CA ALA C 648 13.30 34.81 48.00
C ALA C 648 14.09 35.58 49.04
N GLY C 649 14.70 36.69 48.62
CA GLY C 649 15.50 37.51 49.51
C GLY C 649 16.92 37.03 49.72
N ILE C 650 17.35 35.99 49.01
CA ILE C 650 18.68 35.42 49.17
C ILE C 650 19.54 35.86 47.99
N CYS C 651 20.74 36.35 48.28
CA CYS C 651 21.73 36.74 47.29
C CYS C 651 23.05 36.06 47.60
N ALA C 652 23.95 36.08 46.60
CA ALA C 652 25.25 35.44 46.70
C ALA C 652 26.32 36.38 46.16
N SER C 653 27.55 36.17 46.62
CA SER C 653 28.65 37.05 46.22
C SER C 653 29.98 36.33 46.40
N TYR C 654 31.04 36.95 45.90
CA TYR C 654 32.40 36.44 45.97
C TYR C 654 33.17 37.29 46.98
N GLN C 655 33.30 36.78 48.20
CA GLN C 655 33.91 37.52 49.29
C GLN C 655 34.91 36.64 50.03
N THR C 656 35.83 37.29 50.74
CA THR C 656 36.84 36.58 51.52
C THR C 656 36.20 35.77 52.66
N SER C 669 40.91 32.23 51.76
CA SER C 669 41.17 33.15 50.66
C SER C 669 39.90 33.85 50.21
N GLN C 670 39.33 33.37 49.10
CA GLN C 670 38.09 33.90 48.56
C GLN C 670 37.15 32.74 48.26
N SER C 671 35.85 32.97 48.48
CA SER C 671 34.88 31.90 48.33
C SER C 671 33.51 32.49 48.05
N ILE C 672 32.59 31.62 47.59
CA ILE C 672 31.23 32.02 47.31
C ILE C 672 30.41 31.99 48.59
N ILE C 673 29.72 33.09 48.89
CA ILE C 673 28.94 33.21 50.11
C ILE C 673 27.50 33.59 49.77
N ALA C 674 26.60 33.28 50.70
CA ALA C 674 25.18 33.56 50.56
C ALA C 674 24.67 34.30 51.79
N TYR C 675 23.66 35.14 51.59
CA TYR C 675 23.19 36.03 52.63
C TYR C 675 21.83 36.61 52.24
N LYS C 676 21.29 37.46 53.11
CA LYS C 676 20.02 38.11 52.80
C LYS C 676 20.22 39.55 52.35
N MET C 677 19.51 39.95 51.31
CA MET C 677 19.58 41.30 50.79
C MET C 677 19.44 42.31 51.92
N HIS C 678 20.24 43.37 51.87
CA HIS C 678 20.16 44.45 52.83
C HIS C 678 19.46 45.63 52.17
N LEU C 679 18.37 46.10 52.78
CA LEU C 679 17.56 47.13 52.16
C LEU C 679 18.29 48.46 52.10
N GLY C 680 19.07 48.78 53.13
CA GLY C 680 19.82 50.01 53.12
C GLY C 680 20.27 50.41 54.51
N ALA C 681 20.91 51.57 54.57
CA ALA C 681 21.43 52.08 55.83
C ALA C 681 20.30 52.60 56.72
N GLU C 682 20.45 52.38 58.02
CA GLU C 682 19.42 52.77 58.97
C GLU C 682 19.57 54.24 59.37
N ASN C 683 18.45 54.96 59.43
CA ASN C 683 18.48 56.38 59.75
C ASN C 683 17.27 56.73 60.62
N SER C 684 17.50 57.60 61.60
CA SER C 684 16.42 58.15 62.42
C SER C 684 16.52 59.67 62.41
N VAL C 685 15.40 60.33 62.16
CA VAL C 685 15.33 61.77 62.06
C VAL C 685 14.86 62.33 63.40
N ALA C 686 15.58 63.34 63.90
CA ALA C 686 15.30 63.93 65.20
C ALA C 686 14.09 64.86 65.07
N TYR C 687 12.91 64.26 65.10
CA TYR C 687 11.68 65.02 65.00
C TYR C 687 11.31 65.63 66.35
N SER C 688 10.86 66.88 66.31
CA SER C 688 10.32 67.56 67.47
C SER C 688 9.33 68.62 66.98
N ASN C 689 8.43 69.03 67.86
CA ASN C 689 7.46 70.05 67.50
C ASN C 689 7.99 71.46 67.67
N ASN C 690 9.32 71.61 67.78
CA ASN C 690 9.92 72.91 67.98
C ASN C 690 11.18 73.16 67.16
N SER C 691 11.70 72.17 66.45
CA SER C 691 13.00 72.28 65.78
C SER C 691 12.84 72.15 64.27
N ILE C 692 13.70 72.87 63.54
CA ILE C 692 13.73 72.83 62.09
C ILE C 692 15.18 72.74 61.64
N ALA C 693 15.38 72.33 60.39
CA ALA C 693 16.72 72.22 59.80
C ALA C 693 16.75 73.01 58.51
N ILE C 694 17.78 73.85 58.37
CA ILE C 694 17.91 74.73 57.20
C ILE C 694 19.28 74.53 56.56
N PRO C 695 19.34 74.33 55.24
CA PRO C 695 20.64 74.21 54.58
C PRO C 695 21.40 75.52 54.55
N THR C 696 22.73 75.42 54.51
CA THR C 696 23.59 76.59 54.43
C THR C 696 24.49 76.60 53.21
N ASN C 697 24.43 75.57 52.36
CA ASN C 697 25.27 75.51 51.18
C ASN C 697 24.55 74.67 50.13
N PHE C 698 25.14 74.58 48.95
CA PHE C 698 24.50 73.86 47.85
C PHE C 698 25.55 73.23 46.94
N THR C 699 25.09 72.31 46.10
CA THR C 699 25.92 71.58 45.16
C THR C 699 25.20 71.51 43.81
N ILE C 700 25.96 71.66 42.74
CA ILE C 700 25.45 71.53 41.38
C ILE C 700 25.77 70.13 40.88
N SER C 701 24.75 69.41 40.42
CA SER C 701 24.90 68.02 40.00
C SER C 701 24.49 67.85 38.56
N VAL C 702 25.19 66.95 37.85
CA VAL C 702 24.89 66.63 36.46
C VAL C 702 24.69 65.13 36.34
N THR C 703 23.58 64.73 35.73
CA THR C 703 23.21 63.32 35.62
C THR C 703 22.83 63.01 34.18
N THR C 704 22.99 61.74 33.80
CA THR C 704 22.75 61.29 32.43
C THR C 704 21.57 60.32 32.37
N GLU C 705 20.84 60.39 31.26
CA GLU C 705 19.75 59.45 30.99
C GLU C 705 19.78 59.06 29.52
N ILE C 706 19.52 57.78 29.24
CA ILE C 706 19.64 57.22 27.89
C ILE C 706 18.30 56.64 27.48
N LEU C 707 17.86 56.94 26.25
CA LEU C 707 16.59 56.43 25.75
C LEU C 707 16.67 56.00 24.30
N PRO C 708 16.27 54.78 23.97
CA PRO C 708 16.20 54.35 22.57
C PRO C 708 15.03 55.00 21.84
N VAL C 709 15.19 55.14 20.53
CA VAL C 709 14.25 55.87 19.68
C VAL C 709 13.71 55.00 18.55
N SER C 710 14.59 54.34 17.80
CA SER C 710 14.18 53.61 16.62
C SER C 710 14.95 52.30 16.51
N MET C 711 14.44 51.42 15.64
CA MET C 711 15.04 50.13 15.36
C MET C 711 15.35 50.02 13.86
N THR C 712 15.86 48.85 13.47
CA THR C 712 16.28 48.63 12.09
C THR C 712 15.08 48.26 11.22
N LYS C 713 15.04 48.83 10.01
CA LYS C 713 13.96 48.58 9.07
C LYS C 713 14.34 47.44 8.15
N THR C 714 13.52 46.40 8.12
CA THR C 714 13.79 45.20 7.34
C THR C 714 12.64 44.93 6.36
N SER C 715 12.95 44.14 5.35
CA SER C 715 11.96 43.71 4.36
C SER C 715 12.27 42.30 3.92
N VAL C 716 11.22 41.55 3.61
CA VAL C 716 11.32 40.13 3.27
C VAL C 716 10.60 39.88 1.96
N ASP C 717 11.23 39.12 1.07
CA ASP C 717 10.60 38.65 -0.16
C ASP C 717 10.08 37.24 0.11
N CYS C 718 8.76 37.12 0.24
CA CYS C 718 8.17 35.87 0.71
C CYS C 718 8.46 34.72 -0.23
N THR C 719 8.24 34.92 -1.53
CA THR C 719 8.36 33.83 -2.48
C THR C 719 9.79 33.31 -2.55
N MET C 720 10.77 34.21 -2.55
CA MET C 720 12.17 33.78 -2.61
C MET C 720 12.57 33.02 -1.36
N TYR C 721 12.08 33.47 -0.20
CA TYR C 721 12.41 32.76 1.05
C TYR C 721 11.78 31.38 1.06
N ILE C 722 10.52 31.27 0.63
CA ILE C 722 9.84 29.98 0.65
C ILE C 722 10.33 29.10 -0.50
N CYS C 723 10.17 29.59 -1.72
CA CYS C 723 10.45 28.83 -2.93
C CYS C 723 11.76 29.35 -3.51
N GLY C 724 12.80 28.52 -3.50
CA GLY C 724 14.11 28.99 -3.93
C GLY C 724 14.10 29.54 -5.34
N ASP C 725 13.93 28.65 -6.32
CA ASP C 725 13.72 29.08 -7.69
C ASP C 725 12.78 28.16 -8.47
N SER C 726 12.25 27.11 -7.86
CA SER C 726 11.37 26.19 -8.56
C SER C 726 10.03 26.86 -8.83
N THR C 727 9.33 26.38 -9.86
CA THR C 727 8.08 27.01 -10.27
C THR C 727 6.86 26.28 -9.72
N GLU C 728 6.95 24.96 -9.57
CA GLU C 728 5.84 24.20 -8.99
C GLU C 728 5.62 24.62 -7.54
N CYS C 729 6.70 24.92 -6.82
CA CYS C 729 6.56 25.49 -5.48
C CYS C 729 5.79 26.80 -5.53
N SER C 730 6.06 27.64 -6.52
CA SER C 730 5.32 28.89 -6.68
C SER C 730 3.84 28.62 -6.96
N ASN C 731 3.55 27.62 -7.79
CA ASN C 731 2.15 27.29 -8.07
C ASN C 731 1.42 26.85 -6.81
N LEU C 732 2.05 26.00 -6.00
CA LEU C 732 1.42 25.58 -4.75
C LEU C 732 1.22 26.77 -3.81
N LEU C 733 2.23 27.65 -3.72
CA LEU C 733 2.13 28.82 -2.86
C LEU C 733 0.98 29.71 -3.30
N LEU C 734 0.79 29.87 -4.61
CA LEU C 734 -0.38 30.57 -5.10
C LEU C 734 -1.66 29.85 -4.68
N GLN C 735 -1.63 28.52 -4.71
CA GLN C 735 -2.82 27.76 -4.33
C GLN C 735 -3.21 27.99 -2.87
N TYR C 736 -2.24 28.23 -1.99
CA TYR C 736 -2.59 28.51 -0.60
C TYR C 736 -3.44 29.77 -0.46
N GLY C 737 -2.99 30.88 -1.03
CA GLY C 737 -3.76 32.11 -0.89
C GLY C 737 -2.93 33.34 -0.65
N SER C 738 -3.48 34.30 0.10
CA SER C 738 -2.84 35.59 0.34
C SER C 738 -2.27 35.62 1.75
N PHE C 739 -0.95 35.52 1.86
CA PHE C 739 -0.26 35.75 3.12
C PHE C 739 0.85 36.78 2.89
N CYS C 740 1.45 36.72 1.71
CA CYS C 740 2.56 37.60 1.39
C CYS C 740 2.13 39.06 1.44
N THR C 741 0.92 39.36 0.97
CA THR C 741 0.46 40.74 0.97
C THR C 741 0.35 41.29 2.38
N GLN C 742 -0.23 40.51 3.30
CA GLN C 742 -0.34 40.95 4.68
C GLN C 742 1.03 41.11 5.33
N LEU C 743 1.94 40.16 5.10
CA LEU C 743 3.27 40.30 5.68
C LEU C 743 3.97 41.56 5.17
N LYS C 744 3.87 41.81 3.86
CA LYS C 744 4.50 42.99 3.27
C LYS C 744 3.91 44.27 3.85
N ARG C 745 2.58 44.33 3.98
CA ARG C 745 1.97 45.55 4.49
C ARG C 745 2.34 45.80 5.95
N ALA C 746 2.43 44.73 6.74
CA ALA C 746 2.85 44.90 8.14
C ALA C 746 4.29 45.41 8.22
N LEU C 747 5.18 44.84 7.42
CA LEU C 747 6.58 45.27 7.47
C LEU C 747 6.73 46.72 7.01
N THR C 748 5.99 47.11 5.96
CA THR C 748 6.05 48.50 5.50
C THR C 748 5.51 49.46 6.55
N GLY C 749 4.42 49.07 7.24
CA GLY C 749 3.92 49.91 8.31
C GLY C 749 4.95 50.13 9.40
N ILE C 750 5.64 49.07 9.80
CA ILE C 750 6.70 49.20 10.81
C ILE C 750 7.80 50.13 10.31
N ALA C 751 8.21 49.96 9.04
CA ALA C 751 9.29 50.76 8.49
C ALA C 751 8.94 52.24 8.48
N VAL C 752 7.71 52.59 8.11
CA VAL C 752 7.30 53.99 8.13
C VAL C 752 7.22 54.51 9.55
N GLU C 753 6.76 53.67 10.48
CA GLU C 753 6.66 54.09 11.87
C GLU C 753 8.01 54.45 12.46
N GLN C 754 9.07 53.75 12.04
CA GLN C 754 10.40 54.07 12.57
C GLN C 754 10.83 55.49 12.20
N ASP C 755 10.62 55.87 10.94
CA ASP C 755 10.97 57.22 10.51
C ASP C 755 10.10 58.25 11.23
N LYS C 756 8.83 57.94 11.42
CA LYS C 756 7.96 58.85 12.18
C LYS C 756 8.48 59.04 13.61
N ASN C 757 8.91 57.95 14.24
CA ASN C 757 9.44 58.03 15.60
C ASN C 757 10.68 58.92 15.65
N THR C 758 11.59 58.74 14.70
CA THR C 758 12.80 59.56 14.69
C THR C 758 12.46 61.04 14.47
N GLN C 759 11.52 61.33 13.57
CA GLN C 759 11.18 62.71 13.28
C GLN C 759 10.45 63.37 14.45
N GLU C 760 9.74 62.59 15.25
CA GLU C 760 8.96 63.15 16.34
C GLU C 760 9.84 63.75 17.44
N VAL C 761 11.05 63.23 17.61
CA VAL C 761 11.87 63.63 18.75
C VAL C 761 12.74 64.82 18.43
N PHE C 762 13.46 64.78 17.30
CA PHE C 762 14.51 65.75 17.02
C PHE C 762 14.05 66.97 16.24
N ALA C 763 13.04 66.82 15.37
CA ALA C 763 12.61 67.92 14.52
C ALA C 763 11.55 68.80 15.18
N GLN C 764 11.83 69.31 16.39
CA GLN C 764 10.86 70.16 17.06
C GLN C 764 11.07 71.63 16.74
N VAL C 765 12.32 72.06 16.63
CA VAL C 765 12.63 73.46 16.33
C VAL C 765 12.37 73.73 14.85
N LYS C 766 12.14 74.99 14.51
CA LYS C 766 11.84 75.35 13.13
C LYS C 766 13.03 75.95 12.41
N GLN C 767 13.92 76.60 13.13
CA GLN C 767 15.06 77.26 12.53
C GLN C 767 16.36 76.69 13.07
N ILE C 768 17.43 76.84 12.30
CA ILE C 768 18.75 76.36 12.67
C ILE C 768 19.49 77.53 13.31
N TYR C 769 19.57 77.53 14.64
CA TYR C 769 20.25 78.59 15.37
C TYR C 769 21.75 78.32 15.41
N LYS C 770 22.52 79.40 15.49
CA LYS C 770 23.97 79.33 15.51
C LYS C 770 24.51 80.05 16.73
N THR C 771 25.54 79.48 17.34
CA THR C 771 26.21 80.07 18.49
C THR C 771 27.13 81.21 18.03
N PRO C 772 27.32 82.23 18.87
CA PRO C 772 28.19 83.33 18.48
C PRO C 772 29.63 82.88 18.35
N PRO C 773 30.43 83.54 17.51
CA PRO C 773 31.83 83.13 17.36
C PRO C 773 32.64 83.24 18.65
N ILE C 774 32.31 84.19 19.52
CA ILE C 774 33.01 84.37 20.78
C ILE C 774 32.33 83.51 21.83
N LYS C 775 33.07 82.54 22.38
CA LYS C 775 32.50 81.57 23.32
C LYS C 775 32.82 81.98 24.76
N TYR C 776 32.12 83.02 25.22
CA TYR C 776 32.19 83.44 26.61
C TYR C 776 30.78 83.63 27.13
N PHE C 777 30.47 82.96 28.24
CA PHE C 777 29.13 82.97 28.83
C PHE C 777 29.21 83.17 30.34
N GLY C 778 30.02 84.14 30.77
CA GLY C 778 30.12 84.44 32.18
C GLY C 778 30.89 83.44 33.00
N GLY C 779 31.80 82.69 32.38
CA GLY C 779 32.60 81.72 33.08
C GLY C 779 32.19 80.27 32.87
N PHE C 780 31.01 80.04 32.32
CA PHE C 780 30.56 78.68 32.06
C PHE C 780 31.19 78.14 30.78
N ASN C 781 31.63 76.89 30.83
CA ASN C 781 32.37 76.25 29.75
C ASN C 781 31.48 75.18 29.12
N PHE C 782 31.21 75.31 27.83
CA PHE C 782 30.36 74.38 27.10
C PHE C 782 31.11 73.64 25.99
N SER C 783 32.44 73.59 26.06
CA SER C 783 33.22 73.02 24.96
C SER C 783 32.98 71.52 24.81
N GLN C 784 32.61 70.84 25.90
CA GLN C 784 32.44 69.40 25.84
C GLN C 784 31.16 68.98 25.11
N ILE C 785 30.21 69.89 24.95
CA ILE C 785 28.94 69.57 24.30
C ILE C 785 28.73 70.33 23.00
N LEU C 786 29.53 71.34 22.72
CA LEU C 786 29.40 72.08 21.47
C LEU C 786 30.10 71.33 20.34
N PRO C 787 29.66 71.55 19.09
CA PRO C 787 30.29 70.87 17.96
C PRO C 787 31.77 71.21 17.83
N ASP C 788 32.56 70.22 17.41
CA ASP C 788 33.99 70.40 17.21
C ASP C 788 34.27 70.59 15.74
N PRO C 789 34.75 71.76 15.30
CA PRO C 789 34.94 71.99 13.86
C PRO C 789 36.09 71.20 13.26
N SER C 790 37.03 70.72 14.08
CA SER C 790 38.20 70.04 13.53
C SER C 790 37.81 68.74 12.84
N LYS C 791 37.03 67.90 13.52
CA LYS C 791 36.66 66.62 12.94
C LYS C 791 35.63 66.81 11.83
N PRO C 792 35.71 66.00 10.77
CA PRO C 792 34.75 66.15 9.67
C PRO C 792 33.32 65.82 10.06
N SER C 793 33.13 65.06 11.15
CA SER C 793 31.78 64.69 11.56
C SER C 793 31.06 65.87 12.20
N LYS C 794 31.80 66.89 12.65
CA LYS C 794 31.24 68.04 13.36
C LYS C 794 30.44 67.60 14.57
N ARG C 795 30.99 66.64 15.32
CA ARG C 795 30.36 66.13 16.52
C ARG C 795 31.12 66.62 17.77
N SER C 796 30.38 66.72 18.87
CA SER C 796 30.98 67.06 20.14
C SER C 796 31.81 65.88 20.66
N PRO C 797 32.76 66.14 21.56
CA PRO C 797 33.56 65.03 22.11
C PRO C 797 32.71 63.94 22.75
N ILE C 798 31.67 64.32 23.49
CA ILE C 798 30.81 63.31 24.12
C ILE C 798 30.06 62.52 23.06
N GLU C 799 29.58 63.20 22.01
CA GLU C 799 28.89 62.50 20.93
C GLU C 799 29.83 61.53 20.21
N ASP C 800 31.09 61.94 20.00
CA ASP C 800 32.06 61.04 19.39
C ASP C 800 32.33 59.83 20.27
N LEU C 801 32.45 60.04 21.58
CA LEU C 801 32.66 58.91 22.48
C LEU C 801 31.47 57.96 22.44
N LEU C 802 30.25 58.50 22.43
CA LEU C 802 29.07 57.66 22.34
C LEU C 802 29.03 56.88 21.03
N PHE C 803 29.39 57.55 19.93
CA PHE C 803 29.37 56.88 18.62
C PHE C 803 30.40 55.76 18.56
N ASN C 804 31.59 55.99 19.12
CA ASN C 804 32.63 54.97 19.07
C ASN C 804 32.35 53.82 20.03
N LYS C 805 31.75 54.10 21.19
CA LYS C 805 31.51 53.06 22.19
C LYS C 805 30.43 52.06 21.77
N VAL C 806 29.68 52.36 20.73
CA VAL C 806 28.68 51.42 20.22
C VAL C 806 29.10 50.88 18.86
N PHE C 835 21.58 36.03 3.68
CA PHE C 835 20.39 36.77 3.27
C PHE C 835 19.80 36.20 1.98
N ASN C 836 18.57 35.72 2.06
CA ASN C 836 17.85 35.12 0.94
C ASN C 836 16.46 35.74 0.90
N GLY C 837 16.30 36.81 0.13
CA GLY C 837 15.08 37.57 0.15
C GLY C 837 14.96 38.53 1.31
N LEU C 838 16.00 38.67 2.13
CA LEU C 838 16.00 39.53 3.29
C LEU C 838 16.84 40.76 3.01
N THR C 839 16.29 41.95 3.26
CA THR C 839 17.01 43.18 2.97
C THR C 839 16.79 44.18 4.09
N VAL C 840 17.71 45.12 4.20
CA VAL C 840 17.69 46.16 5.23
C VAL C 840 17.61 47.52 4.54
N LEU C 841 16.66 48.34 4.98
CA LEU C 841 16.46 49.64 4.35
C LEU C 841 17.13 50.75 5.16
N PRO C 842 17.75 51.73 4.50
CA PRO C 842 18.44 52.78 5.24
C PRO C 842 17.45 53.80 5.79
N PRO C 843 17.76 54.44 6.91
CA PRO C 843 16.87 55.47 7.46
C PRO C 843 16.88 56.73 6.61
N LEU C 844 15.78 57.49 6.73
CA LEU C 844 15.63 58.71 5.92
C LEU C 844 16.58 59.80 6.35
N LEU C 845 16.76 60.00 7.65
CA LEU C 845 17.63 61.04 8.18
C LEU C 845 19.00 60.46 8.49
N THR C 846 20.05 61.11 8.00
CA THR C 846 21.40 60.67 8.27
C THR C 846 21.84 61.12 9.66
N ASP C 847 23.02 60.63 10.08
CA ASP C 847 23.55 61.00 11.39
C ASP C 847 23.92 62.48 11.44
N GLU C 848 24.42 63.02 10.33
CA GLU C 848 24.83 64.42 10.31
C GLU C 848 23.64 65.35 10.52
N MET C 849 22.49 65.01 9.93
CA MET C 849 21.30 65.84 10.12
C MET C 849 20.83 65.83 11.57
N ILE C 850 20.87 64.66 12.23
CA ILE C 850 20.49 64.58 13.63
C ILE C 850 21.46 65.38 14.49
N ALA C 851 22.75 65.30 14.19
CA ALA C 851 23.73 66.11 14.90
C ALA C 851 23.47 67.60 14.72
N GLN C 852 23.09 68.00 13.50
CA GLN C 852 22.76 69.40 13.24
C GLN C 852 21.53 69.84 14.04
N TYR C 853 20.52 68.97 14.13
CA TYR C 853 19.34 69.29 14.93
C TYR C 853 19.72 69.49 16.40
N THR C 854 20.53 68.59 16.95
CA THR C 854 20.95 68.73 18.35
C THR C 854 21.76 70.00 18.55
N SER C 855 22.63 70.33 17.60
CA SER C 855 23.40 71.57 17.69
C SER C 855 22.50 72.79 17.70
N ALA C 856 21.47 72.79 16.85
CA ALA C 856 20.53 73.91 16.83
C ALA C 856 19.79 74.04 18.16
N LEU C 857 19.36 72.91 18.72
CA LEU C 857 18.69 72.96 20.01
C LEU C 857 19.60 73.50 21.10
N LEU C 858 20.86 73.05 21.12
CA LEU C 858 21.80 73.53 22.12
C LEU C 858 22.04 75.03 21.99
N ALA C 859 22.23 75.51 20.75
CA ALA C 859 22.45 76.95 20.55
C ALA C 859 21.24 77.75 20.99
N GLY C 860 20.04 77.28 20.65
CA GLY C 860 18.84 77.99 21.06
C GLY C 860 18.71 78.09 22.57
N THR C 861 18.94 76.97 23.26
CA THR C 861 18.78 77.00 24.72
C THR C 861 19.89 77.79 25.39
N ILE C 862 21.08 77.84 24.80
CA ILE C 862 22.17 78.61 25.40
C ILE C 862 21.96 80.10 25.20
N THR C 863 21.44 80.50 24.04
CA THR C 863 21.36 81.92 23.74
C THR C 863 20.04 82.56 24.20
N SER C 864 18.93 81.84 24.13
CA SER C 864 17.62 82.45 24.34
C SER C 864 16.86 81.91 25.54
N GLY C 865 17.46 81.00 26.31
CA GLY C 865 16.72 80.41 27.42
C GLY C 865 15.58 79.55 26.91
N TRP C 866 14.37 79.82 27.41
CA TRP C 866 13.19 79.08 26.98
C TRP C 866 12.26 79.89 26.09
N THR C 867 12.69 81.06 25.62
CA THR C 867 11.80 81.89 24.82
C THR C 867 11.58 81.32 23.43
N PHE C 868 12.59 80.68 22.83
CA PHE C 868 12.45 80.18 21.48
C PHE C 868 11.52 78.98 21.37
N GLY C 869 11.16 78.36 22.49
CA GLY C 869 10.21 77.25 22.45
C GLY C 869 8.76 77.67 22.39
N ALA C 870 8.46 78.94 22.65
CA ALA C 870 7.09 79.44 22.63
C ALA C 870 6.86 80.52 21.59
N GLY C 871 7.89 80.97 20.89
CA GLY C 871 7.75 82.01 19.88
C GLY C 871 9.09 82.43 19.34
N PRO C 872 9.22 83.71 19.01
CA PRO C 872 10.52 84.22 18.54
C PRO C 872 11.57 84.15 19.64
N ALA C 873 12.82 83.96 19.22
CA ALA C 873 13.92 83.85 20.16
C ALA C 873 14.36 85.23 20.63
N LEU C 874 14.45 85.41 21.94
CA LEU C 874 14.86 86.67 22.55
C LEU C 874 16.15 86.45 23.31
N GLN C 875 17.17 87.25 23.00
CA GLN C 875 18.47 87.07 23.63
C GLN C 875 18.47 87.59 25.06
N ILE C 876 19.33 87.00 25.88
CA ILE C 876 19.47 87.37 27.29
C ILE C 876 20.83 86.86 27.77
N PRO C 877 21.54 87.62 28.60
CA PRO C 877 22.82 87.13 29.14
C PRO C 877 22.62 85.87 29.96
N PHE C 878 23.60 84.97 29.89
CA PHE C 878 23.47 83.67 30.54
C PHE C 878 23.33 83.76 32.05
N PRO C 879 24.13 84.55 32.78
CA PRO C 879 23.92 84.64 34.24
C PRO C 879 22.53 85.12 34.63
N MET C 880 21.94 86.02 33.84
CA MET C 880 20.57 86.46 34.13
C MET C 880 19.57 85.32 33.95
N GLN C 881 19.78 84.49 32.92
CA GLN C 881 18.93 83.31 32.74
C GLN C 881 19.09 82.35 33.92
N MET C 882 20.32 82.18 34.41
CA MET C 882 20.54 81.34 35.58
C MET C 882 19.83 81.91 36.81
N ALA C 883 19.84 83.23 36.95
CA ALA C 883 19.12 83.87 38.06
C ALA C 883 17.62 83.62 37.95
N TYR C 884 17.08 83.71 36.73
CA TYR C 884 15.67 83.37 36.52
C TYR C 884 15.39 81.94 36.95
N ARG C 885 16.28 81.01 36.58
CA ARG C 885 16.07 79.62 36.93
C ARG C 885 16.19 79.38 38.43
N PHE C 886 17.07 80.10 39.14
CA PHE C 886 17.10 79.98 40.60
C PHE C 886 15.81 80.52 41.21
N ASN C 887 15.30 81.64 40.68
CA ASN C 887 14.00 82.13 41.15
C ASN C 887 12.92 81.10 40.92
N GLY C 888 13.03 80.30 39.86
CA GLY C 888 12.02 79.32 39.57
C GLY C 888 11.86 78.25 40.65
N ILE C 889 12.91 78.01 41.44
CA ILE C 889 12.87 76.97 42.46
C ILE C 889 12.83 77.53 43.87
N GLY C 890 12.57 78.83 44.03
CA GLY C 890 12.42 79.40 45.36
C GLY C 890 13.67 79.94 45.99
N VAL C 891 14.68 80.32 45.20
CA VAL C 891 15.88 80.95 45.72
C VAL C 891 16.02 82.33 45.06
N THR C 892 16.43 83.31 45.86
CA THR C 892 16.50 84.69 45.38
C THR C 892 17.71 84.90 44.48
N GLN C 893 17.68 86.00 43.73
CA GLN C 893 18.70 86.27 42.73
C GLN C 893 20.06 86.57 43.35
N ASN C 894 20.09 87.27 44.48
CA ASN C 894 21.36 87.69 45.07
C ASN C 894 22.20 86.47 45.46
N VAL C 895 21.56 85.36 45.79
CA VAL C 895 22.30 84.16 46.15
C VAL C 895 23.18 83.71 44.99
N LEU C 896 22.64 83.73 43.77
CA LEU C 896 23.43 83.37 42.61
C LEU C 896 24.42 84.47 42.25
N TYR C 897 23.98 85.73 42.31
CA TYR C 897 24.87 86.82 41.91
C TYR C 897 26.07 86.98 42.83
N GLU C 898 25.99 86.49 44.06
CA GLU C 898 27.10 86.58 45.00
C GLU C 898 27.97 85.34 45.03
N ASN C 899 27.63 84.31 44.25
CA ASN C 899 28.40 83.07 44.22
C ASN C 899 28.59 82.60 42.79
N GLN C 900 28.75 83.54 41.85
CA GLN C 900 28.78 83.19 40.44
C GLN C 900 29.99 82.33 40.09
N LYS C 901 31.17 82.71 40.59
CA LYS C 901 32.38 81.97 40.26
C LYS C 901 32.36 80.55 40.80
N LEU C 902 31.89 80.39 42.05
CA LEU C 902 31.81 79.06 42.64
C LEU C 902 30.84 78.17 41.87
N ILE C 903 29.69 78.71 41.49
CA ILE C 903 28.71 77.94 40.73
C ILE C 903 29.28 77.53 39.37
N ALA C 904 29.97 78.46 38.70
CA ALA C 904 30.58 78.13 37.42
C ALA C 904 31.63 77.03 37.57
N ASN C 905 32.45 77.12 38.61
CA ASN C 905 33.48 76.10 38.83
C ASN C 905 32.84 74.73 39.10
N GLN C 906 31.79 74.70 39.93
CA GLN C 906 31.13 73.43 40.20
C GLN C 906 30.53 72.83 38.94
N PHE C 907 29.90 73.67 38.11
CA PHE C 907 29.34 73.18 36.86
C PHE C 907 30.42 72.63 35.94
N ASN C 908 31.55 73.33 35.86
CA ASN C 908 32.64 72.87 35.00
C ASN C 908 33.19 71.52 35.46
N SER C 909 33.37 71.36 36.78
CA SER C 909 33.86 70.08 37.30
C SER C 909 32.85 68.97 37.03
N ALA C 910 31.56 69.25 37.24
CA ALA C 910 30.53 68.24 37.05
C ALA C 910 30.47 67.80 35.59
N ILE C 911 30.55 68.75 34.65
CA ILE C 911 30.49 68.38 33.24
C ILE C 911 31.78 67.68 32.82
N GLY C 912 32.90 67.99 33.49
CA GLY C 912 34.14 67.30 33.19
C GLY C 912 34.11 65.83 33.60
N LYS C 913 33.50 65.53 34.75
CA LYS C 913 33.45 64.15 35.22
C LYS C 913 32.58 63.25 34.35
N ILE C 914 31.73 63.83 33.50
CA ILE C 914 30.73 63.04 32.76
C ILE C 914 31.41 62.08 31.79
N GLN C 915 32.43 62.57 31.06
CA GLN C 915 33.08 61.72 30.07
C GLN C 915 33.71 60.50 30.72
N ASP C 916 34.42 60.70 31.83
CA ASP C 916 35.03 59.57 32.52
C ASP C 916 33.98 58.61 33.06
N SER C 917 32.91 59.14 33.68
CA SER C 917 31.89 58.27 34.24
C SER C 917 31.20 57.46 33.15
N LEU C 918 30.99 58.07 31.97
CA LEU C 918 30.30 57.37 30.90
C LEU C 918 31.20 56.34 30.23
N SER C 919 32.49 56.67 30.05
CA SER C 919 33.39 55.74 29.37
C SER C 919 33.78 54.58 30.29
N SER C 920 33.79 54.80 31.60
CA SER C 920 34.26 53.78 32.53
C SER C 920 33.41 52.52 32.46
N THR C 921 32.10 52.69 32.44
CA THR C 921 31.21 51.53 32.51
C THR C 921 30.67 51.15 31.14
N PRO C 922 31.08 49.99 30.60
CA PRO C 922 30.53 49.57 29.30
C PRO C 922 29.05 49.29 29.33
N SER C 923 28.52 48.81 30.47
CA SER C 923 27.11 48.46 30.57
C SER C 923 26.21 49.67 30.73
N ALA C 924 26.76 50.89 30.71
CA ALA C 924 25.93 52.08 30.78
C ALA C 924 25.02 52.20 29.55
N LEU C 925 25.53 51.82 28.38
CA LEU C 925 24.79 51.91 27.13
C LEU C 925 24.19 50.58 26.71
N GLY C 926 23.90 49.70 27.67
CA GLY C 926 23.35 48.40 27.34
C GLY C 926 21.95 48.46 26.77
N LYS C 927 21.20 49.52 27.08
CA LYS C 927 19.83 49.65 26.57
C LYS C 927 19.82 49.76 25.05
N LEU C 928 20.77 50.49 24.49
CA LEU C 928 20.84 50.61 23.04
C LEU C 928 21.36 49.34 22.39
N GLN C 929 22.31 48.65 23.05
CA GLN C 929 22.86 47.43 22.49
C GLN C 929 21.84 46.29 22.51
N ASN C 930 20.91 46.34 23.47
CA ASN C 930 19.91 45.28 23.59
C ASN C 930 19.06 45.19 22.34
N VAL C 931 18.63 46.32 21.79
CA VAL C 931 17.78 46.32 20.61
C VAL C 931 18.51 45.70 19.43
N VAL C 932 19.77 46.07 19.23
CA VAL C 932 20.56 45.53 18.14
C VAL C 932 20.73 44.02 18.30
N ASN C 933 21.02 43.58 19.52
CA ASN C 933 21.22 42.16 19.77
C ASN C 933 19.95 41.37 19.46
N HIS C 934 18.80 41.87 19.91
CA HIS C 934 17.54 41.19 19.64
C HIS C 934 17.24 41.13 18.15
N ASN C 935 17.47 42.23 17.44
CA ASN C 935 17.23 42.24 16.00
C ASN C 935 18.13 41.25 15.28
N ALA C 936 19.41 41.21 15.65
CA ALA C 936 20.31 40.25 15.02
C ALA C 936 19.90 38.81 15.31
N GLN C 937 19.52 38.53 16.55
CA GLN C 937 19.12 37.18 16.92
C GLN C 937 17.90 36.72 16.15
N ALA C 938 16.92 37.61 15.95
CA ALA C 938 15.70 37.22 15.26
C ALA C 938 15.99 36.79 13.83
N LEU C 939 16.77 37.57 13.10
CA LEU C 939 17.10 37.23 11.72
C LEU C 939 17.99 35.99 11.66
N ASN C 940 18.90 35.82 12.62
CA ASN C 940 19.71 34.60 12.64
C ASN C 940 18.83 33.37 12.81
N THR C 941 17.85 33.43 13.71
CA THR C 941 16.93 32.32 13.89
C THR C 941 16.15 32.05 12.62
N LEU C 942 15.64 33.11 11.99
CA LEU C 942 14.86 32.95 10.77
C LEU C 942 15.68 32.28 9.67
N VAL C 943 16.93 32.70 9.51
CA VAL C 943 17.78 32.10 8.49
C VAL C 943 18.06 30.64 8.82
N LYS C 944 18.42 30.32 10.05
CA LYS C 944 18.74 28.93 10.33
C LYS C 944 17.51 28.05 10.10
N GLN C 945 16.33 28.57 10.41
CA GLN C 945 15.16 27.71 10.28
C GLN C 945 15.01 27.09 8.90
N LEU C 946 15.75 27.58 7.89
CA LEU C 946 15.62 27.02 6.55
C LEU C 946 16.11 25.58 6.50
N SER C 947 17.29 25.31 7.06
CA SER C 947 17.90 23.98 6.98
C SER C 947 17.31 23.05 8.06
N SER C 948 15.99 22.91 8.00
CA SER C 948 15.28 22.00 8.90
C SER C 948 14.31 21.17 8.07
N ASN C 949 14.28 19.87 8.30
CA ASN C 949 13.45 18.97 7.51
C ASN C 949 11.97 19.14 7.79
N PHE C 950 11.59 19.65 8.96
CA PHE C 950 10.19 19.81 9.34
C PHE C 950 9.44 18.47 9.22
N GLY C 951 10.12 17.41 9.64
CA GLY C 951 9.57 16.08 9.53
C GLY C 951 9.32 15.63 8.10
N ALA C 952 10.25 15.93 7.20
CA ALA C 952 10.14 15.53 5.81
C ALA C 952 11.43 14.85 5.37
N ILE C 953 11.52 14.56 4.07
CA ILE C 953 12.65 13.79 3.55
C ILE C 953 13.95 14.59 3.66
N SER C 954 13.92 15.84 3.22
CA SER C 954 15.14 16.65 3.21
C SER C 954 14.74 18.12 3.17
N SER C 955 15.72 18.97 3.47
CA SER C 955 15.49 20.42 3.40
C SER C 955 15.61 20.94 1.97
N VAL C 956 16.59 20.42 1.23
CA VAL C 956 16.79 20.86 -0.15
C VAL C 956 15.63 20.36 -1.00
N LEU C 957 15.18 21.21 -1.92
CA LEU C 957 14.13 20.82 -2.86
C LEU C 957 14.67 20.14 -4.11
N ASN C 958 15.94 20.37 -4.45
CA ASN C 958 16.48 19.80 -5.68
C ASN C 958 16.51 18.28 -5.64
N ASP C 959 17.05 17.72 -4.55
CA ASP C 959 17.11 16.26 -4.44
C ASP C 959 15.72 15.65 -4.33
N ILE C 960 14.80 16.35 -3.65
CA ILE C 960 13.42 15.87 -3.57
C ILE C 960 12.80 15.81 -4.96
N LEU C 961 13.05 16.83 -5.78
CA LEU C 961 12.53 16.83 -7.15
C LEU C 961 13.18 15.74 -7.98
N SER C 962 14.47 15.50 -7.78
CA SER C 962 15.23 14.58 -8.63
C SER C 962 15.26 13.17 -8.07
N ARG C 963 14.33 12.86 -7.17
CA ARG C 963 14.25 11.51 -6.62
C ARG C 963 12.81 11.04 -6.52
N LEU C 964 11.86 11.90 -6.87
CA LEU C 964 10.44 11.57 -6.77
C LEU C 964 9.71 12.01 -8.04
N ASP C 965 8.57 11.38 -8.27
CA ASP C 965 7.68 11.71 -9.37
C ASP C 965 6.62 12.69 -8.91
N PRO C 966 5.95 13.37 -9.85
CA PRO C 966 5.02 14.46 -9.48
C PRO C 966 4.03 14.08 -8.39
N PRO C 967 3.37 12.89 -8.44
CA PRO C 967 2.30 12.62 -7.46
C PRO C 967 2.68 12.81 -6.00
N GLU C 968 3.74 12.16 -5.53
CA GLU C 968 4.06 12.27 -4.10
C GLU C 968 5.17 13.28 -3.85
N ALA C 969 5.57 14.05 -4.86
CA ALA C 969 6.43 15.19 -4.61
C ALA C 969 5.66 16.32 -3.94
N GLU C 970 4.36 16.40 -4.22
CA GLU C 970 3.54 17.50 -3.69
C GLU C 970 3.40 17.41 -2.19
N VAL C 971 3.20 16.20 -1.65
CA VAL C 971 3.04 16.02 -0.22
C VAL C 971 4.32 16.33 0.54
N GLN C 972 5.47 16.25 -0.11
CA GLN C 972 6.74 16.65 0.49
C GLN C 972 7.01 18.14 0.36
N ILE C 973 6.58 18.75 -0.75
CA ILE C 973 6.77 20.19 -0.90
C ILE C 973 5.85 20.96 0.04
N ASP C 974 4.61 20.49 0.20
CA ASP C 974 3.64 21.22 1.01
C ASP C 974 4.07 21.30 2.47
N ARG C 975 4.64 20.23 3.00
CA ARG C 975 5.08 20.23 4.39
C ARG C 975 6.17 21.26 4.63
N LEU C 976 7.16 21.33 3.73
CA LEU C 976 8.20 22.34 3.84
C LEU C 976 7.63 23.74 3.71
N ILE C 977 6.66 23.92 2.80
CA ILE C 977 6.05 25.24 2.63
C ILE C 977 5.38 25.69 3.91
N THR C 978 4.59 24.80 4.53
CA THR C 978 3.90 25.16 5.76
C THR C 978 4.88 25.45 6.89
N GLY C 979 5.90 24.59 7.04
CA GLY C 979 6.90 24.81 8.06
C GLY C 979 7.68 26.09 7.90
N ARG C 980 7.90 26.53 6.66
CA ARG C 980 8.60 27.78 6.40
C ARG C 980 7.70 29.00 6.51
N LEU C 981 6.39 28.85 6.26
CA LEU C 981 5.46 29.96 6.43
C LEU C 981 5.17 30.27 7.88
N GLN C 982 5.10 29.24 8.73
CA GLN C 982 4.87 29.49 10.15
C GLN C 982 5.96 30.34 10.78
N SER C 983 7.22 30.11 10.39
CA SER C 983 8.32 30.88 10.94
C SER C 983 8.20 32.36 10.58
N LEU C 984 7.83 32.65 9.33
CA LEU C 984 7.60 34.04 8.93
C LEU C 984 6.48 34.68 9.75
N GLN C 985 5.39 33.94 9.95
CA GLN C 985 4.30 34.50 10.74
C GLN C 985 4.76 34.85 12.15
N THR C 986 5.48 33.94 12.79
CA THR C 986 5.96 34.21 14.15
C THR C 986 6.92 35.39 14.17
N TYR C 987 7.82 35.47 13.19
CA TYR C 987 8.77 36.58 13.14
C TYR C 987 8.06 37.91 13.00
N VAL C 988 7.03 37.98 12.16
CA VAL C 988 6.29 39.23 11.99
C VAL C 988 5.57 39.61 13.28
N THR C 989 5.00 38.63 13.98
CA THR C 989 4.33 38.93 15.24
C THR C 989 5.29 39.52 16.27
N GLN C 990 6.47 38.90 16.41
CA GLN C 990 7.47 39.42 17.33
C GLN C 990 7.89 40.83 16.95
N GLN C 991 8.08 41.09 15.65
CA GLN C 991 8.47 42.42 15.22
C GLN C 991 7.40 43.45 15.58
N LEU C 992 6.13 43.09 15.41
CA LEU C 992 5.06 44.02 15.77
C LEU C 992 5.09 44.38 17.25
N ILE C 993 5.29 43.37 18.11
CA ILE C 993 5.31 43.64 19.55
C ILE C 993 6.49 44.54 19.90
N ARG C 994 7.67 44.24 19.37
CA ARG C 994 8.85 45.05 19.67
C ARG C 994 8.68 46.47 19.15
N ALA C 995 8.04 46.63 17.99
CA ALA C 995 7.80 47.97 17.45
C ALA C 995 6.89 48.77 18.37
N ALA C 996 5.86 48.12 18.95
CA ALA C 996 5.01 48.83 19.89
C ALA C 996 5.81 49.32 21.10
N GLU C 997 6.68 48.46 21.64
CA GLU C 997 7.49 48.89 22.78
C GLU C 997 8.40 50.07 22.42
N ILE C 998 9.02 50.01 21.25
CA ILE C 998 9.91 51.09 20.82
C ILE C 998 9.12 52.39 20.63
N ARG C 999 7.89 52.28 20.13
CA ARG C 999 7.06 53.48 19.97
C ARG C 999 6.76 54.13 21.32
N ALA C 1000 6.46 53.31 22.33
CA ALA C 1000 6.24 53.88 23.67
C ALA C 1000 7.49 54.60 24.17
N SER C 1001 8.66 53.98 23.99
CA SER C 1001 9.90 54.62 24.43
C SER C 1001 10.13 55.94 23.71
N ALA C 1002 9.87 55.98 22.40
CA ALA C 1002 10.06 57.21 21.63
C ALA C 1002 9.10 58.30 22.09
N ASN C 1003 7.86 57.94 22.41
CA ASN C 1003 6.93 58.94 22.94
C ASN C 1003 7.43 59.53 24.24
N LEU C 1004 7.95 58.68 25.14
CA LEU C 1004 8.52 59.20 26.38
C LEU C 1004 9.69 60.15 26.11
N ALA C 1005 10.56 59.78 25.17
CA ALA C 1005 11.71 60.62 24.85
C ALA C 1005 11.26 61.98 24.29
N ALA C 1006 10.24 61.99 23.43
CA ALA C 1006 9.75 63.25 22.89
C ALA C 1006 9.16 64.13 23.98
N THR C 1007 8.42 63.54 24.91
CA THR C 1007 7.88 64.32 26.02
C THR C 1007 9.00 64.92 26.87
N LYS C 1008 10.03 64.13 27.16
CA LYS C 1008 11.15 64.65 27.94
C LYS C 1008 11.86 65.78 27.21
N MET C 1009 12.02 65.65 25.89
CA MET C 1009 12.62 66.73 25.12
C MET C 1009 11.79 68.00 25.21
N SER C 1010 10.47 67.87 25.12
CA SER C 1010 9.61 69.05 25.18
C SER C 1010 9.65 69.72 26.54
N GLU C 1011 9.66 68.94 27.63
CA GLU C 1011 9.44 69.52 28.96
C GLU C 1011 10.72 69.80 29.74
N CYS C 1012 11.83 69.11 29.45
CA CYS C 1012 13.06 69.35 30.20
C CYS C 1012 14.07 70.22 29.47
N VAL C 1013 14.05 70.24 28.14
CA VAL C 1013 15.01 71.01 27.37
C VAL C 1013 14.46 72.38 26.97
N LEU C 1014 13.19 72.45 26.59
CA LEU C 1014 12.57 73.70 26.19
C LEU C 1014 11.92 74.45 27.35
N GLY C 1015 12.09 73.97 28.57
CA GLY C 1015 11.53 74.66 29.73
C GLY C 1015 12.09 74.11 31.02
N GLN C 1016 11.60 74.65 32.11
CA GLN C 1016 11.97 74.20 33.45
C GLN C 1016 10.78 73.48 34.08
N SER C 1017 11.02 72.27 34.58
CA SER C 1017 9.96 71.38 35.03
C SER C 1017 9.82 71.40 36.55
N LYS C 1018 8.58 71.40 37.01
CA LYS C 1018 8.27 71.29 38.43
C LYS C 1018 7.97 69.86 38.86
N ARG C 1019 7.80 68.94 37.92
CA ARG C 1019 7.48 67.56 38.26
C ARG C 1019 8.68 66.90 38.93
N VAL C 1020 8.41 66.19 40.03
CA VAL C 1020 9.49 65.61 40.83
C VAL C 1020 10.07 64.40 40.13
N ASP C 1021 11.39 64.34 40.01
CA ASP C 1021 12.14 63.21 39.46
C ASP C 1021 11.85 62.98 37.98
N PHE C 1022 11.32 63.97 37.28
CA PHE C 1022 11.08 63.81 35.85
C PHE C 1022 12.29 64.16 34.99
N CYS C 1023 13.07 65.17 35.39
CA CYS C 1023 14.25 65.61 34.66
C CYS C 1023 15.47 65.56 35.57
N GLY C 1024 15.67 64.44 36.25
CA GLY C 1024 16.80 64.25 37.12
C GLY C 1024 16.39 64.19 38.59
N LYS C 1025 17.39 63.98 39.43
CA LYS C 1025 17.19 63.91 40.87
C LYS C 1025 17.64 65.22 41.51
N GLY C 1026 16.72 65.85 42.23
CA GLY C 1026 16.94 67.17 42.80
C GLY C 1026 16.01 68.19 42.17
N TYR C 1027 16.33 69.46 42.39
CA TYR C 1027 15.57 70.55 41.81
C TYR C 1027 16.11 70.85 40.41
N HIS C 1028 15.27 70.66 39.41
CA HIS C 1028 15.70 70.79 38.02
C HIS C 1028 16.03 72.23 37.67
N LEU C 1029 17.14 72.41 36.95
CA LEU C 1029 17.53 73.71 36.44
C LEU C 1029 17.48 73.75 34.91
N MET C 1030 18.16 72.84 34.23
CA MET C 1030 18.17 72.81 32.77
C MET C 1030 18.67 71.46 32.30
N SER C 1031 18.58 71.23 30.99
CA SER C 1031 18.99 69.96 30.41
C SER C 1031 19.56 70.21 29.01
N PHE C 1032 20.44 69.29 28.60
CA PHE C 1032 21.11 69.36 27.31
C PHE C 1032 20.98 68.02 26.60
N PRO C 1033 20.58 68.01 25.33
CA PRO C 1033 20.49 66.75 24.58
C PRO C 1033 21.75 66.43 23.78
N GLN C 1034 21.97 65.13 23.57
CA GLN C 1034 23.01 64.62 22.71
C GLN C 1034 22.46 63.43 21.94
N SER C 1035 22.92 63.24 20.71
CA SER C 1035 22.45 62.14 19.88
C SER C 1035 23.37 60.93 20.03
N ALA C 1036 22.79 59.75 19.86
CA ALA C 1036 23.51 58.48 19.92
C ALA C 1036 22.90 57.56 18.88
N PRO C 1037 23.65 56.53 18.45
CA PRO C 1037 23.08 55.59 17.46
C PRO C 1037 21.77 54.99 17.92
N HIS C 1038 20.69 55.33 17.20
CA HIS C 1038 19.33 54.90 17.49
C HIS C 1038 18.82 55.38 18.84
N GLY C 1039 19.32 56.50 19.37
CA GLY C 1039 18.87 56.92 20.67
C GLY C 1039 19.29 58.33 21.02
N VAL C 1040 18.87 58.76 22.19
CA VAL C 1040 19.15 60.10 22.69
C VAL C 1040 19.66 60.00 24.13
N VAL C 1041 20.49 60.98 24.51
CA VAL C 1041 21.03 61.08 25.85
C VAL C 1041 20.72 62.48 26.38
N PHE C 1042 20.24 62.55 27.61
CA PHE C 1042 19.93 63.82 28.28
C PHE C 1042 20.89 64.03 29.43
N LEU C 1043 21.44 65.24 29.53
CA LEU C 1043 22.23 65.66 30.68
C LEU C 1043 21.40 66.67 31.47
N HIS C 1044 21.05 66.29 32.70
CA HIS C 1044 20.24 67.12 33.58
C HIS C 1044 21.12 67.80 34.61
N VAL C 1045 20.88 69.09 34.85
CA VAL C 1045 21.58 69.88 35.85
C VAL C 1045 20.61 70.16 36.99
N THR C 1046 21.02 69.83 38.22
CA THR C 1046 20.16 69.96 39.38
C THR C 1046 20.88 70.66 40.52
N TYR C 1047 20.07 71.24 41.41
CA TYR C 1047 20.51 71.94 42.61
C TYR C 1047 20.22 71.06 43.82
N VAL C 1048 21.23 70.87 44.67
CA VAL C 1048 21.11 69.99 45.82
C VAL C 1048 21.51 70.76 47.08
N PRO C 1049 20.66 70.84 48.10
CA PRO C 1049 21.05 71.49 49.36
C PRO C 1049 22.09 70.67 50.10
N ALA C 1050 22.85 71.36 50.96
CA ALA C 1050 23.90 70.70 51.72
C ALA C 1050 24.26 71.55 52.94
N GLN C 1051 24.91 70.91 53.90
CA GLN C 1051 25.41 71.55 55.13
C GLN C 1051 24.28 72.21 55.92
N GLU C 1052 23.35 71.38 56.38
CA GLU C 1052 22.19 71.87 57.12
C GLU C 1052 22.54 72.11 58.59
N LYS C 1053 21.73 72.95 59.22
CA LYS C 1053 21.91 73.24 60.63
C LYS C 1053 20.56 73.28 61.31
N ASN C 1054 20.51 73.02 62.60
CA ASN C 1054 19.28 72.97 63.38
C ASN C 1054 19.00 74.30 64.05
N PHE C 1055 17.71 74.62 64.18
CA PHE C 1055 17.25 75.86 64.78
C PHE C 1055 15.93 75.62 65.50
N THR C 1056 15.56 76.56 66.35
CA THR C 1056 14.26 76.57 67.01
C THR C 1056 13.31 77.47 66.22
N THR C 1057 12.07 77.03 66.06
CA THR C 1057 11.10 77.72 65.23
C THR C 1057 9.79 77.94 65.97
N ALA C 1058 9.02 78.91 65.49
CA ALA C 1058 7.73 79.26 66.04
C ALA C 1058 6.75 79.56 64.91
N PRO C 1059 5.45 79.30 65.12
CA PRO C 1059 4.49 79.57 64.04
C PRO C 1059 4.17 81.03 63.86
N ALA C 1060 4.10 81.79 64.95
CA ALA C 1060 3.71 83.20 64.87
C ALA C 1060 4.37 83.96 66.01
N ILE C 1061 4.36 85.28 65.89
CA ILE C 1061 4.98 86.17 66.87
C ILE C 1061 3.95 87.20 67.32
N CYS C 1062 3.83 87.37 68.63
CA CYS C 1062 2.89 88.32 69.22
C CYS C 1062 3.66 89.53 69.70
N HIS C 1063 3.25 90.72 69.24
CA HIS C 1063 3.95 91.96 69.57
C HIS C 1063 3.09 92.90 70.41
N ASP C 1064 1.92 93.28 69.92
CA ASP C 1064 1.04 94.21 70.61
C ASP C 1064 -0.37 93.64 70.75
N GLY C 1065 -0.46 92.38 71.16
CA GLY C 1065 -1.73 91.71 71.18
C GLY C 1065 -2.22 91.23 69.83
N LYS C 1066 -1.36 91.28 68.81
CA LYS C 1066 -1.71 90.87 67.46
C LYS C 1066 -0.72 89.81 66.99
N ALA C 1067 -1.21 88.86 66.21
CA ALA C 1067 -0.39 87.78 65.67
C ALA C 1067 0.20 88.21 64.33
N HIS C 1068 1.49 87.91 64.13
CA HIS C 1068 2.18 88.23 62.90
C HIS C 1068 2.67 86.95 62.23
N PHE C 1069 2.52 86.89 60.91
CA PHE C 1069 2.95 85.74 60.14
C PHE C 1069 3.90 86.16 59.04
N PRO C 1070 4.92 85.35 58.74
CA PRO C 1070 5.88 85.74 57.70
C PRO C 1070 5.24 85.75 56.32
N ARG C 1071 5.68 86.69 55.49
CA ARG C 1071 5.12 86.80 54.15
C ARG C 1071 5.62 85.70 53.24
N GLU C 1072 6.92 85.38 53.31
CA GLU C 1072 7.50 84.39 52.41
C GLU C 1072 8.43 83.39 53.06
N GLY C 1073 8.90 83.62 54.29
CA GLY C 1073 9.89 82.75 54.87
C GLY C 1073 9.44 81.99 56.10
N VAL C 1074 10.31 81.93 57.11
CA VAL C 1074 10.05 81.17 58.32
C VAL C 1074 10.83 81.81 59.47
N PHE C 1075 10.25 81.77 60.66
CA PHE C 1075 10.89 82.33 61.85
C PHE C 1075 11.86 81.31 62.45
N VAL C 1076 13.08 81.75 62.72
CA VAL C 1076 14.10 80.91 63.35
C VAL C 1076 14.71 81.67 64.51
N SER C 1077 15.32 80.92 65.43
CA SER C 1077 15.95 81.49 66.60
C SER C 1077 17.39 81.01 66.71
N ASN C 1078 18.32 81.94 66.89
CA ASN C 1078 19.70 81.56 67.19
C ASN C 1078 19.81 80.94 68.57
N GLY C 1079 18.85 81.22 69.45
CA GLY C 1079 18.90 80.77 70.82
C GLY C 1079 18.57 81.92 71.76
N THR C 1080 18.87 83.14 71.31
CA THR C 1080 18.60 84.34 72.09
C THR C 1080 17.81 85.36 71.27
N HIS C 1081 17.93 85.29 69.95
CA HIS C 1081 17.33 86.26 69.05
C HIS C 1081 16.56 85.56 67.95
N TRP C 1082 15.58 86.26 67.39
CA TRP C 1082 14.69 85.72 66.37
C TRP C 1082 14.90 86.45 65.05
N PHE C 1083 14.85 85.69 63.95
CA PHE C 1083 14.98 86.24 62.61
C PHE C 1083 13.98 85.54 61.70
N VAL C 1084 13.84 86.08 60.49
CA VAL C 1084 13.03 85.47 59.44
C VAL C 1084 13.94 85.18 58.26
N THR C 1085 13.85 83.96 57.72
CA THR C 1085 14.74 83.55 56.66
C THR C 1085 13.96 82.79 55.58
N GLN C 1086 14.53 82.75 54.38
CA GLN C 1086 13.94 81.94 53.32
C GLN C 1086 14.15 80.46 53.60
N ARG C 1087 13.27 79.64 53.02
CA ARG C 1087 13.12 78.25 53.44
C ARG C 1087 14.19 77.31 52.87
N ASN C 1088 14.93 77.71 51.84
CA ASN C 1088 15.88 76.82 51.19
C ASN C 1088 17.33 77.28 51.33
N PHE C 1089 17.59 78.39 52.02
CA PHE C 1089 18.94 78.90 52.15
C PHE C 1089 18.98 79.81 53.37
N TYR C 1090 19.95 79.60 54.26
CA TYR C 1090 19.99 80.33 55.52
C TYR C 1090 20.49 81.75 55.24
N GLU C 1091 19.62 82.73 55.47
CA GLU C 1091 19.93 84.14 55.29
C GLU C 1091 19.07 84.95 56.25
N PRO C 1092 19.48 85.03 57.52
CA PRO C 1092 18.62 85.68 58.52
C PRO C 1092 18.47 87.17 58.29
N GLN C 1093 17.32 87.69 58.70
CA GLN C 1093 17.01 89.11 58.56
C GLN C 1093 16.19 89.56 59.77
N ILE C 1094 16.22 90.88 60.00
CA ILE C 1094 15.49 91.46 61.12
C ILE C 1094 13.99 91.43 60.83
N ILE C 1095 13.21 91.02 61.84
CA ILE C 1095 11.76 90.95 61.69
C ILE C 1095 11.20 92.36 61.65
N THR C 1096 10.43 92.66 60.61
CA THR C 1096 9.95 94.01 60.33
C THR C 1096 8.54 93.91 59.75
N THR C 1097 7.81 95.03 59.81
CA THR C 1097 6.45 95.08 59.32
C THR C 1097 6.34 94.87 57.81
N ASP C 1098 7.44 94.99 57.07
CA ASP C 1098 7.42 94.70 55.64
C ASP C 1098 7.76 93.25 55.32
N ASN C 1099 8.14 92.45 56.32
CA ASN C 1099 8.36 91.03 56.15
C ASN C 1099 7.20 90.18 56.65
N THR C 1100 6.28 90.76 57.42
CA THR C 1100 5.20 90.01 58.05
C THR C 1100 3.87 90.69 57.78
N PHE C 1101 2.79 89.96 58.03
CA PHE C 1101 1.45 90.51 57.97
C PHE C 1101 0.69 90.12 59.23
N VAL C 1102 -0.25 90.99 59.62
CA VAL C 1102 -0.96 90.88 60.88
C VAL C 1102 -2.33 90.25 60.63
N SER C 1103 -2.74 89.35 61.52
CA SER C 1103 -4.04 88.71 61.39
C SER C 1103 -4.47 88.20 62.77
N GLY C 1104 -5.50 88.82 63.34
CA GLY C 1104 -6.11 88.34 64.56
C GLY C 1104 -5.33 88.70 65.81
N ASN C 1105 -5.73 88.07 66.91
CA ASN C 1105 -5.14 88.28 68.23
C ASN C 1105 -4.30 87.07 68.61
N CYS C 1106 -3.65 87.17 69.77
CA CYS C 1106 -2.73 86.15 70.25
C CYS C 1106 -3.41 85.15 71.17
N ASP C 1107 -4.51 84.55 70.71
CA ASP C 1107 -5.28 83.63 71.53
C ASP C 1107 -5.63 82.31 70.86
N VAL C 1108 -5.53 82.21 69.54
CA VAL C 1108 -5.97 81.00 68.83
C VAL C 1108 -4.77 80.18 68.37
N VAL C 1109 -3.65 80.83 68.10
CA VAL C 1109 -2.47 80.15 67.58
C VAL C 1109 -1.78 79.40 68.71
N ILE C 1110 -1.54 78.11 68.50
CA ILE C 1110 -0.86 77.26 69.48
C ILE C 1110 0.63 77.34 69.22
N GLY C 1111 1.38 77.83 70.22
CA GLY C 1111 2.81 77.96 70.10
C GLY C 1111 3.32 79.35 69.78
N ILE C 1112 2.49 80.38 69.91
CA ILE C 1112 2.93 81.74 69.62
C ILE C 1112 4.00 82.16 70.63
N VAL C 1113 4.87 83.08 70.21
CA VAL C 1113 6.02 83.51 71.00
C VAL C 1113 6.02 85.02 71.09
N ASN C 1114 6.23 85.54 72.30
CA ASN C 1114 6.36 86.98 72.49
C ASN C 1114 7.67 87.47 71.89
N ASN C 1115 7.62 88.63 71.22
CA ASN C 1115 8.81 89.26 70.66
C ASN C 1115 8.41 90.66 70.20
N THR C 1116 9.37 91.38 69.62
CA THR C 1116 9.14 92.73 69.14
C THR C 1116 9.27 92.79 67.62
N VAL C 1117 8.47 93.65 67.02
CA VAL C 1117 8.49 93.87 65.57
C VAL C 1117 8.91 95.31 65.33
N TYR C 1118 9.97 95.49 64.57
CA TYR C 1118 10.54 96.82 64.34
C TYR C 1118 9.76 97.56 63.27
N ASP C 1119 9.50 98.85 63.53
CA ASP C 1119 8.79 99.69 62.58
C ASP C 1119 9.78 100.65 61.94
N PRO C 1120 9.98 100.58 60.62
CA PRO C 1120 11.02 101.42 59.99
C PRO C 1120 10.67 102.89 59.89
N LEU C 1121 9.59 103.35 60.51
CA LEU C 1121 9.15 104.74 60.42
C LEU C 1121 9.50 105.46 61.71
N GLN C 1122 10.66 106.11 61.74
CA GLN C 1122 11.09 106.96 62.85
C GLN C 1122 11.61 108.28 62.30
N PRO C 1123 10.73 109.14 61.77
CA PRO C 1123 11.21 110.42 61.23
C PRO C 1123 11.54 111.43 62.31
N VAL D 2 -12.26 -36.74 -56.12
CA VAL D 2 -12.59 -36.88 -54.71
C VAL D 2 -12.75 -38.35 -54.37
N GLN D 3 -11.88 -38.85 -53.49
CA GLN D 3 -11.89 -40.25 -53.11
C GLN D 3 -11.39 -40.41 -51.69
N LEU D 4 -11.99 -41.35 -50.96
CA LEU D 4 -11.55 -41.72 -49.62
C LEU D 4 -11.27 -43.22 -49.60
N VAL D 5 -10.05 -43.57 -49.19
CA VAL D 5 -9.62 -44.96 -49.11
C VAL D 5 -9.14 -45.23 -47.69
N GLU D 6 -9.68 -46.27 -47.06
CA GLU D 6 -9.30 -46.67 -45.72
C GLU D 6 -8.93 -48.14 -45.69
N SER D 7 -8.04 -48.50 -44.77
CA SER D 7 -7.53 -49.85 -44.67
C SER D 7 -7.03 -50.07 -43.25
N GLY D 8 -6.39 -51.23 -43.04
CA GLY D 8 -5.86 -51.59 -41.73
C GLY D 8 -6.69 -52.56 -40.94
N GLY D 9 -7.88 -52.91 -41.41
CA GLY D 9 -8.73 -53.83 -40.68
C GLY D 9 -8.24 -55.27 -40.79
N GLY D 10 -8.80 -56.11 -39.92
CA GLY D 10 -8.44 -57.50 -39.91
C GLY D 10 -8.95 -58.17 -38.65
N VAL D 11 -8.56 -59.42 -38.48
CA VAL D 11 -8.95 -60.22 -37.32
C VAL D 11 -7.98 -59.96 -36.19
N VAL D 12 -8.51 -59.81 -34.98
CA VAL D 12 -7.70 -59.54 -33.80
C VAL D 12 -8.34 -60.19 -32.59
N GLN D 13 -7.50 -60.64 -31.67
CA GLN D 13 -7.99 -61.27 -30.45
C GLN D 13 -8.65 -60.24 -29.54
N PRO D 14 -9.60 -60.66 -28.70
CA PRO D 14 -10.22 -59.71 -27.77
C PRO D 14 -9.22 -59.11 -26.81
N GLY D 15 -9.40 -57.84 -26.49
CA GLY D 15 -8.55 -57.14 -25.54
C GLY D 15 -7.31 -56.51 -26.10
N ARG D 16 -7.02 -56.71 -27.39
CA ARG D 16 -5.82 -56.16 -28.00
C ARG D 16 -6.17 -54.87 -28.75
N SER D 17 -5.19 -54.32 -29.48
CA SER D 17 -5.30 -53.00 -30.08
C SER D 17 -5.09 -53.07 -31.58
N LEU D 18 -5.64 -52.07 -32.27
CA LEU D 18 -5.56 -52.00 -33.73
C LEU D 18 -5.58 -50.52 -34.13
N ARG D 19 -5.16 -50.25 -35.36
CA ARG D 19 -5.18 -48.90 -35.88
C ARG D 19 -5.67 -48.90 -37.33
N LEU D 20 -6.67 -48.07 -37.60
CA LEU D 20 -7.23 -47.90 -38.93
C LEU D 20 -6.83 -46.54 -39.49
N SER D 21 -6.54 -46.48 -40.78
CA SER D 21 -6.10 -45.25 -41.43
C SER D 21 -6.98 -44.96 -42.64
N CYS D 22 -7.46 -43.73 -42.73
CA CYS D 22 -8.29 -43.26 -43.83
C CYS D 22 -7.53 -42.22 -44.63
N ALA D 23 -7.45 -42.42 -45.94
CA ALA D 23 -6.66 -41.58 -46.82
C ALA D 23 -7.58 -40.76 -47.73
N ALA D 24 -7.27 -39.47 -47.87
CA ALA D 24 -8.04 -38.55 -48.68
C ALA D 24 -7.21 -38.06 -49.85
N SER D 25 -7.89 -37.67 -50.93
CA SER D 25 -7.19 -37.24 -52.13
C SER D 25 -8.11 -36.40 -53.00
N GLU D 26 -7.50 -35.64 -53.91
CA GLU D 26 -8.14 -34.69 -54.82
C GLU D 26 -9.00 -33.65 -54.10
N PHE D 27 -8.74 -33.36 -52.83
CA PHE D 27 -9.38 -32.23 -52.18
C PHE D 27 -8.55 -31.79 -50.99
N THR D 28 -8.82 -30.58 -50.53
CA THR D 28 -8.07 -29.99 -49.42
C THR D 28 -8.45 -30.68 -48.12
N PHE D 29 -7.57 -31.57 -47.64
CA PHE D 29 -7.88 -32.36 -46.46
C PHE D 29 -7.92 -31.51 -45.20
N SER D 30 -7.13 -30.43 -45.14
CA SER D 30 -6.95 -29.70 -43.90
C SER D 30 -8.10 -28.78 -43.57
N SER D 31 -9.03 -28.55 -44.51
CA SER D 31 -10.13 -27.62 -44.31
C SER D 31 -11.46 -28.29 -44.00
N PHE D 32 -11.48 -29.61 -43.82
CA PHE D 32 -12.72 -30.34 -43.60
C PHE D 32 -12.65 -31.14 -42.31
N ALA D 33 -13.81 -31.30 -41.66
CA ALA D 33 -13.96 -32.16 -40.51
C ALA D 33 -14.28 -33.58 -40.96
N MET D 34 -13.99 -34.56 -40.11
CA MET D 34 -14.07 -35.95 -40.49
C MET D 34 -14.91 -36.75 -39.50
N HIS D 35 -15.60 -37.77 -40.01
CA HIS D 35 -16.47 -38.65 -39.25
C HIS D 35 -15.99 -40.09 -39.37
N TRP D 36 -16.03 -40.81 -38.24
CA TRP D 36 -15.88 -42.26 -38.22
C TRP D 36 -17.22 -42.86 -37.84
N VAL D 37 -17.71 -43.77 -38.69
CA VAL D 37 -19.00 -44.43 -38.50
C VAL D 37 -18.76 -45.94 -38.59
N ARG D 38 -19.72 -46.72 -38.09
CA ARG D 38 -19.63 -48.17 -38.21
C ARG D 38 -21.01 -48.78 -38.30
N GLN D 39 -21.06 -49.99 -38.88
CA GLN D 39 -22.29 -50.75 -39.02
C GLN D 39 -22.02 -52.20 -38.65
N ALA D 40 -22.73 -52.69 -37.64
CA ALA D 40 -22.61 -54.08 -37.21
C ALA D 40 -23.37 -54.99 -38.18
N PRO D 41 -22.98 -56.27 -38.27
CA PRO D 41 -23.69 -57.19 -39.16
C PRO D 41 -25.15 -57.34 -38.76
N GLY D 42 -26.03 -57.21 -39.76
CA GLY D 42 -27.45 -57.36 -39.53
C GLY D 42 -28.08 -56.27 -38.70
N LYS D 43 -27.44 -55.11 -38.59
CA LYS D 43 -27.93 -54.01 -37.78
C LYS D 43 -27.73 -52.70 -38.51
N GLY D 44 -28.43 -51.66 -38.06
CA GLY D 44 -28.31 -50.35 -38.66
C GLY D 44 -27.00 -49.69 -38.31
N LEU D 45 -26.73 -48.59 -39.00
CA LEU D 45 -25.48 -47.86 -38.82
C LEU D 45 -25.47 -47.15 -37.47
N GLU D 46 -24.27 -46.90 -36.96
CA GLU D 46 -24.10 -46.22 -35.69
C GLU D 46 -22.92 -45.26 -35.78
N TRP D 47 -23.16 -44.01 -35.38
CA TRP D 47 -22.10 -43.00 -35.38
C TRP D 47 -21.07 -43.32 -34.29
N VAL D 48 -19.81 -43.06 -34.59
CA VAL D 48 -18.70 -43.39 -33.68
C VAL D 48 -17.97 -42.14 -33.19
N ALA D 49 -17.38 -41.37 -34.12
CA ALA D 49 -16.53 -40.27 -33.68
C ALA D 49 -16.52 -39.15 -34.71
N LEU D 50 -16.16 -37.96 -34.22
CA LEU D 50 -16.05 -36.75 -35.02
C LEU D 50 -14.80 -35.97 -34.64
N ILE D 51 -14.09 -35.47 -35.65
CA ILE D 51 -12.91 -34.63 -35.43
C ILE D 51 -13.00 -33.40 -36.31
N SER D 52 -12.54 -32.27 -35.77
CA SER D 52 -12.61 -30.98 -36.45
C SER D 52 -11.49 -30.84 -37.47
N TYR D 53 -11.49 -29.73 -38.20
CA TYR D 53 -10.53 -29.54 -39.28
C TYR D 53 -9.15 -29.15 -38.75
N ASP D 54 -9.07 -28.74 -37.48
CA ASP D 54 -7.78 -28.43 -36.88
C ASP D 54 -7.35 -29.47 -35.85
N GLY D 55 -8.29 -30.22 -35.29
CA GLY D 55 -7.98 -31.23 -34.29
C GLY D 55 -8.23 -30.83 -32.86
N SER D 56 -8.76 -29.62 -32.62
CA SER D 56 -9.00 -29.19 -31.26
C SER D 56 -10.22 -29.88 -30.65
N ASN D 57 -11.28 -30.03 -31.42
CA ASN D 57 -12.53 -30.60 -30.94
C ASN D 57 -12.64 -32.05 -31.36
N LYS D 58 -12.89 -32.93 -30.39
CA LYS D 58 -13.10 -34.35 -30.63
C LYS D 58 -14.36 -34.79 -29.92
N TYR D 59 -15.24 -35.49 -30.64
CA TYR D 59 -16.50 -35.97 -30.08
C TYR D 59 -16.57 -37.48 -30.24
N TYR D 60 -16.95 -38.16 -29.17
CA TYR D 60 -17.07 -39.61 -29.16
C TYR D 60 -18.48 -40.02 -28.75
N ALA D 61 -18.80 -41.29 -29.02
CA ALA D 61 -20.04 -41.89 -28.55
C ALA D 61 -19.82 -42.54 -27.20
N ASP D 62 -20.92 -42.75 -26.48
CA ASP D 62 -20.83 -43.28 -25.12
C ASP D 62 -20.28 -44.70 -25.10
N SER D 63 -20.68 -45.53 -26.07
CA SER D 63 -20.26 -46.93 -26.07
C SER D 63 -18.77 -47.09 -26.33
N VAL D 64 -18.18 -46.20 -27.13
CA VAL D 64 -16.78 -46.30 -27.50
C VAL D 64 -15.94 -45.23 -26.81
N LYS D 65 -16.44 -44.66 -25.71
CA LYS D 65 -15.71 -43.62 -25.01
C LYS D 65 -14.67 -44.22 -24.08
N GLY D 66 -13.47 -43.65 -24.10
CA GLY D 66 -12.38 -44.09 -23.25
C GLY D 66 -11.52 -45.19 -23.83
N ARG D 67 -11.91 -45.76 -24.97
CA ARG D 67 -11.13 -46.82 -25.61
C ARG D 67 -10.65 -46.46 -27.01
N PHE D 68 -11.36 -45.60 -27.73
CA PHE D 68 -11.01 -45.23 -29.09
C PHE D 68 -10.43 -43.82 -29.11
N THR D 69 -9.40 -43.62 -29.92
CA THR D 69 -8.75 -42.32 -30.06
C THR D 69 -8.73 -41.94 -31.52
N ILE D 70 -9.14 -40.70 -31.82
CA ILE D 70 -9.20 -40.21 -33.19
C ILE D 70 -8.14 -39.13 -33.36
N SER D 71 -7.46 -39.16 -34.52
CA SER D 71 -6.40 -38.20 -34.78
C SER D 71 -6.30 -37.99 -36.29
N ARG D 72 -5.50 -36.99 -36.68
CA ARG D 72 -5.35 -36.68 -38.10
C ARG D 72 -3.96 -36.15 -38.36
N ASP D 73 -3.54 -36.26 -39.62
CA ASP D 73 -2.27 -35.72 -40.09
C ASP D 73 -2.55 -34.96 -41.38
N ASN D 74 -2.47 -33.62 -41.31
CA ASN D 74 -2.80 -32.78 -42.45
C ASN D 74 -1.71 -32.81 -43.51
N SER D 75 -0.45 -32.94 -43.10
CA SER D 75 0.63 -33.01 -44.06
C SER D 75 0.54 -34.26 -44.92
N LYS D 76 0.20 -35.40 -44.30
CA LYS D 76 0.08 -36.67 -45.01
C LYS D 76 -1.32 -36.94 -45.53
N ASN D 77 -2.29 -36.07 -45.21
CA ASN D 77 -3.68 -36.26 -45.62
C ASN D 77 -4.24 -37.59 -45.13
N THR D 78 -4.10 -37.84 -43.83
CA THR D 78 -4.52 -39.12 -43.27
C THR D 78 -5.36 -38.91 -42.00
N LEU D 79 -6.23 -39.87 -41.74
CA LEU D 79 -7.07 -39.89 -40.54
C LEU D 79 -6.86 -41.22 -39.84
N TYR D 80 -6.60 -41.18 -38.54
CA TYR D 80 -6.24 -42.36 -37.77
C TYR D 80 -7.25 -42.62 -36.67
N LEU D 81 -7.61 -43.89 -36.51
CA LEU D 81 -8.43 -44.34 -35.38
C LEU D 81 -7.68 -45.45 -34.67
N GLN D 82 -7.46 -45.28 -33.36
CA GLN D 82 -6.78 -46.25 -32.54
C GLN D 82 -7.80 -46.91 -31.61
N MET D 83 -7.80 -48.24 -31.60
CA MET D 83 -8.75 -49.04 -30.85
C MET D 83 -8.01 -49.88 -29.84
N ASN D 84 -8.40 -49.77 -28.58
CA ASN D 84 -7.79 -50.51 -27.48
C ASN D 84 -8.87 -51.24 -26.70
N SER D 85 -8.48 -52.38 -26.11
CA SER D 85 -9.39 -53.20 -25.31
C SER D 85 -10.65 -53.57 -26.09
N LEU D 86 -10.44 -54.11 -27.29
CA LEU D 86 -11.55 -54.48 -28.15
C LEU D 86 -12.34 -55.64 -27.53
N ARG D 87 -13.66 -55.57 -27.63
CA ARG D 87 -14.52 -56.63 -27.11
C ARG D 87 -15.36 -57.24 -28.24
N ALA D 88 -16.27 -58.13 -27.87
CA ALA D 88 -17.02 -58.88 -28.89
C ALA D 88 -18.00 -58.00 -29.65
N GLU D 89 -18.37 -56.84 -29.09
CA GLU D 89 -19.35 -55.98 -29.72
C GLU D 89 -18.76 -55.07 -30.79
N ASP D 90 -17.45 -55.13 -31.02
CA ASP D 90 -16.78 -54.23 -31.95
C ASP D 90 -16.63 -54.81 -33.34
N THR D 91 -17.19 -56.00 -33.61
CA THR D 91 -17.11 -56.60 -34.93
C THR D 91 -18.13 -55.90 -35.84
N ALA D 92 -17.64 -55.14 -36.82
CA ALA D 92 -18.51 -54.35 -37.67
C ALA D 92 -17.71 -53.92 -38.90
N VAL D 93 -18.32 -53.08 -39.73
CA VAL D 93 -17.67 -52.48 -40.89
C VAL D 93 -17.57 -50.99 -40.65
N TYR D 94 -16.36 -50.43 -40.82
CA TYR D 94 -16.09 -49.05 -40.45
C TYR D 94 -16.00 -48.17 -41.69
N TYR D 95 -16.56 -46.97 -41.60
CA TYR D 95 -16.70 -46.03 -42.70
C TYR D 95 -16.09 -44.69 -42.32
N CYS D 96 -15.46 -44.05 -43.30
CA CYS D 96 -14.80 -42.76 -43.14
C CYS D 96 -15.56 -41.74 -43.98
N ALA D 97 -16.05 -40.67 -43.34
CA ALA D 97 -16.94 -39.73 -44.00
C ALA D 97 -16.43 -38.29 -43.85
N ARG D 98 -16.80 -37.46 -44.82
CA ARG D 98 -16.36 -36.08 -44.89
C ARG D 98 -17.54 -35.14 -44.66
N VAL D 99 -17.29 -34.03 -43.97
CA VAL D 99 -18.33 -33.04 -43.70
C VAL D 99 -18.58 -32.20 -44.94
N SER D 100 -19.85 -31.85 -45.16
CA SER D 100 -20.24 -31.19 -46.41
C SER D 100 -19.56 -29.83 -46.58
N TYR D 101 -19.53 -29.02 -45.52
CA TYR D 101 -19.04 -27.66 -45.69
C TYR D 101 -17.64 -27.50 -45.10
N PRO D 102 -16.80 -26.66 -45.71
CA PRO D 102 -15.44 -26.45 -45.20
C PRO D 102 -15.36 -25.29 -44.21
N LEU D 103 -14.32 -25.35 -43.38
CA LEU D 103 -13.99 -24.27 -42.45
C LEU D 103 -15.17 -23.93 -41.54
N THR D 104 -15.86 -24.95 -41.06
CA THR D 104 -17.01 -24.77 -40.19
C THR D 104 -16.87 -25.69 -38.99
N LYS D 105 -17.16 -25.18 -37.79
CA LYS D 105 -17.13 -25.97 -36.57
C LYS D 105 -18.52 -26.20 -36.00
N TYR D 106 -19.57 -25.87 -36.74
CA TYR D 106 -20.94 -25.97 -36.24
C TYR D 106 -21.87 -26.63 -37.26
N TYR D 107 -21.33 -27.38 -38.21
CA TYR D 107 -22.11 -28.16 -39.16
C TYR D 107 -21.60 -29.60 -39.15
N TYR D 108 -22.52 -30.56 -39.29
CA TYR D 108 -22.16 -31.96 -39.13
C TYR D 108 -22.68 -32.86 -40.25
N GLY D 109 -23.26 -32.30 -41.30
CA GLY D 109 -23.72 -33.12 -42.42
C GLY D 109 -22.55 -33.74 -43.16
N MET D 110 -22.79 -34.91 -43.76
CA MET D 110 -21.77 -35.65 -44.48
C MET D 110 -22.24 -35.95 -45.89
N ASP D 111 -21.30 -35.96 -46.85
CA ASP D 111 -21.67 -36.13 -48.24
C ASP D 111 -20.83 -37.18 -48.97
N VAL D 112 -19.60 -37.42 -48.51
CA VAL D 112 -18.68 -38.34 -49.16
C VAL D 112 -18.34 -39.46 -48.18
N TRP D 113 -18.46 -40.70 -48.63
CA TRP D 113 -18.24 -41.88 -47.80
C TRP D 113 -17.08 -42.69 -48.35
N GLY D 114 -16.87 -43.87 -47.75
CA GLY D 114 -15.87 -44.81 -48.22
C GLY D 114 -16.48 -46.20 -48.37
N GLN D 115 -15.68 -47.09 -48.95
CA GLN D 115 -16.18 -48.45 -49.20
C GLN D 115 -16.26 -49.27 -47.93
N GLY D 116 -15.33 -49.05 -47.00
CA GLY D 116 -15.37 -49.68 -45.70
C GLY D 116 -14.32 -50.77 -45.55
N THR D 117 -14.03 -51.07 -44.29
CA THR D 117 -13.14 -52.16 -43.91
C THR D 117 -13.79 -52.98 -42.81
N THR D 118 -13.39 -54.25 -42.72
CA THR D 118 -13.97 -55.20 -41.79
C THR D 118 -13.01 -55.46 -40.64
N VAL D 119 -13.54 -55.46 -39.42
CA VAL D 119 -12.78 -55.77 -38.22
C VAL D 119 -13.49 -56.92 -37.51
N THR D 120 -12.76 -57.99 -37.24
CA THR D 120 -13.30 -59.18 -36.61
C THR D 120 -12.61 -59.42 -35.27
N VAL D 121 -13.39 -59.47 -34.20
CA VAL D 121 -12.87 -59.71 -32.86
C VAL D 121 -13.17 -61.17 -32.52
N SER D 122 -12.19 -62.03 -32.71
CA SER D 122 -12.35 -63.45 -32.42
C SER D 122 -11.00 -64.04 -32.07
N SER D 123 -11.03 -65.20 -31.40
CA SER D 123 -9.85 -65.88 -30.91
C SER D 123 -9.65 -67.22 -31.60
N ALA D 124 -9.91 -67.28 -32.90
CA ALA D 124 -9.75 -68.49 -33.68
C ALA D 124 -8.37 -68.52 -34.33
N SER D 125 -8.06 -69.66 -34.95
CA SER D 125 -6.78 -69.86 -35.61
C SER D 125 -6.97 -69.95 -37.11
N THR D 126 -6.02 -69.40 -37.86
CA THR D 126 -6.08 -69.43 -39.32
C THR D 126 -6.06 -70.87 -39.82
N LYS D 127 -6.97 -71.18 -40.75
CA LYS D 127 -7.09 -72.52 -41.29
C LYS D 127 -7.18 -72.44 -42.81
N GLY D 128 -6.84 -73.56 -43.46
CA GLY D 128 -6.95 -73.67 -44.89
C GLY D 128 -8.24 -74.33 -45.31
N PRO D 129 -8.75 -73.95 -46.48
CA PRO D 129 -10.00 -74.53 -46.96
C PRO D 129 -9.83 -75.99 -47.34
N SER D 130 -10.97 -76.70 -47.38
CA SER D 130 -11.02 -78.09 -47.79
C SER D 130 -12.09 -78.23 -48.88
N VAL D 131 -11.65 -78.36 -50.13
CA VAL D 131 -12.55 -78.39 -51.27
C VAL D 131 -12.87 -79.84 -51.62
N PHE D 132 -14.14 -80.09 -51.94
CA PHE D 132 -14.59 -81.40 -52.38
C PHE D 132 -15.64 -81.23 -53.47
N PRO D 133 -15.69 -82.12 -54.44
CA PRO D 133 -16.60 -81.95 -55.57
C PRO D 133 -17.96 -82.59 -55.36
N LEU D 134 -18.97 -81.94 -55.93
CA LEU D 134 -20.33 -82.46 -55.96
C LEU D 134 -20.51 -83.22 -57.26
N ALA D 135 -20.33 -84.53 -57.20
CA ALA D 135 -20.38 -85.36 -58.40
C ALA D 135 -21.79 -85.32 -59.00
N PRO D 136 -21.94 -85.08 -60.30
CA PRO D 136 -23.27 -85.10 -60.90
C PRO D 136 -23.91 -86.47 -60.80
N SER D 137 -25.22 -86.47 -60.64
CA SER D 137 -26.00 -87.69 -60.49
C SER D 137 -26.98 -87.82 -61.64
N SER D 138 -27.54 -89.02 -61.79
CA SER D 138 -28.56 -89.25 -62.80
C SER D 138 -29.83 -88.45 -62.53
N LYS D 139 -30.05 -88.04 -61.28
CA LYS D 139 -31.17 -87.18 -60.94
C LYS D 139 -30.88 -85.70 -61.15
N SER D 140 -29.61 -85.34 -61.36
CA SER D 140 -29.26 -83.93 -61.57
C SER D 140 -29.64 -83.44 -62.95
N THR D 141 -29.63 -84.32 -63.96
CA THR D 141 -29.97 -83.90 -65.30
C THR D 141 -31.45 -83.55 -65.40
N SER D 142 -31.74 -82.48 -66.13
CA SER D 142 -33.12 -82.02 -66.32
C SER D 142 -33.16 -81.14 -67.56
N GLY D 143 -33.87 -81.57 -68.59
CA GLY D 143 -33.94 -80.80 -69.81
C GLY D 143 -32.61 -80.62 -70.51
N GLY D 144 -31.76 -81.64 -70.48
CA GLY D 144 -30.48 -81.59 -71.14
C GLY D 144 -29.41 -80.82 -70.39
N THR D 145 -29.67 -80.39 -69.17
CA THR D 145 -28.71 -79.63 -68.37
C THR D 145 -28.53 -80.31 -67.01
N ALA D 146 -27.31 -80.21 -66.49
CA ALA D 146 -26.97 -80.83 -65.21
C ALA D 146 -26.24 -79.82 -64.35
N ALA D 147 -26.28 -80.05 -63.05
CA ALA D 147 -25.64 -79.18 -62.07
C ALA D 147 -24.41 -79.86 -61.48
N LEU D 148 -23.39 -79.05 -61.21
CA LEU D 148 -22.15 -79.54 -60.64
C LEU D 148 -21.49 -78.40 -59.87
N GLY D 149 -20.66 -78.77 -58.90
CA GLY D 149 -19.99 -77.76 -58.10
C GLY D 149 -19.04 -78.40 -57.11
N CYS D 150 -18.33 -77.53 -56.38
CA CYS D 150 -17.41 -77.98 -55.34
C CYS D 150 -17.72 -77.22 -54.06
N LEU D 151 -17.63 -77.93 -52.94
CA LEU D 151 -17.99 -77.40 -51.63
C LEU D 151 -16.73 -77.19 -50.81
N VAL D 152 -16.55 -75.97 -50.31
CA VAL D 152 -15.47 -75.68 -49.37
C VAL D 152 -15.95 -75.97 -47.95
N LYS D 153 -15.10 -76.62 -47.16
CA LYS D 153 -15.56 -77.19 -45.89
C LYS D 153 -15.34 -76.27 -44.71
N ASP D 154 -14.09 -75.90 -44.42
CA ASP D 154 -13.80 -75.20 -43.18
C ASP D 154 -12.64 -74.23 -43.38
N TYR D 155 -12.84 -72.99 -42.95
CA TYR D 155 -11.81 -71.96 -42.96
C TYR D 155 -12.27 -70.76 -42.15
N PHE D 156 -11.39 -70.17 -41.35
CA PHE D 156 -11.81 -69.02 -40.54
C PHE D 156 -11.77 -67.70 -41.32
N PRO D 157 -10.69 -67.37 -42.02
CA PRO D 157 -10.66 -66.07 -42.72
C PRO D 157 -11.73 -65.98 -43.79
N GLU D 158 -12.40 -64.83 -43.85
CA GLU D 158 -13.48 -64.64 -44.82
C GLU D 158 -13.03 -64.70 -46.27
N PRO D 159 -11.98 -63.99 -46.72
CA PRO D 159 -11.75 -63.88 -48.17
C PRO D 159 -11.36 -65.21 -48.82
N VAL D 160 -12.28 -65.75 -49.63
CA VAL D 160 -12.03 -66.93 -50.43
C VAL D 160 -12.60 -66.67 -51.81
N THR D 161 -11.76 -66.82 -52.83
CA THR D 161 -12.15 -66.61 -54.21
C THR D 161 -12.37 -67.94 -54.90
N VAL D 162 -13.51 -68.08 -55.58
CA VAL D 162 -13.88 -69.30 -56.28
C VAL D 162 -14.11 -68.95 -57.73
N SER D 163 -13.47 -69.70 -58.63
CA SER D 163 -13.64 -69.50 -60.06
C SER D 163 -13.50 -70.84 -60.78
N TRP D 164 -14.06 -70.91 -61.98
CA TRP D 164 -14.10 -72.12 -62.77
C TRP D 164 -13.33 -71.92 -64.06
N ASN D 165 -12.47 -72.88 -64.39
CA ASN D 165 -11.65 -72.85 -65.61
C ASN D 165 -10.86 -71.55 -65.70
N SER D 166 -10.27 -71.15 -64.57
CA SER D 166 -9.46 -69.93 -64.48
C SER D 166 -10.27 -68.69 -64.87
N GLY D 167 -11.56 -68.69 -64.54
CA GLY D 167 -12.43 -67.57 -64.83
C GLY D 167 -13.06 -67.58 -66.21
N ALA D 168 -12.70 -68.55 -67.07
CA ALA D 168 -13.30 -68.62 -68.40
C ALA D 168 -14.78 -68.95 -68.32
N LEU D 169 -15.17 -69.86 -67.43
CA LEU D 169 -16.56 -70.29 -67.29
C LEU D 169 -17.24 -69.43 -66.23
N THR D 170 -18.10 -68.52 -66.68
CA THR D 170 -18.86 -67.66 -65.78
C THR D 170 -20.34 -67.60 -66.16
N SER D 171 -20.84 -68.61 -66.87
CA SER D 171 -22.24 -68.68 -67.27
C SER D 171 -22.95 -69.68 -66.38
N GLY D 172 -23.97 -69.21 -65.65
CA GLY D 172 -24.70 -70.06 -64.74
C GLY D 172 -24.02 -70.34 -63.43
N VAL D 173 -22.91 -69.68 -63.13
CA VAL D 173 -22.19 -69.91 -61.88
C VAL D 173 -22.83 -69.09 -60.78
N HIS D 174 -23.01 -69.71 -59.61
CA HIS D 174 -23.59 -69.05 -58.45
C HIS D 174 -22.77 -69.39 -57.22
N THR D 175 -22.18 -68.37 -56.60
CA THR D 175 -21.39 -68.55 -55.39
C THR D 175 -22.20 -68.05 -54.21
N PHE D 176 -22.68 -68.98 -53.38
CA PHE D 176 -23.52 -68.63 -52.25
C PHE D 176 -22.68 -68.02 -51.14
N PRO D 177 -23.28 -67.12 -50.35
CA PRO D 177 -22.54 -66.51 -49.24
C PRO D 177 -22.12 -67.55 -48.21
N ALA D 178 -20.98 -67.31 -47.58
CA ALA D 178 -20.48 -68.22 -46.55
C ALA D 178 -21.34 -68.13 -45.30
N VAL D 179 -21.64 -69.28 -44.70
CA VAL D 179 -22.48 -69.37 -43.52
C VAL D 179 -21.66 -69.96 -42.38
N LEU D 180 -21.81 -69.39 -41.19
CA LEU D 180 -21.09 -69.89 -40.03
C LEU D 180 -21.60 -71.26 -39.61
N GLN D 181 -20.69 -72.09 -39.11
CA GLN D 181 -21.03 -73.40 -38.57
C GLN D 181 -20.94 -73.37 -37.04
N SER D 182 -21.33 -74.48 -36.43
CA SER D 182 -21.35 -74.56 -34.97
C SER D 182 -19.94 -74.44 -34.39
N SER D 183 -18.97 -75.10 -35.02
CA SER D 183 -17.61 -75.08 -34.49
C SER D 183 -16.97 -73.70 -34.62
N GLY D 184 -17.38 -72.92 -35.60
CA GLY D 184 -16.82 -71.61 -35.83
C GLY D 184 -15.98 -71.47 -37.10
N LEU D 185 -16.23 -72.29 -38.12
CA LEU D 185 -15.51 -72.23 -39.38
C LEU D 185 -16.51 -72.06 -40.51
N TYR D 186 -16.29 -71.05 -41.33
CA TYR D 186 -17.25 -70.70 -42.38
C TYR D 186 -17.22 -71.72 -43.52
N SER D 187 -18.33 -71.77 -44.25
CA SER D 187 -18.46 -72.70 -45.36
C SER D 187 -19.44 -72.12 -46.38
N LEU D 188 -19.11 -72.27 -47.66
CA LEU D 188 -20.00 -71.84 -48.74
C LEU D 188 -20.01 -72.90 -49.83
N SER D 189 -20.87 -72.69 -50.82
CA SER D 189 -20.98 -73.58 -51.97
C SER D 189 -20.91 -72.77 -53.26
N SER D 190 -20.47 -73.43 -54.32
CA SER D 190 -20.40 -72.82 -55.64
C SER D 190 -20.84 -73.85 -56.67
N VAL D 191 -21.97 -73.59 -57.31
CA VAL D 191 -22.57 -74.54 -58.25
C VAL D 191 -22.81 -73.83 -59.57
N VAL D 192 -22.44 -74.49 -60.67
CA VAL D 192 -22.65 -73.98 -62.02
C VAL D 192 -23.36 -75.05 -62.84
N THR D 193 -24.34 -74.64 -63.63
CA THR D 193 -25.10 -75.57 -64.45
C THR D 193 -24.36 -75.85 -65.75
N VAL D 194 -24.41 -77.11 -66.19
CA VAL D 194 -23.72 -77.55 -67.39
C VAL D 194 -24.67 -78.42 -68.21
N PRO D 195 -24.67 -78.30 -69.54
CA PRO D 195 -25.47 -79.22 -70.35
C PRO D 195 -25.05 -80.67 -70.13
N SER D 196 -26.03 -81.57 -70.17
CA SER D 196 -25.76 -82.98 -69.90
C SER D 196 -24.80 -83.57 -70.94
N SER D 197 -25.01 -83.24 -72.22
CA SER D 197 -24.12 -83.74 -73.26
C SER D 197 -22.71 -83.17 -73.10
N SER D 198 -22.60 -81.89 -72.79
CA SER D 198 -21.29 -81.25 -72.65
C SER D 198 -20.59 -81.64 -71.36
N LEU D 199 -21.31 -82.20 -70.39
CA LEU D 199 -20.70 -82.57 -69.12
C LEU D 199 -19.64 -83.64 -69.30
N GLY D 200 -19.94 -84.65 -70.11
CA GLY D 200 -19.04 -85.77 -70.30
C GLY D 200 -17.93 -85.58 -71.30
N THR D 201 -17.83 -84.40 -71.93
CA THR D 201 -16.84 -84.18 -72.98
C THR D 201 -15.94 -82.98 -72.70
N GLN D 202 -16.10 -82.31 -71.57
CA GLN D 202 -15.30 -81.13 -71.25
C GLN D 202 -14.60 -81.32 -69.91
N THR D 203 -13.80 -80.33 -69.54
CA THR D 203 -13.04 -80.33 -68.30
C THR D 203 -13.44 -79.11 -67.47
N TYR D 204 -13.82 -79.35 -66.21
CA TYR D 204 -14.18 -78.29 -65.29
C TYR D 204 -13.40 -78.48 -63.99
N ILE D 205 -12.75 -77.40 -63.53
CA ILE D 205 -11.98 -77.42 -62.31
C ILE D 205 -12.33 -76.20 -61.48
N CYS D 206 -12.13 -76.32 -60.16
CA CYS D 206 -12.37 -75.24 -59.23
C CYS D 206 -11.06 -74.53 -58.93
N ASN D 207 -11.07 -73.21 -59.01
CA ASN D 207 -9.89 -72.38 -58.76
C ASN D 207 -10.13 -71.60 -57.48
N VAL D 208 -9.74 -72.20 -56.35
CA VAL D 208 -9.92 -71.61 -55.03
C VAL D 208 -8.58 -71.14 -54.51
N ASN D 209 -8.49 -69.86 -54.15
CA ASN D 209 -7.26 -69.26 -53.64
C ASN D 209 -7.56 -68.59 -52.30
N HIS D 210 -6.97 -69.12 -51.23
CA HIS D 210 -7.13 -68.57 -49.90
C HIS D 210 -5.88 -67.74 -49.58
N LYS D 211 -5.99 -66.42 -49.75
CA LYS D 211 -4.85 -65.54 -49.55
C LYS D 211 -4.33 -65.54 -48.11
N PRO D 212 -5.15 -65.42 -47.07
CA PRO D 212 -4.58 -65.32 -45.71
C PRO D 212 -3.73 -66.52 -45.31
N SER D 213 -4.11 -67.72 -45.71
CA SER D 213 -3.36 -68.92 -45.38
C SER D 213 -2.47 -69.42 -46.50
N ASN D 214 -2.41 -68.70 -47.62
CA ASN D 214 -1.60 -69.06 -48.77
C ASN D 214 -1.91 -70.49 -49.24
N THR D 215 -3.17 -70.69 -49.60
CA THR D 215 -3.66 -72.00 -50.04
C THR D 215 -3.99 -71.96 -51.52
N LYS D 216 -3.49 -72.96 -52.25
CA LYS D 216 -3.77 -73.11 -53.69
C LYS D 216 -4.14 -74.58 -53.91
N VAL D 217 -5.43 -74.88 -53.84
CA VAL D 217 -5.95 -76.22 -54.07
C VAL D 217 -6.99 -76.15 -55.17
N ASP D 218 -6.87 -77.05 -56.15
CA ASP D 218 -7.78 -77.11 -57.29
C ASP D 218 -8.28 -78.53 -57.44
N LYS D 219 -9.59 -78.68 -57.62
CA LYS D 219 -10.23 -79.99 -57.73
C LYS D 219 -10.99 -80.07 -59.05
N LYS D 220 -10.83 -81.20 -59.74
CA LYS D 220 -11.55 -81.46 -60.98
C LYS D 220 -12.85 -82.20 -60.67
N VAL D 221 -13.91 -81.85 -61.40
CA VAL D 221 -15.19 -82.54 -61.23
C VAL D 221 -15.03 -84.00 -61.59
N GLU D 222 -15.61 -84.87 -60.76
CA GLU D 222 -15.47 -86.32 -60.94
C GLU D 222 -16.83 -86.92 -61.25
N PRO D 223 -17.15 -87.18 -62.52
CA PRO D 223 -18.43 -87.83 -62.85
C PRO D 223 -18.44 -89.28 -62.37
N LYS D 224 -19.48 -89.64 -61.64
CA LYS D 224 -19.60 -90.98 -61.09
C LYS D 224 -20.81 -91.71 -61.66
N VAL E 2 -24.38 -66.76 -4.76
CA VAL E 2 -23.01 -66.28 -4.82
C VAL E 2 -22.12 -67.30 -5.51
N GLN E 3 -21.51 -66.89 -6.63
CA GLN E 3 -20.70 -67.80 -7.43
C GLN E 3 -19.66 -67.00 -8.20
N LEU E 4 -18.46 -67.57 -8.33
CA LEU E 4 -17.38 -66.99 -9.12
C LEU E 4 -16.90 -68.04 -10.11
N VAL E 5 -16.82 -67.66 -11.38
CA VAL E 5 -16.43 -68.57 -12.45
C VAL E 5 -15.27 -67.96 -13.21
N GLU E 6 -14.20 -68.74 -13.39
CA GLU E 6 -13.03 -68.32 -14.14
C GLU E 6 -12.96 -69.06 -15.46
N SER E 7 -12.37 -68.41 -16.47
CA SER E 7 -12.24 -69.00 -17.79
C SER E 7 -11.15 -68.25 -18.54
N GLY E 8 -10.76 -68.81 -19.69
CA GLY E 8 -9.77 -68.21 -20.56
C GLY E 8 -8.40 -68.86 -20.49
N GLY E 9 -8.16 -69.76 -19.53
CA GLY E 9 -6.87 -70.39 -19.43
C GLY E 9 -6.62 -71.41 -20.53
N GLY E 10 -5.36 -71.81 -20.63
CA GLY E 10 -4.98 -72.79 -21.63
C GLY E 10 -3.48 -72.82 -21.81
N VAL E 11 -3.06 -73.52 -22.85
CA VAL E 11 -1.64 -73.67 -23.19
C VAL E 11 -1.20 -72.48 -24.01
N VAL E 12 0.03 -72.01 -23.77
CA VAL E 12 0.60 -70.89 -24.51
C VAL E 12 2.11 -71.06 -24.55
N GLN E 13 2.71 -70.62 -25.66
CA GLN E 13 4.15 -70.69 -25.82
C GLN E 13 4.84 -69.62 -24.98
N PRO E 14 6.08 -69.86 -24.57
CA PRO E 14 6.80 -68.84 -23.78
C PRO E 14 6.97 -67.54 -24.55
N GLY E 15 6.82 -66.43 -23.85
CA GLY E 15 6.98 -65.11 -24.42
C GLY E 15 5.69 -64.49 -24.94
N ARG E 16 4.64 -65.27 -25.10
CA ARG E 16 3.37 -64.76 -25.62
C ARG E 16 2.54 -64.18 -24.48
N SER E 17 1.28 -63.87 -24.77
CA SER E 17 0.41 -63.20 -23.82
C SER E 17 -0.94 -63.91 -23.74
N LEU E 18 -1.66 -63.64 -22.66
CA LEU E 18 -2.94 -64.29 -22.40
C LEU E 18 -3.79 -63.37 -21.53
N ARG E 19 -5.09 -63.66 -21.47
CA ARG E 19 -6.00 -62.90 -20.64
C ARG E 19 -7.01 -63.82 -19.99
N LEU E 20 -7.15 -63.72 -18.67
CA LEU E 20 -8.11 -64.49 -17.90
C LEU E 20 -9.23 -63.59 -17.39
N SER E 21 -10.45 -64.14 -17.37
CA SER E 21 -11.63 -63.39 -16.97
C SER E 21 -12.35 -64.10 -15.84
N CYS E 22 -12.73 -63.33 -14.82
CA CYS E 22 -13.47 -63.82 -13.67
C CYS E 22 -14.85 -63.19 -13.66
N ALA E 23 -15.89 -64.02 -13.61
CA ALA E 23 -17.27 -63.55 -13.69
C ALA E 23 -17.98 -63.81 -12.37
N ALA E 24 -18.65 -62.79 -11.86
CA ALA E 24 -19.35 -62.86 -10.58
C ALA E 24 -20.84 -62.64 -10.78
N SER E 25 -21.63 -63.11 -9.82
CA SER E 25 -23.07 -63.03 -9.92
C SER E 25 -23.70 -63.22 -8.55
N GLU E 26 -25.00 -62.92 -8.47
CA GLU E 26 -25.80 -62.95 -7.24
C GLU E 26 -25.25 -62.07 -6.12
N PHE E 27 -24.42 -61.08 -6.45
CA PHE E 27 -24.03 -60.09 -5.45
C PHE E 27 -23.57 -58.83 -6.16
N THR E 28 -23.52 -57.73 -5.40
CA THR E 28 -23.13 -56.44 -5.95
C THR E 28 -21.64 -56.43 -6.22
N PHE E 29 -21.26 -56.67 -7.48
CA PHE E 29 -19.85 -56.75 -7.83
C PHE E 29 -19.13 -55.42 -7.66
N SER E 30 -19.86 -54.31 -7.71
CA SER E 30 -19.24 -53.00 -7.76
C SER E 30 -18.83 -52.47 -6.39
N SER E 31 -19.08 -53.21 -5.32
CA SER E 31 -18.74 -52.75 -3.98
C SER E 31 -17.77 -53.66 -3.24
N PHE E 32 -17.01 -54.49 -3.96
CA PHE E 32 -16.06 -55.41 -3.33
C PHE E 32 -14.71 -55.33 -4.03
N ALA E 33 -13.66 -55.60 -3.26
CA ALA E 33 -12.31 -55.73 -3.79
C ALA E 33 -12.03 -57.18 -4.14
N MET E 34 -11.12 -57.39 -5.09
CA MET E 34 -10.87 -58.72 -5.63
C MET E 34 -9.39 -59.08 -5.56
N HIS E 35 -9.14 -60.38 -5.44
CA HIS E 35 -7.80 -60.95 -5.35
C HIS E 35 -7.59 -61.96 -6.47
N TRP E 36 -6.40 -61.94 -7.06
CA TRP E 36 -5.91 -63.00 -7.93
C TRP E 36 -4.82 -63.75 -7.20
N VAL E 37 -4.98 -65.08 -7.10
CA VAL E 37 -4.06 -65.96 -6.39
C VAL E 37 -3.66 -67.07 -7.36
N ARG E 38 -2.56 -67.74 -7.07
CA ARG E 38 -2.15 -68.87 -7.89
C ARG E 38 -1.47 -69.93 -7.04
N GLN E 39 -1.52 -71.16 -7.52
CA GLN E 39 -0.89 -72.31 -6.87
C GLN E 39 -0.14 -73.12 -7.90
N ALA E 40 1.18 -73.20 -7.76
CA ALA E 40 2.01 -74.00 -8.64
C ALA E 40 1.90 -75.47 -8.27
N PRO E 41 2.15 -76.38 -9.23
CA PRO E 41 2.10 -77.80 -8.91
C PRO E 41 3.11 -78.19 -7.82
N GLY E 42 2.66 -79.02 -6.89
CA GLY E 42 3.53 -79.46 -5.81
C GLY E 42 4.04 -78.37 -4.91
N LYS E 43 3.36 -77.23 -4.85
CA LYS E 43 3.81 -76.09 -4.06
C LYS E 43 2.60 -75.44 -3.38
N GLY E 44 2.90 -74.63 -2.36
CA GLY E 44 1.86 -73.93 -1.65
C GLY E 44 1.31 -72.76 -2.45
N LEU E 45 0.20 -72.22 -1.94
CA LEU E 45 -0.46 -71.11 -2.62
C LEU E 45 0.38 -69.84 -2.53
N GLU E 46 0.25 -68.99 -3.53
CA GLU E 46 1.00 -67.75 -3.61
C GLU E 46 0.08 -66.62 -4.05
N TRP E 47 0.10 -65.51 -3.31
CA TRP E 47 -0.69 -64.35 -3.66
C TRP E 47 -0.09 -63.65 -4.86
N VAL E 48 -0.96 -63.14 -5.75
CA VAL E 48 -0.53 -62.53 -7.00
C VAL E 48 -0.89 -61.04 -7.05
N ALA E 49 -2.18 -60.72 -6.99
CA ALA E 49 -2.57 -59.34 -7.22
C ALA E 49 -3.85 -59.00 -6.47
N LEU E 50 -4.09 -57.70 -6.29
CA LEU E 50 -5.26 -57.19 -5.58
C LEU E 50 -5.74 -55.91 -6.23
N ILE E 51 -7.06 -55.77 -6.36
CA ILE E 51 -7.66 -54.56 -6.90
C ILE E 51 -8.83 -54.14 -6.02
N SER E 52 -9.05 -52.82 -5.93
CA SER E 52 -10.10 -52.25 -5.11
C SER E 52 -11.40 -52.16 -5.90
N TYR E 53 -12.46 -51.71 -5.22
CA TYR E 53 -13.80 -51.74 -5.83
C TYR E 53 -13.99 -50.65 -6.87
N ASP E 54 -13.39 -49.48 -6.70
CA ASP E 54 -13.50 -48.44 -7.71
C ASP E 54 -12.36 -48.48 -8.72
N GLY E 55 -11.41 -49.39 -8.56
CA GLY E 55 -10.33 -49.56 -9.51
C GLY E 55 -9.17 -48.60 -9.36
N SER E 56 -9.19 -47.73 -8.34
CA SER E 56 -8.12 -46.75 -8.20
C SER E 56 -6.83 -47.39 -7.70
N ASN E 57 -6.92 -48.29 -6.72
CA ASN E 57 -5.76 -48.90 -6.08
C ASN E 57 -5.50 -50.29 -6.67
N LYS E 58 -4.25 -50.55 -7.03
CA LYS E 58 -3.82 -51.85 -7.52
C LYS E 58 -2.53 -52.25 -6.84
N TYR E 59 -2.47 -53.50 -6.37
CA TYR E 59 -1.27 -54.02 -5.73
C TYR E 59 -0.84 -55.30 -6.43
N TYR E 60 0.46 -55.43 -6.65
CA TYR E 60 1.02 -56.58 -7.35
C TYR E 60 2.10 -57.24 -6.51
N ALA E 61 2.35 -58.51 -6.78
CA ALA E 61 3.46 -59.21 -6.16
C ALA E 61 4.77 -58.83 -6.84
N ASP E 62 5.88 -59.00 -6.11
CA ASP E 62 7.18 -58.62 -6.65
C ASP E 62 7.58 -59.48 -7.84
N SER E 63 7.25 -60.76 -7.81
CA SER E 63 7.64 -61.66 -8.90
C SER E 63 6.93 -61.31 -10.20
N VAL E 64 5.67 -60.92 -10.12
CA VAL E 64 4.89 -60.59 -11.31
C VAL E 64 4.82 -59.07 -11.54
N LYS E 65 5.74 -58.32 -10.96
CA LYS E 65 5.73 -56.87 -11.11
C LYS E 65 6.15 -56.48 -12.52
N GLY E 66 5.38 -55.59 -13.13
CA GLY E 66 5.71 -55.06 -14.44
C GLY E 66 5.32 -55.92 -15.62
N ARG E 67 4.72 -57.08 -15.40
CA ARG E 67 4.31 -57.96 -16.48
C ARG E 67 2.81 -58.26 -16.50
N PHE E 68 2.15 -58.28 -15.35
CA PHE E 68 0.73 -58.58 -15.26
C PHE E 68 -0.05 -57.29 -15.04
N THR E 69 -1.27 -57.25 -15.55
CA THR E 69 -2.15 -56.09 -15.38
C THR E 69 -3.52 -56.56 -14.91
N ILE E 70 -4.03 -55.96 -13.85
CA ILE E 70 -5.33 -56.32 -13.29
C ILE E 70 -6.31 -55.19 -13.58
N SER E 71 -7.52 -55.56 -13.96
CA SER E 71 -8.54 -54.59 -14.32
C SER E 71 -9.91 -55.16 -14.01
N ARG E 72 -10.92 -54.29 -14.02
CA ARG E 72 -12.28 -54.73 -13.73
C ARG E 72 -13.26 -53.91 -14.56
N ASP E 73 -14.45 -54.49 -14.74
CA ASP E 73 -15.55 -53.86 -15.46
C ASP E 73 -16.81 -54.04 -14.63
N ASN E 74 -17.29 -52.96 -14.01
CA ASN E 74 -18.45 -53.05 -13.14
C ASN E 74 -19.74 -53.18 -13.94
N SER E 75 -19.79 -52.60 -15.14
CA SER E 75 -20.99 -52.71 -15.97
C SER E 75 -21.23 -54.16 -16.38
N LYS E 76 -20.19 -54.87 -16.78
CA LYS E 76 -20.30 -56.27 -17.17
C LYS E 76 -20.02 -57.24 -16.03
N ASN E 77 -19.68 -56.73 -14.84
CA ASN E 77 -19.39 -57.56 -13.66
C ASN E 77 -18.30 -58.58 -13.95
N THR E 78 -17.17 -58.10 -14.47
CA THR E 78 -16.07 -58.98 -14.84
C THR E 78 -14.75 -58.47 -14.28
N LEU E 79 -13.82 -59.40 -14.08
CA LEU E 79 -12.47 -59.10 -13.63
C LEU E 79 -11.49 -59.70 -14.64
N TYR E 80 -10.49 -58.92 -15.01
CA TYR E 80 -9.54 -59.31 -16.05
C TYR E 80 -8.12 -59.30 -15.51
N LEU E 81 -7.36 -60.32 -15.87
CA LEU E 81 -5.92 -60.38 -15.61
C LEU E 81 -5.22 -60.62 -16.93
N GLN E 82 -4.33 -59.70 -17.29
CA GLN E 82 -3.57 -59.77 -18.54
C GLN E 82 -2.14 -60.15 -18.21
N MET E 83 -1.65 -61.20 -18.88
CA MET E 83 -0.33 -61.75 -18.64
C MET E 83 0.51 -61.61 -19.91
N ASN E 84 1.69 -61.00 -19.77
CA ASN E 84 2.60 -60.78 -20.88
C ASN E 84 3.97 -61.34 -20.53
N SER E 85 4.67 -61.82 -21.57
CA SER E 85 6.02 -62.38 -21.43
C SER E 85 6.03 -63.52 -20.42
N LEU E 86 5.12 -64.46 -20.61
CA LEU E 86 5.01 -65.61 -19.72
C LEU E 86 6.26 -66.48 -19.81
N ARG E 87 6.64 -67.05 -18.67
CA ARG E 87 7.80 -67.93 -18.60
C ARG E 87 7.42 -69.28 -18.00
N ALA E 88 8.41 -70.15 -17.79
CA ALA E 88 8.13 -71.50 -17.30
C ALA E 88 7.64 -71.50 -15.86
N GLU E 89 7.91 -70.44 -15.10
CA GLU E 89 7.51 -70.40 -13.69
C GLU E 89 6.05 -70.01 -13.50
N ASP E 90 5.34 -69.63 -14.56
CA ASP E 90 3.96 -69.19 -14.46
C ASP E 90 2.96 -70.32 -14.63
N THR E 91 3.41 -71.55 -14.83
CA THR E 91 2.51 -72.69 -14.96
C THR E 91 1.93 -73.03 -13.59
N ALA E 92 0.64 -72.78 -13.40
CA ALA E 92 0.00 -72.95 -12.11
C ALA E 92 -1.52 -72.97 -12.31
N VAL E 93 -2.26 -72.97 -11.21
CA VAL E 93 -3.71 -72.87 -11.22
C VAL E 93 -4.09 -71.54 -10.60
N TYR E 94 -4.91 -70.76 -11.31
CA TYR E 94 -5.23 -69.40 -10.91
C TYR E 94 -6.62 -69.34 -10.28
N TYR E 95 -6.73 -68.57 -9.20
CA TYR E 95 -7.91 -68.49 -8.38
C TYR E 95 -8.35 -67.04 -8.25
N CYS E 96 -9.67 -66.83 -8.25
CA CYS E 96 -10.29 -65.52 -8.14
C CYS E 96 -11.05 -65.45 -6.82
N ALA E 97 -10.73 -64.46 -5.99
CA ALA E 97 -11.26 -64.39 -4.64
C ALA E 97 -11.87 -63.02 -4.36
N ARG E 98 -12.80 -62.98 -3.42
CA ARG E 98 -13.53 -61.77 -3.06
C ARG E 98 -13.28 -61.41 -1.61
N VAL E 99 -13.09 -60.11 -1.35
CA VAL E 99 -12.84 -59.62 0.00
C VAL E 99 -14.11 -59.71 0.82
N SER E 100 -13.97 -60.04 2.11
CA SER E 100 -15.12 -60.28 2.98
C SER E 100 -15.97 -59.04 3.14
N TYR E 101 -15.35 -57.89 3.38
CA TYR E 101 -16.22 -56.76 3.71
C TYR E 101 -16.40 -55.84 2.52
N PRO E 102 -17.58 -55.23 2.39
CA PRO E 102 -17.85 -54.33 1.28
C PRO E 102 -17.47 -52.89 1.59
N LEU E 103 -17.10 -52.17 0.52
CA LEU E 103 -16.77 -50.74 0.60
C LEU E 103 -15.69 -50.47 1.64
N THR E 104 -14.70 -51.36 1.71
CA THR E 104 -13.58 -51.20 2.62
C THR E 104 -12.28 -51.30 1.84
N LYS E 105 -11.33 -50.44 2.18
CA LYS E 105 -10.04 -50.40 1.50
C LYS E 105 -8.88 -50.79 2.42
N TYR E 106 -9.17 -51.32 3.61
CA TYR E 106 -8.12 -51.60 4.59
C TYR E 106 -8.36 -52.92 5.32
N TYR E 107 -8.94 -53.91 4.66
CA TYR E 107 -9.16 -55.21 5.29
C TYR E 107 -8.36 -56.33 4.65
N TYR E 108 -8.48 -56.53 3.33
CA TYR E 108 -7.68 -57.49 2.59
C TYR E 108 -7.93 -58.93 3.05
N GLY E 109 -9.19 -59.26 3.34
CA GLY E 109 -9.52 -60.60 3.78
C GLY E 109 -10.54 -61.29 2.89
N MET E 110 -10.18 -62.44 2.32
CA MET E 110 -11.02 -63.12 1.36
C MET E 110 -11.87 -64.20 2.03
N ASP E 111 -13.06 -64.42 1.47
CA ASP E 111 -13.99 -65.43 1.98
C ASP E 111 -14.63 -66.30 0.91
N VAL E 112 -14.71 -65.87 -0.34
CA VAL E 112 -15.33 -66.63 -1.42
C VAL E 112 -14.29 -66.87 -2.50
N TRP E 113 -14.14 -68.12 -2.90
CA TRP E 113 -13.13 -68.54 -3.87
C TRP E 113 -13.81 -69.04 -5.15
N GLY E 114 -12.98 -69.54 -6.06
CA GLY E 114 -13.49 -70.17 -7.26
C GLY E 114 -12.71 -71.44 -7.57
N GLN E 115 -13.27 -72.23 -8.49
CA GLN E 115 -12.62 -73.50 -8.84
C GLN E 115 -11.32 -73.26 -9.60
N GLY E 116 -11.27 -72.23 -10.44
CA GLY E 116 -10.04 -71.83 -11.08
C GLY E 116 -9.80 -72.52 -12.41
N THR E 117 -8.81 -72.00 -13.14
CA THR E 117 -8.39 -72.51 -14.43
C THR E 117 -6.92 -72.88 -14.39
N THR E 118 -6.44 -73.45 -15.48
CA THR E 118 -5.06 -73.91 -15.59
C THR E 118 -4.37 -73.26 -16.77
N VAL E 119 -3.13 -72.84 -16.57
CA VAL E 119 -2.30 -72.22 -17.60
C VAL E 119 -1.01 -73.01 -17.70
N THR E 120 -0.69 -73.48 -18.91
CA THR E 120 0.50 -74.27 -19.17
C THR E 120 1.40 -73.51 -20.14
N VAL E 121 2.66 -73.33 -19.76
CA VAL E 121 3.64 -72.61 -20.58
C VAL E 121 4.59 -73.65 -21.16
N SER E 122 4.33 -74.06 -22.41
CA SER E 122 5.15 -75.04 -23.08
C SER E 122 5.11 -74.80 -24.58
N SER E 123 6.12 -75.31 -25.28
CA SER E 123 6.28 -75.12 -26.71
C SER E 123 6.21 -76.44 -27.46
N ALA E 124 5.27 -77.30 -27.06
CA ALA E 124 5.09 -78.59 -27.71
C ALA E 124 3.95 -78.50 -28.73
N SER E 125 3.67 -79.62 -29.38
CA SER E 125 2.65 -79.70 -30.42
C SER E 125 1.52 -80.60 -29.97
N THR E 126 0.29 -80.20 -30.29
CA THR E 126 -0.88 -81.01 -29.96
C THR E 126 -0.83 -82.33 -30.70
N LYS E 127 -1.09 -83.42 -29.96
CA LYS E 127 -1.06 -84.76 -30.53
C LYS E 127 -2.30 -85.53 -30.08
N GLY E 128 -2.52 -86.67 -30.72
CA GLY E 128 -3.65 -87.50 -30.41
C GLY E 128 -3.26 -88.73 -29.60
N PRO E 129 -4.20 -89.24 -28.80
CA PRO E 129 -3.91 -90.43 -28.00
C PRO E 129 -3.71 -91.66 -28.88
N SER E 130 -3.00 -92.64 -28.31
CA SER E 130 -2.76 -93.92 -28.96
C SER E 130 -3.22 -95.02 -28.00
N VAL E 131 -4.39 -95.58 -28.26
CA VAL E 131 -4.96 -96.59 -27.37
C VAL E 131 -4.33 -97.95 -27.67
N PHE E 132 -4.25 -98.79 -26.64
CA PHE E 132 -3.68 -100.13 -26.75
C PHE E 132 -4.34 -101.05 -25.74
N PRO E 133 -5.06 -102.07 -26.19
CA PRO E 133 -5.74 -102.96 -25.24
C PRO E 133 -4.76 -103.74 -24.38
N LEU E 134 -5.16 -103.97 -23.13
CA LEU E 134 -4.40 -104.79 -22.20
C LEU E 134 -5.06 -106.15 -22.15
N ALA E 135 -4.53 -107.09 -22.93
CA ALA E 135 -5.13 -108.41 -23.03
C ALA E 135 -5.00 -109.15 -21.71
N PRO E 136 -6.10 -109.67 -21.15
CA PRO E 136 -5.99 -110.46 -19.92
C PRO E 136 -5.18 -111.72 -20.15
N SER E 137 -4.46 -112.13 -19.12
CA SER E 137 -3.61 -113.31 -19.15
C SER E 137 -4.18 -114.40 -18.26
N SER E 138 -3.64 -115.61 -18.42
CA SER E 138 -4.06 -116.72 -17.58
C SER E 138 -3.67 -116.52 -16.12
N LYS E 139 -2.71 -115.64 -15.85
CA LYS E 139 -2.31 -115.32 -14.48
C LYS E 139 -3.12 -114.18 -13.88
N SER E 140 -3.97 -113.52 -14.68
CA SER E 140 -4.77 -112.42 -14.16
C SER E 140 -5.95 -112.89 -13.32
N THR E 141 -6.48 -114.08 -13.61
CA THR E 141 -7.62 -114.59 -12.85
C THR E 141 -7.22 -114.87 -11.41
N SER E 142 -8.10 -114.49 -10.49
CA SER E 142 -7.86 -114.69 -9.07
C SER E 142 -9.19 -114.60 -8.34
N GLY E 143 -9.62 -115.71 -7.73
CA GLY E 143 -10.88 -115.73 -7.01
C GLY E 143 -12.09 -115.49 -7.89
N GLY E 144 -12.05 -115.98 -9.12
CA GLY E 144 -13.16 -115.81 -10.03
C GLY E 144 -13.28 -114.45 -10.68
N THR E 145 -12.25 -113.60 -10.56
CA THR E 145 -12.27 -112.27 -11.14
C THR E 145 -11.01 -112.04 -11.96
N ALA E 146 -11.14 -111.26 -13.02
CA ALA E 146 -10.05 -110.97 -13.92
C ALA E 146 -9.99 -109.46 -14.19
N ALA E 147 -8.80 -109.00 -14.56
CA ALA E 147 -8.56 -107.59 -14.81
C ALA E 147 -8.29 -107.35 -16.30
N LEU E 148 -8.77 -106.21 -16.78
CA LEU E 148 -8.55 -105.80 -18.16
C LEU E 148 -8.48 -104.28 -18.21
N GLY E 149 -7.87 -103.77 -19.27
CA GLY E 149 -7.71 -102.33 -19.39
C GLY E 149 -7.18 -101.96 -20.76
N CYS E 150 -6.79 -100.69 -20.88
CA CYS E 150 -6.20 -100.18 -22.10
C CYS E 150 -5.26 -99.04 -21.78
N LEU E 151 -4.04 -99.13 -22.31
CA LEU E 151 -3.02 -98.11 -22.09
C LEU E 151 -3.20 -96.98 -23.09
N VAL E 152 -3.08 -95.75 -22.61
CA VAL E 152 -3.26 -94.55 -23.41
C VAL E 152 -1.94 -93.79 -23.44
N LYS E 153 -1.54 -93.34 -24.62
CA LYS E 153 -0.21 -92.80 -24.86
C LYS E 153 -0.31 -91.50 -25.65
N ASP E 154 0.75 -90.70 -25.57
CA ASP E 154 0.90 -89.42 -26.28
C ASP E 154 -0.02 -88.34 -25.72
N TYR E 155 -0.80 -87.70 -26.59
CA TYR E 155 -1.80 -86.70 -26.23
C TYR E 155 -1.19 -85.61 -25.32
N PHE E 156 -0.35 -84.79 -25.93
CA PHE E 156 0.27 -83.69 -25.18
C PHE E 156 -0.74 -82.83 -24.42
N PRO E 157 -1.89 -82.43 -24.97
CA PRO E 157 -2.89 -81.76 -24.14
C PRO E 157 -3.39 -82.67 -23.03
N GLU E 158 -3.55 -82.09 -21.84
CA GLU E 158 -3.89 -82.90 -20.66
C GLU E 158 -5.28 -83.54 -20.75
N PRO E 159 -6.38 -82.82 -21.04
CA PRO E 159 -7.71 -83.41 -20.84
C PRO E 159 -7.99 -84.62 -21.72
N VAL E 160 -8.14 -85.79 -21.09
CA VAL E 160 -8.56 -87.01 -21.77
C VAL E 160 -9.58 -87.71 -20.89
N THR E 161 -10.72 -88.05 -21.47
CA THR E 161 -11.80 -88.72 -20.75
C THR E 161 -11.87 -90.18 -21.18
N VAL E 162 -11.85 -91.08 -20.20
CA VAL E 162 -11.88 -92.52 -20.46
C VAL E 162 -13.11 -93.10 -19.77
N SER E 163 -13.88 -93.88 -20.52
CA SER E 163 -15.08 -94.53 -20.00
C SER E 163 -15.22 -95.90 -20.65
N TRP E 164 -15.98 -96.76 -19.99
CA TRP E 164 -16.17 -98.15 -20.43
C TRP E 164 -17.64 -98.39 -20.72
N ASN E 165 -17.93 -99.00 -21.87
CA ASN E 165 -19.29 -99.33 -22.29
C ASN E 165 -20.19 -98.09 -22.29
N SER E 166 -19.66 -96.98 -22.82
CA SER E 166 -20.39 -95.72 -22.91
C SER E 166 -20.84 -95.23 -21.54
N GLY E 167 -20.00 -95.49 -20.52
CA GLY E 167 -20.28 -95.05 -19.17
C GLY E 167 -21.16 -95.99 -18.37
N ALA E 168 -21.69 -97.05 -18.97
CA ALA E 168 -22.52 -97.99 -18.23
C ALA E 168 -21.72 -98.73 -17.16
N LEU E 169 -20.50 -99.15 -17.50
CA LEU E 169 -19.64 -99.90 -16.59
C LEU E 169 -18.84 -98.90 -15.76
N THR E 170 -19.21 -98.74 -14.48
CA THR E 170 -18.53 -97.81 -13.59
C THR E 170 -18.24 -98.43 -12.24
N SER E 171 -18.22 -99.76 -12.15
CA SER E 171 -17.94 -100.47 -10.91
C SER E 171 -16.60 -101.20 -11.04
N GLY E 172 -15.69 -100.94 -10.10
CA GLY E 172 -14.38 -101.56 -10.13
C GLY E 172 -13.41 -100.95 -11.11
N VAL E 173 -13.72 -99.80 -11.69
CA VAL E 173 -12.86 -99.15 -12.66
C VAL E 173 -12.05 -98.07 -11.97
N HIS E 174 -10.75 -98.06 -12.21
CA HIS E 174 -9.84 -97.04 -11.67
C HIS E 174 -9.07 -96.41 -12.82
N THR E 175 -9.03 -95.09 -12.85
CA THR E 175 -8.28 -94.34 -13.86
C THR E 175 -7.16 -93.58 -13.14
N PHE E 176 -5.93 -94.04 -13.33
CA PHE E 176 -4.80 -93.45 -12.65
C PHE E 176 -4.50 -92.07 -13.21
N PRO E 177 -3.96 -91.16 -12.39
CA PRO E 177 -3.59 -89.83 -12.89
C PRO E 177 -2.52 -89.92 -13.97
N ALA E 178 -2.61 -89.00 -14.93
CA ALA E 178 -1.65 -88.97 -16.02
C ALA E 178 -0.27 -88.61 -15.52
N VAL E 179 0.73 -89.36 -15.99
CA VAL E 179 2.12 -89.16 -15.60
C VAL E 179 2.92 -88.69 -16.80
N LEU E 180 3.76 -87.68 -16.59
CA LEU E 180 4.58 -87.14 -17.66
C LEU E 180 5.74 -88.08 -17.98
N GLN E 181 6.09 -88.14 -19.25
CA GLN E 181 7.21 -88.94 -19.71
C GLN E 181 8.43 -88.05 -19.95
N SER E 182 9.56 -88.71 -20.26
CA SER E 182 10.79 -87.96 -20.51
C SER E 182 10.66 -87.09 -21.75
N SER E 183 10.03 -87.60 -22.81
CA SER E 183 9.89 -86.84 -24.04
C SER E 183 8.95 -85.66 -23.91
N GLY E 184 8.17 -85.60 -22.84
CA GLY E 184 7.23 -84.52 -22.64
C GLY E 184 5.80 -84.81 -23.03
N LEU E 185 5.45 -86.07 -23.25
CA LEU E 185 4.10 -86.47 -23.64
C LEU E 185 3.48 -87.27 -22.50
N TYR E 186 2.23 -86.96 -22.17
CA TYR E 186 1.59 -87.56 -21.02
C TYR E 186 1.19 -89.00 -21.30
N SER E 187 0.88 -89.72 -20.23
CA SER E 187 0.47 -91.12 -20.33
C SER E 187 -0.29 -91.49 -19.06
N LEU E 188 -1.29 -92.37 -19.22
CA LEU E 188 -2.04 -92.87 -18.09
C LEU E 188 -2.59 -94.25 -18.43
N SER E 189 -3.19 -94.90 -17.44
CA SER E 189 -3.77 -96.21 -17.61
C SER E 189 -5.17 -96.21 -17.01
N SER E 190 -6.02 -97.10 -17.53
CA SER E 190 -7.38 -97.28 -17.03
C SER E 190 -7.65 -98.78 -16.95
N VAL E 191 -7.85 -99.28 -15.74
CA VAL E 191 -8.02 -100.71 -15.49
C VAL E 191 -9.33 -100.94 -14.77
N VAL E 192 -10.03 -102.01 -15.14
CA VAL E 192 -11.28 -102.41 -14.50
C VAL E 192 -11.24 -103.92 -14.31
N THR E 193 -11.75 -104.38 -13.18
CA THR E 193 -11.78 -105.80 -12.87
C THR E 193 -13.19 -106.37 -13.12
N VAL E 194 -13.23 -107.56 -13.72
CA VAL E 194 -14.49 -108.22 -14.04
C VAL E 194 -14.40 -109.67 -13.59
N PRO E 195 -15.53 -110.32 -13.37
CA PRO E 195 -15.51 -111.75 -13.02
C PRO E 195 -14.87 -112.58 -14.13
N SER E 196 -14.16 -113.63 -13.73
CA SER E 196 -13.50 -114.50 -14.70
C SER E 196 -14.52 -115.26 -15.55
N SER E 197 -15.69 -115.56 -14.99
CA SER E 197 -16.71 -116.29 -15.74
C SER E 197 -17.28 -115.45 -16.86
N SER E 198 -17.38 -114.13 -16.67
CA SER E 198 -17.94 -113.25 -17.68
C SER E 198 -17.06 -113.10 -18.91
N LEU E 199 -15.82 -113.57 -18.85
CA LEU E 199 -14.92 -113.46 -20.00
C LEU E 199 -15.44 -114.31 -21.16
N GLY E 200 -15.42 -113.75 -22.36
CA GLY E 200 -15.89 -114.43 -23.53
C GLY E 200 -17.39 -114.40 -23.73
N THR E 201 -18.14 -113.73 -22.85
CA THR E 201 -19.59 -113.65 -22.95
C THR E 201 -20.12 -112.24 -23.12
N GLN E 202 -19.40 -111.23 -22.63
CA GLN E 202 -19.85 -109.84 -22.70
C GLN E 202 -18.93 -109.04 -23.61
N THR E 203 -19.22 -107.75 -23.74
CA THR E 203 -18.46 -106.83 -24.57
C THR E 203 -17.93 -105.69 -23.71
N TYR E 204 -16.62 -105.45 -23.77
CA TYR E 204 -15.98 -104.37 -23.05
C TYR E 204 -15.15 -103.55 -24.04
N ILE E 205 -15.37 -102.24 -24.06
CA ILE E 205 -14.65 -101.35 -24.95
C ILE E 205 -14.15 -100.14 -24.16
N CYS E 206 -13.10 -99.51 -24.67
CA CYS E 206 -12.56 -98.28 -24.11
C CYS E 206 -13.06 -97.10 -24.92
N ASN E 207 -13.54 -96.06 -24.24
CA ASN E 207 -14.10 -94.88 -24.87
C ASN E 207 -13.21 -93.68 -24.52
N VAL E 208 -12.25 -93.39 -25.40
CA VAL E 208 -11.33 -92.26 -25.21
C VAL E 208 -11.81 -91.11 -26.09
N ASN E 209 -11.90 -89.92 -25.49
CA ASN E 209 -12.37 -88.73 -26.18
C ASN E 209 -11.43 -87.58 -25.85
N HIS E 210 -10.57 -87.22 -26.81
CA HIS E 210 -9.61 -86.14 -26.63
C HIS E 210 -10.18 -84.88 -27.27
N LYS E 211 -10.66 -83.96 -26.43
CA LYS E 211 -11.29 -82.74 -26.93
C LYS E 211 -10.34 -81.85 -27.71
N PRO E 212 -9.12 -81.52 -27.23
CA PRO E 212 -8.29 -80.57 -27.98
C PRO E 212 -7.96 -81.00 -29.40
N SER E 213 -7.76 -82.30 -29.63
CA SER E 213 -7.43 -82.80 -30.96
C SER E 213 -8.63 -83.42 -31.66
N ASN E 214 -9.81 -83.41 -31.03
CA ASN E 214 -11.02 -83.98 -31.60
C ASN E 214 -10.80 -85.44 -32.02
N THR E 215 -10.32 -86.22 -31.05
CA THR E 215 -9.98 -87.62 -31.26
C THR E 215 -11.03 -88.50 -30.62
N LYS E 216 -11.55 -89.47 -31.40
CA LYS E 216 -12.58 -90.40 -30.94
C LYS E 216 -12.17 -91.79 -31.39
N VAL E 217 -11.49 -92.52 -30.52
CA VAL E 217 -11.00 -93.87 -30.81
C VAL E 217 -11.56 -94.82 -29.76
N ASP E 218 -12.13 -95.92 -30.22
CA ASP E 218 -12.68 -96.95 -29.34
C ASP E 218 -12.02 -98.29 -29.66
N LYS E 219 -11.57 -98.99 -28.62
CA LYS E 219 -10.89 -100.26 -28.77
C LYS E 219 -11.55 -101.29 -27.86
N LYS E 220 -11.86 -102.45 -28.43
CA LYS E 220 -12.41 -103.57 -27.66
C LYS E 220 -11.28 -104.42 -27.11
N VAL E 221 -11.48 -104.95 -25.90
CA VAL E 221 -10.48 -105.83 -25.30
C VAL E 221 -10.28 -107.06 -26.16
N GLU E 222 -9.05 -107.53 -26.25
CA GLU E 222 -8.70 -108.65 -27.12
C GLU E 222 -8.29 -109.85 -26.27
N PRO E 223 -9.18 -110.82 -26.05
CA PRO E 223 -8.79 -112.03 -25.30
C PRO E 223 -7.72 -112.82 -26.05
N LYS E 224 -6.76 -113.35 -25.30
CA LYS E 224 -5.67 -114.11 -25.90
C LYS E 224 -5.36 -115.35 -25.06
N VAL F 2 33.98 -58.80 -22.32
CA VAL F 2 32.84 -58.06 -22.85
C VAL F 2 32.06 -58.94 -23.82
N GLN F 3 30.76 -59.07 -23.57
CA GLN F 3 29.91 -59.91 -24.40
C GLN F 3 28.47 -59.44 -24.30
N LEU F 4 27.71 -59.67 -25.37
CA LEU F 4 26.28 -59.38 -25.42
C LEU F 4 25.56 -60.56 -26.05
N VAL F 5 24.50 -61.03 -25.41
CA VAL F 5 23.74 -62.18 -25.88
C VAL F 5 22.27 -61.80 -25.97
N GLU F 6 21.66 -62.06 -27.12
CA GLU F 6 20.24 -61.84 -27.34
C GLU F 6 19.49 -63.17 -27.32
N SER F 7 18.25 -63.13 -26.87
CA SER F 7 17.42 -64.33 -26.81
C SER F 7 15.96 -63.91 -26.76
N GLY F 8 15.08 -64.87 -27.01
CA GLY F 8 13.65 -64.65 -26.99
C GLY F 8 12.98 -64.58 -28.34
N GLY F 9 13.73 -64.78 -29.43
CA GLY F 9 13.13 -64.74 -30.75
C GLY F 9 12.33 -65.99 -31.07
N GLY F 10 11.59 -65.90 -32.16
CA GLY F 10 10.78 -67.02 -32.60
C GLY F 10 9.69 -66.56 -33.53
N VAL F 11 8.82 -67.52 -33.88
CA VAL F 11 7.70 -67.27 -34.78
C VAL F 11 6.49 -66.84 -33.96
N VAL F 12 5.74 -65.88 -34.50
CA VAL F 12 4.55 -65.35 -33.83
C VAL F 12 3.54 -64.95 -34.89
N GLN F 13 2.26 -65.15 -34.58
CA GLN F 13 1.20 -64.79 -35.50
C GLN F 13 1.03 -63.27 -35.55
N PRO F 14 0.56 -62.73 -36.69
CA PRO F 14 0.39 -61.28 -36.79
C PRO F 14 -0.61 -60.76 -35.77
N GLY F 15 -0.32 -59.57 -35.24
CA GLY F 15 -1.17 -58.93 -34.26
C GLY F 15 -0.90 -59.29 -32.82
N ARG F 16 0.05 -60.19 -32.55
CA ARG F 16 0.36 -60.62 -31.21
C ARG F 16 1.61 -59.93 -30.70
N SER F 17 2.06 -60.31 -29.51
CA SER F 17 3.14 -59.62 -28.80
C SER F 17 4.27 -60.58 -28.47
N LEU F 18 5.44 -60.00 -28.24
CA LEU F 18 6.65 -60.77 -27.94
C LEU F 18 7.59 -59.89 -27.14
N ARG F 19 8.56 -60.52 -26.47
CA ARG F 19 9.56 -59.78 -25.71
C ARG F 19 10.93 -60.38 -25.95
N LEU F 20 11.91 -59.52 -26.22
CA LEU F 20 13.30 -59.91 -26.40
C LEU F 20 14.14 -59.34 -25.27
N SER F 21 15.14 -60.12 -24.85
CA SER F 21 16.02 -59.72 -23.77
C SER F 21 17.48 -59.78 -24.21
N CYS F 22 18.24 -58.77 -23.84
CA CYS F 22 19.66 -58.66 -24.16
C CYS F 22 20.46 -58.63 -22.87
N ALA F 23 21.43 -59.55 -22.75
CA ALA F 23 22.20 -59.72 -21.52
C ALA F 23 23.63 -59.25 -21.73
N ALA F 24 24.13 -58.45 -20.79
CA ALA F 24 25.48 -57.91 -20.84
C ALA F 24 26.29 -58.44 -19.67
N SER F 25 27.60 -58.50 -19.84
CA SER F 25 28.47 -59.08 -18.82
C SER F 25 29.90 -58.59 -19.02
N GLU F 26 30.72 -58.80 -17.98
CA GLU F 26 32.12 -58.36 -17.89
C GLU F 26 32.27 -56.84 -18.08
N PHE F 27 31.22 -56.06 -17.84
CA PHE F 27 31.38 -54.62 -17.79
C PHE F 27 30.21 -54.03 -17.02
N THR F 28 30.38 -52.77 -16.62
CA THR F 28 29.35 -52.06 -15.84
C THR F 28 28.18 -51.72 -16.75
N PHE F 29 27.12 -52.51 -16.68
CA PHE F 29 25.96 -52.28 -17.53
C PHE F 29 25.23 -50.99 -17.16
N SER F 30 25.36 -50.54 -15.91
CA SER F 30 24.54 -49.43 -15.42
C SER F 30 25.06 -48.06 -15.85
N SER F 31 26.20 -47.99 -16.52
CA SER F 31 26.78 -46.72 -16.92
C SER F 31 26.87 -46.55 -18.43
N PHE F 32 26.09 -47.28 -19.21
CA PHE F 32 26.14 -47.21 -20.66
C PHE F 32 24.74 -47.11 -21.24
N ALA F 33 24.63 -46.42 -22.37
CA ALA F 33 23.40 -46.37 -23.14
C ALA F 33 23.38 -47.49 -24.16
N MET F 34 22.18 -47.94 -24.53
CA MET F 34 22.04 -49.10 -25.39
C MET F 34 21.15 -48.80 -26.59
N HIS F 35 21.43 -49.52 -27.68
CA HIS F 35 20.75 -49.39 -28.95
C HIS F 35 20.09 -50.72 -29.34
N TRP F 36 18.89 -50.63 -29.89
CA TRP F 36 18.25 -51.76 -30.56
C TRP F 36 18.19 -51.44 -32.05
N VAL F 37 18.75 -52.35 -32.86
CA VAL F 37 18.83 -52.19 -34.31
C VAL F 37 18.22 -53.43 -34.94
N ARG F 38 17.82 -53.33 -36.21
CA ARG F 38 17.30 -54.48 -36.92
C ARG F 38 17.71 -54.43 -38.38
N GLN F 39 17.77 -55.61 -39.00
CA GLN F 39 18.09 -55.74 -40.42
C GLN F 39 17.08 -56.69 -41.06
N ALA F 40 16.29 -56.17 -41.98
CA ALA F 40 15.35 -56.98 -42.73
C ALA F 40 16.08 -57.81 -43.78
N PRO F 41 15.51 -58.96 -44.17
CA PRO F 41 16.16 -59.79 -45.20
C PRO F 41 16.29 -59.03 -46.52
N GLY F 42 17.49 -59.08 -47.09
CA GLY F 42 17.74 -58.43 -48.36
C GLY F 42 17.73 -56.91 -48.31
N LYS F 43 17.89 -56.32 -47.13
CA LYS F 43 17.87 -54.87 -46.99
C LYS F 43 18.96 -54.45 -46.01
N GLY F 44 19.32 -53.17 -46.08
CA GLY F 44 20.31 -52.62 -45.18
C GLY F 44 19.77 -52.47 -43.77
N LEU F 45 20.70 -52.25 -42.83
CA LEU F 45 20.34 -52.14 -41.43
C LEU F 45 19.49 -50.91 -41.17
N GLU F 46 18.64 -50.99 -40.15
CA GLU F 46 17.75 -49.90 -39.78
C GLU F 46 17.77 -49.72 -38.27
N TRP F 47 17.98 -48.47 -37.84
CA TRP F 47 17.96 -48.15 -36.42
C TRP F 47 16.53 -48.22 -35.89
N VAL F 48 16.38 -48.71 -34.66
CA VAL F 48 15.07 -48.92 -34.05
C VAL F 48 14.89 -48.05 -32.80
N ALA F 49 15.72 -48.26 -31.78
CA ALA F 49 15.47 -47.60 -30.51
C ALA F 49 16.76 -47.33 -29.74
N LEU F 50 16.67 -46.38 -28.81
CA LEU F 50 17.78 -45.97 -27.96
C LEU F 50 17.28 -45.76 -26.54
N ILE F 51 18.07 -46.21 -25.56
CA ILE F 51 17.79 -45.96 -24.16
C ILE F 51 19.06 -45.50 -23.47
N SER F 52 18.91 -44.56 -22.53
CA SER F 52 20.03 -43.96 -21.82
C SER F 52 20.45 -44.83 -20.65
N TYR F 53 21.54 -44.43 -19.98
CA TYR F 53 22.10 -45.26 -18.92
C TYR F 53 21.27 -45.20 -17.64
N ASP F 54 20.47 -44.15 -17.46
CA ASP F 54 19.61 -44.06 -16.30
C ASP F 54 18.17 -44.46 -16.59
N GLY F 55 17.75 -44.42 -17.85
CA GLY F 55 16.43 -44.86 -18.25
C GLY F 55 15.40 -43.76 -18.44
N SER F 56 15.74 -42.50 -18.18
CA SER F 56 14.78 -41.43 -18.38
C SER F 56 14.57 -41.12 -19.86
N ASN F 57 15.65 -41.09 -20.63
CA ASN F 57 15.58 -40.73 -22.05
C ASN F 57 15.39 -41.98 -22.90
N LYS F 58 14.35 -41.98 -23.71
CA LYS F 58 14.08 -43.06 -24.65
C LYS F 58 13.75 -42.47 -26.02
N TYR F 59 14.36 -43.03 -27.05
CA TYR F 59 14.17 -42.56 -28.42
C TYR F 59 13.70 -43.72 -29.28
N TYR F 60 12.71 -43.45 -30.13
CA TYR F 60 12.15 -44.48 -31.01
C TYR F 60 12.16 -43.97 -32.44
N ALA F 61 12.25 -44.92 -33.38
CA ALA F 61 12.09 -44.60 -34.79
C ALA F 61 10.61 -44.34 -35.10
N ASP F 62 10.37 -43.59 -36.17
CA ASP F 62 9.00 -43.21 -36.52
C ASP F 62 8.18 -44.43 -36.90
N SER F 63 8.77 -45.38 -37.62
CA SER F 63 8.02 -46.53 -38.11
C SER F 63 7.65 -47.50 -37.01
N VAL F 64 8.24 -47.38 -35.83
CA VAL F 64 7.96 -48.28 -34.72
C VAL F 64 7.46 -47.52 -33.49
N LYS F 65 6.94 -46.31 -33.68
CA LYS F 65 6.42 -45.54 -32.57
C LYS F 65 5.05 -46.06 -32.15
N GLY F 66 4.82 -46.09 -30.83
CA GLY F 66 3.54 -46.48 -30.29
C GLY F 66 3.30 -47.97 -30.18
N ARG F 67 4.24 -48.80 -30.64
CA ARG F 67 4.10 -50.24 -30.57
C ARG F 67 5.22 -50.93 -29.81
N PHE F 68 6.44 -50.41 -29.87
CA PHE F 68 7.59 -51.02 -29.22
C PHE F 68 7.96 -50.25 -27.97
N THR F 69 8.30 -50.97 -26.90
CA THR F 69 8.69 -50.37 -25.63
C THR F 69 10.07 -50.90 -25.25
N ILE F 70 10.96 -49.99 -24.85
CA ILE F 70 12.32 -50.36 -24.47
C ILE F 70 12.49 -50.08 -22.98
N SER F 71 13.18 -50.99 -22.30
CA SER F 71 13.37 -50.87 -20.86
C SER F 71 14.66 -51.58 -20.47
N ARG F 72 15.08 -51.37 -19.23
CA ARG F 72 16.31 -51.98 -18.74
C ARG F 72 16.17 -52.31 -17.26
N ASP F 73 17.00 -53.25 -16.82
CA ASP F 73 17.10 -53.64 -15.42
C ASP F 73 18.58 -53.70 -15.07
N ASN F 74 19.05 -52.71 -14.31
CA ASN F 74 20.47 -52.63 -13.98
C ASN F 74 20.90 -53.71 -13.00
N SER F 75 20.01 -54.07 -12.06
CA SER F 75 20.36 -55.09 -11.08
C SER F 75 20.57 -56.45 -11.74
N LYS F 76 19.73 -56.81 -12.69
CA LYS F 76 19.86 -58.06 -13.42
C LYS F 76 20.72 -57.93 -14.67
N ASN F 77 21.18 -56.73 -15.00
CA ASN F 77 22.03 -56.48 -16.17
C ASN F 77 21.34 -56.92 -17.46
N THR F 78 20.10 -56.48 -17.64
CA THR F 78 19.29 -56.93 -18.77
C THR F 78 18.66 -55.74 -19.49
N LEU F 79 18.41 -55.94 -20.78
CA LEU F 79 17.75 -54.95 -21.63
C LEU F 79 16.58 -55.63 -22.32
N TYR F 80 15.40 -55.02 -22.23
CA TYR F 80 14.16 -55.62 -22.70
C TYR F 80 13.53 -54.78 -23.80
N LEU F 81 13.04 -55.45 -24.84
CA LEU F 81 12.24 -54.83 -25.88
C LEU F 81 10.93 -55.59 -26.01
N GLN F 82 9.81 -54.88 -25.83
CA GLN F 82 8.48 -55.45 -25.93
C GLN F 82 7.83 -54.99 -27.22
N MET F 83 7.31 -55.93 -28.00
CA MET F 83 6.73 -55.66 -29.31
C MET F 83 5.27 -56.08 -29.30
N ASN F 84 4.39 -55.15 -29.68
CA ASN F 84 2.96 -55.38 -29.70
C ASN F 84 2.40 -55.04 -31.07
N SER F 85 1.30 -55.72 -31.44
CA SER F 85 0.63 -55.51 -32.72
C SER F 85 1.60 -55.68 -33.88
N LEU F 86 2.31 -56.81 -33.87
CA LEU F 86 3.30 -57.08 -34.90
C LEU F 86 2.64 -57.23 -36.26
N ARG F 87 3.32 -56.74 -37.29
CA ARG F 87 2.80 -56.81 -38.65
C ARG F 87 3.81 -57.44 -39.59
N ALA F 88 3.52 -57.41 -40.89
CA ALA F 88 4.28 -58.21 -41.86
C ALA F 88 5.72 -57.72 -42.02
N GLU F 89 5.97 -56.43 -41.80
CA GLU F 89 7.30 -55.88 -42.05
C GLU F 89 8.25 -56.01 -40.86
N ASP F 90 7.82 -56.66 -39.77
CA ASP F 90 8.68 -56.78 -38.60
C ASP F 90 9.62 -57.98 -38.66
N THR F 91 9.54 -58.80 -39.70
CA THR F 91 10.42 -59.94 -39.84
C THR F 91 11.83 -59.47 -40.19
N ALA F 92 12.77 -59.67 -39.29
CA ALA F 92 14.13 -59.18 -39.46
C ALA F 92 15.04 -59.88 -38.46
N VAL F 93 16.29 -59.42 -38.36
CA VAL F 93 17.25 -59.89 -37.36
C VAL F 93 17.57 -58.71 -36.45
N TYR F 94 17.43 -58.92 -35.14
CA TYR F 94 17.53 -57.84 -34.17
C TYR F 94 18.86 -57.90 -33.44
N TYR F 95 19.49 -56.73 -33.29
CA TYR F 95 20.83 -56.58 -32.74
C TYR F 95 20.79 -55.64 -31.55
N CYS F 96 21.56 -56.00 -30.51
CA CYS F 96 21.68 -55.22 -29.29
C CYS F 96 23.09 -54.64 -29.25
N ALA F 97 23.19 -53.30 -29.17
CA ALA F 97 24.46 -52.62 -29.28
C ALA F 97 24.67 -51.70 -28.08
N ARG F 98 25.95 -51.39 -27.81
CA ARG F 98 26.35 -50.60 -26.66
C ARG F 98 27.05 -49.32 -27.11
N VAL F 99 26.70 -48.21 -26.46
CA VAL F 99 27.30 -46.92 -26.78
C VAL F 99 28.76 -46.91 -26.33
N SER F 100 29.61 -46.23 -27.11
CA SER F 100 31.05 -46.25 -26.86
C SER F 100 31.41 -45.62 -25.53
N TYR F 101 30.79 -44.47 -25.20
CA TYR F 101 31.33 -43.80 -24.02
C TYR F 101 30.41 -43.97 -22.83
N PRO F 102 30.97 -44.03 -21.62
CA PRO F 102 30.14 -44.16 -20.41
C PRO F 102 29.78 -42.82 -19.80
N LEU F 103 28.65 -42.82 -19.10
CA LEU F 103 28.17 -41.64 -18.37
C LEU F 103 28.05 -40.42 -19.28
N THR F 104 27.60 -40.65 -20.51
CA THR F 104 27.41 -39.59 -21.49
C THR F 104 26.01 -39.69 -22.06
N LYS F 105 25.42 -38.55 -22.38
CA LYS F 105 24.07 -38.50 -22.92
C LYS F 105 23.99 -37.75 -24.25
N TYR F 106 25.12 -37.50 -24.90
CA TYR F 106 25.12 -36.72 -26.14
C TYR F 106 26.12 -37.25 -27.15
N TYR F 107 26.35 -38.57 -27.19
CA TYR F 107 27.29 -39.16 -28.14
C TYR F 107 26.62 -40.03 -29.20
N TYR F 108 25.85 -41.03 -28.78
CA TYR F 108 25.06 -41.87 -29.70
C TYR F 108 25.96 -42.67 -30.65
N GLY F 109 27.06 -43.21 -30.14
CA GLY F 109 27.96 -43.99 -30.97
C GLY F 109 28.23 -45.38 -30.42
N MET F 110 28.00 -46.40 -31.24
CA MET F 110 28.05 -47.79 -30.81
C MET F 110 29.36 -48.45 -31.24
N ASP F 111 29.86 -49.38 -30.40
CA ASP F 111 31.12 -50.05 -30.69
C ASP F 111 31.05 -51.56 -30.51
N VAL F 112 30.14 -52.05 -29.67
CA VAL F 112 30.04 -53.48 -29.36
C VAL F 112 28.66 -53.95 -29.76
N TRP F 113 28.60 -55.03 -30.54
CA TRP F 113 27.37 -55.58 -31.07
C TRP F 113 27.09 -56.94 -30.44
N GLY F 114 26.04 -57.60 -30.93
CA GLY F 114 25.70 -58.94 -30.48
C GLY F 114 25.45 -59.86 -31.66
N GLN F 115 25.23 -61.13 -31.34
CA GLN F 115 25.00 -62.13 -32.39
C GLN F 115 23.69 -61.90 -33.11
N GLY F 116 22.62 -61.64 -32.35
CA GLY F 116 21.33 -61.34 -32.94
C GLY F 116 20.35 -62.50 -32.83
N THR F 117 19.07 -62.16 -32.95
CA THR F 117 17.98 -63.14 -32.93
C THR F 117 17.06 -62.87 -34.10
N THR F 118 16.30 -63.91 -34.48
CA THR F 118 15.40 -63.85 -35.63
C THR F 118 13.95 -63.88 -35.15
N VAL F 119 13.14 -62.97 -35.68
CA VAL F 119 11.71 -62.90 -35.38
C VAL F 119 10.95 -63.07 -36.69
N THR F 120 10.04 -64.04 -36.73
CA THR F 120 9.27 -64.33 -37.93
C THR F 120 7.80 -64.07 -37.65
N VAL F 121 7.18 -63.23 -38.49
CA VAL F 121 5.76 -62.93 -38.37
C VAL F 121 4.99 -63.71 -39.42
N SER F 122 4.50 -64.89 -39.06
CA SER F 122 3.78 -65.73 -40.00
C SER F 122 2.71 -66.51 -39.25
N SER F 123 1.69 -66.93 -39.98
CA SER F 123 0.55 -67.66 -39.43
C SER F 123 0.45 -69.06 -40.02
N ALA F 124 1.60 -69.73 -40.16
CA ALA F 124 1.64 -71.08 -40.70
C ALA F 124 1.57 -72.09 -39.56
N SER F 125 1.63 -73.37 -39.94
CA SER F 125 1.56 -74.47 -38.99
C SER F 125 2.87 -75.23 -38.97
N THR F 126 3.34 -75.58 -37.77
CA THR F 126 4.57 -76.33 -37.63
C THR F 126 4.45 -77.70 -38.28
N LYS F 127 5.46 -78.07 -39.07
CA LYS F 127 5.44 -79.33 -39.79
C LYS F 127 6.83 -79.98 -39.70
N GLY F 128 6.86 -81.29 -39.95
CA GLY F 128 8.10 -82.04 -39.93
C GLY F 128 8.64 -82.27 -41.32
N PRO F 129 9.96 -82.42 -41.43
CA PRO F 129 10.57 -82.66 -42.73
C PRO F 129 10.22 -84.03 -43.29
N SER F 130 10.37 -84.16 -44.60
CA SER F 130 10.17 -85.42 -45.31
C SER F 130 11.40 -85.65 -46.20
N VAL F 131 12.23 -86.60 -45.81
CA VAL F 131 13.50 -86.84 -46.50
C VAL F 131 13.25 -87.76 -47.70
N PHE F 132 14.03 -87.53 -48.75
CA PHE F 132 14.00 -88.38 -49.94
C PHE F 132 15.42 -88.49 -50.51
N PRO F 133 15.97 -89.69 -50.62
CA PRO F 133 17.34 -89.83 -51.12
C PRO F 133 17.42 -89.57 -52.61
N LEU F 134 18.58 -89.08 -53.03
CA LEU F 134 18.89 -88.85 -54.44
C LEU F 134 19.74 -90.03 -54.90
N ALA F 135 19.09 -91.00 -55.55
CA ALA F 135 19.77 -92.23 -55.93
C ALA F 135 20.83 -91.95 -56.99
N PRO F 136 22.07 -92.39 -56.79
CA PRO F 136 23.09 -92.20 -57.83
C PRO F 136 22.77 -93.01 -59.07
N SER F 137 23.25 -92.51 -60.20
CA SER F 137 23.03 -93.15 -61.50
C SER F 137 24.34 -93.19 -62.27
N SER F 138 24.28 -93.84 -63.44
CA SER F 138 25.45 -93.88 -64.32
C SER F 138 25.85 -92.50 -64.82
N LYS F 139 24.91 -91.55 -64.83
CA LYS F 139 25.23 -90.18 -65.22
C LYS F 139 25.89 -89.39 -64.10
N SER F 140 25.78 -89.85 -62.85
CA SER F 140 26.31 -89.12 -61.71
C SER F 140 27.78 -89.41 -61.42
N THR F 141 28.40 -90.33 -62.15
CA THR F 141 29.81 -90.64 -61.94
C THR F 141 30.66 -89.90 -62.97
N SER F 142 31.84 -89.46 -62.53
CA SER F 142 32.76 -88.73 -63.41
C SER F 142 34.16 -88.82 -62.80
N GLY F 143 35.09 -89.42 -63.54
CA GLY F 143 36.46 -89.52 -63.08
C GLY F 143 36.63 -90.33 -61.81
N GLY F 144 35.86 -91.41 -61.67
CA GLY F 144 35.96 -92.27 -60.51
C GLY F 144 35.24 -91.78 -59.27
N THR F 145 34.51 -90.67 -59.36
CA THR F 145 33.77 -90.11 -58.23
C THR F 145 32.31 -89.91 -58.62
N ALA F 146 31.42 -90.15 -57.67
CA ALA F 146 29.98 -90.02 -57.88
C ALA F 146 29.37 -89.22 -56.74
N ALA F 147 28.28 -88.55 -57.03
CA ALA F 147 27.58 -87.71 -56.07
C ALA F 147 26.28 -88.39 -55.64
N LEU F 148 25.91 -88.15 -54.38
CA LEU F 148 24.67 -88.70 -53.82
C LEU F 148 24.23 -87.80 -52.68
N GLY F 149 22.92 -87.76 -52.46
CA GLY F 149 22.39 -86.89 -51.44
C GLY F 149 20.95 -87.24 -51.12
N CYS F 150 20.37 -86.42 -50.24
CA CYS F 150 18.98 -86.57 -49.85
C CYS F 150 18.33 -85.19 -49.81
N LEU F 151 17.10 -85.09 -50.30
CA LEU F 151 16.44 -83.79 -50.38
C LEU F 151 15.39 -83.57 -49.31
N VAL F 152 15.77 -82.92 -48.22
CA VAL F 152 14.79 -82.60 -47.19
C VAL F 152 13.78 -81.68 -47.84
N LYS F 153 12.50 -81.91 -47.57
CA LYS F 153 11.48 -81.12 -48.26
C LYS F 153 10.27 -80.78 -47.44
N ASP F 154 9.83 -79.53 -47.48
CA ASP F 154 8.60 -79.11 -46.80
C ASP F 154 8.61 -79.08 -45.29
N TYR F 155 8.84 -77.89 -44.72
CA TYR F 155 8.73 -77.74 -43.28
C TYR F 155 8.66 -76.24 -42.98
N PHE F 156 7.84 -75.86 -42.01
CA PHE F 156 7.72 -74.43 -41.72
C PHE F 156 8.89 -73.91 -40.87
N PRO F 157 9.22 -74.54 -39.72
CA PRO F 157 10.35 -74.03 -38.94
C PRO F 157 11.67 -74.14 -39.69
N GLU F 158 12.24 -72.99 -40.07
CA GLU F 158 13.39 -72.98 -40.96
C GLU F 158 14.61 -73.73 -40.44
N PRO F 159 15.05 -73.53 -39.17
CA PRO F 159 16.31 -74.18 -38.75
C PRO F 159 16.24 -75.70 -38.77
N VAL F 160 17.00 -76.31 -39.68
CA VAL F 160 17.10 -77.76 -39.79
C VAL F 160 18.57 -78.11 -39.95
N THR F 161 19.05 -79.04 -39.14
CA THR F 161 20.44 -79.48 -39.18
C THR F 161 20.56 -80.79 -39.97
N VAL F 162 21.53 -80.84 -40.87
CA VAL F 162 21.77 -82.00 -41.72
C VAL F 162 23.22 -82.43 -41.53
N SER F 163 23.43 -83.72 -41.30
CA SER F 163 24.76 -84.27 -41.16
C SER F 163 24.77 -85.68 -41.75
N TRP F 164 25.97 -86.16 -42.09
CA TRP F 164 26.14 -87.44 -42.76
C TRP F 164 27.04 -88.34 -41.92
N ASN F 165 26.61 -89.60 -41.77
CA ASN F 165 27.37 -90.61 -41.02
C ASN F 165 27.70 -90.14 -39.61
N SER F 166 26.70 -89.52 -38.96
CA SER F 166 26.84 -89.00 -37.60
C SER F 166 27.99 -87.99 -37.50
N GLY F 167 28.16 -87.20 -38.57
CA GLY F 167 29.19 -86.18 -38.61
C GLY F 167 30.57 -86.67 -39.04
N ALA F 168 30.73 -87.97 -39.28
CA ALA F 168 32.03 -88.48 -39.71
C ALA F 168 32.41 -87.97 -41.09
N LEU F 169 31.45 -87.96 -42.01
CA LEU F 169 31.71 -87.56 -43.40
C LEU F 169 31.39 -86.08 -43.55
N THR F 170 32.44 -85.25 -43.56
CA THR F 170 32.29 -83.81 -43.75
C THR F 170 33.20 -83.29 -44.86
N SER F 171 33.65 -84.16 -45.76
CA SER F 171 34.51 -83.78 -46.87
C SER F 171 33.75 -83.99 -48.18
N GLY F 172 33.68 -82.93 -48.99
CA GLY F 172 32.94 -82.98 -50.23
C GLY F 172 31.43 -82.82 -50.09
N VAL F 173 30.95 -82.45 -48.91
CA VAL F 173 29.51 -82.30 -48.67
C VAL F 173 29.16 -80.81 -48.71
N HIS F 174 28.05 -80.49 -49.37
CA HIS F 174 27.57 -79.12 -49.48
C HIS F 174 26.11 -79.08 -49.08
N THR F 175 25.76 -78.15 -48.19
CA THR F 175 24.39 -77.94 -47.76
C THR F 175 23.93 -76.57 -48.25
N PHE F 176 23.02 -76.57 -49.21
CA PHE F 176 22.56 -75.35 -49.84
C PHE F 176 21.55 -74.62 -48.94
N PRO F 177 21.47 -73.30 -49.03
CA PRO F 177 20.53 -72.55 -48.21
C PRO F 177 19.08 -72.96 -48.50
N ALA F 178 18.27 -72.95 -47.46
CA ALA F 178 16.85 -73.26 -47.62
C ALA F 178 16.16 -72.17 -48.44
N VAL F 179 15.33 -72.59 -49.39
CA VAL F 179 14.63 -71.69 -50.28
C VAL F 179 13.12 -71.85 -50.07
N LEU F 180 12.42 -70.72 -50.05
CA LEU F 180 10.98 -70.76 -49.88
C LEU F 180 10.31 -71.20 -51.18
N GLN F 181 9.21 -71.93 -51.05
CA GLN F 181 8.44 -72.39 -52.20
C GLN F 181 7.17 -71.55 -52.35
N SER F 182 6.37 -71.90 -53.36
CA SER F 182 5.11 -71.20 -53.59
C SER F 182 4.14 -71.42 -52.43
N SER F 183 4.11 -72.63 -51.89
CA SER F 183 3.22 -72.95 -50.77
C SER F 183 3.64 -72.28 -49.47
N GLY F 184 4.84 -71.72 -49.40
CA GLY F 184 5.28 -71.01 -48.22
C GLY F 184 6.06 -71.84 -47.22
N LEU F 185 6.54 -73.01 -47.61
CA LEU F 185 7.30 -73.88 -46.72
C LEU F 185 8.69 -74.14 -47.31
N TYR F 186 9.70 -74.07 -46.45
CA TYR F 186 11.08 -74.17 -46.89
C TYR F 186 11.44 -75.59 -47.30
N SER F 187 12.48 -75.68 -48.13
CA SER F 187 13.01 -76.98 -48.57
C SER F 187 14.41 -76.74 -49.13
N LEU F 188 15.34 -77.59 -48.75
CA LEU F 188 16.74 -77.47 -49.18
C LEU F 188 17.25 -78.83 -49.61
N SER F 189 18.51 -78.87 -50.04
CA SER F 189 19.16 -80.07 -50.50
C SER F 189 20.52 -80.21 -49.84
N SER F 190 21.01 -81.44 -49.79
CA SER F 190 22.34 -81.73 -49.24
C SER F 190 22.94 -82.87 -50.05
N VAL F 191 24.05 -82.59 -50.74
CA VAL F 191 24.69 -83.55 -51.63
C VAL F 191 26.16 -83.68 -51.24
N VAL F 192 26.65 -84.91 -51.22
CA VAL F 192 28.05 -85.20 -50.94
C VAL F 192 28.56 -86.15 -52.01
N THR F 193 29.76 -85.89 -52.52
CA THR F 193 30.37 -86.70 -53.56
C THR F 193 31.29 -87.75 -52.94
N VAL F 194 31.27 -88.95 -53.51
CA VAL F 194 32.08 -90.06 -53.03
C VAL F 194 32.73 -90.74 -54.22
N PRO F 195 33.86 -91.42 -54.00
CA PRO F 195 34.47 -92.19 -55.08
C PRO F 195 33.52 -93.25 -55.62
N SER F 196 33.59 -93.48 -56.93
CA SER F 196 32.71 -94.46 -57.56
C SER F 196 33.03 -95.89 -57.10
N SER F 197 34.27 -96.13 -56.70
CA SER F 197 34.64 -97.46 -56.23
C SER F 197 33.95 -97.81 -54.92
N SER F 198 33.71 -96.82 -54.07
CA SER F 198 33.11 -97.05 -52.76
C SER F 198 31.60 -97.29 -52.83
N LEU F 199 30.99 -97.11 -54.00
CA LEU F 199 29.56 -97.34 -54.13
C LEU F 199 29.23 -98.81 -53.89
N GLY F 200 28.24 -99.05 -53.04
CA GLY F 200 27.84 -100.41 -52.70
C GLY F 200 28.71 -101.10 -51.67
N THR F 201 29.74 -100.43 -51.16
CA THR F 201 30.65 -101.03 -50.18
C THR F 201 30.61 -100.37 -48.82
N GLN F 202 30.32 -99.07 -48.76
CA GLN F 202 30.25 -98.35 -47.50
C GLN F 202 28.81 -97.91 -47.23
N THR F 203 28.59 -97.36 -46.04
CA THR F 203 27.28 -96.92 -45.60
C THR F 203 27.25 -95.40 -45.53
N TYR F 204 26.29 -94.79 -46.22
CA TYR F 204 26.06 -93.36 -46.17
C TYR F 204 24.60 -93.12 -45.78
N ILE F 205 24.39 -92.33 -44.73
CA ILE F 205 23.06 -92.07 -44.21
C ILE F 205 22.90 -90.57 -44.00
N CYS F 206 21.65 -90.12 -43.97
CA CYS F 206 21.32 -88.73 -43.70
C CYS F 206 20.83 -88.59 -42.27
N ASN F 207 21.50 -87.76 -41.49
CA ASN F 207 21.13 -87.51 -40.10
C ASN F 207 20.43 -86.15 -40.06
N VAL F 208 19.12 -86.17 -40.30
CA VAL F 208 18.30 -84.97 -40.32
C VAL F 208 17.68 -84.79 -38.93
N ASN F 209 18.01 -83.68 -38.27
CA ASN F 209 17.54 -83.41 -36.92
C ASN F 209 16.74 -82.11 -36.96
N HIS F 210 15.49 -82.17 -36.53
CA HIS F 210 14.60 -81.01 -36.50
C HIS F 210 14.21 -80.74 -35.05
N LYS F 211 14.52 -79.53 -34.57
CA LYS F 211 14.27 -79.21 -33.18
C LYS F 211 12.81 -78.94 -32.86
N PRO F 212 12.12 -77.99 -33.51
CA PRO F 212 10.78 -77.60 -33.00
C PRO F 212 9.77 -78.73 -32.98
N SER F 213 9.80 -79.62 -33.96
CA SER F 213 8.82 -80.69 -34.05
C SER F 213 9.30 -82.01 -33.46
N ASN F 214 10.53 -82.06 -32.94
CA ASN F 214 11.12 -83.27 -32.39
C ASN F 214 11.05 -84.42 -33.40
N THR F 215 11.71 -84.20 -34.53
CA THR F 215 11.64 -85.10 -35.67
C THR F 215 12.90 -85.97 -35.72
N LYS F 216 12.72 -87.28 -35.79
CA LYS F 216 13.81 -88.27 -35.82
C LYS F 216 13.65 -89.12 -37.07
N VAL F 217 14.22 -88.66 -38.19
CA VAL F 217 14.17 -89.39 -39.45
C VAL F 217 15.59 -89.51 -39.98
N ASP F 218 15.97 -90.74 -40.36
CA ASP F 218 17.27 -91.02 -40.96
C ASP F 218 17.04 -91.88 -42.20
N LYS F 219 17.75 -91.58 -43.28
CA LYS F 219 17.61 -92.29 -44.54
C LYS F 219 18.98 -92.66 -45.07
N LYS F 220 19.12 -93.91 -45.51
CA LYS F 220 20.35 -94.40 -46.12
C LYS F 220 20.30 -94.21 -47.63
N VAL F 221 21.47 -93.95 -48.22
CA VAL F 221 21.56 -93.81 -49.67
C VAL F 221 21.10 -95.11 -50.33
N GLU F 222 20.34 -94.98 -51.42
CA GLU F 222 19.74 -96.13 -52.09
C GLU F 222 20.35 -96.29 -53.47
N PRO F 223 21.33 -97.19 -53.66
CA PRO F 223 21.86 -97.44 -55.00
C PRO F 223 20.85 -98.19 -55.85
N LYS F 224 20.75 -97.80 -57.12
CA LYS F 224 19.83 -98.45 -58.05
C LYS F 224 20.49 -98.72 -59.39
N GLU G 1 -30.45 -38.19 -27.31
CA GLU G 1 -30.64 -39.37 -28.16
C GLU G 1 -32.01 -39.38 -28.80
N ILE G 2 -32.08 -38.90 -30.04
CA ILE G 2 -33.31 -38.88 -30.81
C ILE G 2 -33.42 -40.20 -31.58
N VAL G 3 -34.52 -40.91 -31.39
CA VAL G 3 -34.74 -42.20 -32.03
C VAL G 3 -35.46 -41.97 -33.34
N MET G 4 -34.88 -42.47 -34.43
CA MET G 4 -35.45 -42.34 -35.76
C MET G 4 -36.00 -43.69 -36.22
N THR G 5 -37.24 -43.69 -36.67
CA THR G 5 -37.93 -44.89 -37.15
C THR G 5 -38.19 -44.76 -38.64
N GLN G 6 -37.73 -45.74 -39.41
CA GLN G 6 -37.86 -45.73 -40.86
C GLN G 6 -38.74 -46.90 -41.29
N SER G 7 -39.70 -46.63 -42.17
CA SER G 7 -40.60 -47.64 -42.66
C SER G 7 -40.83 -47.43 -44.15
N PRO G 8 -41.12 -48.51 -44.90
CA PRO G 8 -41.07 -49.91 -44.46
C PRO G 8 -39.66 -50.50 -44.51
N ALA G 9 -39.45 -51.63 -43.85
CA ALA G 9 -38.13 -52.26 -43.86
C ALA G 9 -37.84 -52.95 -45.20
N PHE G 10 -38.83 -53.62 -45.77
CA PHE G 10 -38.68 -54.32 -47.03
C PHE G 10 -39.85 -53.99 -47.93
N MET G 11 -39.57 -53.69 -49.20
CA MET G 11 -40.61 -53.33 -50.15
C MET G 11 -40.34 -53.97 -51.50
N SER G 12 -41.40 -54.30 -52.21
CA SER G 12 -41.33 -54.76 -53.59
C SER G 12 -41.83 -53.66 -54.50
N ALA G 13 -41.08 -53.39 -55.57
CA ALA G 13 -41.34 -52.25 -56.44
C ALA G 13 -41.82 -52.75 -57.80
N THR G 14 -43.06 -52.41 -58.14
CA THR G 14 -43.55 -52.62 -59.48
C THR G 14 -43.07 -51.49 -60.37
N PRO G 15 -42.38 -51.77 -61.48
CA PRO G 15 -41.86 -50.69 -62.33
C PRO G 15 -42.97 -49.78 -62.83
N GLY G 16 -42.67 -48.48 -62.86
CA GLY G 16 -43.59 -47.46 -63.32
C GLY G 16 -44.42 -46.83 -62.22
N ASP G 17 -44.44 -47.41 -61.03
CA ASP G 17 -45.24 -46.90 -59.94
C ASP G 17 -44.42 -45.93 -59.09
N LYS G 18 -44.96 -45.54 -57.93
CA LYS G 18 -44.30 -44.61 -57.04
C LYS G 18 -44.10 -45.24 -55.67
N VAL G 19 -43.10 -44.74 -54.95
CA VAL G 19 -42.71 -45.27 -53.65
C VAL G 19 -42.60 -44.12 -52.66
N ASN G 20 -43.17 -44.31 -51.48
CA ASN G 20 -43.04 -43.39 -50.35
C ASN G 20 -42.34 -44.11 -49.21
N ILE G 21 -41.32 -43.48 -48.65
CA ILE G 21 -40.60 -44.00 -47.49
C ILE G 21 -40.71 -42.98 -46.36
N SER G 22 -41.11 -43.45 -45.18
CA SER G 22 -41.39 -42.58 -44.05
C SER G 22 -40.27 -42.65 -43.02
N CYS G 23 -39.76 -41.49 -42.64
CA CYS G 23 -38.77 -41.36 -41.57
C CYS G 23 -39.39 -40.46 -40.50
N LYS G 24 -39.43 -40.99 -39.28
CA LYS G 24 -40.03 -40.26 -38.18
C LYS G 24 -39.07 -40.07 -37.03
N ALA G 25 -39.26 -39.01 -36.27
CA ALA G 25 -38.40 -38.68 -35.16
C ALA G 25 -39.19 -38.60 -33.86
N SER G 26 -38.55 -39.00 -32.76
CA SER G 26 -39.21 -38.91 -31.46
C SER G 26 -39.28 -37.47 -30.97
N GLN G 27 -38.25 -36.68 -31.24
CA GLN G 27 -38.22 -35.27 -30.89
C GLN G 27 -38.52 -34.44 -32.13
N ASP G 28 -38.34 -33.12 -32.03
CA ASP G 28 -38.64 -32.20 -33.11
C ASP G 28 -37.35 -31.69 -33.71
N ILE G 29 -37.11 -31.99 -34.98
CA ILE G 29 -35.99 -31.47 -35.73
C ILE G 29 -36.53 -30.81 -36.99
N ALA G 30 -36.03 -29.63 -37.33
CA ALA G 30 -36.55 -28.83 -38.43
C ALA G 30 -35.52 -28.79 -39.55
N ASP G 31 -35.79 -29.55 -40.63
CA ASP G 31 -34.95 -29.54 -41.83
C ASP G 31 -33.51 -29.91 -41.51
N ASP G 32 -33.32 -30.84 -40.58
CA ASP G 32 -31.99 -31.25 -40.14
C ASP G 32 -31.74 -32.72 -40.42
N MET G 33 -32.17 -33.20 -41.59
CA MET G 33 -31.96 -34.59 -41.96
C MET G 33 -31.62 -34.69 -43.44
N ASN G 34 -30.88 -35.75 -43.77
CA ASN G 34 -30.45 -36.04 -45.13
C ASN G 34 -30.89 -37.44 -45.52
N TRP G 35 -31.07 -37.65 -46.82
CA TRP G 35 -31.43 -38.94 -47.39
C TRP G 35 -30.27 -39.44 -48.23
N TYR G 36 -29.81 -40.66 -47.93
CA TYR G 36 -28.68 -41.28 -48.61
C TYR G 36 -29.11 -42.60 -49.26
N GLN G 37 -28.46 -42.90 -50.39
CA GLN G 37 -28.65 -44.16 -51.10
C GLN G 37 -27.31 -44.87 -51.23
N GLN G 38 -27.30 -46.17 -50.94
CA GLN G 38 -26.10 -46.99 -51.04
C GLN G 38 -26.43 -48.29 -51.75
N LYS G 39 -25.80 -48.51 -52.90
CA LYS G 39 -25.91 -49.79 -53.57
C LYS G 39 -24.86 -50.76 -52.99
N PRO G 40 -25.17 -52.04 -52.93
CA PRO G 40 -24.23 -53.01 -52.35
C PRO G 40 -22.91 -53.03 -53.12
N GLY G 41 -21.81 -53.11 -52.38
CA GLY G 41 -20.49 -53.22 -52.96
C GLY G 41 -19.77 -51.91 -53.21
N GLU G 42 -20.45 -50.77 -53.07
CA GLU G 42 -19.82 -49.48 -53.30
C GLU G 42 -20.13 -48.54 -52.15
N ALA G 43 -19.73 -47.27 -52.31
CA ALA G 43 -19.95 -46.27 -51.28
C ALA G 43 -21.34 -45.64 -51.43
N ALA G 44 -21.76 -44.98 -50.36
CA ALA G 44 -23.06 -44.32 -50.34
C ALA G 44 -23.05 -43.07 -51.20
N ILE G 45 -24.25 -42.61 -51.58
CA ILE G 45 -24.43 -41.44 -52.42
C ILE G 45 -25.29 -40.43 -51.68
N PHE G 46 -24.87 -39.17 -51.72
CA PHE G 46 -25.60 -38.08 -51.09
C PHE G 46 -26.76 -37.65 -51.99
N ILE G 47 -27.99 -37.92 -51.56
CA ILE G 47 -29.16 -37.83 -52.43
C ILE G 47 -29.97 -36.56 -52.14
N ILE G 48 -30.47 -36.42 -50.91
CA ILE G 48 -31.33 -35.29 -50.56
C ILE G 48 -30.79 -34.59 -49.33
N GLN G 49 -30.69 -33.25 -49.42
CA GLN G 49 -30.19 -32.42 -48.34
C GLN G 49 -31.32 -31.64 -47.71
N GLU G 50 -31.43 -31.73 -46.39
CA GLU G 50 -32.38 -30.95 -45.60
C GLU G 50 -33.83 -31.19 -46.01
N ALA G 51 -34.10 -32.38 -46.55
CA ALA G 51 -35.45 -32.90 -46.76
C ALA G 51 -36.19 -32.20 -47.89
N THR G 52 -35.63 -31.13 -48.44
CA THR G 52 -36.26 -30.40 -49.55
C THR G 52 -35.36 -30.29 -50.76
N THR G 53 -34.11 -29.86 -50.57
CA THR G 53 -33.23 -29.61 -51.70
C THR G 53 -32.78 -30.91 -52.35
N LEU G 54 -32.76 -30.91 -53.68
CA LEU G 54 -32.27 -32.04 -54.45
C LEU G 54 -30.83 -31.78 -54.86
N VAL G 55 -29.95 -32.70 -54.49
CA VAL G 55 -28.51 -32.52 -54.77
C VAL G 55 -28.28 -32.54 -56.27
N PRO G 56 -27.52 -31.60 -56.83
CA PRO G 56 -27.24 -31.62 -58.27
C PRO G 56 -26.52 -32.89 -58.69
N GLY G 57 -26.87 -33.38 -59.87
CA GLY G 57 -26.33 -34.61 -60.41
C GLY G 57 -27.24 -35.81 -60.24
N ILE G 58 -28.25 -35.71 -59.38
CA ILE G 58 -29.19 -36.79 -59.17
C ILE G 58 -30.39 -36.59 -60.09
N SER G 59 -31.02 -37.69 -60.49
CA SER G 59 -32.16 -37.60 -61.39
C SER G 59 -33.30 -36.86 -60.70
N PRO G 60 -34.06 -36.04 -61.44
CA PRO G 60 -35.18 -35.29 -60.82
C PRO G 60 -36.36 -36.16 -60.41
N ARG G 61 -36.27 -37.49 -60.57
CA ARG G 61 -37.36 -38.35 -60.14
C ARG G 61 -37.52 -38.34 -58.63
N PHE G 62 -36.41 -38.30 -57.90
CA PHE G 62 -36.45 -38.31 -56.44
C PHE G 62 -36.99 -36.98 -55.92
N SER G 63 -37.68 -37.04 -54.78
CA SER G 63 -38.16 -35.84 -54.12
C SER G 63 -38.30 -36.12 -52.63
N GLY G 64 -38.34 -35.05 -51.85
CA GLY G 64 -38.50 -35.17 -50.41
C GLY G 64 -39.44 -34.11 -49.89
N SER G 65 -40.11 -34.44 -48.78
CA SER G 65 -41.05 -33.52 -48.19
C SER G 65 -41.13 -33.78 -46.69
N GLY G 66 -41.65 -32.80 -45.97
CA GLY G 66 -41.84 -32.95 -44.54
C GLY G 66 -41.15 -31.88 -43.72
N TYR G 67 -41.66 -31.64 -42.50
CA TYR G 67 -41.08 -30.67 -41.61
C TYR G 67 -41.49 -31.00 -40.18
N GLY G 68 -40.58 -30.81 -39.24
CA GLY G 68 -40.86 -31.03 -37.84
C GLY G 68 -40.63 -32.44 -37.34
N THR G 69 -41.49 -33.37 -37.71
CA THR G 69 -41.33 -34.73 -37.20
C THR G 69 -41.40 -35.80 -38.28
N ASP G 70 -42.29 -35.66 -39.25
CA ASP G 70 -42.49 -36.68 -40.28
C ASP G 70 -41.83 -36.23 -41.58
N PHE G 71 -41.11 -37.14 -42.22
CA PHE G 71 -40.47 -36.87 -43.49
C PHE G 71 -40.75 -38.01 -44.45
N THR G 72 -40.92 -37.66 -45.72
CA THR G 72 -41.27 -38.63 -46.75
C THR G 72 -40.33 -38.48 -47.94
N LEU G 73 -39.71 -39.58 -48.34
CA LEU G 73 -38.93 -39.65 -49.57
C LEU G 73 -39.78 -40.33 -50.64
N THR G 74 -39.92 -39.66 -51.78
CA THR G 74 -40.80 -40.12 -52.85
C THR G 74 -39.99 -40.39 -54.11
N ILE G 75 -40.22 -41.55 -54.72
CA ILE G 75 -39.59 -41.94 -55.97
C ILE G 75 -40.68 -42.23 -56.98
N ASN G 76 -40.55 -41.67 -58.17
CA ASN G 76 -41.50 -41.86 -59.25
C ASN G 76 -40.82 -42.55 -60.43
N ASN G 77 -41.62 -43.29 -61.21
CA ASN G 77 -41.16 -43.94 -62.43
C ASN G 77 -39.97 -44.87 -62.15
N ILE G 78 -40.25 -45.91 -61.36
CA ILE G 78 -39.21 -46.81 -60.90
C ILE G 78 -38.55 -47.49 -62.09
N GLU G 79 -37.22 -47.53 -62.08
CA GLU G 79 -36.46 -48.30 -63.06
C GLU G 79 -35.59 -49.32 -62.34
N SER G 80 -35.00 -50.22 -63.13
CA SER G 80 -34.35 -51.40 -62.57
C SER G 80 -33.13 -51.07 -61.72
N GLU G 81 -32.55 -49.88 -61.89
CA GLU G 81 -31.36 -49.50 -61.14
C GLU G 81 -31.69 -48.69 -59.88
N ASP G 82 -32.97 -48.63 -59.50
CA ASP G 82 -33.38 -47.95 -58.28
C ASP G 82 -33.38 -48.88 -57.08
N ALA G 83 -32.95 -50.12 -57.25
CA ALA G 83 -32.88 -51.09 -56.15
C ALA G 83 -31.58 -50.83 -55.38
N ALA G 84 -31.72 -50.36 -54.15
CA ALA G 84 -30.57 -50.00 -53.32
C ALA G 84 -31.00 -49.96 -51.87
N TYR G 85 -30.14 -49.41 -51.02
CA TYR G 85 -30.39 -49.31 -49.59
C TYR G 85 -30.47 -47.83 -49.22
N TYR G 86 -31.65 -47.37 -48.83
CA TYR G 86 -31.88 -45.97 -48.51
C TYR G 86 -31.92 -45.78 -47.00
N PHE G 87 -31.35 -44.68 -46.52
CA PHE G 87 -31.46 -44.38 -45.10
C PHE G 87 -31.48 -42.88 -44.84
N CYS G 88 -32.13 -42.50 -43.75
CA CYS G 88 -32.31 -41.11 -43.34
C CYS G 88 -31.46 -40.84 -42.10
N LEU G 89 -30.69 -39.76 -42.14
CA LEU G 89 -29.79 -39.38 -41.06
C LEU G 89 -30.18 -38.01 -40.52
N GLN G 90 -30.13 -37.85 -39.20
CA GLN G 90 -30.33 -36.56 -38.57
C GLN G 90 -29.01 -36.05 -38.02
N HIS G 91 -28.72 -34.78 -38.26
CA HIS G 91 -27.48 -34.15 -37.84
C HIS G 91 -27.76 -32.90 -37.01
N ASP G 92 -28.76 -32.98 -36.14
CA ASP G 92 -29.16 -31.84 -35.33
C ASP G 92 -28.32 -31.71 -34.06
N ASN G 93 -28.33 -32.74 -33.22
CA ASN G 93 -27.61 -32.71 -31.95
C ASN G 93 -26.93 -34.04 -31.70
N PHE G 94 -25.87 -34.00 -30.92
CA PHE G 94 -25.12 -35.19 -30.59
C PHE G 94 -25.92 -36.08 -29.62
N PRO G 95 -25.84 -37.42 -29.78
CA PRO G 95 -25.13 -38.09 -30.88
C PRO G 95 -25.97 -38.17 -32.15
N LEU G 96 -25.31 -38.22 -33.30
CA LEU G 96 -26.03 -38.39 -34.55
C LEU G 96 -26.61 -39.80 -34.65
N THR G 97 -27.84 -39.91 -35.14
CA THR G 97 -28.51 -41.19 -35.25
C THR G 97 -29.01 -41.38 -36.68
N PHE G 98 -28.95 -42.61 -37.16
CA PHE G 98 -29.44 -42.98 -38.48
C PHE G 98 -30.80 -43.65 -38.36
N GLY G 99 -31.42 -43.90 -39.52
CA GLY G 99 -32.66 -44.64 -39.59
C GLY G 99 -32.42 -46.14 -39.61
N GLY G 100 -33.51 -46.88 -39.80
CA GLY G 100 -33.43 -48.32 -39.86
C GLY G 100 -32.89 -48.84 -41.18
N GLY G 101 -33.51 -48.41 -42.28
CA GLY G 101 -33.08 -48.85 -43.60
C GLY G 101 -34.19 -49.52 -44.39
N THR G 102 -34.20 -49.30 -45.70
CA THR G 102 -35.22 -49.86 -46.58
C THR G 102 -34.54 -50.47 -47.80
N LYS G 103 -34.94 -51.68 -48.15
CA LYS G 103 -34.42 -52.37 -49.32
C LYS G 103 -35.54 -52.48 -50.35
N VAL G 104 -35.28 -51.95 -51.55
CA VAL G 104 -36.26 -51.92 -52.64
C VAL G 104 -35.83 -52.94 -53.69
N GLU G 105 -36.76 -53.77 -54.13
CA GLU G 105 -36.49 -54.78 -55.15
C GLU G 105 -37.58 -54.74 -56.21
N ILE G 106 -37.17 -55.01 -57.45
CA ILE G 106 -38.10 -55.01 -58.58
C ILE G 106 -39.02 -56.22 -58.48
N LYS G 107 -40.20 -56.12 -59.07
CA LYS G 107 -41.20 -57.17 -59.06
C LYS G 107 -41.44 -57.69 -60.47
N ARG G 108 -41.58 -59.01 -60.58
CA ARG G 108 -41.87 -59.66 -61.86
C ARG G 108 -42.82 -60.82 -61.60
N THR G 109 -43.00 -61.66 -62.62
CA THR G 109 -43.88 -62.80 -62.49
C THR G 109 -43.21 -63.92 -61.69
N VAL G 110 -44.03 -64.87 -61.25
CA VAL G 110 -43.54 -66.00 -60.47
C VAL G 110 -42.93 -67.05 -61.39
N ALA G 111 -41.86 -67.68 -60.93
CA ALA G 111 -41.17 -68.73 -61.68
C ALA G 111 -41.04 -69.98 -60.82
N ALA G 112 -41.22 -71.14 -61.45
CA ALA G 112 -41.14 -72.40 -60.74
C ALA G 112 -39.68 -72.80 -60.52
N PRO G 113 -39.25 -73.02 -59.29
CA PRO G 113 -37.85 -73.40 -59.05
C PRO G 113 -37.55 -74.80 -59.54
N SER G 114 -36.27 -75.03 -59.86
CA SER G 114 -35.75 -76.34 -60.21
C SER G 114 -34.93 -76.87 -59.05
N VAL G 115 -35.18 -78.11 -58.65
CA VAL G 115 -34.61 -78.69 -57.45
C VAL G 115 -33.66 -79.82 -57.83
N PHE G 116 -32.44 -79.77 -57.29
CA PHE G 116 -31.42 -80.78 -57.51
C PHE G 116 -30.88 -81.23 -56.16
N ILE G 117 -30.33 -82.45 -56.11
CA ILE G 117 -29.79 -83.01 -54.88
C ILE G 117 -28.39 -83.57 -55.15
N PHE G 118 -27.54 -83.57 -54.12
CA PHE G 118 -26.19 -84.07 -54.21
C PHE G 118 -25.82 -84.80 -52.93
N PRO G 119 -25.27 -86.00 -53.03
CA PRO G 119 -24.87 -86.76 -51.84
C PRO G 119 -23.41 -86.51 -51.49
N PRO G 120 -22.93 -86.99 -50.34
CA PRO G 120 -21.53 -86.78 -49.99
C PRO G 120 -20.59 -87.54 -50.91
N SER G 121 -19.38 -87.01 -51.03
CA SER G 121 -18.32 -87.69 -51.78
C SER G 121 -17.56 -88.63 -50.86
N ASP G 122 -16.66 -89.42 -51.44
CA ASP G 122 -15.92 -90.39 -50.65
C ASP G 122 -14.84 -89.75 -49.79
N GLU G 123 -14.44 -88.51 -50.09
CA GLU G 123 -13.50 -87.83 -49.21
C GLU G 123 -14.07 -87.64 -47.82
N GLN G 124 -15.33 -87.19 -47.73
CA GLN G 124 -15.98 -87.07 -46.43
C GLN G 124 -16.12 -88.42 -45.77
N LEU G 125 -16.48 -89.45 -46.54
CA LEU G 125 -16.71 -90.77 -45.96
C LEU G 125 -15.43 -91.34 -45.36
N LYS G 126 -14.31 -91.22 -46.06
CA LYS G 126 -13.04 -91.67 -45.49
C LYS G 126 -12.55 -90.75 -44.39
N SER G 127 -12.98 -89.48 -44.39
CA SER G 127 -12.64 -88.58 -43.29
C SER G 127 -13.43 -88.90 -42.03
N GLY G 128 -14.72 -89.19 -42.16
CA GLY G 128 -15.55 -89.48 -41.00
C GLY G 128 -16.73 -88.54 -40.86
N THR G 129 -17.15 -87.93 -41.96
CA THR G 129 -18.24 -86.96 -41.95
C THR G 129 -19.08 -87.18 -43.20
N ALA G 130 -20.34 -86.74 -43.15
CA ALA G 130 -21.22 -86.80 -44.30
C ALA G 130 -21.90 -85.45 -44.47
N SER G 131 -22.07 -85.03 -45.74
CA SER G 131 -22.70 -83.76 -46.06
C SER G 131 -23.60 -83.96 -47.28
N VAL G 132 -24.90 -83.82 -47.09
CA VAL G 132 -25.88 -83.93 -48.16
C VAL G 132 -26.43 -82.54 -48.45
N VAL G 133 -26.58 -82.21 -49.73
CA VAL G 133 -27.08 -80.89 -50.09
C VAL G 133 -28.19 -81.03 -51.11
N CYS G 134 -29.06 -80.03 -51.15
CA CYS G 134 -30.00 -79.91 -52.26
C CYS G 134 -30.33 -78.44 -52.47
N LEU G 135 -30.49 -78.06 -53.73
CA LEU G 135 -30.56 -76.67 -54.13
C LEU G 135 -31.76 -76.41 -55.02
N LEU G 136 -32.25 -75.17 -54.94
CA LEU G 136 -33.35 -74.66 -55.76
C LEU G 136 -32.83 -73.49 -56.59
N ASN G 137 -33.26 -73.43 -57.84
CA ASN G 137 -32.80 -72.41 -58.77
C ASN G 137 -33.97 -71.77 -59.50
N ASN G 138 -33.81 -70.51 -59.88
CA ASN G 138 -34.70 -69.81 -60.80
C ASN G 138 -36.15 -69.76 -60.28
N PHE G 139 -36.31 -69.07 -59.16
CA PHE G 139 -37.63 -68.76 -58.61
C PHE G 139 -37.64 -67.32 -58.16
N TYR G 140 -38.71 -66.60 -58.48
CA TYR G 140 -38.76 -65.18 -58.10
C TYR G 140 -39.08 -65.00 -56.62
N PRO G 141 -40.23 -65.46 -56.12
CA PRO G 141 -40.57 -65.13 -54.72
C PRO G 141 -39.72 -65.95 -53.75
N ARG G 142 -39.11 -65.25 -52.80
CA ARG G 142 -38.20 -65.87 -51.85
C ARG G 142 -38.89 -66.83 -50.89
N GLU G 143 -40.22 -66.82 -50.83
CA GLU G 143 -40.97 -67.64 -49.88
C GLU G 143 -40.98 -69.07 -50.38
N ALA G 144 -39.93 -69.80 -50.06
CA ALA G 144 -39.83 -71.23 -50.36
C ALA G 144 -39.32 -71.93 -49.10
N LYS G 145 -39.98 -73.02 -48.72
CA LYS G 145 -39.65 -73.74 -47.49
C LYS G 145 -39.12 -75.12 -47.84
N VAL G 146 -38.05 -75.53 -47.16
CA VAL G 146 -37.45 -76.85 -47.36
C VAL G 146 -37.36 -77.54 -46.01
N GLN G 147 -37.74 -78.82 -45.98
CA GLN G 147 -37.65 -79.66 -44.80
C GLN G 147 -36.83 -80.90 -45.12
N TRP G 148 -36.19 -81.46 -44.11
CA TRP G 148 -35.33 -82.62 -44.26
C TRP G 148 -35.97 -83.84 -43.62
N LYS G 149 -36.11 -84.91 -44.39
CA LYS G 149 -36.80 -86.12 -43.95
C LYS G 149 -35.86 -87.30 -44.07
N VAL G 150 -35.63 -87.98 -42.95
CA VAL G 150 -34.85 -89.22 -42.92
C VAL G 150 -35.71 -90.27 -42.22
N ASP G 151 -35.92 -91.40 -42.90
CA ASP G 151 -36.78 -92.47 -42.39
C ASP G 151 -38.16 -91.94 -42.02
N ASN G 152 -38.68 -91.04 -42.86
CA ASN G 152 -39.99 -90.40 -42.66
C ASN G 152 -40.06 -89.65 -41.33
N ALA G 153 -38.91 -89.16 -40.86
CA ALA G 153 -38.82 -88.36 -39.65
C ALA G 153 -38.15 -87.03 -39.99
N LEU G 154 -38.74 -85.94 -39.51
CA LEU G 154 -38.21 -84.61 -39.80
C LEU G 154 -36.96 -84.34 -38.98
N GLN G 155 -36.04 -83.59 -39.56
CA GLN G 155 -34.82 -83.17 -38.89
C GLN G 155 -34.85 -81.66 -38.70
N SER G 156 -34.73 -81.22 -37.45
CA SER G 156 -34.76 -79.80 -37.11
C SER G 156 -33.42 -79.31 -36.57
N GLY G 157 -32.35 -80.07 -36.80
CA GLY G 157 -31.04 -79.69 -36.31
C GLY G 157 -29.96 -80.04 -37.33
N ASN G 158 -28.82 -79.38 -37.16
CA ASN G 158 -27.64 -79.60 -38.01
C ASN G 158 -27.95 -79.30 -39.48
N SER G 159 -28.86 -78.36 -39.72
CA SER G 159 -29.23 -77.96 -41.07
C SER G 159 -28.84 -76.50 -41.30
N GLN G 160 -28.29 -76.21 -42.47
CA GLN G 160 -27.87 -74.87 -42.81
C GLN G 160 -28.52 -74.44 -44.12
N GLU G 161 -28.85 -73.15 -44.19
CA GLU G 161 -29.57 -72.55 -45.30
C GLU G 161 -28.74 -71.42 -45.89
N SER G 162 -28.72 -71.32 -47.22
CA SER G 162 -28.06 -70.22 -47.88
C SER G 162 -28.90 -69.75 -49.07
N VAL G 163 -28.96 -68.45 -49.28
CA VAL G 163 -29.72 -67.87 -50.38
C VAL G 163 -28.90 -66.77 -51.04
N THR G 164 -28.88 -66.77 -52.37
CA THR G 164 -28.16 -65.74 -53.10
C THR G 164 -29.00 -64.47 -53.17
N GLU G 165 -28.36 -63.38 -53.59
CA GLU G 165 -29.01 -62.08 -53.63
C GLU G 165 -29.82 -61.93 -54.92
N GLN G 166 -30.45 -60.76 -55.09
CA GLN G 166 -31.25 -60.50 -56.27
C GLN G 166 -30.38 -60.53 -57.53
N ASP G 167 -30.91 -61.13 -58.59
CA ASP G 167 -30.21 -61.22 -59.86
C ASP G 167 -30.54 -60.01 -60.71
N SER G 168 -29.49 -59.30 -61.17
CA SER G 168 -29.69 -58.12 -62.00
C SER G 168 -30.03 -58.48 -63.44
N LYS G 169 -29.85 -59.74 -63.84
CA LYS G 169 -30.09 -60.12 -65.22
C LYS G 169 -31.58 -60.28 -65.50
N ASP G 170 -32.24 -61.20 -64.79
CA ASP G 170 -33.66 -61.47 -65.02
C ASP G 170 -34.45 -61.58 -63.72
N SER G 171 -33.86 -61.15 -62.60
CA SER G 171 -34.53 -61.12 -61.30
C SER G 171 -35.02 -62.50 -60.88
N THR G 172 -34.06 -63.40 -60.67
CA THR G 172 -34.32 -64.74 -60.17
C THR G 172 -33.55 -64.94 -58.86
N TYR G 173 -33.67 -66.14 -58.29
CA TYR G 173 -33.03 -66.46 -57.02
C TYR G 173 -32.44 -67.86 -57.07
N SER G 174 -31.75 -68.20 -55.99
CA SER G 174 -31.20 -69.54 -55.78
C SER G 174 -31.06 -69.77 -54.30
N LEU G 175 -31.07 -71.04 -53.91
CA LEU G 175 -31.01 -71.40 -52.50
C LEU G 175 -30.40 -72.78 -52.37
N SER G 176 -29.74 -73.02 -51.24
CA SER G 176 -29.13 -74.31 -50.94
C SER G 176 -29.43 -74.69 -49.50
N SER G 177 -29.70 -75.97 -49.28
CA SER G 177 -29.93 -76.53 -47.95
C SER G 177 -28.96 -77.69 -47.75
N THR G 178 -28.26 -77.70 -46.62
CA THR G 178 -27.24 -78.70 -46.36
C THR G 178 -27.41 -79.32 -44.98
N LEU G 179 -27.14 -80.62 -44.90
CA LEU G 179 -27.08 -81.36 -43.65
C LEU G 179 -25.69 -81.96 -43.51
N THR G 180 -25.06 -81.72 -42.36
CA THR G 180 -23.74 -82.26 -42.04
C THR G 180 -23.88 -83.13 -40.80
N LEU G 181 -23.52 -84.41 -40.92
CA LEU G 181 -23.66 -85.38 -39.85
C LEU G 181 -22.40 -86.23 -39.76
N SER G 182 -22.37 -87.12 -38.77
CA SER G 182 -21.25 -88.02 -38.57
C SER G 182 -21.38 -89.23 -39.49
N LYS G 183 -20.27 -89.96 -39.65
CA LYS G 183 -20.26 -91.13 -40.52
C LYS G 183 -21.14 -92.24 -39.96
N ALA G 184 -21.13 -92.43 -38.63
CA ALA G 184 -21.94 -93.49 -38.02
C ALA G 184 -23.43 -93.23 -38.22
N ASP G 185 -23.86 -92.00 -37.97
CA ASP G 185 -25.27 -91.67 -38.18
C ASP G 185 -25.66 -91.77 -39.65
N TYR G 186 -24.76 -91.39 -40.55
CA TYR G 186 -25.05 -91.51 -41.98
C TYR G 186 -25.21 -92.96 -42.39
N GLU G 187 -24.32 -93.85 -41.92
CA GLU G 187 -24.39 -95.24 -42.31
C GLU G 187 -25.52 -96.00 -41.61
N LYS G 188 -25.95 -95.54 -40.44
CA LYS G 188 -27.09 -96.18 -39.77
C LYS G 188 -28.37 -96.02 -40.59
N HIS G 189 -28.70 -94.79 -40.96
CA HIS G 189 -29.86 -94.55 -41.80
C HIS G 189 -29.52 -94.84 -43.26
N LYS G 190 -30.57 -94.99 -44.08
CA LYS G 190 -30.38 -95.37 -45.47
C LYS G 190 -31.06 -94.43 -46.46
N VAL G 191 -32.22 -93.88 -46.12
CA VAL G 191 -32.99 -93.03 -47.03
C VAL G 191 -32.95 -91.59 -46.52
N TYR G 192 -32.74 -90.66 -47.43
CA TYR G 192 -32.74 -89.24 -47.12
C TYR G 192 -33.58 -88.52 -48.17
N ALA G 193 -34.14 -87.37 -47.79
CA ALA G 193 -34.88 -86.58 -48.76
C ALA G 193 -35.01 -85.14 -48.26
N CYS G 194 -35.17 -84.21 -49.19
CA CYS G 194 -35.54 -82.84 -48.87
C CYS G 194 -36.82 -82.51 -49.62
N GLU G 195 -37.75 -81.86 -48.91
CA GLU G 195 -39.11 -81.62 -49.37
C GLU G 195 -39.33 -80.12 -49.41
N VAL G 196 -39.67 -79.60 -50.60
CA VAL G 196 -39.76 -78.16 -50.84
C VAL G 196 -41.20 -77.80 -51.17
N THR G 197 -41.69 -76.74 -50.51
CA THR G 197 -42.98 -76.15 -50.76
C THR G 197 -42.77 -74.72 -51.23
N HIS G 198 -43.41 -74.36 -52.35
CA HIS G 198 -43.29 -73.04 -52.92
C HIS G 198 -44.61 -72.66 -53.57
N GLN G 199 -44.93 -71.36 -53.53
CA GLN G 199 -46.23 -70.91 -54.02
C GLN G 199 -46.38 -71.09 -55.52
N GLY G 200 -45.28 -71.09 -56.27
CA GLY G 200 -45.34 -71.27 -57.70
C GLY G 200 -45.56 -72.70 -58.14
N LEU G 201 -45.48 -73.66 -57.22
CA LEU G 201 -45.69 -75.07 -57.53
C LEU G 201 -47.09 -75.49 -57.09
N SER G 202 -47.78 -76.23 -57.97
CA SER G 202 -49.09 -76.74 -57.63
C SER G 202 -49.03 -77.69 -56.45
N SER G 203 -48.03 -78.56 -56.42
CA SER G 203 -47.82 -79.49 -55.33
C SER G 203 -46.37 -79.44 -54.88
N PRO G 204 -46.10 -79.67 -53.59
CA PRO G 204 -44.71 -79.68 -53.12
C PRO G 204 -43.93 -80.83 -53.72
N VAL G 205 -42.62 -80.65 -53.82
CA VAL G 205 -41.74 -81.59 -54.52
C VAL G 205 -40.75 -82.17 -53.51
N THR G 206 -40.60 -83.50 -53.52
CA THR G 206 -39.67 -84.20 -52.66
C THR G 206 -38.57 -84.83 -53.50
N LYS G 207 -37.31 -84.57 -53.12
CA LYS G 207 -36.16 -85.15 -53.77
C LYS G 207 -35.48 -86.10 -52.79
N SER G 208 -35.34 -87.36 -53.18
CA SER G 208 -34.89 -88.41 -52.28
C SER G 208 -33.61 -89.07 -52.80
N PHE G 209 -33.00 -89.85 -51.91
CA PHE G 209 -31.75 -90.54 -52.20
C PHE G 209 -31.58 -91.71 -51.24
N ASN G 210 -31.27 -92.88 -51.79
CA ASN G 210 -31.04 -94.09 -51.00
C ASN G 210 -29.73 -94.72 -51.45
N ARG G 211 -28.86 -95.01 -50.49
CA ARG G 211 -27.59 -95.65 -50.78
C ARG G 211 -27.00 -96.29 -49.51
N GLU H 1 7.68 -59.36 4.58
CA GLU H 1 7.50 -60.78 4.27
C GLU H 1 7.51 -61.63 5.54
N ILE H 2 6.34 -62.14 5.92
CA ILE H 2 6.19 -62.97 7.10
C ILE H 2 6.06 -64.41 6.63
N VAL H 3 7.03 -65.24 6.99
CA VAL H 3 7.04 -66.64 6.58
C VAL H 3 6.19 -67.43 7.57
N MET H 4 5.18 -68.14 7.06
CA MET H 4 4.23 -68.86 7.90
C MET H 4 4.45 -70.35 7.72
N THR H 5 4.61 -71.06 8.84
CA THR H 5 4.93 -72.49 8.85
C THR H 5 3.76 -73.27 9.42
N GLN H 6 3.30 -74.27 8.66
CA GLN H 6 2.17 -75.10 9.05
C GLN H 6 2.64 -76.52 9.30
N SER H 7 2.20 -77.11 10.40
CA SER H 7 2.61 -78.45 10.80
C SER H 7 1.42 -79.22 11.35
N PRO H 8 1.36 -80.54 11.10
CA PRO H 8 2.25 -81.28 10.19
C PRO H 8 1.73 -81.29 8.76
N ALA H 9 2.60 -81.68 7.81
CA ALA H 9 2.19 -81.69 6.41
C ALA H 9 1.24 -82.84 6.11
N PHE H 10 1.40 -83.98 6.78
CA PHE H 10 0.56 -85.15 6.56
C PHE H 10 0.20 -85.77 7.90
N MET H 11 -0.95 -86.44 7.94
CA MET H 11 -1.37 -87.12 9.15
C MET H 11 -2.41 -88.18 8.80
N SER H 12 -2.62 -89.09 9.75
CA SER H 12 -3.67 -90.10 9.68
C SER H 12 -4.61 -89.89 10.85
N ALA H 13 -5.91 -89.91 10.57
CA ALA H 13 -6.93 -89.58 11.56
C ALA H 13 -7.76 -90.81 11.87
N THR H 14 -7.61 -91.34 13.07
CA THR H 14 -8.52 -92.38 13.54
C THR H 14 -9.87 -91.74 13.87
N PRO H 15 -10.97 -92.25 13.33
CA PRO H 15 -12.28 -91.61 13.58
C PRO H 15 -12.62 -91.62 15.06
N GLY H 16 -12.73 -90.41 15.63
CA GLY H 16 -13.14 -90.27 17.01
C GLY H 16 -12.28 -89.33 17.83
N ASP H 17 -10.97 -89.33 17.61
CA ASP H 17 -10.07 -88.52 18.42
C ASP H 17 -9.99 -87.09 17.89
N LYS H 18 -9.29 -86.25 18.65
CA LYS H 18 -9.09 -84.86 18.27
C LYS H 18 -7.76 -84.68 17.56
N VAL H 19 -7.69 -83.64 16.73
CA VAL H 19 -6.51 -83.34 15.93
C VAL H 19 -6.20 -81.86 16.03
N ASN H 20 -4.92 -81.54 16.23
CA ASN H 20 -4.44 -80.17 16.32
C ASN H 20 -3.48 -79.88 15.18
N ILE H 21 -3.67 -78.75 14.51
CA ILE H 21 -2.80 -78.28 13.44
C ILE H 21 -2.22 -76.94 13.87
N SER H 22 -0.90 -76.81 13.76
CA SER H 22 -0.19 -75.63 14.26
C SER H 22 0.23 -74.74 13.10
N CYS H 23 -0.12 -73.46 13.18
CA CYS H 23 0.33 -72.46 12.23
C CYS H 23 1.12 -71.41 13.00
N LYS H 24 2.36 -71.17 12.56
CA LYS H 24 3.31 -70.34 13.29
C LYS H 24 3.84 -69.24 12.38
N ALA H 25 4.01 -68.05 12.95
CA ALA H 25 4.48 -66.89 12.21
C ALA H 25 5.83 -66.43 12.73
N SER H 26 6.63 -65.84 11.84
CA SER H 26 7.94 -65.33 12.22
C SER H 26 7.88 -63.95 12.83
N GLN H 27 6.73 -63.28 12.79
CA GLN H 27 6.54 -61.96 13.37
C GLN H 27 5.23 -61.93 14.13
N ASP H 28 5.01 -60.84 14.88
CA ASP H 28 3.78 -60.66 15.62
C ASP H 28 2.69 -60.14 14.70
N ILE H 29 1.57 -60.85 14.64
CA ILE H 29 0.46 -60.47 13.77
C ILE H 29 -0.86 -60.35 14.51
N ALA H 30 -0.91 -60.65 15.80
CA ALA H 30 -2.14 -60.63 16.59
C ALA H 30 -3.14 -61.59 15.93
N ASP H 31 -4.43 -61.30 16.04
CA ASP H 31 -5.46 -62.15 15.43
C ASP H 31 -5.80 -61.62 14.04
N ASP H 32 -4.87 -61.86 13.11
CA ASP H 32 -4.99 -61.41 11.73
C ASP H 32 -4.80 -62.59 10.77
N MET H 33 -5.52 -63.67 11.03
CA MET H 33 -5.37 -64.88 10.24
C MET H 33 -6.73 -65.54 10.02
N ASN H 34 -6.79 -66.36 8.98
CA ASN H 34 -7.99 -67.12 8.62
C ASN H 34 -7.61 -68.56 8.36
N TRP H 35 -8.55 -69.46 8.65
CA TRP H 35 -8.40 -70.88 8.38
C TRP H 35 -9.40 -71.30 7.31
N TYR H 36 -8.91 -71.94 6.24
CA TYR H 36 -9.73 -72.37 5.13
C TYR H 36 -9.59 -73.87 4.90
N GLN H 37 -10.66 -74.47 4.38
CA GLN H 37 -10.70 -75.88 4.01
C GLN H 37 -11.09 -75.99 2.54
N GLN H 38 -10.39 -76.86 1.81
CA GLN H 38 -10.64 -77.08 0.39
C GLN H 38 -10.62 -78.57 0.12
N LYS H 39 -11.75 -79.11 -0.34
CA LYS H 39 -11.80 -80.49 -0.78
C LYS H 39 -11.37 -80.59 -2.24
N PRO H 40 -10.79 -81.72 -2.65
CA PRO H 40 -10.31 -81.83 -4.04
C PRO H 40 -11.44 -81.65 -5.05
N GLY H 41 -11.13 -80.92 -6.11
CA GLY H 41 -12.07 -80.71 -7.19
C GLY H 41 -13.13 -79.66 -6.94
N GLU H 42 -13.10 -78.98 -5.81
CA GLU H 42 -14.10 -77.96 -5.48
C GLU H 42 -13.40 -76.71 -4.97
N ALA H 43 -14.22 -75.70 -4.67
CA ALA H 43 -13.70 -74.43 -4.18
C ALA H 43 -13.44 -74.50 -2.67
N ALA H 44 -12.60 -73.58 -2.21
CA ALA H 44 -12.27 -73.52 -0.79
C ALA H 44 -13.47 -73.02 0.01
N ILE H 45 -13.49 -73.39 1.29
CA ILE H 45 -14.59 -73.05 2.20
C ILE H 45 -14.04 -72.22 3.34
N PHE H 46 -14.71 -71.12 3.63
CA PHE H 46 -14.33 -70.25 4.74
C PHE H 46 -14.69 -70.93 6.06
N ILE H 47 -13.70 -71.17 6.91
CA ILE H 47 -13.86 -71.96 8.13
C ILE H 47 -13.76 -71.08 9.37
N ILE H 48 -12.59 -70.47 9.56
CA ILE H 48 -12.35 -69.64 10.73
C ILE H 48 -11.89 -68.24 10.39
N GLN H 49 -12.47 -67.24 11.04
CA GLN H 49 -12.09 -65.85 10.83
C GLN H 49 -11.40 -65.32 12.09
N GLU H 50 -10.23 -64.71 11.90
CA GLU H 50 -9.49 -64.04 12.97
C GLU H 50 -9.14 -64.98 14.13
N ALA H 51 -8.95 -66.26 13.82
CA ALA H 51 -8.38 -67.28 14.70
C ALA H 51 -9.25 -67.64 15.88
N THR H 52 -10.40 -66.98 16.08
CA THR H 52 -11.24 -67.31 17.21
C THR H 52 -12.70 -67.47 16.80
N THR H 53 -13.16 -66.62 15.90
CA THR H 53 -14.57 -66.58 15.52
C THR H 53 -14.88 -67.71 14.55
N LEU H 54 -15.93 -68.47 14.85
CA LEU H 54 -16.36 -69.54 13.96
C LEU H 54 -17.35 -68.99 12.94
N VAL H 55 -17.07 -69.23 11.67
CA VAL H 55 -17.95 -68.74 10.60
C VAL H 55 -19.30 -69.44 10.71
N PRO H 56 -20.41 -68.71 10.66
CA PRO H 56 -21.73 -69.36 10.77
C PRO H 56 -21.97 -70.32 9.61
N GLY H 57 -22.69 -71.40 9.92
CA GLY H 57 -22.97 -72.44 8.95
C GLY H 57 -22.04 -73.63 9.00
N ILE H 58 -20.94 -73.52 9.74
CA ILE H 58 -19.98 -74.61 9.88
C ILE H 58 -20.29 -75.36 11.18
N SER H 59 -19.96 -76.64 11.21
CA SER H 59 -20.23 -77.46 12.37
C SER H 59 -19.42 -76.95 13.56
N PRO H 60 -19.98 -77.00 14.77
CA PRO H 60 -19.24 -76.51 15.95
C PRO H 60 -18.08 -77.40 16.37
N ARG H 61 -17.81 -78.49 15.64
CA ARG H 61 -16.67 -79.34 15.97
C ARG H 61 -15.35 -78.59 15.77
N PHE H 62 -15.25 -77.79 14.72
CA PHE H 62 -14.05 -77.01 14.46
C PHE H 62 -13.87 -75.93 15.52
N SER H 63 -12.62 -75.66 15.89
CA SER H 63 -12.32 -74.58 16.81
C SER H 63 -10.92 -74.06 16.52
N GLY H 64 -10.65 -72.85 16.99
CA GLY H 64 -9.35 -72.24 16.81
C GLY H 64 -8.94 -71.46 18.04
N SER H 65 -7.63 -71.33 18.21
CA SER H 65 -7.10 -70.60 19.36
C SER H 65 -5.73 -70.06 19.01
N GLY H 66 -5.27 -69.09 19.82
CA GLY H 66 -3.95 -68.55 19.64
C GLY H 66 -3.91 -67.05 19.42
N TYR H 67 -2.89 -66.40 19.97
CA TYR H 67 -2.68 -64.98 19.78
C TYR H 67 -1.19 -64.70 19.78
N GLY H 68 -0.72 -63.88 18.85
CA GLY H 68 0.69 -63.59 18.74
C GLY H 68 1.36 -64.26 17.56
N THR H 69 2.11 -65.33 17.82
CA THR H 69 2.82 -66.04 16.76
C THR H 69 2.40 -67.50 16.60
N ASP H 70 1.78 -68.12 17.59
CA ASP H 70 1.39 -69.52 17.52
C ASP H 70 -0.12 -69.63 17.50
N PHE H 71 -0.66 -70.41 16.56
CA PHE H 71 -2.10 -70.60 16.45
C PHE H 71 -2.39 -72.08 16.23
N THR H 72 -3.53 -72.53 16.74
CA THR H 72 -3.90 -73.94 16.69
C THR H 72 -5.33 -74.08 16.19
N LEU H 73 -5.50 -74.98 15.21
CA LEU H 73 -6.82 -75.40 14.75
C LEU H 73 -7.11 -76.79 15.31
N THR H 74 -8.28 -76.95 15.93
CA THR H 74 -8.65 -78.19 16.59
C THR H 74 -9.90 -78.76 15.95
N ILE H 75 -9.83 -80.03 15.56
CA ILE H 75 -10.97 -80.77 15.02
C ILE H 75 -11.27 -81.92 15.97
N ASN H 76 -12.50 -81.97 16.47
CA ASN H 76 -12.92 -82.98 17.43
C ASN H 76 -14.01 -83.83 16.82
N ASN H 77 -14.03 -85.12 17.20
CA ASN H 77 -15.00 -86.09 16.71
C ASN H 77 -14.98 -86.16 15.17
N ILE H 78 -13.83 -86.59 14.65
CA ILE H 78 -13.63 -86.64 13.20
C ILE H 78 -14.56 -87.66 12.58
N GLU H 79 -15.10 -87.33 11.41
CA GLU H 79 -15.88 -88.25 10.59
C GLU H 79 -15.16 -88.51 9.29
N SER H 80 -15.81 -89.29 8.41
CA SER H 80 -15.20 -89.64 7.13
C SER H 80 -15.17 -88.47 6.16
N GLU H 81 -15.95 -87.42 6.40
CA GLU H 81 -16.03 -86.27 5.51
C GLU H 81 -15.13 -85.13 5.92
N ASP H 82 -14.23 -85.35 6.87
CA ASP H 82 -13.29 -84.32 7.32
C ASP H 82 -11.97 -84.39 6.58
N ALA H 83 -11.84 -85.27 5.59
CA ALA H 83 -10.63 -85.40 4.80
C ALA H 83 -10.61 -84.31 3.73
N ALA H 84 -9.71 -83.35 3.88
CA ALA H 84 -9.63 -82.22 2.97
C ALA H 84 -8.25 -81.58 3.11
N TYR H 85 -8.09 -80.41 2.50
CA TYR H 85 -6.82 -79.68 2.49
C TYR H 85 -7.03 -78.38 3.27
N TYR H 86 -6.37 -78.26 4.42
CA TYR H 86 -6.52 -77.10 5.29
C TYR H 86 -5.34 -76.17 5.12
N PHE H 87 -5.61 -74.86 5.09
CA PHE H 87 -4.50 -73.92 5.04
C PHE H 87 -4.83 -72.66 5.83
N CYS H 88 -3.78 -72.05 6.38
CA CYS H 88 -3.87 -70.86 7.21
C CYS H 88 -3.27 -69.67 6.48
N LEU H 89 -3.99 -68.55 6.45
CA LEU H 89 -3.60 -67.35 5.72
C LEU H 89 -3.49 -66.18 6.68
N GLN H 90 -2.51 -65.32 6.44
CA GLN H 90 -2.37 -64.07 7.18
C GLN H 90 -2.63 -62.89 6.24
N HIS H 91 -3.32 -61.88 6.74
CA HIS H 91 -3.68 -60.70 5.97
C HIS H 91 -3.35 -59.43 6.74
N ASP H 92 -2.15 -59.40 7.33
CA ASP H 92 -1.73 -58.26 8.14
C ASP H 92 -1.07 -57.18 7.29
N ASN H 93 0.00 -57.54 6.58
CA ASN H 93 0.74 -56.58 5.76
C ASN H 93 1.16 -57.24 4.46
N PHE H 94 1.28 -56.41 3.42
CA PHE H 94 1.67 -56.92 2.12
C PHE H 94 3.13 -57.36 2.13
N PRO H 95 3.48 -58.41 1.36
CA PRO H 95 2.55 -59.24 0.59
C PRO H 95 1.86 -60.28 1.45
N LEU H 96 0.62 -60.63 1.11
CA LEU H 96 -0.08 -61.68 1.83
C LEU H 96 0.58 -63.02 1.59
N THR H 97 0.81 -63.77 2.66
CA THR H 97 1.48 -65.06 2.60
C THR H 97 0.57 -66.14 3.18
N PHE H 98 0.45 -67.25 2.47
CA PHE H 98 -0.29 -68.41 2.94
C PHE H 98 0.63 -69.33 3.73
N GLY H 99 0.01 -70.29 4.42
CA GLY H 99 0.75 -71.29 5.16
C GLY H 99 1.34 -72.34 4.24
N GLY H 100 1.44 -73.56 4.75
CA GLY H 100 1.95 -74.67 3.96
C GLY H 100 0.84 -75.54 3.42
N GLY H 101 0.60 -76.67 4.07
CA GLY H 101 -0.47 -77.56 3.67
C GLY H 101 -0.62 -78.70 4.64
N THR H 102 -1.81 -79.28 4.65
CA THR H 102 -2.11 -80.40 5.53
C THR H 102 -3.18 -81.26 4.89
N LYS H 103 -2.89 -82.55 4.71
CA LYS H 103 -3.84 -83.51 4.18
C LYS H 103 -4.19 -84.52 5.27
N VAL H 104 -5.48 -84.70 5.50
CA VAL H 104 -5.98 -85.59 6.55
C VAL H 104 -6.61 -86.80 5.88
N GLU H 105 -6.18 -87.99 6.29
CA GLU H 105 -6.70 -89.24 5.76
C GLU H 105 -7.22 -90.12 6.89
N ILE H 106 -8.38 -90.74 6.65
CA ILE H 106 -8.97 -91.62 7.64
C ILE H 106 -8.16 -92.90 7.75
N LYS H 107 -7.99 -93.40 8.97
CA LYS H 107 -7.19 -94.58 9.24
C LYS H 107 -8.09 -95.80 9.45
N ARG H 108 -7.72 -96.91 8.83
CA ARG H 108 -8.43 -98.17 9.00
C ARG H 108 -7.41 -99.29 9.11
N THR H 109 -7.89 -100.54 9.04
CA THR H 109 -7.01 -101.69 9.17
C THR H 109 -6.17 -101.88 7.92
N VAL H 110 -5.12 -102.68 8.05
CA VAL H 110 -4.21 -102.96 6.94
C VAL H 110 -4.77 -104.11 6.11
N ALA H 111 -4.71 -103.96 4.79
CA ALA H 111 -5.20 -104.96 3.87
C ALA H 111 -4.09 -105.42 2.94
N ALA H 112 -4.12 -106.71 2.58
CA ALA H 112 -3.12 -107.29 1.71
C ALA H 112 -3.41 -106.92 0.26
N PRO H 113 -2.48 -106.29 -0.46
CA PRO H 113 -2.74 -105.92 -1.85
C PRO H 113 -2.77 -107.14 -2.77
N SER H 114 -3.46 -106.97 -3.89
CA SER H 114 -3.50 -107.97 -4.96
C SER H 114 -2.67 -107.45 -6.13
N VAL H 115 -1.79 -108.30 -6.65
CA VAL H 115 -0.83 -107.91 -7.66
C VAL H 115 -1.14 -108.63 -8.97
N PHE H 116 -1.13 -107.88 -10.07
CA PHE H 116 -1.39 -108.42 -11.40
C PHE H 116 -0.30 -107.98 -12.35
N ILE H 117 0.00 -108.84 -13.32
CA ILE H 117 1.05 -108.60 -14.31
C ILE H 117 0.42 -108.59 -15.69
N PHE H 118 0.71 -107.53 -16.47
CA PHE H 118 0.18 -107.37 -17.82
C PHE H 118 1.34 -107.18 -18.79
N PRO H 119 1.42 -108.01 -19.82
CA PRO H 119 2.51 -107.90 -20.79
C PRO H 119 2.12 -106.98 -21.94
N PRO H 120 3.07 -106.56 -22.77
CA PRO H 120 2.73 -105.68 -23.89
C PRO H 120 1.97 -106.42 -24.97
N SER H 121 1.16 -105.67 -25.70
CA SER H 121 0.43 -106.22 -26.84
C SER H 121 1.31 -106.20 -28.08
N ASP H 122 0.83 -106.86 -29.13
CA ASP H 122 1.60 -106.95 -30.38
C ASP H 122 1.67 -105.60 -31.10
N GLU H 123 0.76 -104.67 -30.81
CA GLU H 123 0.82 -103.37 -31.46
C GLU H 123 2.08 -102.60 -31.06
N GLN H 124 2.45 -102.66 -29.78
CA GLN H 124 3.73 -102.08 -29.37
C GLN H 124 4.89 -102.77 -30.07
N LEU H 125 4.84 -104.11 -30.16
CA LEU H 125 5.94 -104.85 -30.75
C LEU H 125 6.15 -104.48 -32.21
N LYS H 126 5.06 -104.35 -32.97
CA LYS H 126 5.18 -103.91 -34.36
C LYS H 126 5.52 -102.42 -34.44
N SER H 127 5.17 -101.63 -33.42
CA SER H 127 5.55 -100.23 -33.41
C SER H 127 7.01 -100.03 -33.02
N GLY H 128 7.62 -101.02 -32.38
CA GLY H 128 9.01 -100.93 -31.98
C GLY H 128 9.27 -100.68 -30.51
N THR H 129 8.26 -100.85 -29.66
CA THR H 129 8.37 -100.53 -28.24
C THR H 129 7.78 -101.68 -27.43
N ALA H 130 8.22 -101.83 -26.19
CA ALA H 130 7.68 -102.81 -25.27
C ALA H 130 7.34 -102.13 -23.95
N SER H 131 6.17 -102.45 -23.41
CA SER H 131 5.69 -101.85 -22.17
C SER H 131 5.07 -102.94 -21.30
N VAL H 132 5.75 -103.29 -20.21
CA VAL H 132 5.26 -104.27 -19.25
C VAL H 132 4.77 -103.52 -18.02
N VAL H 133 3.57 -103.86 -17.54
CA VAL H 133 3.03 -103.17 -16.38
C VAL H 133 2.62 -104.19 -15.33
N CYS H 134 2.64 -103.76 -14.08
CA CYS H 134 2.08 -104.57 -13.01
C CYS H 134 1.46 -103.66 -11.96
N LEU H 135 0.32 -104.10 -11.43
CA LEU H 135 -0.55 -103.25 -10.64
C LEU H 135 -0.87 -103.90 -9.29
N LEU H 136 -1.12 -103.05 -8.31
CA LEU H 136 -1.50 -103.44 -6.96
C LEU H 136 -2.84 -102.81 -6.61
N ASN H 137 -3.68 -103.58 -5.93
CA ASN H 137 -5.02 -103.12 -5.58
C ASN H 137 -5.34 -103.45 -4.13
N ASN H 138 -6.19 -102.61 -3.52
CA ASN H 138 -6.82 -102.89 -2.24
C ASN H 138 -5.79 -103.07 -1.12
N PHE H 139 -5.07 -102.00 -0.83
CA PHE H 139 -4.17 -101.94 0.31
C PHE H 139 -4.26 -100.56 0.94
N TYR H 140 -4.43 -100.52 2.27
CA TYR H 140 -4.59 -99.22 2.91
C TYR H 140 -3.28 -98.45 3.03
N PRO H 141 -2.24 -98.98 3.68
CA PRO H 141 -1.03 -98.15 3.87
C PRO H 141 -0.28 -98.00 2.56
N ARG H 142 0.15 -96.77 2.28
CA ARG H 142 0.80 -96.44 1.02
C ARG H 142 2.23 -96.95 0.95
N GLU H 143 2.79 -97.47 2.04
CA GLU H 143 4.18 -97.90 2.09
C GLU H 143 4.31 -99.24 1.36
N ALA H 144 4.29 -99.17 0.03
CA ALA H 144 4.49 -100.32 -0.83
C ALA H 144 5.60 -99.99 -1.82
N LYS H 145 6.56 -100.91 -1.97
CA LYS H 145 7.71 -100.70 -2.83
C LYS H 145 7.73 -101.77 -3.91
N VAL H 146 7.82 -101.34 -5.17
CA VAL H 146 7.91 -102.26 -6.31
C VAL H 146 9.20 -101.97 -7.06
N GLN H 147 9.99 -103.02 -7.29
CA GLN H 147 11.25 -102.94 -8.03
C GLN H 147 11.16 -103.78 -9.29
N TRP H 148 11.98 -103.45 -10.28
CA TRP H 148 12.02 -104.16 -11.54
C TRP H 148 13.29 -105.00 -11.63
N LYS H 149 13.12 -106.28 -11.93
CA LYS H 149 14.21 -107.24 -11.97
C LYS H 149 14.25 -107.91 -13.33
N VAL H 150 15.41 -107.86 -13.98
CA VAL H 150 15.65 -108.56 -15.24
C VAL H 150 16.93 -109.37 -15.08
N ASP H 151 16.83 -110.69 -15.28
CA ASP H 151 17.96 -111.60 -15.13
C ASP H 151 18.61 -111.45 -13.75
N ASN H 152 17.76 -111.33 -12.72
CA ASN H 152 18.21 -111.15 -11.34
C ASN H 152 19.08 -109.90 -11.17
N ALA H 153 18.81 -108.88 -11.99
CA ALA H 153 19.51 -107.60 -11.91
C ALA H 153 18.46 -106.50 -11.76
N LEU H 154 18.68 -105.60 -10.81
CA LEU H 154 17.74 -104.53 -10.53
C LEU H 154 17.88 -103.43 -11.57
N GLN H 155 16.76 -102.87 -12.01
CA GLN H 155 16.74 -101.77 -12.96
C GLN H 155 16.20 -100.52 -12.29
N SER H 156 16.94 -99.42 -12.39
CA SER H 156 16.57 -98.16 -11.77
C SER H 156 16.23 -97.09 -12.80
N GLY H 157 15.94 -97.48 -14.03
CA GLY H 157 15.62 -96.52 -15.07
C GLY H 157 14.48 -97.01 -15.93
N ASN H 158 13.86 -96.06 -16.63
CA ASN H 158 12.74 -96.31 -17.54
C ASN H 158 11.57 -96.97 -16.82
N SER H 159 11.42 -96.71 -15.52
CA SER H 159 10.34 -97.24 -14.72
C SER H 159 9.54 -96.09 -14.13
N GLN H 160 8.22 -96.12 -14.31
CA GLN H 160 7.34 -95.07 -13.83
C GLN H 160 6.27 -95.66 -12.91
N GLU H 161 5.84 -94.86 -11.94
CA GLU H 161 4.89 -95.28 -10.92
C GLU H 161 3.70 -94.32 -10.91
N SER H 162 2.53 -94.84 -10.55
CA SER H 162 1.34 -94.01 -10.40
C SER H 162 0.48 -94.58 -9.29
N VAL H 163 -0.12 -93.69 -8.50
CA VAL H 163 -0.96 -94.10 -7.38
C VAL H 163 -2.24 -93.27 -7.40
N THR H 164 -3.37 -93.93 -7.17
CA THR H 164 -4.65 -93.24 -7.13
C THR H 164 -4.85 -92.58 -5.77
N GLU H 165 -5.91 -91.78 -5.66
CA GLU H 165 -6.19 -91.05 -4.44
C GLU H 165 -6.91 -91.95 -3.44
N GLN H 166 -7.19 -91.40 -2.25
CA GLN H 166 -7.90 -92.15 -1.22
C GLN H 166 -9.29 -92.52 -1.70
N ASP H 167 -9.66 -93.78 -1.51
CA ASP H 167 -10.97 -94.26 -1.95
C ASP H 167 -12.05 -93.78 -0.99
N SER H 168 -13.13 -93.24 -1.55
CA SER H 168 -14.19 -92.67 -0.72
C SER H 168 -15.07 -93.74 -0.08
N LYS H 169 -15.20 -94.91 -0.69
CA LYS H 169 -16.14 -95.91 -0.21
C LYS H 169 -15.61 -96.64 1.02
N ASP H 170 -14.48 -97.34 0.86
CA ASP H 170 -13.92 -98.14 1.95
C ASP H 170 -12.47 -97.81 2.24
N SER H 171 -11.97 -96.68 1.74
CA SER H 171 -10.62 -96.19 2.04
C SER H 171 -9.56 -97.22 1.66
N THR H 172 -9.48 -97.50 0.37
CA THR H 172 -8.47 -98.40 -0.20
C THR H 172 -7.57 -97.62 -1.15
N TYR H 173 -6.70 -98.33 -1.84
CA TYR H 173 -5.74 -97.69 -2.73
C TYR H 173 -5.49 -98.57 -3.94
N SER H 174 -4.84 -97.98 -4.95
CA SER H 174 -4.42 -98.68 -6.14
C SER H 174 -3.11 -98.08 -6.61
N LEU H 175 -2.33 -98.88 -7.33
CA LEU H 175 -1.02 -98.45 -7.81
C LEU H 175 -0.70 -99.20 -9.09
N SER H 176 0.05 -98.54 -9.97
CA SER H 176 0.49 -99.15 -11.23
C SER H 176 1.96 -98.82 -11.44
N SER H 177 2.70 -99.80 -11.96
CA SER H 177 4.11 -99.63 -12.28
C SER H 177 4.32 -100.04 -13.73
N THR H 178 4.94 -99.17 -14.52
CA THR H 178 5.15 -99.41 -15.94
C THR H 178 6.64 -99.36 -16.27
N LEU H 179 7.07 -100.27 -17.14
CA LEU H 179 8.44 -100.35 -17.59
C LEU H 179 8.43 -100.38 -19.11
N THR H 180 9.07 -99.39 -19.72
CA THR H 180 9.04 -99.20 -21.17
C THR H 180 10.45 -99.26 -21.73
N LEU H 181 10.65 -100.11 -22.74
CA LEU H 181 11.94 -100.28 -23.39
C LEU H 181 11.72 -100.39 -24.89
N SER H 182 12.81 -100.53 -25.64
CA SER H 182 12.75 -100.71 -27.08
C SER H 182 12.61 -102.19 -27.42
N LYS H 183 12.05 -102.46 -28.60
CA LYS H 183 11.86 -103.84 -29.02
C LYS H 183 13.18 -104.55 -29.23
N ALA H 184 14.21 -103.83 -29.71
CA ALA H 184 15.53 -104.43 -29.86
C ALA H 184 16.10 -104.84 -28.51
N ASP H 185 15.94 -103.99 -27.51
CA ASP H 185 16.37 -104.35 -26.17
C ASP H 185 15.42 -105.35 -25.52
N TYR H 186 14.14 -105.31 -25.90
CA TYR H 186 13.18 -106.27 -25.37
C TYR H 186 13.52 -107.70 -25.79
N GLU H 187 13.95 -107.86 -27.04
CA GLU H 187 14.29 -109.20 -27.54
C GLU H 187 15.54 -109.77 -26.89
N LYS H 188 16.44 -108.92 -26.39
CA LYS H 188 17.69 -109.41 -25.82
C LYS H 188 17.45 -110.25 -24.57
N HIS H 189 16.55 -109.80 -23.70
CA HIS H 189 16.26 -110.51 -22.46
C HIS H 189 15.02 -111.38 -22.61
N LYS H 190 14.87 -112.32 -21.67
CA LYS H 190 13.79 -113.29 -21.71
C LYS H 190 12.84 -113.16 -20.53
N VAL H 191 13.36 -112.99 -19.31
CA VAL H 191 12.55 -112.99 -18.11
C VAL H 191 12.51 -111.58 -17.53
N TYR H 192 11.32 -111.18 -17.06
CA TYR H 192 11.13 -109.91 -16.38
C TYR H 192 10.32 -110.16 -15.12
N ALA H 193 10.46 -109.27 -14.14
CA ALA H 193 9.67 -109.44 -12.92
C ALA H 193 9.56 -108.10 -12.20
N CYS H 194 8.44 -107.94 -11.48
CA CYS H 194 8.31 -106.85 -10.52
C CYS H 194 8.17 -107.46 -9.13
N GLU H 195 8.97 -106.97 -8.20
CA GLU H 195 9.06 -107.48 -6.84
C GLU H 195 8.46 -106.43 -5.91
N VAL H 196 7.42 -106.81 -5.18
CA VAL H 196 6.65 -105.89 -4.35
C VAL H 196 6.80 -106.29 -2.89
N THR H 197 7.06 -105.29 -2.04
CA THR H 197 7.15 -105.45 -0.60
C THR H 197 6.18 -104.48 0.05
N HIS H 198 5.36 -105.00 0.97
CA HIS H 198 4.36 -104.20 1.65
C HIS H 198 4.16 -104.77 3.05
N GLN H 199 3.95 -103.89 4.02
CA GLN H 199 3.87 -104.33 5.42
C GLN H 199 2.68 -105.23 5.70
N GLY H 200 1.67 -105.22 4.84
CA GLY H 200 0.52 -106.11 5.01
C GLY H 200 0.77 -107.53 4.55
N LEU H 201 1.92 -107.81 3.95
CA LEU H 201 2.26 -109.13 3.47
C LEU H 201 3.32 -109.75 4.38
N SER H 202 3.15 -111.03 4.69
CA SER H 202 4.15 -111.73 5.50
C SER H 202 5.50 -111.78 4.80
N SER H 203 5.50 -112.08 3.50
CA SER H 203 6.72 -112.11 2.71
C SER H 203 6.49 -111.34 1.42
N PRO H 204 7.54 -110.71 0.88
CA PRO H 204 7.40 -109.98 -0.38
C PRO H 204 7.08 -110.92 -1.53
N VAL H 205 6.36 -110.39 -2.52
CA VAL H 205 5.83 -111.19 -3.61
C VAL H 205 6.48 -110.76 -4.92
N THR H 206 6.96 -111.73 -5.70
CA THR H 206 7.58 -111.48 -6.99
C THR H 206 6.66 -111.99 -8.09
N LYS H 207 6.34 -111.13 -9.05
CA LYS H 207 5.52 -111.50 -10.19
C LYS H 207 6.39 -111.47 -11.44
N SER H 208 6.48 -112.59 -12.15
CA SER H 208 7.42 -112.76 -13.25
C SER H 208 6.68 -113.11 -14.53
N PHE H 209 7.33 -112.78 -15.64
CA PHE H 209 6.82 -113.05 -16.99
C PHE H 209 7.98 -113.46 -17.87
N ASN H 210 7.75 -114.48 -18.70
CA ASN H 210 8.78 -114.99 -19.60
C ASN H 210 8.13 -115.46 -20.90
N ARG H 211 8.59 -114.91 -22.01
CA ARG H 211 8.10 -115.31 -23.33
C ARG H 211 9.07 -114.85 -24.42
N GLU I 1 16.28 -36.70 -41.68
CA GLU I 1 16.68 -37.96 -42.30
C GLU I 1 17.77 -37.74 -43.34
N ILE I 2 18.97 -38.22 -43.04
CA ILE I 2 20.11 -38.10 -43.95
C ILE I 2 20.28 -39.43 -44.67
N VAL I 3 20.16 -39.40 -45.99
CA VAL I 3 20.33 -40.60 -46.81
C VAL I 3 21.82 -40.82 -47.05
N MET I 4 22.30 -42.00 -46.70
CA MET I 4 23.72 -42.32 -46.77
C MET I 4 23.91 -43.40 -47.83
N THR I 5 24.75 -43.11 -48.83
CA THR I 5 24.89 -43.95 -50.01
C THR I 5 26.29 -44.56 -50.02
N GLN I 6 26.36 -45.88 -50.15
CA GLN I 6 27.62 -46.60 -50.14
C GLN I 6 27.84 -47.25 -51.50
N SER I 7 29.07 -47.18 -51.99
CA SER I 7 29.42 -47.73 -53.30
C SER I 7 30.82 -48.32 -53.25
N PRO I 8 31.07 -49.40 -54.02
CA PRO I 8 30.08 -50.18 -54.76
C PRO I 8 29.42 -51.26 -53.92
N ALA I 9 28.28 -51.77 -54.38
CA ALA I 9 27.57 -52.80 -53.61
C ALA I 9 28.32 -54.13 -53.63
N PHE I 10 28.95 -54.47 -54.76
CA PHE I 10 29.69 -55.70 -54.90
C PHE I 10 31.02 -55.41 -55.58
N MET I 11 32.00 -56.26 -55.35
CA MET I 11 33.31 -56.11 -55.98
C MET I 11 34.04 -57.44 -55.95
N SER I 12 35.09 -57.52 -56.75
CA SER I 12 36.00 -58.65 -56.77
C SER I 12 37.40 -58.17 -56.43
N ALA I 13 38.06 -58.85 -55.50
CA ALA I 13 39.35 -58.42 -54.98
C ALA I 13 40.44 -59.38 -55.40
N THR I 14 41.50 -58.84 -56.00
CA THR I 14 42.68 -59.63 -56.29
C THR I 14 43.44 -59.92 -55.00
N PRO I 15 44.32 -60.93 -55.02
CA PRO I 15 45.12 -61.20 -53.81
C PRO I 15 45.97 -60.02 -53.37
N GLY I 16 46.29 -59.10 -54.27
CA GLY I 16 47.01 -57.90 -53.89
C GLY I 16 46.19 -56.64 -54.08
N ASP I 17 46.85 -55.55 -54.48
CA ASP I 17 46.20 -54.29 -54.85
C ASP I 17 45.50 -53.62 -53.68
N LYS I 18 44.97 -52.43 -53.91
CA LYS I 18 44.22 -51.68 -52.91
C LYS I 18 42.79 -51.46 -53.39
N VAL I 19 41.89 -51.29 -52.43
CA VAL I 19 40.47 -51.13 -52.69
C VAL I 19 39.95 -49.92 -51.94
N ASN I 20 39.15 -49.10 -52.62
CA ASN I 20 38.52 -47.92 -52.05
C ASN I 20 37.01 -48.09 -52.07
N ILE I 21 36.37 -47.78 -50.94
CA ILE I 21 34.93 -47.83 -50.79
C ILE I 21 34.45 -46.43 -50.44
N SER I 22 33.44 -45.93 -51.15
CA SER I 22 32.96 -44.56 -51.01
C SER I 22 31.66 -44.53 -50.24
N CYS I 23 31.59 -43.66 -49.24
CA CYS I 23 30.37 -43.41 -48.48
C CYS I 23 30.05 -41.92 -48.57
N LYS I 24 28.85 -41.63 -49.06
CA LYS I 24 28.46 -40.25 -49.28
C LYS I 24 27.22 -39.87 -48.50
N ALA I 25 27.12 -38.61 -48.13
CA ALA I 25 26.01 -38.10 -47.35
C ALA I 25 25.30 -36.99 -48.10
N SER I 26 23.99 -36.90 -47.90
CA SER I 26 23.19 -35.87 -48.55
C SER I 26 23.27 -34.52 -47.86
N GLN I 27 23.81 -34.47 -46.65
CA GLN I 27 24.01 -33.23 -45.91
C GLN I 27 25.41 -33.22 -45.32
N ASP I 28 25.79 -32.08 -44.75
CA ASP I 28 27.10 -31.94 -44.12
C ASP I 28 27.03 -32.53 -42.71
N ILE I 29 27.96 -33.44 -42.41
CA ILE I 29 27.99 -34.09 -41.11
C ILE I 29 29.35 -34.00 -40.43
N ALA I 30 30.32 -33.32 -41.04
CA ALA I 30 31.68 -33.23 -40.50
C ALA I 30 32.22 -34.65 -40.34
N ASP I 31 33.03 -34.89 -39.31
CA ASP I 31 33.53 -36.24 -39.03
C ASP I 31 32.67 -36.88 -37.94
N ASP I 32 31.51 -37.36 -38.36
CA ASP I 32 30.53 -37.97 -37.46
C ASP I 32 30.11 -39.33 -38.00
N MET I 33 31.09 -40.17 -38.35
CA MET I 33 30.80 -41.46 -38.95
C MET I 33 31.76 -42.51 -38.41
N ASN I 34 31.34 -43.77 -38.54
CA ASN I 34 32.14 -44.92 -38.17
C ASN I 34 32.07 -45.96 -39.28
N TRP I 35 33.11 -46.77 -39.38
CA TRP I 35 33.20 -47.87 -40.33
C TRP I 35 33.25 -49.19 -39.57
N TYR I 36 32.37 -50.13 -39.94
CA TYR I 36 32.26 -51.42 -39.29
C TYR I 36 32.44 -52.55 -40.29
N GLN I 37 32.99 -53.66 -39.79
CA GLN I 37 33.16 -54.90 -40.54
C GLN I 37 32.43 -56.02 -39.83
N GLN I 38 31.69 -56.83 -40.60
CA GLN I 38 30.95 -57.97 -40.05
C GLN I 38 31.17 -59.17 -40.95
N LYS I 39 31.79 -60.21 -40.41
CA LYS I 39 31.90 -61.46 -41.14
C LYS I 39 30.63 -62.29 -40.96
N PRO I 40 30.26 -63.09 -41.96
CA PRO I 40 29.00 -63.85 -41.89
C PRO I 40 29.02 -64.84 -40.74
N GLY I 41 28.05 -64.72 -39.85
CA GLY I 41 27.88 -65.61 -38.72
C GLY I 41 28.39 -65.07 -37.40
N GLU I 42 29.23 -64.04 -37.42
CA GLU I 42 29.77 -63.44 -36.21
C GLU I 42 29.20 -62.05 -36.01
N ALA I 43 29.61 -61.42 -34.91
CA ALA I 43 29.18 -60.07 -34.61
C ALA I 43 30.03 -59.05 -35.38
N ALA I 44 29.49 -57.84 -35.48
CA ALA I 44 30.20 -56.78 -36.17
C ALA I 44 31.42 -56.33 -35.38
N ILE I 45 32.42 -55.82 -36.09
CA ILE I 45 33.68 -55.40 -35.51
C ILE I 45 33.83 -53.89 -35.71
N PHE I 46 34.25 -53.21 -34.64
CA PHE I 46 34.44 -51.76 -34.68
C PHE I 46 35.79 -51.46 -35.31
N ILE I 47 35.77 -50.95 -36.54
CA ILE I 47 37.02 -50.74 -37.27
C ILE I 47 37.51 -49.30 -37.23
N ILE I 48 36.71 -48.37 -37.74
CA ILE I 48 37.16 -46.99 -37.79
C ILE I 48 36.24 -46.04 -37.03
N GLN I 49 36.82 -45.15 -36.25
CA GLN I 49 36.05 -44.17 -35.49
C GLN I 49 36.34 -42.78 -36.02
N GLU I 50 35.29 -41.98 -36.19
CA GLU I 50 35.39 -40.58 -36.60
C GLU I 50 36.08 -40.41 -37.94
N ALA I 51 36.02 -41.44 -38.79
CA ALA I 51 36.41 -41.36 -40.20
C ALA I 51 37.90 -41.18 -40.42
N THR I 52 38.67 -41.01 -39.36
CA THR I 52 40.12 -40.82 -39.53
C THR I 52 40.92 -41.63 -38.53
N THR I 53 40.37 -41.85 -37.34
CA THR I 53 41.10 -42.48 -36.26
C THR I 53 41.01 -43.99 -36.37
N LEU I 54 42.17 -44.65 -36.39
CA LEU I 54 42.21 -46.10 -36.44
C LEU I 54 42.04 -46.67 -35.04
N VAL I 55 41.14 -47.63 -34.91
CA VAL I 55 40.86 -48.23 -33.60
C VAL I 55 42.04 -49.11 -33.20
N PRO I 56 42.52 -49.02 -31.96
CA PRO I 56 43.62 -49.90 -31.54
C PRO I 56 43.22 -51.37 -31.60
N GLY I 57 44.19 -52.21 -31.95
CA GLY I 57 43.97 -53.63 -32.07
C GLY I 57 43.67 -54.11 -33.48
N ILE I 58 43.46 -53.20 -34.42
CA ILE I 58 43.19 -53.56 -35.81
C ILE I 58 44.46 -53.40 -36.61
N SER I 59 44.56 -54.16 -37.71
CA SER I 59 45.75 -54.11 -38.54
C SER I 59 45.90 -52.72 -39.17
N PRO I 60 47.13 -52.21 -39.30
CA PRO I 60 47.32 -50.88 -39.87
C PRO I 60 47.06 -50.80 -41.36
N ARG I 61 46.68 -51.90 -42.01
CA ARG I 61 46.37 -51.86 -43.44
C ARG I 61 45.13 -51.01 -43.71
N PHE I 62 44.13 -51.10 -42.84
CA PHE I 62 42.91 -50.31 -43.00
C PHE I 62 43.20 -48.83 -42.80
N SER I 63 42.54 -47.99 -43.60
CA SER I 63 42.66 -46.55 -43.41
C SER I 63 41.37 -45.88 -43.84
N GLY I 64 41.16 -44.66 -43.35
CA GLY I 64 40.00 -43.89 -43.72
C GLY I 64 40.36 -42.44 -43.94
N SER I 65 39.54 -41.77 -44.74
CA SER I 65 39.77 -40.36 -45.04
C SER I 65 38.47 -39.72 -45.46
N GLY I 66 38.45 -38.38 -45.44
CA GLY I 66 37.30 -37.65 -45.90
C GLY I 66 36.66 -36.76 -44.86
N TYR I 67 36.33 -35.53 -45.24
CA TYR I 67 35.60 -34.61 -44.38
C TYR I 67 34.53 -33.93 -45.22
N GLY I 68 33.39 -33.64 -44.59
CA GLY I 68 32.30 -33.01 -45.29
C GLY I 68 31.17 -33.97 -45.63
N THR I 69 31.10 -34.40 -46.90
CA THR I 69 30.03 -35.28 -47.34
C THR I 69 30.57 -36.56 -47.97
N ASP I 70 31.82 -36.53 -48.44
CA ASP I 70 32.43 -37.67 -49.13
C ASP I 70 33.47 -38.30 -48.22
N PHE I 71 33.42 -39.62 -48.08
CA PHE I 71 34.36 -40.35 -47.24
C PHE I 71 34.81 -41.62 -47.96
N THR I 72 36.04 -42.03 -47.68
CA THR I 72 36.64 -43.16 -48.37
C THR I 72 37.30 -44.09 -47.35
N LEU I 73 37.03 -45.38 -47.48
CA LEU I 73 37.72 -46.43 -46.75
C LEU I 73 38.67 -47.14 -47.69
N THR I 74 39.93 -47.28 -47.27
CA THR I 74 40.97 -47.86 -48.10
C THR I 74 41.52 -49.11 -47.43
N ILE I 75 41.56 -50.20 -48.18
CA ILE I 75 42.16 -51.46 -47.75
C ILE I 75 43.34 -51.75 -48.67
N ASN I 76 44.53 -51.88 -48.08
CA ASN I 76 45.74 -52.16 -48.84
C ASN I 76 46.30 -53.51 -48.42
N ASN I 77 46.96 -54.17 -49.37
CA ASN I 77 47.57 -55.49 -49.17
C ASN I 77 46.51 -56.49 -48.69
N ILE I 78 45.54 -56.72 -49.56
CA ILE I 78 44.42 -57.59 -49.23
C ILE I 78 44.93 -59.01 -48.98
N GLU I 79 44.25 -59.72 -48.07
CA GLU I 79 44.49 -61.12 -47.83
C GLU I 79 43.18 -61.88 -47.96
N SER I 80 43.24 -63.20 -47.79
CA SER I 80 42.06 -64.03 -47.97
C SER I 80 40.99 -63.72 -46.93
N GLU I 81 41.38 -63.48 -45.69
CA GLU I 81 40.45 -63.28 -44.59
C GLU I 81 39.93 -61.85 -44.52
N ASP I 82 40.04 -61.08 -45.60
CA ASP I 82 39.50 -59.73 -45.66
C ASP I 82 38.14 -59.69 -46.34
N ALA I 83 37.53 -60.85 -46.59
CA ALA I 83 36.22 -60.93 -47.21
C ALA I 83 35.16 -60.85 -46.12
N ALA I 84 34.39 -59.77 -46.12
CA ALA I 84 33.38 -59.54 -45.09
C ALA I 84 32.38 -58.52 -45.60
N TYR I 85 31.53 -58.02 -44.69
CA TYR I 85 30.50 -57.05 -45.00
C TYR I 85 30.88 -55.74 -44.32
N TYR I 86 31.17 -54.72 -45.12
CA TYR I 86 31.61 -53.42 -44.62
C TYR I 86 30.45 -52.42 -44.72
N PHE I 87 30.19 -51.71 -43.63
CA PHE I 87 29.16 -50.68 -43.69
C PHE I 87 29.56 -49.44 -42.91
N CYS I 88 29.07 -48.29 -43.39
CA CYS I 88 29.37 -46.98 -42.83
C CYS I 88 28.14 -46.43 -42.14
N LEU I 89 28.32 -45.94 -40.92
CA LEU I 89 27.23 -45.42 -40.09
C LEU I 89 27.50 -43.97 -39.75
N GLN I 90 26.44 -43.15 -39.72
CA GLN I 90 26.52 -41.77 -39.25
C GLN I 90 25.70 -41.63 -37.97
N HIS I 91 26.23 -40.86 -37.02
CA HIS I 91 25.59 -40.66 -35.73
C HIS I 91 25.54 -39.19 -35.38
N ASP I 92 25.18 -38.34 -36.35
CA ASP I 92 25.13 -36.91 -36.11
C ASP I 92 23.81 -36.48 -35.50
N ASN I 93 22.70 -36.76 -36.18
CA ASN I 93 21.39 -36.35 -35.72
C ASN I 93 20.40 -37.49 -35.91
N PHE I 94 19.36 -37.49 -35.07
CA PHE I 94 18.34 -38.51 -35.14
C PHE I 94 17.47 -38.32 -36.39
N PRO I 95 17.01 -39.41 -37.01
CA PRO I 95 17.36 -40.79 -36.64
C PRO I 95 18.71 -41.21 -37.22
N LEU I 96 19.40 -42.12 -36.54
CA LEU I 96 20.67 -42.63 -37.05
C LEU I 96 20.40 -43.49 -38.28
N THR I 97 21.21 -43.28 -39.33
CA THR I 97 21.06 -44.01 -40.58
C THR I 97 22.37 -44.68 -40.93
N PHE I 98 22.28 -45.95 -41.35
CA PHE I 98 23.45 -46.67 -41.83
C PHE I 98 23.63 -46.46 -43.33
N GLY I 99 24.72 -47.00 -43.86
CA GLY I 99 24.98 -46.96 -45.28
C GLY I 99 24.18 -47.99 -46.04
N GLY I 100 24.78 -48.52 -47.10
CA GLY I 100 24.16 -49.57 -47.87
C GLY I 100 24.74 -50.93 -47.57
N GLY I 101 25.64 -51.39 -48.43
CA GLY I 101 26.31 -52.66 -48.20
C GLY I 101 27.45 -52.84 -49.18
N THR I 102 28.38 -53.69 -48.79
CA THR I 102 29.56 -53.97 -49.62
C THR I 102 30.10 -55.34 -49.26
N LYS I 103 30.19 -56.21 -50.26
CA LYS I 103 30.77 -57.54 -50.10
C LYS I 103 32.03 -57.64 -50.94
N VAL I 104 33.12 -58.07 -50.31
CA VAL I 104 34.41 -58.20 -50.96
C VAL I 104 34.73 -59.68 -51.10
N GLU I 105 35.09 -60.11 -52.31
CA GLU I 105 35.40 -61.50 -52.58
C GLU I 105 36.76 -61.61 -53.25
N ILE I 106 37.52 -62.62 -52.84
CA ILE I 106 38.85 -62.87 -53.39
C ILE I 106 38.71 -63.46 -54.79
N LYS I 107 39.50 -62.95 -55.72
CA LYS I 107 39.45 -63.37 -57.12
C LYS I 107 40.57 -64.37 -57.40
N ARG I 108 40.24 -65.42 -58.15
CA ARG I 108 41.22 -66.41 -58.57
C ARG I 108 40.91 -66.80 -60.01
N THR I 109 41.56 -67.86 -60.48
CA THR I 109 41.37 -68.29 -61.86
C THR I 109 40.00 -68.91 -62.05
N VAL I 110 39.58 -69.01 -63.31
CA VAL I 110 38.29 -69.57 -63.67
C VAL I 110 38.40 -71.09 -63.73
N ALA I 111 37.38 -71.77 -63.21
CA ALA I 111 37.34 -73.23 -63.19
C ALA I 111 36.10 -73.72 -63.92
N ALA I 112 36.27 -74.79 -64.69
CA ALA I 112 35.15 -75.37 -65.42
C ALA I 112 34.23 -76.14 -64.47
N PRO I 113 32.94 -75.85 -64.46
CA PRO I 113 32.02 -76.55 -63.56
C PRO I 113 31.80 -78.00 -63.99
N SER I 114 31.41 -78.81 -63.01
CA SER I 114 31.00 -80.19 -63.25
C SER I 114 29.51 -80.31 -62.99
N VAL I 115 28.78 -80.94 -63.91
CA VAL I 115 27.33 -81.00 -63.89
C VAL I 115 26.88 -82.43 -63.62
N PHE I 116 25.95 -82.59 -62.69
CA PHE I 116 25.35 -83.87 -62.34
C PHE I 116 23.84 -83.75 -62.39
N ILE I 117 23.17 -84.88 -62.61
CA ILE I 117 21.72 -84.92 -62.74
C ILE I 117 21.16 -86.02 -61.86
N PHE I 118 20.01 -85.76 -61.23
CA PHE I 118 19.35 -86.72 -60.36
C PHE I 118 17.86 -86.76 -60.68
N PRO I 119 17.29 -87.94 -60.91
CA PRO I 119 15.87 -88.06 -61.23
C PRO I 119 15.05 -88.25 -59.97
N PRO I 120 13.72 -88.19 -60.05
CA PRO I 120 12.91 -88.36 -58.85
C PRO I 120 12.96 -89.79 -58.34
N SER I 121 12.73 -89.93 -57.03
CA SER I 121 12.67 -91.23 -56.39
C SER I 121 11.23 -91.75 -56.38
N ASP I 122 11.09 -93.03 -56.06
CA ASP I 122 9.76 -93.65 -56.05
C ASP I 122 8.87 -93.11 -54.93
N GLU I 123 9.47 -92.54 -53.87
CA GLU I 123 8.67 -91.97 -52.80
C GLU I 123 7.81 -90.81 -53.32
N GLN I 124 8.41 -89.93 -54.12
CA GLN I 124 7.63 -88.86 -54.74
C GLN I 124 6.55 -89.42 -55.66
N LEU I 125 6.89 -90.45 -56.44
CA LEU I 125 5.95 -91.00 -57.40
C LEU I 125 4.73 -91.59 -56.70
N LYS I 126 4.94 -92.33 -55.61
CA LYS I 126 3.81 -92.83 -54.84
C LYS I 126 3.12 -91.74 -54.05
N SER I 127 3.82 -90.63 -53.77
CA SER I 127 3.19 -89.50 -53.10
C SER I 127 2.28 -88.71 -54.04
N GLY I 128 2.69 -88.54 -55.29
CA GLY I 128 1.89 -87.76 -56.23
C GLY I 128 2.60 -86.52 -56.73
N THR I 129 3.93 -86.57 -56.77
CA THR I 129 4.75 -85.43 -57.17
C THR I 129 6.02 -85.97 -57.82
N ALA I 130 6.65 -85.14 -58.64
CA ALA I 130 7.92 -85.47 -59.27
C ALA I 130 8.88 -84.28 -59.13
N SER I 131 10.15 -84.58 -58.92
CA SER I 131 11.18 -83.57 -58.75
C SER I 131 12.46 -84.04 -59.43
N VAL I 132 12.94 -83.28 -60.40
CA VAL I 132 14.21 -83.57 -61.07
C VAL I 132 15.19 -82.47 -60.72
N VAL I 133 16.42 -82.84 -60.40
CA VAL I 133 17.41 -81.83 -60.01
C VAL I 133 18.67 -82.01 -60.83
N CYS I 134 19.41 -80.91 -60.98
CA CYS I 134 20.74 -80.99 -61.57
C CYS I 134 21.61 -79.91 -60.94
N LEU I 135 22.86 -80.27 -60.67
CA LEU I 135 23.76 -79.46 -59.87
C LEU I 135 25.06 -79.20 -60.61
N LEU I 136 25.66 -78.07 -60.27
CA LEU I 136 26.95 -77.64 -60.80
C LEU I 136 27.91 -77.41 -59.65
N ASN I 137 29.15 -77.86 -59.83
CA ASN I 137 30.16 -77.78 -58.77
C ASN I 137 31.47 -77.24 -59.32
N ASN I 138 32.22 -76.57 -58.45
CA ASN I 138 33.61 -76.17 -58.70
C ASN I 138 33.73 -75.27 -59.93
N PHE I 139 33.13 -74.10 -59.83
CA PHE I 139 33.29 -73.04 -60.82
C PHE I 139 33.46 -71.72 -60.09
N TYR I 140 34.44 -70.92 -60.50
CA TYR I 140 34.67 -69.66 -59.80
C TYR I 140 33.61 -68.62 -60.13
N PRO I 141 33.45 -68.19 -61.39
CA PRO I 141 32.51 -67.09 -61.65
C PRO I 141 31.07 -67.56 -61.54
N ARG I 142 30.26 -66.75 -60.86
CA ARG I 142 28.87 -67.10 -60.58
C ARG I 142 27.99 -67.02 -61.82
N GLU I 143 28.50 -66.50 -62.94
CA GLU I 143 27.69 -66.30 -64.14
C GLU I 143 27.54 -67.64 -64.86
N ALA I 144 26.71 -68.51 -64.29
CA ALA I 144 26.33 -69.77 -64.90
C ALA I 144 24.82 -69.79 -65.05
N LYS I 145 24.35 -70.03 -66.27
CA LYS I 145 22.93 -69.93 -66.59
C LYS I 145 22.39 -71.32 -66.92
N VAL I 146 21.34 -71.73 -66.23
CA VAL I 146 20.73 -73.04 -66.41
C VAL I 146 19.29 -72.86 -66.88
N GLN I 147 18.92 -73.63 -67.91
CA GLN I 147 17.59 -73.59 -68.49
C GLN I 147 17.02 -75.00 -68.54
N TRP I 148 15.69 -75.08 -68.44
CA TRP I 148 14.97 -76.34 -68.40
C TRP I 148 14.27 -76.59 -69.73
N LYS I 149 14.56 -77.72 -70.35
CA LYS I 149 14.02 -78.08 -71.66
C LYS I 149 13.30 -79.42 -71.56
N VAL I 150 12.02 -79.42 -71.90
CA VAL I 150 11.22 -80.64 -71.99
C VAL I 150 10.58 -80.68 -73.36
N ASP I 151 10.81 -81.76 -74.11
CA ASP I 151 10.34 -81.91 -75.48
C ASP I 151 10.79 -80.73 -76.34
N ASN I 152 12.04 -80.30 -76.14
CA ASN I 152 12.63 -79.15 -76.85
C ASN I 152 11.84 -77.87 -76.61
N ALA I 153 11.15 -77.79 -75.47
CA ALA I 153 10.38 -76.62 -75.09
C ALA I 153 10.97 -76.06 -73.81
N LEU I 154 11.19 -74.74 -73.77
CA LEU I 154 11.77 -74.09 -72.61
C LEU I 154 10.71 -73.82 -71.56
N GLN I 155 11.00 -74.17 -70.31
CA GLN I 155 10.10 -73.94 -69.20
C GLN I 155 10.69 -72.91 -68.25
N SER I 156 9.94 -71.86 -67.97
CA SER I 156 10.35 -70.79 -67.08
C SER I 156 9.50 -70.74 -65.81
N GLY I 157 8.83 -71.83 -65.47
CA GLY I 157 8.01 -71.89 -64.28
C GLY I 157 8.23 -73.18 -63.52
N ASN I 158 7.82 -73.15 -62.24
CA ASN I 158 7.94 -74.29 -61.34
C ASN I 158 9.38 -74.77 -61.16
N SER I 159 10.34 -73.88 -61.38
CA SER I 159 11.75 -74.20 -61.25
C SER I 159 12.40 -73.28 -60.24
N GLN I 160 13.27 -73.83 -59.40
CA GLN I 160 13.94 -73.07 -58.35
C GLN I 160 15.44 -73.27 -58.43
N GLU I 161 16.18 -72.25 -58.00
CA GLU I 161 17.64 -72.25 -58.02
C GLU I 161 18.16 -71.96 -56.62
N SER I 162 19.29 -72.60 -56.28
CA SER I 162 19.95 -72.34 -55.01
C SER I 162 21.46 -72.33 -55.25
N VAL I 163 22.16 -71.43 -54.55
CA VAL I 163 23.60 -71.29 -54.71
C VAL I 163 24.24 -71.13 -53.33
N THR I 164 25.35 -71.81 -53.12
CA THR I 164 26.08 -71.71 -51.87
C THR I 164 26.94 -70.45 -51.86
N GLU I 165 27.68 -70.25 -50.77
CA GLU I 165 28.52 -69.08 -50.63
C GLU I 165 29.95 -69.38 -51.06
N GLN I 166 30.80 -68.37 -51.01
CA GLN I 166 32.19 -68.52 -51.41
C GLN I 166 32.91 -69.51 -50.50
N ASP I 167 33.67 -70.41 -51.11
CA ASP I 167 34.39 -71.42 -50.33
C ASP I 167 35.63 -70.81 -49.70
N SER I 168 35.83 -71.10 -48.41
CA SER I 168 36.97 -70.55 -47.69
C SER I 168 38.28 -71.24 -48.06
N LYS I 169 38.22 -72.50 -48.48
CA LYS I 169 39.44 -73.26 -48.74
C LYS I 169 40.11 -72.81 -50.04
N ASP I 170 39.42 -73.00 -51.16
CA ASP I 170 40.01 -72.70 -52.47
C ASP I 170 39.09 -71.83 -53.34
N SER I 171 38.09 -71.19 -52.73
CA SER I 171 37.25 -70.22 -53.43
C SER I 171 36.56 -70.82 -54.65
N THR I 172 35.71 -71.80 -54.40
CA THR I 172 34.89 -72.42 -55.42
C THR I 172 33.41 -72.14 -55.13
N TYR I 173 32.54 -72.72 -55.94
CA TYR I 173 31.11 -72.48 -55.81
C TYR I 173 30.34 -73.76 -56.10
N SER I 174 29.05 -73.73 -55.79
CA SER I 174 28.15 -74.82 -56.10
C SER I 174 26.76 -74.25 -56.32
N LEU I 175 25.95 -74.97 -57.08
CA LEU I 175 24.61 -74.52 -57.42
C LEU I 175 23.73 -75.73 -57.70
N SER I 176 22.45 -75.60 -57.39
CA SER I 176 21.47 -76.64 -57.66
C SER I 176 20.24 -76.03 -58.32
N SER I 177 19.66 -76.77 -59.26
CA SER I 177 18.43 -76.38 -59.94
C SER I 177 17.43 -77.51 -59.80
N THR I 178 16.23 -77.18 -59.35
CA THR I 178 15.18 -78.16 -59.11
C THR I 178 13.94 -77.81 -59.93
N LEU I 179 13.30 -78.84 -60.48
CA LEU I 179 12.06 -78.71 -61.22
C LEU I 179 11.05 -79.67 -60.62
N THR I 180 9.96 -79.13 -60.10
CA THR I 180 8.95 -79.91 -59.39
C THR I 180 7.61 -79.78 -60.12
N LEU I 181 7.01 -80.93 -60.44
CA LEU I 181 5.73 -80.97 -61.13
C LEU I 181 4.87 -82.05 -60.48
N SER I 182 3.63 -82.17 -60.97
CA SER I 182 2.75 -83.24 -60.52
C SER I 182 3.11 -84.55 -61.22
N LYS I 183 2.69 -85.66 -60.61
CA LYS I 183 2.97 -86.97 -61.20
C LYS I 183 2.20 -87.16 -62.51
N ALA I 184 1.00 -86.60 -62.61
CA ALA I 184 0.24 -86.71 -63.86
C ALA I 184 0.96 -86.02 -65.00
N ASP I 185 1.47 -84.80 -64.76
CA ASP I 185 2.23 -84.11 -65.80
C ASP I 185 3.56 -84.78 -66.07
N TYR I 186 4.19 -85.34 -65.03
CA TYR I 186 5.46 -86.02 -65.22
C TYR I 186 5.32 -87.27 -66.09
N GLU I 187 4.22 -88.00 -65.92
CA GLU I 187 4.02 -89.22 -66.70
C GLU I 187 3.88 -88.93 -68.19
N LYS I 188 3.26 -87.81 -68.55
CA LYS I 188 3.04 -87.49 -69.96
C LYS I 188 4.36 -87.37 -70.72
N HIS I 189 5.18 -86.40 -70.33
CA HIS I 189 6.45 -86.17 -71.01
C HIS I 189 7.45 -87.25 -70.64
N LYS I 190 8.44 -87.44 -71.51
CA LYS I 190 9.43 -88.50 -71.34
C LYS I 190 10.86 -87.99 -71.26
N VAL I 191 11.22 -86.96 -72.02
CA VAL I 191 12.58 -86.44 -72.05
C VAL I 191 12.64 -85.13 -71.28
N TYR I 192 13.65 -84.99 -70.44
CA TYR I 192 13.90 -83.77 -69.69
C TYR I 192 15.39 -83.43 -69.82
N ALA I 193 15.72 -82.15 -69.69
CA ALA I 193 17.12 -81.77 -69.76
C ALA I 193 17.33 -80.42 -69.09
N CYS I 194 18.50 -80.26 -68.47
CA CYS I 194 18.96 -78.97 -67.99
C CYS I 194 20.20 -78.59 -68.77
N GLU I 195 20.18 -77.38 -69.33
CA GLU I 195 21.22 -76.88 -70.22
C GLU I 195 21.92 -75.71 -69.56
N VAL I 196 23.23 -75.80 -69.40
CA VAL I 196 24.01 -74.83 -68.64
C VAL I 196 25.03 -74.17 -69.56
N THR I 197 25.13 -72.85 -69.44
CA THR I 197 26.14 -72.05 -70.12
C THR I 197 27.02 -71.38 -69.08
N HIS I 198 28.33 -71.45 -69.28
CA HIS I 198 29.28 -70.85 -68.36
C HIS I 198 30.53 -70.45 -69.14
N GLN I 199 31.06 -69.27 -68.81
CA GLN I 199 32.20 -68.75 -69.56
C GLN I 199 33.46 -69.59 -69.36
N GLY I 200 33.52 -70.41 -68.32
CA GLY I 200 34.63 -71.32 -68.15
C GLY I 200 34.59 -72.54 -69.04
N LEU I 201 33.48 -72.74 -69.77
CA LEU I 201 33.34 -73.84 -70.70
C LEU I 201 33.39 -73.32 -72.13
N SER I 202 34.01 -74.11 -73.01
CA SER I 202 34.08 -73.73 -74.41
C SER I 202 32.70 -73.67 -75.04
N SER I 203 31.85 -74.65 -74.74
CA SER I 203 30.51 -74.74 -75.28
C SER I 203 29.53 -75.08 -74.17
N PRO I 204 28.26 -74.68 -74.32
CA PRO I 204 27.25 -75.05 -73.32
C PRO I 204 27.05 -76.56 -73.25
N VAL I 205 26.71 -77.03 -72.05
CA VAL I 205 26.58 -78.45 -71.78
C VAL I 205 25.14 -78.76 -71.38
N THR I 206 24.56 -79.78 -71.99
CA THR I 206 23.20 -80.21 -71.72
C THR I 206 23.22 -81.59 -71.09
N LYS I 207 22.54 -81.73 -69.94
CA LYS I 207 22.38 -83.01 -69.28
C LYS I 207 20.92 -83.43 -69.36
N SER I 208 20.67 -84.61 -69.91
CA SER I 208 19.32 -85.06 -70.22
C SER I 208 19.01 -86.39 -69.55
N PHE I 209 17.72 -86.68 -69.46
CA PHE I 209 17.22 -87.91 -68.86
C PHE I 209 15.91 -88.29 -69.55
N ASN I 210 15.82 -89.55 -69.98
CA ASN I 210 14.63 -90.06 -70.64
C ASN I 210 14.18 -91.34 -69.93
N ARG I 211 12.89 -91.41 -69.62
CA ARG I 211 12.32 -92.59 -68.95
C ARG I 211 10.81 -92.60 -69.08
C1 NAG J . 14.20 107.22 26.89
C2 NAG J . 14.44 108.50 26.08
C3 NAG J . 14.46 109.72 27.00
C4 NAG J . 13.19 109.77 27.83
C5 NAG J . 13.03 108.46 28.60
C6 NAG J . 11.74 108.38 29.38
C7 NAG J . 15.74 107.99 24.06
C8 NAG J . 17.09 107.96 23.43
N2 NAG J . 15.68 108.41 25.32
O3 NAG J . 14.55 110.89 26.20
O4 NAG J . 13.26 110.85 28.75
O5 NAG J . 13.00 107.36 27.68
O6 NAG J . 10.61 108.51 28.54
O7 NAG J . 14.73 107.65 23.44
C1 NAG J . 12.13 111.74 28.53
C2 NAG J . 12.22 112.91 29.51
C3 NAG J . 11.07 113.88 29.28
C4 NAG J . 11.00 114.30 27.82
C5 NAG J . 10.97 113.07 26.92
C6 NAG J . 11.03 113.42 25.44
C7 NAG J . 12.84 113.14 31.87
C8 NAG J . 12.76 112.51 33.23
N2 NAG J . 12.24 112.46 30.89
O3 NAG J . 11.23 115.02 30.10
O4 NAG J . 9.84 115.08 27.58
O5 NAG J . 12.09 112.23 27.19
O6 NAG J . 12.22 112.93 24.85
O7 NAG J . 13.42 114.20 31.67
C1 NAG K . -0.55 94.69 18.16
C2 NAG K . -0.48 96.16 17.79
C3 NAG K . -1.86 96.67 17.38
C4 NAG K . -2.45 95.79 16.27
C5 NAG K . -2.42 94.32 16.69
C6 NAG K . -2.85 93.38 15.59
C7 NAG K . 0.72 98.09 18.73
C8 NAG K . 1.17 98.78 19.97
N2 NAG K . 0.03 96.96 18.90
O3 NAG K . -1.77 98.00 16.92
O4 NAG K . -3.79 96.18 16.01
O5 NAG K . -1.08 93.94 17.06
O6 NAG K . -3.81 92.44 16.05
O7 NAG K . 0.95 98.55 17.61
C1 NAG K . -3.89 96.69 14.67
C2 NAG K . -5.36 96.60 14.22
C3 NAG K . -5.52 97.18 12.82
C4 NAG K . -4.95 98.59 12.75
C5 NAG K . -3.52 98.61 13.26
C6 NAG K . -2.93 99.99 13.33
C7 NAG K . -6.91 94.85 14.96
C8 NAG K . -7.27 93.40 14.90
N2 NAG K . -5.83 95.22 14.27
O3 NAG K . -6.90 97.19 12.47
O4 NAG K . -4.99 99.07 11.42
O5 NAG K . -3.45 98.05 14.58
O6 NAG K . -2.76 100.41 14.68
O7 NAG K . -7.59 95.66 15.60
C1 NAG L . -21.04 85.51 16.33
C2 NAG L . -21.93 86.71 15.97
C3 NAG L . -22.99 86.30 14.96
C4 NAG L . -22.35 85.63 13.75
C5 NAG L . -21.46 84.48 14.20
C6 NAG L . -20.70 83.83 13.07
C7 NAG L . -22.48 88.56 17.48
C8 NAG L . -23.18 88.96 18.75
N2 NAG L . -22.55 87.27 17.17
O3 NAG L . -23.72 87.46 14.55
O4 NAG L . -23.36 85.14 12.88
O5 NAG L . -20.48 84.96 15.14
O6 NAG L . -19.82 84.76 12.45
O7 NAG L . -21.88 89.38 16.79
C1 NAG L . -23.36 85.91 11.66
C2 NAG L . -23.87 85.02 10.52
C3 NAG L . -23.94 85.83 9.23
C4 NAG L . -24.77 87.09 9.43
C5 NAG L . -24.24 87.88 10.62
C6 NAG L . -25.10 89.09 10.95
C7 NAG L . -23.47 82.60 10.56
C8 NAG L . -22.48 81.51 10.34
N2 NAG L . -23.03 83.85 10.35
O3 NAG L . -24.51 85.03 8.20
O4 NAG L . -24.71 87.89 8.26
O5 NAG L . -24.20 87.06 11.79
O6 NAG L . -24.64 90.25 10.29
O7 NAG L . -24.63 82.37 10.91
C1 NAG M . 44.24 16.59 -13.46
C2 NAG M . 45.41 17.29 -12.77
C3 NAG M . 45.78 18.57 -13.51
C4 NAG M . 46.06 18.26 -14.97
C5 NAG M . 44.86 17.56 -15.59
C6 NAG M . 45.10 17.12 -17.01
C7 NAG M . 45.89 17.20 -10.36
C8 NAG M . 45.43 17.58 -8.99
N2 NAG M . 45.11 17.58 -11.38
O3 NAG M . 46.92 19.15 -12.90
O4 NAG M . 46.34 19.46 -15.68
O5 NAG M . 44.56 16.36 -14.85
O6 NAG M . 44.12 16.20 -17.45
O7 NAG M . 46.92 16.56 -10.55
C1 NAG M . 47.75 19.53 -15.98
C2 NAG M . 48.12 21.00 -16.22
C3 NAG M . 49.62 21.11 -16.50
C4 NAG M . 50.41 20.48 -15.37
C5 NAG M . 49.96 19.03 -15.16
C6 NAG M . 50.63 18.37 -13.99
C7 NAG M . 47.13 22.86 -17.47
C8 NAG M . 46.32 23.27 -18.66
N2 NAG M . 47.35 21.56 -17.33
O3 NAG M . 49.98 22.49 -16.62
O4 NAG M . 51.80 20.48 -15.69
O5 NAG M . 48.54 19.01 -14.91
O6 NAG M . 52.00 18.10 -14.26
O7 NAG M . 47.57 23.69 -16.68
C1 NAG N . -22.09 94.47 54.83
C2 NAG N . -22.98 95.36 55.70
C3 NAG N . -22.17 96.49 56.31
C4 NAG N . -20.99 95.92 57.07
C5 NAG N . -20.17 95.00 56.17
C6 NAG N . -19.04 94.30 56.90
C7 NAG N . -25.26 95.25 54.79
C8 NAG N . -26.30 95.94 53.96
N2 NAG N . -24.09 95.89 54.92
O3 NAG N . -23.00 97.24 57.18
O4 NAG N . -20.15 96.99 57.52
O5 NAG N . -21.01 93.97 55.62
O6 NAG N . -19.32 94.18 58.29
O7 NAG N . -25.46 94.16 55.32
C1 NAG N . -20.32 97.20 58.95
C2 NAG N . -19.74 98.57 59.28
C3 NAG N . -19.92 98.86 60.77
C4 NAG N . -21.38 98.69 61.18
C5 NAG N . -21.88 97.31 60.77
C6 NAG N . -23.37 97.13 61.03
C7 NAG N . -17.94 98.91 57.66
C8 NAG N . -16.45 98.98 57.44
N2 NAG N . -18.34 98.67 58.91
O3 NAG N . -19.48 100.19 61.05
O4 NAG N . -21.51 98.83 62.58
O5 NAG N . -21.69 97.12 59.36
O6 NAG N . -23.66 95.79 61.40
O7 NAG N . -18.73 99.08 56.73
C1 NAG O . -17.52 74.27 58.52
C2 NAG O . -18.28 75.01 59.61
C3 NAG O . -18.10 74.30 60.95
C4 NAG O . -18.47 72.84 60.85
C5 NAG O . -17.69 72.18 59.70
C6 NAG O . -18.11 70.75 59.45
C7 NAG O . -18.71 77.43 59.57
C8 NAG O . -18.11 78.79 59.68
N2 NAG O . -17.86 76.40 59.69
O3 NAG O . -18.90 74.95 61.94
O4 NAG O . -18.17 72.17 62.06
O5 NAG O . -17.93 72.90 58.48
O6 NAG O . -17.01 69.96 59.03
O7 NAG O . -19.91 77.25 59.37
C1 NAG O . -19.37 71.61 62.63
C2 NAG O . -18.95 70.61 63.71
C3 NAG O . -20.19 70.01 64.38
C4 NAG O . -21.10 71.12 64.89
C5 NAG O . -21.43 72.10 63.77
C6 NAG O . -22.25 73.28 64.22
C7 NAG O . -16.87 69.33 63.53
C8 NAG O . -16.16 68.20 62.84
N2 NAG O . -18.13 69.55 63.15
O3 NAG O . -19.79 69.18 65.47
O4 NAG O . -22.31 70.55 65.40
O5 NAG O . -20.21 72.62 63.21
O6 NAG O . -22.25 74.31 63.24
O7 NAG O . -16.32 70.02 64.38
C1 NAG P . -5.91 56.91 67.00
C2 NAG P . -6.27 57.17 68.46
C3 NAG P . -6.39 55.85 69.21
C4 NAG P . -7.36 54.92 68.51
C5 NAG P . -6.95 54.75 67.05
C6 NAG P . -7.95 53.92 66.26
C7 NAG P . -5.62 59.24 69.61
C8 NAG P . -7.05 59.64 69.50
N2 NAG P . -5.29 58.04 69.09
O3 NAG P . -6.82 56.10 70.54
O4 NAG P . -7.37 53.65 69.15
O5 NAG P . -6.87 56.03 66.40
O6 NAG P . -9.16 54.64 66.06
O7 NAG P . -4.78 59.95 70.15
C1 NAG P . -8.61 53.51 69.89
C2 NAG P . -8.90 52.01 70.05
C3 NAG P . -10.18 51.82 70.86
C4 NAG P . -10.07 52.56 72.19
C5 NAG P . -9.71 54.01 71.97
C6 NAG P . -9.45 54.76 73.25
C7 NAG P . -8.06 50.60 68.23
C8 NAG P . -8.34 50.01 66.88
N2 NAG P . -9.03 51.36 68.75
O3 NAG P . -10.39 50.43 71.09
O4 NAG P . -11.30 52.48 72.89
O5 NAG P . -8.51 54.11 71.19
O6 NAG P . -9.31 56.17 73.02
O7 NAG P . -7.00 50.40 68.82
C1 NAG Q . -40.23 26.24 -21.44
C2 NAG Q . -40.08 27.58 -22.14
C3 NAG Q . -41.10 28.58 -21.61
C4 NAG Q . -42.51 28.01 -21.69
C5 NAG Q . -42.55 26.65 -20.99
C6 NAG Q . -43.89 25.96 -21.12
C7 NAG Q . -38.17 28.93 -22.88
C8 NAG Q . -36.77 29.37 -22.56
N2 NAG Q . -38.73 28.10 -22.00
O3 NAG Q . -41.03 29.78 -22.36
O4 NAG Q . -43.43 28.89 -21.07
O5 NAG Q . -41.58 25.77 -21.57
O6 NAG Q . -43.86 24.66 -20.54
O7 NAG Q . -38.75 29.32 -23.88
C1 NAG Q . -44.31 29.41 -22.09
C2 NAG Q . -45.33 30.36 -21.45
C3 NAG Q . -46.22 30.98 -22.52
C4 NAG Q . -45.38 31.63 -23.61
C5 NAG Q . -44.37 30.62 -24.16
C6 NAG Q . -43.44 31.22 -25.18
C7 NAG Q . -45.77 29.53 -19.19
C8 NAG Q . -46.72 28.79 -18.30
N2 NAG Q . -46.13 29.66 -20.46
O3 NAG Q . -47.07 31.95 -21.91
O4 NAG Q . -46.22 32.09 -24.66
O5 NAG Q . -43.56 30.12 -23.10
O6 NAG Q . -44.08 31.40 -26.44
O7 NAG Q . -44.73 30.01 -18.75
C1 NAG R . 22.70 84.71 67.14
C2 NAG R . 23.64 84.98 68.31
C3 NAG R . 23.45 86.40 68.82
C4 NAG R . 23.60 87.40 67.68
C5 NAG R . 22.66 87.03 66.54
C6 NAG R . 22.85 87.91 65.32
C7 NAG R . 24.24 82.99 69.61
C8 NAG R . 23.87 82.10 70.77
N2 NAG R . 23.42 84.02 69.38
O3 NAG R . 24.42 86.67 69.83
O4 NAG R . 23.27 88.70 68.15
O5 NAG R . 22.91 85.69 66.11
O6 NAG R . 24.23 88.14 65.05
O7 NAG R . 25.24 82.78 68.93
C1 NAG R . 24.42 89.56 68.05
C2 NAG R . 24.01 90.98 68.42
C3 NAG R . 25.21 91.91 68.39
C4 NAG R . 26.34 91.37 69.25
C5 NAG R . 26.66 89.92 68.85
C6 NAG R . 27.69 89.28 69.74
C7 NAG R . 21.66 91.24 67.75
C8 NAG R . 20.72 91.82 66.72
N2 NAG R . 22.97 91.47 67.53
O3 NAG R . 24.83 93.21 68.85
O4 NAG R . 27.50 92.16 69.10
O5 NAG R . 25.48 89.12 68.93
O6 NAG R . 28.78 88.76 68.98
O7 NAG R . 21.26 90.61 68.72
C1 NAG S . 30.14 75.59 50.24
C2 NAG S . 31.14 76.34 51.11
C3 NAG S . 32.38 76.72 50.30
C4 NAG S . 32.97 75.49 49.62
C5 NAG S . 31.90 74.79 48.81
C6 NAG S . 32.37 73.48 48.20
C7 NAG S . 30.43 77.71 53.03
C8 NAG S . 29.78 78.98 53.46
N2 NAG S . 30.54 77.52 51.71
O3 NAG S . 33.35 77.32 51.15
O4 NAG S . 34.04 75.87 48.77
O5 NAG S . 30.78 74.45 49.64
O6 NAG S . 31.94 73.34 46.86
O7 NAG S . 30.85 76.88 53.83
C1 NAG S . 35.27 75.32 49.26
C2 NAG S . 36.32 75.44 48.17
C3 NAG S . 37.67 74.91 48.66
C4 NAG S . 38.06 75.59 49.97
C5 NAG S . 36.93 75.46 50.98
C6 NAG S . 37.20 76.22 52.27
C7 NAG S . 35.67 75.34 45.80
C8 NAG S . 35.25 74.46 44.66
N2 NAG S . 35.91 74.73 46.97
O3 NAG S . 38.66 75.14 47.67
O4 NAG S . 39.25 75.00 50.49
O5 NAG S . 35.72 75.99 50.44
O6 NAG S . 36.21 77.21 52.51
O7 NAG S . 35.78 76.56 45.67
C1 NAG T . 36.86 74.85 28.44
C2 NAG T . 38.17 75.61 28.59
C3 NAG T . 39.28 74.96 27.77
C4 NAG T . 39.40 73.48 28.12
C5 NAG T . 38.04 72.81 27.92
C6 NAG T . 38.03 71.34 28.30
C7 NAG T . 38.48 78.03 28.91
C8 NAG T . 38.22 79.39 28.35
N2 NAG T . 38.01 77.00 28.20
O3 NAG T . 40.52 75.62 28.03
O4 NAG T . 40.37 72.87 27.27
O5 NAG T . 37.07 73.46 28.75
O6 NAG T . 37.66 71.17 29.66
O7 NAG T . 39.10 77.86 29.94
C1 NAG T . 41.38 72.23 28.09
C2 NAG T . 42.47 71.67 27.18
C3 NAG T . 43.57 71.01 28.01
C4 NAG T . 44.10 71.99 29.04
C5 NAG T . 42.95 72.55 29.88
C6 NAG T . 43.40 73.63 30.84
C7 NAG T . 41.51 71.07 25.00
C8 NAG T . 40.96 69.96 24.16
N2 NAG T . 41.90 70.72 26.23
O3 NAG T . 44.62 70.59 27.15
O4 NAG T . 45.02 71.33 29.90
O5 NAG T . 41.97 73.15 29.02
O6 NAG T . 42.37 73.93 31.78
O7 NAG T . 41.59 72.22 24.60
C1 NAG U . -6.45 -12.70 46.56
C2 NAG U . -7.52 -12.08 47.46
C3 NAG U . -6.92 -11.64 48.80
C4 NAG U . -6.14 -12.78 49.44
C5 NAG U . -5.13 -13.35 48.45
C6 NAG U . -4.40 -14.56 48.99
C7 NAG U . -9.47 -10.82 46.68
C8 NAG U . -9.94 -9.58 45.98
N2 NAG U . -8.15 -10.94 46.80
O3 NAG U . -7.96 -11.23 49.66
O4 NAG U . -5.45 -12.30 50.59
O5 NAG U . -5.80 -13.76 47.26
O6 NAG U . -3.55 -15.13 47.99
O7 NAG U . -10.26 -11.65 47.13
C1 NAG U . -5.99 -12.89 51.78
C2 NAG U . -5.00 -12.67 52.92
C3 NAG U . -5.56 -13.26 54.21
C4 NAG U . -6.94 -12.69 54.50
C5 NAG U . -7.85 -12.90 53.30
C6 NAG U . -9.21 -12.26 53.47
C7 NAG U . -2.64 -12.51 52.28
C8 NAG U . -1.38 -13.27 51.99
N2 NAG U . -3.71 -13.24 52.61
O3 NAG U . -4.67 -12.95 55.29
O4 NAG U . -7.51 -13.33 55.64
O5 NAG U . -7.26 -12.33 52.12
O6 NAG U . -9.79 -12.60 54.72
O7 NAG U . -2.70 -11.29 52.22
C1 NAG V . 29.74 104.64 41.31
C2 NAG V . 31.00 104.52 40.46
C3 NAG V . 32.22 104.27 41.34
C4 NAG V . 32.32 105.35 42.42
C5 NAG V . 31.01 105.42 43.20
C6 NAG V . 31.00 106.55 44.21
C7 NAG V . 31.23 103.60 38.20
C8 NAG V . 31.03 102.40 37.31
N2 NAG V . 30.87 103.46 39.47
O3 NAG V . 33.40 104.28 40.55
O4 NAG V . 33.39 105.04 43.32
O5 NAG V . 29.92 105.67 42.29
O6 NAG V . 30.49 107.75 43.65
O7 NAG V . 31.71 104.64 37.77
C1 NAG W . 31.31 91.02 27.51
C2 NAG W . 31.83 92.03 28.53
C3 NAG W . 32.99 92.83 27.94
C4 NAG W . 34.07 91.89 27.42
C5 NAG W . 33.45 90.87 26.45
C6 NAG W . 34.44 89.82 26.00
C7 NAG W . 30.54 93.22 30.25
C8 NAG W . 29.41 94.17 30.52
N2 NAG W . 30.77 92.94 28.97
O3 NAG W . 33.54 93.68 28.94
O4 NAG W . 35.07 92.61 26.74
O5 NAG W . 32.37 90.17 27.09
O6 NAG W . 33.90 89.03 24.95
O7 NAG W . 31.22 92.75 31.15
C1 NAG X . 19.18 95.35 18.82
C2 NAG X . 18.81 94.55 17.57
C3 NAG X . 19.84 93.46 17.31
C4 NAG X . 21.24 94.07 17.24
C5 NAG X . 21.52 94.86 18.50
C6 NAG X . 22.85 95.60 18.46
C7 NAG X . 16.45 94.35 16.93
C8 NAG X . 15.15 93.66 17.19
N2 NAG X . 17.48 93.98 17.70
O3 NAG X . 19.53 92.80 16.08
O4 NAG X . 22.22 93.04 17.09
O5 NAG X . 20.51 95.87 18.68
O6 NAG X . 23.56 95.46 19.68
O7 NAG X . 16.56 95.22 16.06
C1 NAG Y . 26.99 70.45 -7.91
C2 NAG Y . 27.15 69.80 -9.29
C3 NAG Y . 28.44 69.01 -9.36
C4 NAG Y . 29.63 69.88 -8.95
C5 NAG Y . 29.37 70.52 -7.59
C6 NAG Y . 30.45 71.49 -7.18
C7 NAG Y . 24.84 69.41 -10.04
C8 NAG Y . 23.79 68.37 -10.31
N2 NAG Y . 26.01 68.95 -9.60
O3 NAG Y . 28.64 68.52 -10.69
O4 NAG Y . 30.80 69.09 -8.88
O5 NAG Y . 28.14 71.26 -7.63
O6 NAG Y . 31.72 71.07 -7.65
O7 NAG Y . 24.63 70.61 -10.21
C1 NAG Z . -17.12 108.75 39.51
C2 NAG Z . -18.46 108.76 38.77
C3 NAG Z . -18.37 109.62 37.51
C4 NAG Z . -17.87 111.01 37.86
C5 NAG Z . -16.56 110.92 38.64
C6 NAG Z . -16.07 112.26 39.12
C7 NAG Z . -20.14 106.98 38.59
C8 NAG Z . -20.40 105.55 38.19
N2 NAG Z . -18.88 107.41 38.43
O3 NAG Z . -19.65 109.70 36.90
O4 NAG Z . -17.66 111.77 36.67
O5 NAG Z . -16.73 110.10 39.80
O6 NAG Z . -17.15 113.06 39.60
O7 NAG Z . -21.02 107.71 39.02
C1 NAG AA . -24.12 92.87 31.53
C2 NAG AA . -23.79 93.84 30.40
C3 NAG AA . -25.06 94.51 29.88
C4 NAG AA . -26.10 93.46 29.52
C5 NAG AA . -26.35 92.54 30.70
C6 NAG AA . -27.32 91.42 30.40
C7 NAG AA . -21.51 94.67 30.82
C8 NAG AA . -20.68 95.81 31.32
N2 NAG AA . -22.84 94.84 30.84
O3 NAG AA . -24.75 95.28 28.72
O4 NAG AA . -27.33 94.09 29.16
O5 NAG AA . -25.11 91.93 31.09
O6 NAG AA . -28.05 91.05 31.56
O7 NAG AA . -21.01 93.62 30.42
C1 NAG BA . -26.84 84.39 44.55
C2 NAG BA . -27.67 83.10 44.53
C3 NAG BA . -28.03 82.71 43.11
C4 NAG BA . -28.72 83.87 42.41
C5 NAG BA . -27.84 85.12 42.48
C6 NAG BA . -28.50 86.35 41.89
C7 NAG BA . -27.10 81.73 46.49
C8 NAG BA . -26.28 80.57 46.99
N2 NAG BA . -26.96 82.01 45.18
O3 NAG BA . -28.89 81.58 43.13
O4 NAG BA . -28.98 83.55 41.04
O5 NAG BA . -27.56 85.42 43.85
O6 NAG BA . -27.78 87.53 42.21
O7 NAG BA . -27.84 82.36 47.22
C1 NAG CA . -43.03 57.82 26.84
C2 NAG CA . -43.51 56.37 26.76
C3 NAG CA . -44.62 56.26 25.73
C4 NAG CA . -45.73 57.24 26.06
C5 NAG CA . -45.18 58.65 26.24
C6 NAG CA . -46.22 59.64 26.72
C7 NAG CA . -42.25 54.26 27.03
C8 NAG CA . -43.30 53.88 28.04
N2 NAG CA . -42.41 55.47 26.44
O3 NAG CA . -45.13 54.93 25.72
O4 NAG CA . -46.69 57.26 25.00
O5 NAG CA . -44.12 58.66 27.22
O6 NAG CA . -46.10 60.89 26.05
O7 NAG CA . -41.32 53.53 26.76
C1 NAG DA . 3.48 87.51 76.48
C2 NAG DA . 3.53 86.39 77.51
C3 NAG DA . 2.20 86.29 78.25
C4 NAG DA . 1.81 87.64 78.83
C5 NAG DA . 1.83 88.71 77.75
C6 NAG DA . 1.57 90.10 78.28
C7 NAG DA . 4.84 84.33 77.32
C8 NAG DA . 5.05 83.06 76.56
N2 NAG DA . 3.87 85.12 76.88
O3 NAG DA . 2.30 85.33 79.28
O4 NAG DA . 0.50 87.57 79.39
O5 NAG DA . 3.12 88.74 77.11
O6 NAG DA . 0.77 90.06 79.46
O7 NAG DA . 5.54 84.63 78.29
C1 NAG EA . 5.54 69.13 71.95
C2 NAG EA . 4.63 70.11 72.67
C3 NAG EA . 4.74 69.92 74.18
C4 NAG EA . 4.49 68.47 74.56
C5 NAG EA . 5.41 67.55 73.75
C6 NAG EA . 5.13 66.08 73.99
C7 NAG EA . 4.20 72.20 71.45
C8 NAG EA . 4.68 73.59 71.18
N2 NAG EA . 4.95 71.49 72.30
O3 NAG EA . 3.80 70.76 74.83
O4 NAG EA . 4.73 68.27 75.94
O5 NAG EA . 5.23 67.79 72.35
O6 NAG EA . 5.74 65.27 72.99
O7 NAG EA . 3.20 71.74 70.93
C1 NAG FA . 19.88 69.78 66.33
C2 NAG FA . 20.70 68.57 65.89
C3 NAG FA . 19.92 67.27 66.13
C4 NAG FA . 19.46 67.20 67.58
C5 NAG FA . 18.66 68.43 67.93
C6 NAG FA . 18.23 68.49 69.38
C7 NAG FA . 22.32 68.40 64.06
C8 NAG FA . 22.55 68.56 62.58
N2 NAG FA . 21.09 68.67 64.50
O3 NAG FA . 20.75 66.16 65.83
O4 NAG FA . 18.66 66.04 67.78
O5 NAG FA . 19.45 69.61 67.69
O6 NAG FA . 17.29 69.52 69.61
O7 NAG FA . 23.22 68.05 64.82
C1 NAG GA . 23.86 33.19 62.53
C2 NAG GA . 24.80 32.04 62.88
C3 NAG GA . 24.09 31.03 63.77
C4 NAG GA . 23.47 31.72 64.98
C5 NAG GA . 22.58 32.87 64.53
C6 NAG GA . 22.02 33.67 65.68
C7 NAG GA . 24.58 30.81 60.75
C8 NAG GA . 25.32 30.21 59.59
N2 NAG GA . 25.33 31.41 61.68
O3 NAG GA . 25.01 30.03 64.19
O4 NAG GA . 22.68 30.79 65.72
O5 NAG GA . 23.35 33.78 63.73
O6 NAG GA . 20.77 34.26 65.33
O7 NAG GA . 23.35 30.76 60.81
#